data_2MZV
#
_entry.id   2MZV
#
_entity_poly.entity_id   1
_entity_poly.type   'polypeptide(L)'
_entity_poly.pdbx_seq_one_letter_code
;MATLGGVHDSNSNPDTHSLARFAVDQHNTKENGLLELVRVVEAREQVVAGTLHHLVLEVLDAGKKKLYEAKIWVKPWMDF
KQLQEFKHVRDVPSFTSSDLGAKTDDQVSGWRPVPVHDPVVQDAAHHAIKTIQERSNSLFPYELSEVVHANAEVVDTSAK
FDMLLKVKRGGKEEKYKVEVHKSTEEGGFNLKKVDLDHS
;
_entity_poly.pdbx_strand_id   A
#
# COMPACT_ATOMS: atom_id res chain seq x y z
N MET A 1 -2.08 32.21 -3.27
CA MET A 1 -3.27 31.31 -3.32
C MET A 1 -3.66 31.00 -4.76
N ALA A 2 -3.32 29.79 -5.21
CA ALA A 2 -3.64 29.36 -6.57
C ALA A 2 -3.77 27.85 -6.64
N THR A 3 -4.65 27.39 -7.53
CA THR A 3 -4.87 25.96 -7.71
C THR A 3 -5.11 25.63 -9.18
N LEU A 4 -5.55 24.39 -9.44
CA LEU A 4 -5.81 23.96 -10.81
C LEU A 4 -6.51 22.59 -10.82
N GLY A 5 -7.25 22.32 -11.89
CA GLY A 5 -7.95 21.05 -11.99
C GLY A 5 -8.44 20.78 -13.40
N GLY A 6 -8.06 19.63 -13.95
CA GLY A 6 -8.47 19.26 -15.28
C GLY A 6 -7.55 18.24 -15.92
N VAL A 7 -7.84 16.97 -15.69
CA VAL A 7 -7.04 15.88 -16.25
C VAL A 7 -6.76 16.10 -17.74
N HIS A 8 -5.50 16.35 -18.06
CA HIS A 8 -5.11 16.58 -19.45
C HIS A 8 -3.59 16.59 -19.59
N ASP A 9 -3.12 17.00 -20.76
CA ASP A 9 -1.69 17.06 -21.03
C ASP A 9 -1.34 18.21 -21.96
N SER A 10 -0.15 18.78 -21.80
CA SER A 10 0.30 19.89 -22.63
C SER A 10 1.76 19.75 -22.99
N ASN A 11 2.33 20.81 -23.56
CA ASN A 11 3.74 20.81 -23.95
C ASN A 11 4.53 21.82 -23.14
N SER A 12 4.22 21.90 -21.84
CA SER A 12 4.90 22.84 -20.96
C SER A 12 4.68 24.28 -21.41
N ASN A 13 3.41 24.63 -21.63
CA ASN A 13 3.06 25.98 -22.06
C ASN A 13 3.52 27.02 -21.04
N PRO A 14 3.00 26.93 -19.81
CA PRO A 14 3.35 27.86 -18.74
C PRO A 14 4.75 27.61 -18.18
N ASP A 15 5.06 28.23 -17.05
CA ASP A 15 6.36 28.07 -16.41
C ASP A 15 6.43 26.75 -15.65
N THR A 16 6.30 25.65 -16.38
CA THR A 16 6.34 24.32 -15.79
C THR A 16 7.76 23.96 -15.35
N HIS A 17 8.75 24.50 -16.07
CA HIS A 17 10.15 24.22 -15.77
C HIS A 17 10.48 24.59 -14.33
N SER A 18 10.07 25.79 -13.91
CA SER A 18 10.32 26.27 -12.56
C SER A 18 9.62 25.39 -11.53
N LEU A 19 8.44 24.89 -11.89
CA LEU A 19 7.67 24.04 -11.00
C LEU A 19 8.46 22.79 -10.60
N ALA A 20 9.20 22.25 -11.55
CA ALA A 20 10.01 21.06 -11.30
C ALA A 20 11.20 21.38 -10.40
N ARG A 21 11.75 22.58 -10.56
CA ARG A 21 12.89 23.01 -9.76
C ARG A 21 12.55 22.99 -8.28
N PHE A 22 11.38 23.50 -7.94
CA PHE A 22 10.93 23.54 -6.55
C PHE A 22 10.82 22.13 -5.98
N ALA A 23 10.29 21.22 -6.78
CA ALA A 23 10.12 19.83 -6.34
C ALA A 23 11.47 19.17 -6.05
N VAL A 24 12.39 19.25 -7.01
CA VAL A 24 13.71 18.66 -6.85
C VAL A 24 14.46 19.31 -5.69
N ASP A 25 14.39 20.63 -5.60
CA ASP A 25 15.06 21.37 -4.55
C ASP A 25 14.57 20.94 -3.17
N GLN A 26 13.32 20.50 -3.11
CA GLN A 26 12.74 20.05 -1.84
C GLN A 26 13.32 18.73 -1.40
N HIS A 27 13.31 17.75 -2.30
CA HIS A 27 13.84 16.42 -1.99
C HIS A 27 15.37 16.44 -1.95
N ASN A 28 15.96 17.20 -2.85
CA ASN A 28 17.41 17.31 -2.93
C ASN A 28 17.99 17.89 -1.64
N THR A 29 17.28 18.85 -1.07
CA THR A 29 17.73 19.50 0.17
C THR A 29 17.50 18.64 1.40
N LYS A 30 16.49 17.77 1.37
CA LYS A 30 16.17 16.94 2.53
C LYS A 30 16.90 15.58 2.52
N GLU A 31 16.77 14.81 1.45
CA GLU A 31 17.42 13.49 1.39
C GLU A 31 18.12 13.22 0.06
N ASN A 32 17.71 13.90 -1.00
CA ASN A 32 18.31 13.70 -2.31
C ASN A 32 19.56 14.57 -2.47
N GLY A 33 20.12 14.58 -3.67
CA GLY A 33 21.30 15.36 -3.93
C GLY A 33 22.12 14.83 -5.09
N LEU A 34 21.43 14.46 -6.18
CA LEU A 34 22.10 13.92 -7.36
C LEU A 34 21.23 14.04 -8.60
N LEU A 35 20.35 15.04 -8.60
CA LEU A 35 19.46 15.27 -9.72
C LEU A 35 19.66 16.66 -10.31
N GLU A 36 19.94 16.73 -11.61
CA GLU A 36 20.17 18.00 -12.27
C GLU A 36 19.21 18.20 -13.44
N LEU A 37 18.28 19.13 -13.28
CA LEU A 37 17.30 19.43 -14.32
C LEU A 37 18.01 19.80 -15.62
N VAL A 38 17.79 19.01 -16.66
CA VAL A 38 18.40 19.24 -17.96
C VAL A 38 17.46 19.96 -18.91
N ARG A 39 16.33 19.33 -19.21
CA ARG A 39 15.36 19.93 -20.12
C ARG A 39 13.95 19.36 -19.90
N VAL A 40 12.97 20.26 -19.76
CA VAL A 40 11.59 19.85 -19.54
C VAL A 40 11.15 18.80 -20.57
N VAL A 41 10.22 17.94 -20.17
CA VAL A 41 9.70 16.90 -21.05
C VAL A 41 8.27 17.21 -21.47
N GLU A 42 7.36 17.20 -20.50
CA GLU A 42 5.95 17.46 -20.78
C GLU A 42 5.25 17.98 -19.53
N ALA A 43 3.98 18.35 -19.69
CA ALA A 43 3.18 18.87 -18.57
C ALA A 43 1.79 18.26 -18.58
N ARG A 44 1.51 17.46 -17.56
CA ARG A 44 0.21 16.81 -17.43
C ARG A 44 -0.52 17.29 -16.18
N GLU A 45 -1.85 17.31 -16.25
CA GLU A 45 -2.67 17.73 -15.12
C GLU A 45 -3.67 16.65 -14.74
N GLN A 46 -4.20 16.75 -13.52
CA GLN A 46 -5.17 15.78 -13.03
C GLN A 46 -5.75 16.23 -11.69
N VAL A 47 -7.02 15.91 -11.47
CA VAL A 47 -7.69 16.29 -10.23
C VAL A 47 -7.64 15.15 -9.21
N VAL A 48 -6.88 15.37 -8.14
CA VAL A 48 -6.74 14.37 -7.08
C VAL A 48 -7.05 14.98 -5.72
N ALA A 49 -8.17 14.55 -5.13
CA ALA A 49 -8.58 15.05 -3.83
C ALA A 49 -8.43 16.57 -3.76
N GLY A 50 -8.61 17.22 -4.90
CA GLY A 50 -8.49 18.66 -4.97
C GLY A 50 -7.74 19.11 -6.21
N THR A 51 -6.41 19.02 -6.16
CA THR A 51 -5.57 19.43 -7.27
C THR A 51 -4.28 18.61 -7.31
N LEU A 52 -3.90 18.17 -8.49
CA LEU A 52 -2.67 17.39 -8.65
C LEU A 52 -1.88 17.86 -9.86
N HIS A 53 -0.63 18.24 -9.63
CA HIS A 53 0.23 18.72 -10.71
C HIS A 53 1.26 17.65 -11.10
N HIS A 54 1.08 17.08 -12.28
CA HIS A 54 1.98 16.05 -12.78
C HIS A 54 2.91 16.62 -13.85
N LEU A 55 4.18 16.77 -13.52
CA LEU A 55 5.16 17.30 -14.46
C LEU A 55 6.29 16.31 -14.72
N VAL A 56 6.83 16.34 -15.93
CA VAL A 56 7.92 15.45 -16.31
C VAL A 56 9.04 16.23 -17.01
N LEU A 57 10.27 15.95 -16.62
CA LEU A 57 11.42 16.64 -17.19
C LEU A 57 12.65 15.75 -17.23
N GLU A 58 13.57 16.04 -18.16
CA GLU A 58 14.80 15.28 -18.30
C GLU A 58 15.85 15.79 -17.32
N VAL A 59 16.22 14.95 -16.36
CA VAL A 59 17.21 15.32 -15.35
C VAL A 59 18.50 14.53 -15.53
N LEU A 60 19.52 14.92 -14.77
CA LEU A 60 20.82 14.27 -14.81
C LEU A 60 21.11 13.59 -13.47
N ASP A 61 21.27 12.29 -13.50
CA ASP A 61 21.55 11.51 -12.29
C ASP A 61 22.98 11.00 -12.30
N ALA A 62 23.85 11.62 -11.50
CA ALA A 62 25.24 11.22 -11.41
C ALA A 62 25.93 11.24 -12.78
N GLY A 63 25.35 11.99 -13.71
CA GLY A 63 25.93 12.10 -15.04
C GLY A 63 25.20 11.25 -16.07
N LYS A 64 23.95 10.89 -15.75
CA LYS A 64 23.14 10.09 -16.66
C LYS A 64 21.76 10.70 -16.81
N LYS A 65 21.41 11.05 -18.03
CA LYS A 65 20.12 11.65 -18.31
C LYS A 65 19.00 10.66 -18.09
N LYS A 66 17.90 11.18 -17.62
CA LYS A 66 16.73 10.36 -17.35
C LYS A 66 15.50 11.22 -17.12
N LEU A 67 14.34 10.75 -17.56
CA LEU A 67 13.11 11.51 -17.38
C LEU A 67 12.45 11.15 -16.05
N TYR A 68 12.15 12.18 -15.26
CA TYR A 68 11.52 11.99 -13.96
C TYR A 68 10.22 12.78 -13.88
N GLU A 69 9.26 12.27 -13.12
CA GLU A 69 7.98 12.93 -12.97
C GLU A 69 7.79 13.40 -11.52
N ALA A 70 7.23 14.59 -11.36
CA ALA A 70 6.99 15.15 -10.03
C ALA A 70 5.51 15.46 -9.84
N LYS A 71 4.99 15.08 -8.68
CA LYS A 71 3.58 15.32 -8.36
C LYS A 71 3.46 16.36 -7.27
N ILE A 72 2.60 17.35 -7.49
CA ILE A 72 2.39 18.41 -6.52
C ILE A 72 0.93 18.41 -6.05
N TRP A 73 0.75 18.42 -4.73
CA TRP A 73 -0.58 18.41 -4.15
C TRP A 73 -1.06 19.83 -3.82
N VAL A 74 -2.20 20.21 -4.37
CA VAL A 74 -2.75 21.54 -4.13
C VAL A 74 -4.21 21.45 -3.71
N LYS A 75 -4.69 22.47 -3.00
CA LYS A 75 -6.07 22.51 -2.53
C LYS A 75 -6.70 23.87 -2.81
N PRO A 76 -8.01 23.90 -3.14
CA PRO A 76 -8.72 25.14 -3.43
C PRO A 76 -9.00 25.95 -2.17
N TRP A 77 -9.45 25.27 -1.11
CA TRP A 77 -9.76 25.94 0.15
C TRP A 77 -8.53 26.63 0.72
N MET A 78 -7.55 25.82 1.14
CA MET A 78 -6.32 26.37 1.71
C MET A 78 -5.55 27.18 0.68
N ASP A 79 -5.67 26.79 -0.59
CA ASP A 79 -4.99 27.49 -1.67
C ASP A 79 -3.48 27.45 -1.48
N PHE A 80 -2.99 26.37 -0.86
CA PHE A 80 -1.57 26.23 -0.61
C PHE A 80 -1.01 25.03 -1.37
N LYS A 81 -0.16 25.32 -2.36
CA LYS A 81 0.45 24.27 -3.17
C LYS A 81 1.68 23.69 -2.48
N GLN A 82 1.85 22.38 -2.58
CA GLN A 82 2.98 21.71 -1.96
C GLN A 82 3.39 20.49 -2.77
N LEU A 83 4.68 20.39 -3.07
CA LEU A 83 5.20 19.26 -3.84
C LEU A 83 5.20 17.99 -3.01
N GLN A 84 4.61 16.92 -3.56
CA GLN A 84 4.54 15.65 -2.85
C GLN A 84 5.84 14.86 -3.01
N GLU A 85 6.12 14.46 -4.25
CA GLU A 85 7.34 13.70 -4.54
C GLU A 85 7.44 13.37 -6.03
N PHE A 86 8.63 12.99 -6.47
CA PHE A 86 8.85 12.64 -7.88
C PHE A 86 9.47 11.26 -8.00
N LYS A 87 9.09 10.54 -9.05
CA LYS A 87 9.62 9.20 -9.29
C LYS A 87 10.38 9.14 -10.61
N HIS A 88 11.40 8.30 -10.66
CA HIS A 88 12.21 8.16 -11.87
C HIS A 88 11.48 7.34 -12.92
N VAL A 89 11.18 7.98 -14.05
CA VAL A 89 10.48 7.31 -15.14
C VAL A 89 11.37 7.17 -16.37
N ARG A 90 10.83 6.56 -17.42
CA ARG A 90 11.59 6.37 -18.66
C ARG A 90 10.96 7.14 -19.80
N ASP A 91 11.54 7.01 -20.99
CA ASP A 91 11.03 7.70 -22.18
C ASP A 91 9.67 7.15 -22.58
N VAL A 92 8.64 7.50 -21.81
CA VAL A 92 7.29 7.05 -22.09
C VAL A 92 6.26 7.86 -21.33
N PRO A 93 5.00 7.89 -21.80
CA PRO A 93 3.92 8.63 -21.16
C PRO A 93 3.56 8.08 -19.78
N SER A 94 3.79 6.77 -19.60
CA SER A 94 3.49 6.11 -18.34
C SER A 94 4.75 5.94 -17.50
N PHE A 95 4.62 5.28 -16.36
CA PHE A 95 5.75 5.05 -15.47
C PHE A 95 6.65 3.94 -16.00
N THR A 96 7.40 4.25 -17.05
CA THR A 96 8.31 3.28 -17.67
C THR A 96 7.63 1.93 -17.89
N SER A 97 6.31 1.96 -18.07
CA SER A 97 5.54 0.73 -18.28
C SER A 97 5.75 -0.24 -17.13
N SER A 98 6.16 0.27 -15.97
CA SER A 98 6.40 -0.57 -14.81
C SER A 98 5.72 0.01 -13.57
N ASP A 99 5.79 -0.71 -12.46
CA ASP A 99 5.19 -0.26 -11.22
C ASP A 99 6.13 0.67 -10.46
N LEU A 100 5.63 1.85 -10.11
CA LEU A 100 6.43 2.83 -9.38
C LEU A 100 5.71 3.28 -8.11
N GLY A 101 4.54 3.87 -8.27
CA GLY A 101 3.77 4.33 -7.13
C GLY A 101 4.53 5.36 -6.30
N ALA A 102 4.14 5.50 -5.03
CA ALA A 102 4.79 6.44 -4.14
C ALA A 102 5.12 5.79 -2.81
N LYS A 103 6.23 6.21 -2.20
CA LYS A 103 6.66 5.67 -0.92
C LYS A 103 7.02 6.79 0.05
N THR A 104 6.82 6.55 1.34
CA THR A 104 7.13 7.53 2.36
C THR A 104 7.56 6.85 3.66
N ASP A 105 8.87 6.74 3.85
CA ASP A 105 9.42 6.10 5.04
C ASP A 105 10.52 6.97 5.66
N ASP A 106 10.34 8.29 5.58
CA ASP A 106 11.32 9.22 6.13
C ASP A 106 10.89 9.70 7.51
N GLN A 107 11.85 9.84 8.41
CA GLN A 107 11.57 10.31 9.76
C GLN A 107 10.99 11.71 9.76
N VAL A 108 10.37 12.09 10.87
CA VAL A 108 9.77 13.41 10.99
C VAL A 108 9.49 13.76 12.45
N SER A 109 9.50 15.05 12.76
CA SER A 109 9.25 15.51 14.12
C SER A 109 8.61 16.90 14.11
N GLY A 110 7.73 17.14 15.07
CA GLY A 110 7.07 18.43 15.16
C GLY A 110 5.73 18.35 15.86
N TRP A 111 5.40 19.37 16.65
CA TRP A 111 4.14 19.41 17.37
C TRP A 111 2.98 19.75 16.44
N ARG A 112 2.39 18.72 15.84
CA ARG A 112 1.28 18.91 14.91
C ARG A 112 0.37 17.68 14.90
N PRO A 113 -0.91 17.86 14.55
CA PRO A 113 -1.88 16.76 14.50
C PRO A 113 -1.55 15.76 13.38
N VAL A 114 -2.52 14.90 13.07
CA VAL A 114 -2.34 13.91 12.03
C VAL A 114 -3.64 13.62 11.30
N PRO A 115 -3.56 13.15 10.04
CA PRO A 115 -4.74 12.83 9.24
C PRO A 115 -5.54 11.66 9.83
N VAL A 116 -6.46 11.13 9.03
CA VAL A 116 -7.29 10.01 9.46
C VAL A 116 -7.33 8.92 8.40
N HIS A 117 -7.35 7.66 8.85
CA HIS A 117 -7.37 6.52 7.93
C HIS A 117 -6.01 6.29 7.28
N ASP A 118 -5.02 7.09 7.65
CA ASP A 118 -3.69 6.96 7.09
C ASP A 118 -2.99 5.71 7.62
N PRO A 119 -1.86 5.33 7.00
CA PRO A 119 -1.10 4.13 7.42
C PRO A 119 -0.48 4.30 8.80
N VAL A 120 -0.24 5.55 9.19
CA VAL A 120 0.35 5.84 10.49
C VAL A 120 -0.72 5.87 11.58
N VAL A 121 -1.83 6.55 11.30
CA VAL A 121 -2.92 6.65 12.26
C VAL A 121 -3.62 5.30 12.44
N GLN A 122 -4.08 4.72 11.34
CA GLN A 122 -4.77 3.44 11.37
C GLN A 122 -3.91 2.38 12.07
N ASP A 123 -2.59 2.50 11.93
CA ASP A 123 -1.67 1.57 12.54
C ASP A 123 -1.67 1.73 14.06
N ALA A 124 -1.48 2.96 14.51
CA ALA A 124 -1.46 3.25 15.94
C ALA A 124 -2.83 2.99 16.56
N ALA A 125 -3.88 3.39 15.85
CA ALA A 125 -5.25 3.18 16.33
C ALA A 125 -5.54 1.71 16.57
N HIS A 126 -5.43 0.91 15.51
CA HIS A 126 -5.67 -0.53 15.60
C HIS A 126 -4.83 -1.15 16.72
N HIS A 127 -3.59 -0.70 16.84
CA HIS A 127 -2.69 -1.21 17.86
C HIS A 127 -3.15 -0.78 19.25
N ALA A 128 -3.58 0.47 19.35
CA ALA A 128 -4.04 1.02 20.63
C ALA A 128 -5.34 0.36 21.07
N ILE A 129 -6.26 0.20 20.13
CA ILE A 129 -7.55 -0.42 20.42
C ILE A 129 -7.37 -1.80 21.05
N LYS A 130 -6.56 -2.64 20.41
CA LYS A 130 -6.31 -3.99 20.92
C LYS A 130 -5.43 -3.95 22.16
N THR A 131 -4.38 -3.14 22.12
CA THR A 131 -3.46 -3.02 23.25
C THR A 131 -4.17 -2.57 24.51
N ILE A 132 -4.95 -1.50 24.42
CA ILE A 132 -5.68 -0.97 25.56
C ILE A 132 -6.51 -2.05 26.24
N GLN A 133 -7.35 -2.71 25.46
CA GLN A 133 -8.20 -3.77 25.97
C GLN A 133 -7.36 -4.92 26.53
N GLU A 134 -6.21 -5.15 25.92
CA GLU A 134 -5.31 -6.21 26.34
C GLU A 134 -4.54 -5.80 27.60
N ARG A 135 -4.36 -4.50 27.77
CA ARG A 135 -3.62 -3.97 28.91
C ARG A 135 -4.27 -4.42 30.23
N SER A 136 -5.54 -4.79 30.16
CA SER A 136 -6.26 -5.25 31.34
C SER A 136 -6.04 -6.75 31.54
N ASN A 137 -5.91 -7.46 30.42
CA ASN A 137 -5.68 -8.90 30.44
C ASN A 137 -5.63 -9.45 29.02
N SER A 138 -5.40 -10.76 28.90
CA SER A 138 -5.33 -11.41 27.60
C SER A 138 -6.71 -11.50 26.97
N LEU A 139 -6.97 -10.70 25.94
CA LEU A 139 -8.26 -10.70 25.28
C LEU A 139 -8.20 -10.00 23.93
N PHE A 140 -9.23 -10.20 23.12
CA PHE A 140 -9.31 -9.59 21.80
C PHE A 140 -10.76 -9.45 21.36
N PRO A 141 -11.50 -8.50 21.99
CA PRO A 141 -12.91 -8.27 21.67
C PRO A 141 -13.12 -7.60 20.32
N TYR A 142 -12.88 -6.30 20.24
CA TYR A 142 -13.05 -5.56 19.00
C TYR A 142 -11.77 -4.83 18.61
N GLU A 143 -11.82 -4.13 17.47
CA GLU A 143 -10.68 -3.38 16.98
C GLU A 143 -11.12 -2.03 16.42
N LEU A 144 -10.22 -1.37 15.68
CA LEU A 144 -10.53 -0.08 15.09
C LEU A 144 -11.78 -0.14 14.23
N SER A 145 -12.74 0.75 14.51
CA SER A 145 -13.98 0.79 13.77
C SER A 145 -14.06 2.02 12.87
N GLU A 146 -13.97 3.20 13.49
CA GLU A 146 -14.02 4.45 12.74
C GLU A 146 -13.28 5.56 13.50
N VAL A 147 -12.24 6.09 12.88
CA VAL A 147 -11.45 7.16 13.49
C VAL A 147 -12.11 8.52 13.28
N VAL A 148 -12.28 9.27 14.37
CA VAL A 148 -12.89 10.58 14.31
C VAL A 148 -11.86 11.65 13.96
N HIS A 149 -10.79 11.70 14.74
CA HIS A 149 -9.73 12.67 14.52
C HIS A 149 -8.48 12.31 15.33
N ALA A 150 -7.33 12.28 14.66
CA ALA A 150 -6.07 11.95 15.32
C ALA A 150 -5.10 13.11 15.27
N ASN A 151 -4.27 13.22 16.30
CA ASN A 151 -3.28 14.29 16.37
C ASN A 151 -2.00 13.81 17.04
N ALA A 152 -0.85 14.20 16.50
CA ALA A 152 0.43 13.79 17.05
C ALA A 152 1.07 14.92 17.86
N GLU A 153 1.89 14.54 18.83
CA GLU A 153 2.57 15.52 19.68
C GLU A 153 4.00 15.08 19.98
N VAL A 154 4.90 16.04 20.12
CA VAL A 154 6.30 15.75 20.39
C VAL A 154 6.62 15.94 21.87
N VAL A 155 6.91 14.84 22.55
CA VAL A 155 7.24 14.88 23.97
C VAL A 155 8.74 15.16 24.17
N ASP A 156 9.18 15.19 25.42
CA ASP A 156 10.58 15.47 25.74
C ASP A 156 11.51 14.55 24.95
N THR A 157 11.10 13.30 24.74
CA THR A 157 11.91 12.34 23.99
C THR A 157 11.08 11.60 22.94
N SER A 158 10.01 10.94 23.40
CA SER A 158 9.14 10.19 22.50
C SER A 158 8.14 11.11 21.80
N ALA A 159 7.06 10.53 21.29
CA ALA A 159 6.02 11.29 20.61
C ALA A 159 4.63 10.83 21.03
N LYS A 160 3.84 11.73 21.60
CA LYS A 160 2.50 11.40 22.05
C LYS A 160 1.53 11.36 20.87
N PHE A 161 0.44 10.60 21.04
CA PHE A 161 -0.56 10.46 19.99
C PHE A 161 -1.96 10.60 20.57
N ASP A 162 -2.60 11.73 20.33
CA ASP A 162 -3.95 11.98 20.83
C ASP A 162 -4.98 11.82 19.71
N MET A 163 -5.75 10.74 19.77
CA MET A 163 -6.77 10.48 18.76
C MET A 163 -8.10 10.11 19.40
N LEU A 164 -9.14 10.08 18.58
CA LEU A 164 -10.48 9.73 19.05
C LEU A 164 -11.24 8.93 18.00
N LEU A 165 -11.64 7.71 18.35
CA LEU A 165 -12.35 6.85 17.42
C LEU A 165 -13.49 6.11 18.13
N LYS A 166 -14.35 5.46 17.35
CA LYS A 166 -15.47 4.71 17.90
C LYS A 166 -15.22 3.21 17.81
N VAL A 167 -15.65 2.48 18.82
CA VAL A 167 -15.48 1.03 18.86
C VAL A 167 -16.81 0.31 18.73
N LYS A 168 -16.76 -0.91 18.21
CA LYS A 168 -17.96 -1.72 18.03
C LYS A 168 -17.89 -3.00 18.85
N ARG A 169 -19.03 -3.42 19.38
CA ARG A 169 -19.09 -4.64 20.19
C ARG A 169 -20.53 -5.17 20.26
N GLY A 170 -20.84 -6.14 19.42
CA GLY A 170 -22.17 -6.71 19.41
C GLY A 170 -23.19 -5.80 18.76
N GLY A 171 -22.72 -4.87 17.93
CA GLY A 171 -23.62 -3.95 17.26
C GLY A 171 -23.82 -2.67 18.03
N LYS A 172 -22.85 -2.31 18.86
CA LYS A 172 -22.92 -1.08 19.65
C LYS A 172 -22.06 0.01 19.04
N GLU A 173 -22.09 1.20 19.64
CA GLU A 173 -21.32 2.32 19.15
C GLU A 173 -20.98 3.28 20.29
N GLU A 174 -19.69 3.33 20.65
CA GLU A 174 -19.23 4.20 21.71
C GLU A 174 -17.85 4.77 21.40
N LYS A 175 -17.68 6.06 21.64
CA LYS A 175 -16.42 6.73 21.39
C LYS A 175 -15.53 6.72 22.63
N TYR A 176 -14.23 6.94 22.43
CA TYR A 176 -13.29 6.94 23.54
C TYR A 176 -11.97 7.62 23.13
N LYS A 177 -11.26 8.14 24.13
CA LYS A 177 -9.98 8.79 23.89
C LYS A 177 -8.85 7.78 23.93
N VAL A 178 -7.73 8.12 23.29
CA VAL A 178 -6.58 7.22 23.26
C VAL A 178 -5.27 8.01 23.27
N GLU A 179 -4.33 7.57 24.10
CA GLU A 179 -3.03 8.23 24.21
C GLU A 179 -1.90 7.21 24.11
N VAL A 180 -1.20 7.22 22.99
CA VAL A 180 -0.09 6.30 22.77
C VAL A 180 1.18 7.05 22.41
N HIS A 181 2.32 6.48 22.80
CA HIS A 181 3.61 7.11 22.52
C HIS A 181 4.27 6.45 21.30
N LYS A 182 5.10 7.22 20.60
CA LYS A 182 5.79 6.73 19.42
C LYS A 182 7.27 6.52 19.71
N SER A 183 7.78 5.33 19.38
CA SER A 183 9.18 5.00 19.61
C SER A 183 9.78 4.32 18.39
N THR A 184 11.10 4.42 18.25
CA THR A 184 11.81 3.81 17.12
C THR A 184 12.59 2.59 17.58
N GLU A 185 12.33 1.45 16.95
CA GLU A 185 13.02 0.21 17.29
C GLU A 185 12.74 -0.20 18.73
N GLU A 186 11.58 0.20 19.24
CA GLU A 186 11.18 -0.11 20.60
C GLU A 186 9.98 -1.05 20.62
N GLY A 187 9.87 -1.87 19.58
CA GLY A 187 8.76 -2.81 19.50
C GLY A 187 7.60 -2.26 18.68
N GLY A 188 7.49 -0.94 18.62
CA GLY A 188 6.41 -0.32 17.87
C GLY A 188 5.80 0.86 18.60
N PHE A 189 4.67 0.63 19.26
CA PHE A 189 3.99 1.67 20.01
C PHE A 189 3.93 1.34 21.49
N ASN A 190 3.74 2.37 22.32
CA ASN A 190 3.66 2.18 23.76
C ASN A 190 2.47 2.95 24.33
N LEU A 191 1.29 2.33 24.29
CA LEU A 191 0.08 2.95 24.81
C LEU A 191 0.28 3.49 26.22
N LYS A 192 0.09 4.79 26.39
CA LYS A 192 0.25 5.43 27.70
C LYS A 192 -1.01 5.26 28.55
N LYS A 193 -2.08 5.96 28.17
CA LYS A 193 -3.34 5.87 28.90
C LYS A 193 -4.52 5.87 27.95
N VAL A 194 -5.72 5.67 28.50
CA VAL A 194 -6.94 5.64 27.71
C VAL A 194 -8.12 6.26 28.46
N ASP A 195 -9.09 6.78 27.73
CA ASP A 195 -10.26 7.39 28.33
C ASP A 195 -11.51 7.14 27.48
N LEU A 196 -12.67 7.29 28.10
CA LEU A 196 -13.94 7.08 27.40
C LEU A 196 -14.61 8.42 27.08
N ASP A 197 -15.30 8.47 25.95
CA ASP A 197 -15.98 9.69 25.53
C ASP A 197 -17.50 9.52 25.61
N HIS A 198 -18.06 9.78 26.79
CA HIS A 198 -19.50 9.66 27.00
C HIS A 198 -19.95 10.52 28.18
N SER A 199 -19.26 11.63 28.39
CA SER A 199 -19.58 12.54 29.48
C SER A 199 -19.37 13.99 29.08
N MET A 1 -3.44 30.33 -4.60
CA MET A 1 -2.43 31.07 -5.40
C MET A 1 -2.19 30.38 -6.74
N ALA A 2 -1.99 29.07 -6.71
CA ALA A 2 -1.74 28.30 -7.92
C ALA A 2 -2.43 26.94 -7.85
N THR A 3 -3.38 26.72 -8.77
CA THR A 3 -4.11 25.45 -8.82
C THR A 3 -4.61 25.17 -10.23
N LEU A 4 -4.85 23.90 -10.52
CA LEU A 4 -5.33 23.49 -11.83
C LEU A 4 -6.71 22.87 -11.73
N GLY A 5 -6.82 21.78 -10.97
CA GLY A 5 -8.09 21.11 -10.80
C GLY A 5 -8.67 20.63 -12.12
N GLY A 6 -8.35 19.40 -12.50
CA GLY A 6 -8.85 18.84 -13.74
C GLY A 6 -7.75 18.34 -14.64
N VAL A 7 -7.80 17.04 -14.97
CA VAL A 7 -6.80 16.42 -15.82
C VAL A 7 -6.63 17.19 -17.13
N HIS A 8 -5.40 17.33 -17.59
CA HIS A 8 -5.10 18.04 -18.83
C HIS A 8 -3.61 17.99 -19.14
N ASP A 9 -3.24 17.17 -20.12
CA ASP A 9 -1.85 17.04 -20.52
C ASP A 9 -1.38 18.27 -21.28
N SER A 10 -0.09 18.31 -21.61
CA SER A 10 0.48 19.43 -22.34
C SER A 10 1.95 19.19 -22.66
N ASN A 11 2.58 20.14 -23.34
CA ASN A 11 3.98 20.02 -23.70
C ASN A 11 4.81 21.09 -23.00
N SER A 12 4.57 21.28 -21.71
CA SER A 12 5.29 22.27 -20.92
C SER A 12 5.06 23.68 -21.48
N ASN A 13 3.79 24.00 -21.75
CA ASN A 13 3.44 25.31 -22.28
C ASN A 13 3.89 26.42 -21.34
N PRO A 14 3.37 26.43 -20.10
CA PRO A 14 3.71 27.44 -19.10
C PRO A 14 5.11 27.24 -18.53
N ASP A 15 5.41 27.96 -17.45
CA ASP A 15 6.73 27.86 -16.81
C ASP A 15 6.80 26.62 -15.92
N THR A 16 6.65 25.45 -16.55
CA THR A 16 6.71 24.18 -15.81
C THR A 16 8.12 23.88 -15.34
N HIS A 17 9.10 24.41 -16.08
CA HIS A 17 10.51 24.18 -15.74
C HIS A 17 10.79 24.58 -14.29
N SER A 18 10.35 25.78 -13.91
CA SER A 18 10.56 26.28 -12.56
C SER A 18 9.85 25.39 -11.53
N LEU A 19 8.67 24.92 -11.89
CA LEU A 19 7.89 24.06 -11.00
C LEU A 19 8.68 22.84 -10.58
N ALA A 20 9.42 22.26 -11.52
CA ALA A 20 10.23 21.08 -11.26
C ALA A 20 11.38 21.41 -10.31
N ARG A 21 11.94 22.61 -10.46
CA ARG A 21 13.04 23.04 -9.63
C ARG A 21 12.65 23.04 -8.15
N PHE A 22 11.44 23.53 -7.87
CA PHE A 22 10.93 23.59 -6.51
C PHE A 22 10.75 22.19 -5.94
N ALA A 23 10.44 21.23 -6.80
CA ALA A 23 10.24 19.85 -6.39
C ALA A 23 11.57 19.18 -6.05
N VAL A 24 12.49 19.21 -6.99
CA VAL A 24 13.81 18.60 -6.80
C VAL A 24 14.53 19.22 -5.62
N ASP A 25 14.32 20.52 -5.42
CA ASP A 25 14.96 21.25 -4.33
C ASP A 25 14.63 20.64 -2.96
N GLN A 26 13.36 20.30 -2.75
CA GLN A 26 12.94 19.73 -1.48
C GLN A 26 13.49 18.33 -1.27
N HIS A 27 13.61 17.58 -2.35
CA HIS A 27 14.13 16.21 -2.29
C HIS A 27 15.65 16.20 -2.12
N ASN A 28 16.33 16.95 -2.98
CA ASN A 28 17.78 17.03 -2.96
C ASN A 28 18.29 17.53 -1.61
N THR A 29 17.55 18.47 -1.02
CA THR A 29 17.95 19.04 0.27
C THR A 29 17.64 18.12 1.44
N LYS A 30 16.62 17.27 1.31
CA LYS A 30 16.24 16.39 2.40
C LYS A 30 16.94 15.02 2.35
N GLU A 31 16.85 14.32 1.23
CA GLU A 31 17.49 13.00 1.12
C GLU A 31 18.23 12.80 -0.20
N ASN A 32 17.88 13.55 -1.22
CA ASN A 32 18.53 13.41 -2.52
C ASN A 32 19.76 14.30 -2.62
N GLY A 33 20.26 14.48 -3.84
CA GLY A 33 21.43 15.31 -4.06
C GLY A 33 22.31 14.78 -5.16
N LEU A 34 21.70 14.31 -6.25
CA LEU A 34 22.45 13.79 -7.39
C LEU A 34 21.65 13.91 -8.68
N LEU A 35 20.74 14.89 -8.71
CA LEU A 35 19.91 15.13 -9.88
C LEU A 35 20.18 16.51 -10.45
N GLU A 36 20.27 16.59 -11.77
CA GLU A 36 20.52 17.86 -12.45
C GLU A 36 19.48 18.15 -13.52
N LEU A 37 18.59 19.09 -13.23
CA LEU A 37 17.54 19.47 -14.18
C LEU A 37 18.14 19.88 -15.51
N VAL A 38 17.91 19.07 -16.53
CA VAL A 38 18.43 19.33 -17.87
C VAL A 38 17.44 20.12 -18.72
N ARG A 39 16.31 19.50 -19.03
CA ARG A 39 15.29 20.15 -19.85
C ARG A 39 13.91 19.52 -19.66
N VAL A 40 12.91 20.36 -19.48
CA VAL A 40 11.53 19.90 -19.28
C VAL A 40 11.13 18.85 -20.31
N VAL A 41 10.19 17.99 -19.93
CA VAL A 41 9.71 16.94 -20.81
C VAL A 41 8.26 17.20 -21.24
N GLU A 42 7.35 17.18 -20.28
CA GLU A 42 5.94 17.41 -20.55
C GLU A 42 5.21 17.91 -19.31
N ALA A 43 3.94 18.24 -19.47
CA ALA A 43 3.13 18.74 -18.37
C ALA A 43 1.77 18.05 -18.33
N ARG A 44 1.56 17.28 -17.27
CA ARG A 44 0.31 16.56 -17.09
C ARG A 44 -0.40 17.00 -15.81
N GLU A 45 -1.72 16.93 -15.82
CA GLU A 45 -2.51 17.33 -14.65
C GLU A 45 -3.57 16.27 -14.33
N GLN A 46 -4.06 16.32 -13.09
CA GLN A 46 -5.08 15.38 -12.64
C GLN A 46 -5.66 15.83 -11.30
N VAL A 47 -6.95 15.58 -11.10
CA VAL A 47 -7.61 15.96 -9.87
C VAL A 47 -7.65 14.80 -8.88
N VAL A 48 -6.89 14.94 -7.80
CA VAL A 48 -6.84 13.91 -6.76
C VAL A 48 -7.13 14.50 -5.39
N ALA A 49 -8.33 14.23 -4.87
CA ALA A 49 -8.74 14.73 -3.56
C ALA A 49 -8.43 16.22 -3.44
N GLY A 50 -8.47 16.92 -4.56
CA GLY A 50 -8.19 18.34 -4.56
C GLY A 50 -7.54 18.80 -5.86
N THR A 51 -6.22 18.91 -5.83
CA THR A 51 -5.47 19.33 -7.01
C THR A 51 -4.08 18.69 -7.04
N LEU A 52 -3.72 18.15 -8.19
CA LEU A 52 -2.42 17.51 -8.36
C LEU A 52 -1.66 18.09 -9.54
N HIS A 53 -0.36 18.31 -9.35
CA HIS A 53 0.49 18.86 -10.41
C HIS A 53 1.52 17.83 -10.86
N HIS A 54 1.31 17.25 -12.03
CA HIS A 54 2.22 16.25 -12.57
C HIS A 54 3.14 16.86 -13.62
N LEU A 55 4.41 17.02 -13.27
CA LEU A 55 5.38 17.59 -14.19
C LEU A 55 6.54 16.64 -14.43
N VAL A 56 6.85 16.39 -15.69
CA VAL A 56 7.94 15.50 -16.06
C VAL A 56 9.04 16.28 -16.77
N LEU A 57 10.27 16.07 -16.36
CA LEU A 57 11.40 16.77 -16.94
C LEU A 57 12.64 15.87 -17.05
N GLU A 58 13.54 16.22 -17.97
CA GLU A 58 14.76 15.44 -18.17
C GLU A 58 15.86 15.92 -17.23
N VAL A 59 16.27 15.05 -16.30
CA VAL A 59 17.31 15.38 -15.35
C VAL A 59 18.57 14.54 -15.57
N LEU A 60 19.62 14.89 -14.86
CA LEU A 60 20.89 14.18 -14.96
C LEU A 60 21.23 13.52 -13.63
N ASP A 61 21.33 12.20 -13.63
CA ASP A 61 21.65 11.45 -12.42
C ASP A 61 23.06 10.89 -12.48
N ALA A 62 23.96 11.46 -11.68
CA ALA A 62 25.34 11.02 -11.63
C ALA A 62 25.97 10.98 -13.03
N GLY A 63 25.45 11.81 -13.92
CA GLY A 63 25.97 11.86 -15.28
C GLY A 63 25.17 10.98 -16.22
N LYS A 64 23.90 10.74 -15.89
CA LYS A 64 23.04 9.91 -16.72
C LYS A 64 21.76 10.64 -17.07
N LYS A 65 21.46 10.70 -18.36
CA LYS A 65 20.26 11.37 -18.84
C LYS A 65 19.03 10.51 -18.61
N LYS A 66 18.12 11.01 -17.77
CA LYS A 66 16.90 10.28 -17.46
C LYS A 66 15.77 11.23 -17.08
N LEU A 67 14.56 10.92 -17.50
CA LEU A 67 13.40 11.75 -17.20
C LEU A 67 12.75 11.34 -15.89
N TYR A 68 12.20 12.31 -15.17
CA TYR A 68 11.54 12.03 -13.89
C TYR A 68 10.22 12.77 -13.81
N GLU A 69 9.29 12.22 -13.02
CA GLU A 69 7.97 12.81 -12.84
C GLU A 69 7.79 13.31 -11.42
N ALA A 70 7.28 14.52 -11.28
CA ALA A 70 7.07 15.12 -9.97
C ALA A 70 5.59 15.44 -9.75
N LYS A 71 5.09 15.13 -8.56
CA LYS A 71 3.71 15.38 -8.22
C LYS A 71 3.61 16.41 -7.10
N ILE A 72 2.81 17.44 -7.33
CA ILE A 72 2.62 18.49 -6.35
C ILE A 72 1.17 18.52 -5.86
N TRP A 73 1.01 18.51 -4.54
CA TRP A 73 -0.32 18.51 -3.94
C TRP A 73 -0.75 19.93 -3.57
N VAL A 74 -1.93 20.33 -4.03
CA VAL A 74 -2.45 21.66 -3.74
C VAL A 74 -3.81 21.57 -3.05
N LYS A 75 -4.23 22.68 -2.45
CA LYS A 75 -5.51 22.73 -1.75
C LYS A 75 -6.54 23.54 -2.55
N PRO A 76 -7.82 23.11 -2.54
CA PRO A 76 -8.87 23.80 -3.26
C PRO A 76 -9.31 25.09 -2.58
N TRP A 77 -9.48 25.03 -1.26
CA TRP A 77 -9.89 26.19 -0.49
C TRP A 77 -8.68 26.98 0.01
N MET A 78 -7.77 26.28 0.69
CA MET A 78 -6.57 26.91 1.22
C MET A 78 -5.75 27.56 0.11
N ASP A 79 -5.84 26.99 -1.09
CA ASP A 79 -5.10 27.52 -2.23
C ASP A 79 -3.60 27.51 -1.97
N PHE A 80 -3.16 26.56 -1.16
CA PHE A 80 -1.74 26.44 -0.83
C PHE A 80 -1.11 25.24 -1.56
N LYS A 81 -0.29 25.54 -2.56
CA LYS A 81 0.37 24.49 -3.34
C LYS A 81 1.64 24.02 -2.65
N GLN A 82 1.88 22.71 -2.69
CA GLN A 82 3.05 22.13 -2.07
C GLN A 82 3.50 20.87 -2.81
N LEU A 83 4.78 20.84 -3.18
CA LEU A 83 5.34 19.69 -3.89
C LEU A 83 5.44 18.47 -2.98
N GLN A 84 4.97 17.34 -3.47
CA GLN A 84 5.00 16.10 -2.70
C GLN A 84 6.30 15.34 -2.92
N GLU A 85 6.47 14.80 -4.12
CA GLU A 85 7.68 14.05 -4.46
C GLU A 85 7.66 13.60 -5.92
N PHE A 86 8.82 13.20 -6.44
CA PHE A 86 8.93 12.75 -7.82
C PHE A 86 9.47 11.32 -7.89
N LYS A 87 9.05 10.59 -8.91
CA LYS A 87 9.49 9.21 -9.10
C LYS A 87 10.15 9.04 -10.47
N HIS A 88 11.08 8.09 -10.56
CA HIS A 88 11.78 7.82 -11.81
C HIS A 88 10.81 7.28 -12.87
N VAL A 89 10.91 7.83 -14.08
CA VAL A 89 10.05 7.41 -15.18
C VAL A 89 10.87 7.17 -16.45
N ARG A 90 10.64 6.01 -17.07
CA ARG A 90 11.36 5.65 -18.29
C ARG A 90 11.12 6.68 -19.39
N ASP A 91 11.92 6.63 -20.44
CA ASP A 91 11.79 7.56 -21.56
C ASP A 91 10.47 7.34 -22.28
N VAL A 92 9.40 7.89 -21.72
CA VAL A 92 8.07 7.77 -22.31
C VAL A 92 7.11 8.79 -21.72
N PRO A 93 6.01 9.10 -22.45
CA PRO A 93 5.02 10.05 -21.98
C PRO A 93 4.25 9.55 -20.77
N SER A 94 4.14 8.24 -20.65
CA SER A 94 3.43 7.62 -19.52
C SER A 94 4.41 6.91 -18.59
N PHE A 95 4.11 6.94 -17.30
CA PHE A 95 4.96 6.29 -16.30
C PHE A 95 5.24 4.83 -16.68
N THR A 96 6.44 4.37 -16.37
CA THR A 96 6.84 2.99 -16.67
C THR A 96 5.91 2.00 -15.98
N SER A 97 5.68 0.86 -16.63
CA SER A 97 4.82 -0.17 -16.07
C SER A 97 5.65 -1.28 -15.42
N SER A 98 6.80 -0.90 -14.87
CA SER A 98 7.68 -1.87 -14.22
C SER A 98 7.35 -1.99 -12.74
N ASP A 99 7.02 -0.87 -12.11
CA ASP A 99 6.68 -0.85 -10.69
C ASP A 99 6.20 0.53 -10.26
N LEU A 100 5.47 1.20 -11.14
CA LEU A 100 4.95 2.54 -10.86
C LEU A 100 3.44 2.58 -11.06
N GLY A 101 2.77 3.41 -10.27
CA GLY A 101 1.32 3.54 -10.38
C GLY A 101 0.66 3.65 -9.02
N ALA A 102 -0.26 2.72 -8.74
CA ALA A 102 -0.98 2.72 -7.47
C ALA A 102 -0.96 1.34 -6.83
N LYS A 103 0.12 0.60 -7.07
CA LYS A 103 0.26 -0.75 -6.53
C LYS A 103 1.17 -0.74 -5.29
N THR A 104 0.64 -1.20 -4.17
CA THR A 104 1.41 -1.25 -2.93
C THR A 104 1.03 -2.47 -2.10
N ASP A 105 1.85 -3.51 -2.19
CA ASP A 105 1.60 -4.74 -1.44
C ASP A 105 2.89 -5.27 -0.82
N ASP A 106 2.78 -5.75 0.42
CA ASP A 106 3.94 -6.29 1.13
C ASP A 106 3.62 -7.65 1.75
N GLN A 107 4.59 -8.21 2.46
CA GLN A 107 4.41 -9.51 3.10
C GLN A 107 4.86 -9.46 4.55
N VAL A 108 4.43 -10.45 5.32
CA VAL A 108 4.78 -10.52 6.74
C VAL A 108 4.51 -11.92 7.30
N SER A 109 5.33 -12.33 8.25
CA SER A 109 5.19 -13.64 8.87
C SER A 109 5.92 -13.70 10.21
N GLY A 110 5.18 -13.92 11.28
CA GLY A 110 5.79 -14.00 12.60
C GLY A 110 4.84 -14.56 13.63
N TRP A 111 4.63 -15.87 13.59
CA TRP A 111 3.74 -16.54 14.54
C TRP A 111 2.34 -15.96 14.47
N ARG A 112 1.53 -16.47 13.56
CA ARG A 112 0.15 -15.99 13.40
C ARG A 112 -0.72 -17.05 12.72
N PRO A 113 -2.04 -16.99 12.96
CA PRO A 113 -2.99 -17.95 12.37
C PRO A 113 -3.12 -17.77 10.85
N VAL A 114 -4.19 -18.35 10.29
CA VAL A 114 -4.44 -18.25 8.86
C VAL A 114 -5.93 -18.29 8.56
N PRO A 115 -6.34 -17.72 7.41
CA PRO A 115 -7.74 -17.69 7.00
C PRO A 115 -8.30 -19.08 6.73
N VAL A 116 -9.47 -19.14 6.10
CA VAL A 116 -10.10 -20.41 5.77
C VAL A 116 -10.60 -20.42 4.34
N HIS A 117 -10.48 -21.57 3.68
CA HIS A 117 -10.92 -21.71 2.28
C HIS A 117 -9.93 -21.05 1.31
N ASP A 118 -8.84 -20.50 1.85
CA ASP A 118 -7.84 -19.85 1.03
C ASP A 118 -7.03 -20.87 0.23
N PRO A 119 -6.26 -20.42 -0.77
CA PRO A 119 -5.45 -21.30 -1.61
C PRO A 119 -4.31 -21.97 -0.82
N VAL A 120 -3.88 -21.31 0.25
CA VAL A 120 -2.80 -21.83 1.08
C VAL A 120 -3.35 -22.82 2.11
N VAL A 121 -4.50 -22.50 2.68
CA VAL A 121 -5.12 -23.37 3.68
C VAL A 121 -5.74 -24.60 3.02
N GLN A 122 -6.62 -24.36 2.06
CA GLN A 122 -7.29 -25.44 1.35
C GLN A 122 -6.27 -26.41 0.74
N ASP A 123 -5.12 -25.88 0.36
CA ASP A 123 -4.06 -26.69 -0.22
C ASP A 123 -3.45 -27.62 0.82
N ALA A 124 -3.05 -27.04 1.95
CA ALA A 124 -2.45 -27.81 3.04
C ALA A 124 -3.47 -28.77 3.65
N ALA A 125 -4.69 -28.30 3.82
CA ALA A 125 -5.76 -29.11 4.39
C ALA A 125 -6.00 -30.36 3.55
N HIS A 126 -6.37 -30.16 2.28
CA HIS A 126 -6.63 -31.27 1.38
C HIS A 126 -5.43 -32.21 1.31
N HIS A 127 -4.24 -31.64 1.14
CA HIS A 127 -3.02 -32.43 1.06
C HIS A 127 -2.84 -33.26 2.33
N ALA A 128 -3.24 -32.69 3.46
CA ALA A 128 -3.13 -33.38 4.75
C ALA A 128 -4.12 -34.53 4.84
N ILE A 129 -5.33 -34.32 4.32
CA ILE A 129 -6.37 -35.33 4.34
C ILE A 129 -5.88 -36.64 3.71
N LYS A 130 -5.32 -36.55 2.51
CA LYS A 130 -4.82 -37.72 1.80
C LYS A 130 -3.52 -38.22 2.44
N THR A 131 -2.67 -37.28 2.86
CA THR A 131 -1.40 -37.64 3.48
C THR A 131 -1.61 -38.39 4.79
N ILE A 132 -2.42 -37.82 5.68
CA ILE A 132 -2.70 -38.45 6.97
C ILE A 132 -3.16 -39.89 6.80
N GLN A 133 -4.21 -40.09 6.00
CA GLN A 133 -4.74 -41.42 5.76
C GLN A 133 -3.73 -42.30 5.02
N GLU A 134 -2.92 -41.66 4.19
CA GLU A 134 -1.90 -42.37 3.41
C GLU A 134 -0.69 -42.72 4.27
N ARG A 135 -0.47 -41.95 5.33
CA ARG A 135 0.65 -42.17 6.22
C ARG A 135 0.58 -43.57 6.84
N SER A 136 -0.61 -44.16 6.84
CA SER A 136 -0.80 -45.49 7.40
C SER A 136 -0.73 -46.54 6.30
N ASN A 137 -1.47 -46.31 5.22
CA ASN A 137 -1.50 -47.23 4.09
C ASN A 137 -2.41 -46.69 2.98
N SER A 138 -2.43 -47.40 1.85
CA SER A 138 -3.25 -47.00 0.72
C SER A 138 -4.71 -47.39 0.97
N LEU A 139 -5.54 -46.39 1.23
CA LEU A 139 -6.97 -46.63 1.50
C LEU A 139 -7.83 -45.55 0.88
N PHE A 140 -7.47 -44.29 1.12
CA PHE A 140 -8.21 -43.15 0.58
C PHE A 140 -9.69 -43.24 0.99
N PRO A 141 -10.02 -42.74 2.19
CA PRO A 141 -11.39 -42.76 2.70
C PRO A 141 -12.22 -41.58 2.21
N TYR A 142 -11.81 -40.37 2.57
CA TYR A 142 -12.52 -39.16 2.16
C TYR A 142 -11.56 -38.01 1.93
N GLU A 143 -12.11 -36.85 1.58
CA GLU A 143 -11.31 -35.66 1.33
C GLU A 143 -11.81 -34.48 2.15
N LEU A 144 -11.22 -33.31 1.94
CA LEU A 144 -11.61 -32.11 2.66
C LEU A 144 -13.08 -31.79 2.45
N SER A 145 -13.78 -31.45 3.52
CA SER A 145 -15.19 -31.12 3.46
C SER A 145 -15.43 -29.65 3.76
N GLU A 146 -15.19 -29.27 5.02
CA GLU A 146 -15.39 -27.88 5.45
C GLU A 146 -14.42 -27.53 6.57
N VAL A 147 -13.63 -26.49 6.36
CA VAL A 147 -12.67 -26.04 7.36
C VAL A 147 -13.33 -25.20 8.43
N VAL A 148 -13.02 -25.50 9.69
CA VAL A 148 -13.59 -24.78 10.82
C VAL A 148 -12.71 -23.58 11.20
N HIS A 149 -11.42 -23.83 11.35
CA HIS A 149 -10.48 -22.78 11.70
C HIS A 149 -9.04 -23.24 11.49
N ALA A 150 -8.26 -22.45 10.75
CA ALA A 150 -6.88 -22.80 10.47
C ALA A 150 -5.93 -21.73 11.04
N ASN A 151 -4.76 -22.18 11.48
CA ASN A 151 -3.76 -21.27 12.04
C ASN A 151 -2.34 -21.76 11.74
N ALA A 152 -1.46 -20.84 11.40
CA ALA A 152 -0.08 -21.18 11.08
C ALA A 152 0.85 -20.84 12.23
N GLU A 153 2.00 -21.49 12.25
CA GLU A 153 3.00 -21.27 13.30
C GLU A 153 4.42 -21.40 12.75
N VAL A 154 5.35 -20.68 13.36
CA VAL A 154 6.74 -20.72 12.93
C VAL A 154 7.59 -21.54 13.88
N VAL A 155 8.11 -22.66 13.38
CA VAL A 155 8.95 -23.54 14.18
C VAL A 155 10.41 -23.10 14.11
N ASP A 156 11.30 -23.84 14.77
CA ASP A 156 12.72 -23.51 14.79
C ASP A 156 13.26 -23.31 13.38
N THR A 157 12.77 -24.09 12.43
CA THR A 157 13.21 -23.99 11.05
C THR A 157 12.03 -23.96 10.08
N SER A 158 11.19 -24.99 10.13
CA SER A 158 10.03 -25.09 9.26
C SER A 158 8.87 -24.26 9.80
N ALA A 159 7.66 -24.55 9.34
CA ALA A 159 6.47 -23.83 9.77
C ALA A 159 5.32 -24.80 10.07
N LYS A 160 4.85 -24.80 11.31
CA LYS A 160 3.76 -25.68 11.71
C LYS A 160 2.42 -25.14 11.24
N PHE A 161 1.45 -26.05 11.08
CA PHE A 161 0.12 -25.67 10.63
C PHE A 161 -0.95 -26.35 11.47
N ASP A 162 -1.66 -25.56 12.28
CA ASP A 162 -2.71 -26.10 13.14
C ASP A 162 -4.08 -25.71 12.61
N MET A 163 -4.78 -26.67 12.02
CA MET A 163 -6.11 -26.41 11.46
C MET A 163 -7.10 -27.49 11.91
N LEU A 164 -8.37 -27.27 11.58
CA LEU A 164 -9.42 -28.23 11.94
C LEU A 164 -10.56 -28.17 10.91
N LEU A 165 -10.86 -29.32 10.32
CA LEU A 165 -11.92 -29.41 9.33
C LEU A 165 -12.73 -30.69 9.48
N LYS A 166 -13.99 -30.66 9.07
CA LYS A 166 -14.86 -31.82 9.17
C LYS A 166 -14.72 -32.70 7.93
N VAL A 167 -14.75 -34.02 8.14
CA VAL A 167 -14.63 -34.97 7.05
C VAL A 167 -15.97 -35.63 6.74
N LYS A 168 -16.28 -35.76 5.46
CA LYS A 168 -17.54 -36.38 5.03
C LYS A 168 -17.29 -37.73 4.38
N ARG A 169 -18.19 -38.68 4.62
CA ARG A 169 -18.07 -40.01 4.05
C ARG A 169 -19.42 -40.72 4.06
N GLY A 170 -20.15 -40.60 2.96
CA GLY A 170 -21.45 -41.24 2.86
C GLY A 170 -22.53 -40.51 3.63
N GLY A 171 -22.27 -39.24 3.94
CA GLY A 171 -23.24 -38.45 4.68
C GLY A 171 -22.94 -38.39 6.17
N LYS A 172 -21.68 -38.57 6.52
CA LYS A 172 -21.26 -38.53 7.92
C LYS A 172 -20.60 -37.20 8.27
N GLU A 173 -20.23 -37.03 9.52
CA GLU A 173 -19.59 -35.80 9.98
C GLU A 173 -18.72 -36.06 11.20
N GLU A 174 -17.43 -35.76 11.07
CA GLU A 174 -16.49 -35.95 12.17
C GLU A 174 -15.30 -35.00 12.04
N LYS A 175 -15.10 -34.17 13.06
CA LYS A 175 -14.00 -33.22 13.06
C LYS A 175 -12.71 -33.87 13.57
N TYR A 176 -11.58 -33.25 13.26
CA TYR A 176 -10.29 -33.79 13.68
C TYR A 176 -9.20 -32.73 13.55
N LYS A 177 -8.20 -32.79 14.43
CA LYS A 177 -7.08 -31.86 14.41
C LYS A 177 -6.03 -32.30 13.40
N VAL A 178 -5.34 -31.34 12.81
CA VAL A 178 -4.29 -31.64 11.82
C VAL A 178 -3.06 -30.77 12.05
N GLU A 179 -1.89 -31.40 12.01
CA GLU A 179 -0.64 -30.70 12.21
C GLU A 179 0.35 -31.03 11.09
N VAL A 180 0.54 -30.07 10.19
CA VAL A 180 1.45 -30.24 9.07
C VAL A 180 2.54 -29.17 9.06
N HIS A 181 3.71 -29.53 8.56
CA HIS A 181 4.84 -28.59 8.50
C HIS A 181 4.97 -28.01 7.10
N LYS A 182 5.50 -26.79 7.02
CA LYS A 182 5.69 -26.11 5.74
C LYS A 182 7.17 -26.05 5.38
N SER A 183 7.50 -26.57 4.20
CA SER A 183 8.89 -26.58 3.73
C SER A 183 8.98 -26.01 2.31
N THR A 184 9.55 -24.82 2.19
CA THR A 184 9.70 -24.18 0.89
C THR A 184 10.79 -24.85 0.07
N GLU A 185 11.84 -25.30 0.75
CA GLU A 185 12.96 -25.96 0.09
C GLU A 185 12.49 -27.22 -0.64
N GLU A 186 11.61 -27.98 0.01
CA GLU A 186 11.09 -29.21 -0.57
C GLU A 186 9.93 -28.91 -1.52
N GLY A 187 9.06 -28.01 -1.11
CA GLY A 187 7.92 -27.64 -1.94
C GLY A 187 6.67 -28.41 -1.57
N GLY A 188 6.84 -29.60 -1.02
CA GLY A 188 5.70 -30.41 -0.63
C GLY A 188 5.51 -30.45 0.88
N PHE A 189 4.25 -30.38 1.30
CA PHE A 189 3.94 -30.40 2.72
C PHE A 189 4.41 -31.71 3.37
N ASN A 190 4.58 -31.67 4.68
CA ASN A 190 5.02 -32.85 5.42
C ASN A 190 4.22 -33.01 6.72
N LEU A 191 3.08 -33.69 6.62
CA LEU A 191 2.22 -33.91 7.77
C LEU A 191 3.01 -34.47 8.95
N LYS A 192 2.97 -33.76 10.08
CA LYS A 192 3.68 -34.19 11.27
C LYS A 192 2.84 -35.17 12.09
N LYS A 193 1.76 -34.66 12.68
CA LYS A 193 0.87 -35.48 13.48
C LYS A 193 -0.59 -35.13 13.21
N VAL A 194 -1.50 -35.91 13.79
CA VAL A 194 -2.93 -35.68 13.59
C VAL A 194 -3.73 -36.16 14.80
N ASP A 195 -4.82 -35.46 15.09
CA ASP A 195 -5.68 -35.81 16.22
C ASP A 195 -7.15 -35.79 15.82
N LEU A 196 -7.99 -36.42 16.64
CA LEU A 196 -9.42 -36.47 16.37
C LEU A 196 -10.18 -35.48 17.28
N ASP A 197 -11.27 -34.93 16.76
CA ASP A 197 -12.07 -33.98 17.53
C ASP A 197 -13.56 -34.32 17.41
N HIS A 198 -14.12 -34.88 18.47
CA HIS A 198 -15.54 -35.24 18.49
C HIS A 198 -16.06 -35.31 19.92
N SER A 199 -15.51 -34.48 20.79
CA SER A 199 -15.92 -34.44 22.19
C SER A 199 -15.65 -33.08 22.80
N MET A 1 -4.14 30.38 -4.63
CA MET A 1 -3.90 31.49 -5.59
C MET A 1 -3.80 30.97 -7.01
N ALA A 2 -3.17 29.81 -7.17
CA ALA A 2 -3.00 29.21 -8.50
C ALA A 2 -3.26 27.70 -8.44
N THR A 3 -4.11 27.23 -9.35
CA THR A 3 -4.44 25.81 -9.41
C THR A 3 -4.90 25.42 -10.82
N LEU A 4 -5.24 24.15 -10.99
CA LEU A 4 -5.68 23.64 -12.28
C LEU A 4 -7.10 23.09 -12.18
N GLY A 5 -7.26 22.01 -11.43
CA GLY A 5 -8.57 21.40 -11.26
C GLY A 5 -9.11 20.82 -12.56
N GLY A 6 -8.62 19.65 -12.93
CA GLY A 6 -9.07 19.01 -14.15
C GLY A 6 -7.93 18.53 -15.03
N VAL A 7 -7.95 17.25 -15.37
CA VAL A 7 -6.90 16.66 -16.20
C VAL A 7 -6.69 17.47 -17.49
N HIS A 8 -5.43 17.67 -17.85
CA HIS A 8 -5.09 18.43 -19.05
C HIS A 8 -3.61 18.33 -19.36
N ASP A 9 -3.27 17.53 -20.37
CA ASP A 9 -1.88 17.35 -20.77
C ASP A 9 -1.36 18.58 -21.49
N SER A 10 -0.06 18.59 -21.77
CA SER A 10 0.57 19.72 -22.46
C SER A 10 2.04 19.45 -22.73
N ASN A 11 2.71 20.41 -23.35
CA ASN A 11 4.12 20.28 -23.66
C ASN A 11 4.93 21.37 -22.98
N SER A 12 4.73 21.51 -21.67
CA SER A 12 5.44 22.53 -20.90
C SER A 12 5.12 23.92 -21.40
N ASN A 13 3.84 24.18 -21.65
CA ASN A 13 3.39 25.48 -22.14
C ASN A 13 3.71 26.58 -21.12
N PRO A 14 3.14 26.48 -19.91
CA PRO A 14 3.36 27.47 -18.85
C PRO A 14 4.77 27.37 -18.26
N ASP A 15 4.97 28.06 -17.14
CA ASP A 15 6.28 28.05 -16.47
C ASP A 15 6.48 26.75 -15.70
N THR A 16 6.53 25.64 -16.45
CA THR A 16 6.73 24.33 -15.85
C THR A 16 8.18 24.15 -15.40
N HIS A 17 9.09 24.84 -16.06
CA HIS A 17 10.51 24.76 -15.73
C HIS A 17 10.75 24.99 -14.23
N SER A 18 10.25 26.12 -13.73
CA SER A 18 10.41 26.46 -12.32
C SER A 18 9.62 25.50 -11.43
N LEU A 19 8.48 25.04 -11.93
CA LEU A 19 7.63 24.12 -11.17
C LEU A 19 8.40 22.87 -10.77
N ALA A 20 9.23 22.38 -11.68
CA ALA A 20 10.03 21.18 -11.43
C ALA A 20 11.14 21.46 -10.42
N ARG A 21 11.74 22.64 -10.52
CA ARG A 21 12.81 23.02 -9.62
C ARG A 21 12.34 23.02 -8.17
N PHE A 22 11.16 23.56 -7.94
CA PHE A 22 10.58 23.62 -6.60
C PHE A 22 10.43 22.22 -6.01
N ALA A 23 10.19 21.24 -6.87
CA ALA A 23 10.02 19.86 -6.44
C ALA A 23 11.36 19.21 -6.11
N VAL A 24 12.28 19.26 -7.06
CA VAL A 24 13.61 18.67 -6.87
C VAL A 24 14.32 19.31 -5.68
N ASP A 25 14.05 20.58 -5.46
CA ASP A 25 14.67 21.32 -4.36
C ASP A 25 14.34 20.70 -3.00
N GLN A 26 13.08 20.35 -2.80
CA GLN A 26 12.64 19.77 -1.52
C GLN A 26 13.27 18.40 -1.28
N HIS A 27 13.41 17.62 -2.34
CA HIS A 27 14.00 16.28 -2.22
C HIS A 27 15.51 16.37 -2.08
N ASN A 28 16.14 17.11 -2.98
CA ASN A 28 17.58 17.27 -2.98
C ASN A 28 18.07 17.83 -1.64
N THR A 29 17.31 18.76 -1.09
CA THR A 29 17.68 19.38 0.18
C THR A 29 17.41 18.48 1.39
N LYS A 30 16.41 17.62 1.29
CA LYS A 30 16.04 16.75 2.41
C LYS A 30 16.77 15.41 2.41
N GLU A 31 16.69 14.67 1.31
CA GLU A 31 17.35 13.35 1.25
C GLU A 31 18.09 13.10 -0.06
N ASN A 32 17.71 13.81 -1.13
CA ASN A 32 18.35 13.63 -2.42
C ASN A 32 19.62 14.47 -2.52
N GLY A 33 20.26 14.42 -3.68
CA GLY A 33 21.48 15.18 -3.89
C GLY A 33 22.32 14.63 -5.04
N LEU A 34 21.65 14.26 -6.13
CA LEU A 34 22.34 13.72 -7.29
C LEU A 34 21.50 13.87 -8.55
N LEU A 35 20.64 14.88 -8.56
CA LEU A 35 19.78 15.14 -9.71
C LEU A 35 20.06 16.51 -10.30
N GLU A 36 20.17 16.57 -11.63
CA GLU A 36 20.45 17.83 -12.31
C GLU A 36 19.42 18.11 -13.39
N LEU A 37 18.50 19.03 -13.11
CA LEU A 37 17.46 19.38 -14.07
C LEU A 37 18.08 19.82 -15.40
N VAL A 38 17.85 19.01 -16.43
CA VAL A 38 18.39 19.29 -17.75
C VAL A 38 17.41 20.10 -18.61
N ARG A 39 16.27 19.50 -18.94
CA ARG A 39 15.26 20.18 -19.75
C ARG A 39 13.89 19.54 -19.58
N VAL A 40 12.87 20.39 -19.40
CA VAL A 40 11.50 19.92 -19.22
C VAL A 40 11.11 18.90 -20.30
N VAL A 41 10.16 18.05 -19.95
CA VAL A 41 9.68 17.02 -20.87
C VAL A 41 8.26 17.30 -21.31
N GLU A 42 7.33 17.26 -20.36
CA GLU A 42 5.93 17.52 -20.65
C GLU A 42 5.18 18.01 -19.40
N ALA A 43 3.92 18.35 -19.57
CA ALA A 43 3.11 18.84 -18.47
C ALA A 43 1.73 18.18 -18.48
N ARG A 44 1.48 17.37 -17.46
CA ARG A 44 0.20 16.68 -17.33
C ARG A 44 -0.51 17.09 -16.05
N GLU A 45 -1.84 17.07 -16.08
CA GLU A 45 -2.64 17.44 -14.92
C GLU A 45 -3.72 16.40 -14.65
N GLN A 46 -4.24 16.40 -13.41
CA GLN A 46 -5.28 15.47 -13.02
C GLN A 46 -5.85 15.87 -11.66
N VAL A 47 -7.17 15.75 -11.52
CA VAL A 47 -7.84 16.11 -10.27
C VAL A 47 -7.95 14.91 -9.34
N VAL A 48 -7.21 14.96 -8.24
CA VAL A 48 -7.22 13.88 -7.26
C VAL A 48 -7.51 14.43 -5.86
N ALA A 49 -8.73 14.21 -5.39
CA ALA A 49 -9.13 14.68 -4.06
C ALA A 49 -8.77 16.14 -3.86
N GLY A 50 -8.74 16.89 -4.95
CA GLY A 50 -8.42 18.31 -4.89
C GLY A 50 -7.75 18.80 -6.15
N THR A 51 -6.43 18.88 -6.13
CA THR A 51 -5.66 19.35 -7.28
C THR A 51 -4.28 18.70 -7.32
N LEU A 52 -3.97 18.05 -8.44
CA LEU A 52 -2.68 17.39 -8.61
C LEU A 52 -1.91 17.97 -9.78
N HIS A 53 -0.62 18.22 -9.57
CA HIS A 53 0.24 18.77 -10.61
C HIS A 53 1.30 17.76 -11.01
N HIS A 54 1.12 17.14 -12.19
CA HIS A 54 2.07 16.15 -12.69
C HIS A 54 2.98 16.75 -13.76
N LEU A 55 4.25 16.95 -13.40
CA LEU A 55 5.22 17.52 -14.32
C LEU A 55 6.38 16.57 -14.56
N VAL A 56 6.74 16.37 -15.82
CA VAL A 56 7.84 15.49 -16.19
C VAL A 56 8.95 16.28 -16.86
N LEU A 57 10.18 16.05 -16.43
CA LEU A 57 11.33 16.76 -16.98
C LEU A 57 12.56 15.86 -17.06
N GLU A 58 13.48 16.20 -17.96
CA GLU A 58 14.70 15.42 -18.13
C GLU A 58 15.79 15.90 -17.18
N VAL A 59 16.22 15.02 -16.27
CA VAL A 59 17.25 15.37 -15.30
C VAL A 59 18.50 14.51 -15.50
N LEU A 60 19.55 14.86 -14.78
CA LEU A 60 20.82 14.14 -14.85
C LEU A 60 21.13 13.48 -13.51
N ASP A 61 21.21 12.15 -13.51
CA ASP A 61 21.49 11.40 -12.30
C ASP A 61 22.92 10.86 -12.31
N ALA A 62 23.80 11.51 -11.55
CA ALA A 62 25.19 11.11 -11.46
C ALA A 62 25.83 11.01 -12.85
N GLY A 63 25.31 11.77 -13.80
CA GLY A 63 25.84 11.74 -15.15
C GLY A 63 25.03 10.85 -16.07
N LYS A 64 23.75 10.69 -15.75
CA LYS A 64 22.87 9.85 -16.56
C LYS A 64 21.61 10.62 -16.95
N LYS A 65 21.34 10.67 -18.25
CA LYS A 65 20.16 11.36 -18.75
C LYS A 65 18.90 10.52 -18.55
N LYS A 66 17.98 11.01 -17.74
CA LYS A 66 16.74 10.30 -17.48
C LYS A 66 15.63 11.28 -17.12
N LEU A 67 14.39 10.93 -17.50
CA LEU A 67 13.24 11.78 -17.21
C LEU A 67 12.59 11.38 -15.89
N TYR A 68 12.13 12.37 -15.14
CA TYR A 68 11.49 12.12 -13.86
C TYR A 68 10.13 12.82 -13.79
N GLU A 69 9.21 12.24 -13.01
CA GLU A 69 7.87 12.80 -12.86
C GLU A 69 7.67 13.32 -11.44
N ALA A 70 7.13 14.53 -11.33
CA ALA A 70 6.88 15.13 -10.03
C ALA A 70 5.40 15.44 -9.83
N LYS A 71 4.91 15.13 -8.64
CA LYS A 71 3.51 15.38 -8.32
C LYS A 71 3.39 16.43 -7.22
N ILE A 72 2.55 17.42 -7.45
CA ILE A 72 2.35 18.49 -6.48
C ILE A 72 0.89 18.53 -6.03
N TRP A 73 0.70 18.52 -4.72
CA TRP A 73 -0.64 18.54 -4.14
C TRP A 73 -1.07 19.96 -3.78
N VAL A 74 -2.25 20.35 -4.23
CA VAL A 74 -2.77 21.69 -3.95
C VAL A 74 -4.15 21.61 -3.31
N LYS A 75 -4.26 22.10 -2.09
CA LYS A 75 -5.53 22.08 -1.36
C LYS A 75 -6.46 23.18 -1.88
N PRO A 76 -7.78 22.90 -1.97
CA PRO A 76 -8.76 23.87 -2.44
C PRO A 76 -9.09 24.93 -1.39
N TRP A 77 -9.28 24.48 -0.16
CA TRP A 77 -9.62 25.38 0.94
C TRP A 77 -8.50 26.39 1.15
N MET A 78 -7.37 25.93 1.69
CA MET A 78 -6.23 26.80 1.94
C MET A 78 -5.74 27.45 0.65
N ASP A 79 -5.95 26.76 -0.47
CA ASP A 79 -5.52 27.27 -1.77
C ASP A 79 -4.01 27.42 -1.83
N PHE A 80 -3.31 26.55 -1.10
CA PHE A 80 -1.86 26.58 -1.07
C PHE A 80 -1.27 25.37 -1.79
N LYS A 81 -0.47 25.62 -2.81
CA LYS A 81 0.16 24.56 -3.58
C LYS A 81 1.43 24.07 -2.90
N GLN A 82 1.59 22.75 -2.83
CA GLN A 82 2.76 22.15 -2.21
C GLN A 82 3.19 20.89 -2.95
N LEU A 83 4.48 20.82 -3.29
CA LEU A 83 5.02 19.67 -3.99
C LEU A 83 5.10 18.45 -3.08
N GLN A 84 4.62 17.31 -3.57
CA GLN A 84 4.62 16.08 -2.79
C GLN A 84 5.94 15.32 -2.97
N GLU A 85 6.15 14.79 -4.17
CA GLU A 85 7.37 14.05 -4.47
C GLU A 85 7.41 13.60 -5.93
N PHE A 86 8.57 13.22 -6.41
CA PHE A 86 8.74 12.77 -7.79
C PHE A 86 9.34 11.38 -7.86
N LYS A 87 8.98 10.62 -8.90
CA LYS A 87 9.49 9.27 -9.07
C LYS A 87 10.19 9.13 -10.43
N HIS A 88 11.16 8.22 -10.50
CA HIS A 88 11.90 8.00 -11.73
C HIS A 88 11.03 7.30 -12.78
N VAL A 89 11.11 7.80 -14.01
CA VAL A 89 10.33 7.23 -15.10
C VAL A 89 11.19 6.98 -16.33
N ARG A 90 10.65 6.27 -17.31
CA ARG A 90 11.39 5.97 -18.53
C ARG A 90 11.25 7.11 -19.54
N ASP A 91 11.79 6.90 -20.73
CA ASP A 91 11.74 7.91 -21.78
C ASP A 91 10.29 8.25 -22.13
N VAL A 92 9.45 7.22 -22.22
CA VAL A 92 8.04 7.41 -22.56
C VAL A 92 7.37 8.35 -21.56
N PRO A 93 6.24 8.97 -21.96
CA PRO A 93 5.50 9.90 -21.09
C PRO A 93 4.83 9.19 -19.93
N SER A 94 4.52 7.91 -20.11
CA SER A 94 3.87 7.12 -19.07
C SER A 94 4.91 6.53 -18.12
N PHE A 95 4.47 6.14 -16.93
CA PHE A 95 5.36 5.55 -15.93
C PHE A 95 6.11 4.35 -16.51
N THR A 96 7.39 4.23 -16.15
CA THR A 96 8.21 3.13 -16.63
C THR A 96 7.59 1.79 -16.27
N SER A 97 8.22 0.71 -16.72
CA SER A 97 7.73 -0.64 -16.45
C SER A 97 8.34 -1.19 -15.17
N SER A 98 8.41 -0.36 -14.13
CA SER A 98 8.98 -0.78 -12.85
C SER A 98 7.98 -0.55 -11.72
N ASP A 99 8.47 -0.62 -10.48
CA ASP A 99 7.61 -0.42 -9.31
C ASP A 99 7.43 1.05 -9.01
N LEU A 100 6.50 1.70 -9.71
CA LEU A 100 6.24 3.12 -9.50
C LEU A 100 4.83 3.33 -8.96
N GLY A 101 3.84 2.93 -9.76
CA GLY A 101 2.45 3.08 -9.34
C GLY A 101 2.07 4.53 -9.09
N ALA A 102 0.78 4.81 -9.09
CA ALA A 102 0.30 6.18 -8.86
C ALA A 102 -0.34 6.30 -7.48
N LYS A 103 0.24 5.60 -6.50
CA LYS A 103 -0.28 5.64 -5.14
C LYS A 103 0.86 5.86 -4.15
N THR A 104 0.55 5.71 -2.86
CA THR A 104 1.55 5.90 -1.81
C THR A 104 1.15 5.15 -0.55
N ASP A 105 1.79 4.01 -0.31
CA ASP A 105 1.50 3.19 0.87
C ASP A 105 2.66 2.26 1.18
N ASP A 106 3.04 2.19 2.44
CA ASP A 106 4.13 1.33 2.87
C ASP A 106 3.81 0.65 4.21
N GLN A 107 3.43 -0.62 4.14
CA GLN A 107 3.09 -1.38 5.33
C GLN A 107 4.31 -1.56 6.22
N VAL A 108 4.06 -1.92 7.48
CA VAL A 108 5.13 -2.13 8.44
C VAL A 108 4.65 -2.91 9.66
N SER A 109 5.49 -3.78 10.17
CA SER A 109 5.14 -4.58 11.34
C SER A 109 5.87 -4.08 12.58
N GLY A 110 5.46 -4.57 13.75
CA GLY A 110 6.07 -4.15 14.99
C GLY A 110 5.20 -4.44 16.20
N TRP A 111 5.09 -5.72 16.55
CA TRP A 111 4.28 -6.13 17.69
C TRP A 111 2.82 -5.70 17.51
N ARG A 112 2.07 -6.49 16.77
CA ARG A 112 0.66 -6.19 16.52
C ARG A 112 -0.13 -7.46 16.20
N PRO A 113 -1.45 -7.44 16.46
CA PRO A 113 -2.31 -8.60 16.19
C PRO A 113 -2.47 -8.88 14.70
N VAL A 114 -3.47 -9.69 14.36
CA VAL A 114 -3.72 -10.04 12.96
C VAL A 114 -5.22 -10.21 12.71
N PRO A 115 -5.65 -10.03 11.45
CA PRO A 115 -7.06 -10.17 11.08
C PRO A 115 -7.56 -11.61 11.26
N VAL A 116 -8.72 -11.89 10.67
CA VAL A 116 -9.31 -13.23 10.76
C VAL A 116 -9.83 -13.68 9.41
N HIS A 117 -9.65 -14.97 9.12
CA HIS A 117 -10.10 -15.55 7.86
C HIS A 117 -9.17 -15.16 6.70
N ASP A 118 -8.11 -14.42 7.01
CA ASP A 118 -7.16 -13.99 5.98
C ASP A 118 -6.30 -15.16 5.52
N PRO A 119 -5.55 -15.00 4.41
CA PRO A 119 -4.68 -16.04 3.88
C PRO A 119 -3.51 -16.35 4.79
N VAL A 120 -3.13 -15.39 5.63
CA VAL A 120 -2.02 -15.56 6.57
C VAL A 120 -2.48 -16.26 7.84
N VAL A 121 -3.64 -15.86 8.34
CA VAL A 121 -4.20 -16.44 9.56
C VAL A 121 -4.76 -17.84 9.29
N GLN A 122 -5.64 -17.94 8.32
CA GLN A 122 -6.25 -19.22 7.97
C GLN A 122 -5.18 -20.25 7.64
N ASP A 123 -4.06 -19.79 7.09
CA ASP A 123 -2.96 -20.67 6.73
C ASP A 123 -2.30 -21.24 7.99
N ALA A 124 -1.87 -20.35 8.88
CA ALA A 124 -1.23 -20.76 10.12
C ALA A 124 -2.20 -21.54 11.01
N ALA A 125 -3.45 -21.09 11.05
CA ALA A 125 -4.48 -21.75 11.85
C ALA A 125 -4.65 -23.20 11.42
N HIS A 126 -5.03 -23.40 10.16
CA HIS A 126 -5.24 -24.74 9.63
C HIS A 126 -3.99 -25.59 9.80
N HIS A 127 -2.84 -25.04 9.44
CA HIS A 127 -1.57 -25.75 9.57
C HIS A 127 -1.33 -26.18 11.02
N ALA A 128 -1.75 -25.34 11.95
CA ALA A 128 -1.59 -25.63 13.37
C ALA A 128 -2.52 -26.77 13.81
N ILE A 129 -3.73 -26.77 13.26
CA ILE A 129 -4.72 -27.79 13.60
C ILE A 129 -4.15 -29.19 13.37
N LYS A 130 -3.61 -29.43 12.18
CA LYS A 130 -3.05 -30.73 11.84
C LYS A 130 -1.73 -30.96 12.57
N THR A 131 -0.92 -29.91 12.69
CA THR A 131 0.37 -30.00 13.35
C THR A 131 0.21 -30.34 14.84
N ILE A 132 -0.63 -29.57 15.52
CA ILE A 132 -0.88 -29.79 16.94
C ILE A 132 -1.26 -31.25 17.23
N GLN A 133 -2.30 -31.72 16.53
CA GLN A 133 -2.76 -33.10 16.72
C GLN A 133 -1.69 -34.09 16.26
N GLU A 134 -0.93 -33.70 15.25
CA GLU A 134 0.13 -34.55 14.71
C GLU A 134 1.34 -34.57 15.65
N ARG A 135 1.50 -33.51 16.43
CA ARG A 135 2.63 -33.40 17.35
C ARG A 135 2.61 -34.57 18.34
N SER A 136 1.45 -35.18 18.52
CA SER A 136 1.31 -36.30 19.44
C SER A 136 1.35 -37.63 18.69
N ASN A 137 0.61 -37.69 17.57
CA ASN A 137 0.56 -38.89 16.75
C ASN A 137 -0.33 -38.67 15.53
N SER A 138 -0.22 -39.58 14.56
CA SER A 138 -1.03 -39.48 13.34
C SER A 138 -2.49 -39.83 13.63
N LEU A 139 -3.37 -38.87 13.42
CA LEU A 139 -4.79 -39.08 13.67
C LEU A 139 -5.64 -38.23 12.72
N PHE A 140 -5.43 -36.92 12.77
CA PHE A 140 -6.18 -36.00 11.91
C PHE A 140 -7.69 -36.15 12.12
N PRO A 141 -8.18 -35.79 13.33
CA PRO A 141 -9.60 -35.89 13.66
C PRO A 141 -10.44 -34.84 12.94
N TYR A 142 -10.24 -33.58 13.33
CA TYR A 142 -10.98 -32.47 12.73
C TYR A 142 -10.03 -31.42 12.18
N GLU A 143 -10.60 -30.35 11.61
CA GLU A 143 -9.80 -29.27 11.05
C GLU A 143 -10.33 -27.91 11.49
N LEU A 144 -9.83 -26.85 10.85
CA LEU A 144 -10.25 -25.50 11.18
C LEU A 144 -11.76 -25.34 10.98
N SER A 145 -12.41 -24.69 11.94
CA SER A 145 -13.86 -24.47 11.87
C SER A 145 -14.16 -22.98 11.74
N GLU A 146 -13.75 -22.20 12.74
CA GLU A 146 -13.99 -20.75 12.72
C GLU A 146 -13.03 -20.05 13.68
N VAL A 147 -12.40 -18.99 13.19
CA VAL A 147 -11.45 -18.22 14.00
C VAL A 147 -12.18 -17.18 14.84
N VAL A 148 -11.80 -17.09 16.12
CA VAL A 148 -12.41 -16.13 17.03
C VAL A 148 -11.61 -14.83 17.06
N HIS A 149 -10.29 -14.95 17.08
CA HIS A 149 -9.41 -13.78 17.11
C HIS A 149 -7.95 -14.21 17.05
N ALA A 150 -7.21 -13.66 16.09
CA ALA A 150 -5.80 -13.98 15.92
C ALA A 150 -4.92 -12.75 16.12
N ASN A 151 -3.73 -12.97 16.67
CA ASN A 151 -2.80 -11.88 16.91
C ASN A 151 -1.36 -12.35 16.74
N ALA A 152 -0.53 -11.53 16.10
CA ALA A 152 0.86 -11.88 15.86
C ALA A 152 1.78 -11.14 16.83
N GLU A 153 2.91 -11.77 17.14
CA GLU A 153 3.89 -11.19 18.05
C GLU A 153 5.31 -11.37 17.52
N VAL A 154 6.15 -10.38 17.75
CA VAL A 154 7.54 -10.42 17.29
C VAL A 154 8.47 -10.87 18.40
N VAL A 155 9.03 -12.07 18.26
CA VAL A 155 9.95 -12.62 19.25
C VAL A 155 11.38 -12.13 18.99
N ASP A 156 12.32 -12.58 19.80
CA ASP A 156 13.72 -12.18 19.65
C ASP A 156 14.21 -12.40 18.23
N THR A 157 13.73 -13.45 17.58
CA THR A 157 14.13 -13.76 16.21
C THR A 157 12.93 -14.10 15.34
N SER A 158 12.17 -15.12 15.75
CA SER A 158 10.99 -15.55 15.00
C SER A 158 9.78 -14.67 15.31
N ALA A 159 8.59 -15.17 15.03
CA ALA A 159 7.36 -14.43 15.29
C ALA A 159 6.28 -15.35 15.85
N LYS A 160 5.82 -15.04 17.06
CA LYS A 160 4.79 -15.84 17.72
C LYS A 160 3.42 -15.54 17.15
N PHE A 161 2.50 -16.49 17.28
CA PHE A 161 1.14 -16.33 16.79
C PHE A 161 0.13 -16.80 17.82
N ASP A 162 -0.54 -15.85 18.46
CA ASP A 162 -1.54 -16.16 19.48
C ASP A 162 -2.95 -16.02 18.91
N MET A 163 -3.54 -17.14 18.51
CA MET A 163 -4.89 -17.13 17.95
C MET A 163 -5.80 -18.07 18.72
N LEU A 164 -7.10 -18.00 18.41
CA LEU A 164 -8.09 -18.84 19.07
C LEU A 164 -9.23 -19.18 18.11
N LEU A 165 -9.43 -20.48 17.86
CA LEU A 165 -10.48 -20.93 16.96
C LEU A 165 -11.24 -22.11 17.56
N LYS A 166 -12.46 -22.32 17.08
CA LYS A 166 -13.29 -23.42 17.56
C LYS A 166 -13.19 -24.62 16.63
N VAL A 167 -13.13 -25.81 17.22
CA VAL A 167 -13.03 -27.04 16.44
C VAL A 167 -14.36 -27.79 16.41
N LYS A 168 -14.62 -28.47 15.30
CA LYS A 168 -15.86 -29.23 15.13
C LYS A 168 -15.57 -30.72 14.95
N ARG A 169 -16.43 -31.55 15.51
CA ARG A 169 -16.27 -33.00 15.42
C ARG A 169 -17.60 -33.72 15.68
N GLY A 170 -18.34 -33.98 14.62
CA GLY A 170 -19.62 -34.66 14.76
C GLY A 170 -20.71 -33.74 15.28
N GLY A 171 -20.50 -32.44 15.13
CA GLY A 171 -21.50 -31.48 15.58
C GLY A 171 -21.19 -30.93 16.97
N LYS A 172 -19.91 -30.96 17.34
CA LYS A 172 -19.50 -30.46 18.65
C LYS A 172 -18.87 -29.07 18.53
N GLU A 173 -18.50 -28.49 19.67
CA GLU A 173 -17.88 -27.17 19.67
C GLU A 173 -16.99 -27.00 20.90
N GLU A 174 -15.71 -26.73 20.65
CA GLU A 174 -14.75 -26.54 21.73
C GLU A 174 -13.61 -25.63 21.29
N LYS A 175 -13.42 -24.53 22.02
CA LYS A 175 -12.37 -23.57 21.71
C LYS A 175 -11.04 -24.00 22.33
N TYR A 176 -9.95 -23.46 21.82
CA TYR A 176 -8.62 -23.78 22.34
C TYR A 176 -7.59 -22.75 21.90
N LYS A 177 -6.62 -22.49 22.77
CA LYS A 177 -5.56 -21.53 22.46
C LYS A 177 -4.47 -22.18 21.61
N VAL A 178 -3.94 -21.42 20.67
CA VAL A 178 -2.88 -21.91 19.80
C VAL A 178 -1.69 -20.97 19.76
N GLU A 179 -0.49 -21.53 19.75
CA GLU A 179 0.73 -20.74 19.71
C GLU A 179 1.72 -21.31 18.71
N VAL A 180 1.84 -20.65 17.57
CA VAL A 180 2.75 -21.09 16.51
C VAL A 180 3.77 -20.00 16.18
N HIS A 181 4.97 -20.41 15.78
CA HIS A 181 6.03 -19.47 15.44
C HIS A 181 6.13 -19.30 13.92
N LYS A 182 6.58 -18.13 13.49
CA LYS A 182 6.72 -17.83 12.08
C LYS A 182 8.20 -17.78 11.68
N SER A 183 8.57 -18.61 10.70
CA SER A 183 9.94 -18.65 10.22
C SER A 183 10.00 -18.49 8.71
N THR A 184 10.38 -17.30 8.26
CA THR A 184 10.49 -17.01 6.83
C THR A 184 11.55 -17.88 6.18
N GLU A 185 12.67 -18.06 6.86
CA GLU A 185 13.77 -18.86 6.35
C GLU A 185 13.32 -20.30 6.10
N GLU A 186 12.79 -20.94 7.15
CA GLU A 186 12.32 -22.31 7.03
C GLU A 186 11.22 -22.44 5.99
N GLY A 187 10.28 -21.48 6.01
CA GLY A 187 9.19 -21.51 5.06
C GLY A 187 7.94 -22.14 5.62
N GLY A 188 8.12 -23.06 6.57
CA GLY A 188 6.99 -23.74 7.18
C GLY A 188 6.81 -23.36 8.63
N PHE A 189 5.55 -23.24 9.05
CA PHE A 189 5.23 -22.87 10.43
C PHE A 189 5.80 -23.91 11.40
N ASN A 190 5.96 -23.51 12.66
CA ASN A 190 6.48 -24.40 13.69
C ASN A 190 5.72 -24.23 15.00
N LEU A 191 4.61 -24.97 15.13
CA LEU A 191 3.78 -24.91 16.32
C LEU A 191 4.62 -25.05 17.59
N LYS A 192 4.55 -24.06 18.46
CA LYS A 192 5.30 -24.09 19.72
C LYS A 192 4.52 -24.81 20.80
N LYS A 193 3.43 -24.19 21.25
CA LYS A 193 2.59 -24.78 22.30
C LYS A 193 1.11 -24.61 21.97
N VAL A 194 0.26 -25.21 22.77
CA VAL A 194 -1.18 -25.12 22.57
C VAL A 194 -1.94 -25.31 23.88
N ASP A 195 -3.07 -24.63 24.00
CA ASP A 195 -3.90 -24.71 25.21
C ASP A 195 -5.36 -24.90 24.85
N LEU A 196 -6.16 -25.32 25.83
CA LEU A 196 -7.58 -25.54 25.61
C LEU A 196 -8.41 -24.40 26.20
N ASP A 197 -9.54 -24.10 25.58
CA ASP A 197 -10.41 -23.03 26.05
C ASP A 197 -11.89 -23.44 25.93
N HIS A 198 -12.49 -23.80 27.06
CA HIS A 198 -13.88 -24.21 27.08
C HIS A 198 -14.47 -24.03 28.47
N SER A 199 -14.02 -23.01 29.18
CA SER A 199 -14.50 -22.73 30.53
C SER A 199 -14.80 -21.24 30.70
N MET A 1 -0.95 30.74 -4.03
CA MET A 1 -2.37 30.42 -4.31
C MET A 1 -2.58 30.10 -5.79
N ALA A 2 -2.46 28.83 -6.13
CA ALA A 2 -2.63 28.39 -7.52
C ALA A 2 -3.18 26.97 -7.57
N THR A 3 -3.86 26.65 -8.68
CA THR A 3 -4.42 25.32 -8.87
C THR A 3 -4.85 25.11 -10.31
N LEU A 4 -5.05 23.85 -10.69
CA LEU A 4 -5.46 23.51 -12.04
C LEU A 4 -6.83 22.83 -12.04
N GLY A 5 -6.93 21.71 -11.36
CA GLY A 5 -8.19 20.99 -11.29
C GLY A 5 -8.73 20.61 -12.66
N GLY A 6 -8.42 19.40 -13.10
CA GLY A 6 -8.88 18.94 -14.39
C GLY A 6 -7.79 18.24 -15.18
N VAL A 7 -7.92 16.93 -15.34
CA VAL A 7 -6.95 16.13 -16.08
C VAL A 7 -6.72 16.70 -17.48
N HIS A 8 -5.46 16.84 -17.85
CA HIS A 8 -5.10 17.38 -19.17
C HIS A 8 -3.59 17.38 -19.36
N ASP A 9 -3.16 17.03 -20.57
CA ASP A 9 -1.74 16.98 -20.89
C ASP A 9 -1.32 18.23 -21.67
N SER A 10 -0.90 19.27 -20.94
CA SER A 10 -0.49 20.52 -21.56
C SER A 10 0.66 20.28 -22.54
N ASN A 11 1.31 21.37 -22.95
CA ASN A 11 2.42 21.28 -23.89
C ASN A 11 3.59 22.14 -23.42
N SER A 12 3.78 22.21 -22.11
CA SER A 12 4.87 22.99 -21.53
C SER A 12 4.69 24.47 -21.86
N ASN A 13 3.44 24.91 -21.97
CA ASN A 13 3.14 26.30 -22.28
C ASN A 13 3.73 27.24 -21.24
N PRO A 14 3.31 27.10 -19.97
CA PRO A 14 3.80 27.93 -18.88
C PRO A 14 5.23 27.61 -18.49
N ASP A 15 5.67 28.14 -17.36
CA ASP A 15 7.03 27.91 -16.87
C ASP A 15 7.11 26.60 -16.08
N THR A 16 6.72 25.50 -16.72
CA THR A 16 6.74 24.19 -16.07
C THR A 16 8.15 23.85 -15.59
N HIS A 17 9.15 24.40 -16.26
CA HIS A 17 10.55 24.14 -15.90
C HIS A 17 10.81 24.50 -14.44
N SER A 18 10.39 25.69 -14.04
CA SER A 18 10.59 26.16 -12.67
C SER A 18 9.83 25.27 -11.68
N LEU A 19 8.65 24.81 -12.08
CA LEU A 19 7.83 23.97 -11.23
C LEU A 19 8.59 22.72 -10.79
N ALA A 20 9.39 22.17 -11.70
CA ALA A 20 10.18 20.99 -11.39
C ALA A 20 11.33 21.31 -10.45
N ARG A 21 11.89 22.51 -10.59
CA ARG A 21 12.99 22.94 -9.74
C ARG A 21 12.57 22.99 -8.28
N PHE A 22 11.38 23.51 -8.03
CA PHE A 22 10.85 23.62 -6.67
C PHE A 22 10.69 22.25 -6.04
N ALA A 23 10.40 21.25 -6.86
CA ALA A 23 10.21 19.88 -6.38
C ALA A 23 11.54 19.23 -6.05
N VAL A 24 12.46 19.23 -7.00
CA VAL A 24 13.78 18.63 -6.79
C VAL A 24 14.53 19.32 -5.67
N ASP A 25 14.45 20.64 -5.63
CA ASP A 25 15.12 21.43 -4.60
C ASP A 25 14.68 21.01 -3.20
N GLN A 26 13.49 20.44 -3.11
CA GLN A 26 12.94 20.00 -1.82
C GLN A 26 13.52 18.65 -1.40
N HIS A 27 13.48 17.68 -2.30
CA HIS A 27 13.99 16.35 -2.01
C HIS A 27 15.51 16.36 -1.97
N ASN A 28 16.12 17.09 -2.90
CA ASN A 28 17.57 17.18 -2.98
C ASN A 28 18.17 17.76 -1.69
N THR A 29 17.47 18.73 -1.12
CA THR A 29 17.95 19.38 0.10
C THR A 29 17.70 18.53 1.35
N LYS A 30 16.68 17.68 1.32
CA LYS A 30 16.36 16.87 2.49
C LYS A 30 17.06 15.51 2.50
N GLU A 31 16.90 14.72 1.43
CA GLU A 31 17.53 13.39 1.38
C GLU A 31 18.21 13.10 0.05
N ASN A 32 17.81 13.78 -1.01
CA ASN A 32 18.40 13.55 -2.32
C ASN A 32 19.65 14.39 -2.50
N GLY A 33 20.21 14.38 -3.71
CA GLY A 33 21.41 15.13 -3.99
C GLY A 33 22.20 14.58 -5.16
N LEU A 34 21.50 14.22 -6.23
CA LEU A 34 22.15 13.67 -7.41
C LEU A 34 21.26 13.82 -8.65
N LEU A 35 20.41 14.83 -8.63
CA LEU A 35 19.50 15.08 -9.74
C LEU A 35 19.73 16.48 -10.31
N GLU A 36 19.95 16.55 -11.63
CA GLU A 36 20.19 17.83 -12.27
C GLU A 36 19.22 18.07 -13.44
N LEU A 37 18.27 18.98 -13.22
CA LEU A 37 17.29 19.31 -14.24
C LEU A 37 17.97 19.68 -15.55
N VAL A 38 17.74 18.88 -16.59
CA VAL A 38 18.33 19.11 -17.89
C VAL A 38 17.38 19.87 -18.81
N ARG A 39 16.23 19.27 -19.10
CA ARG A 39 15.25 19.90 -19.98
C ARG A 39 13.85 19.32 -19.76
N VAL A 40 12.87 20.20 -19.60
CA VAL A 40 11.49 19.79 -19.38
C VAL A 40 11.03 18.78 -20.43
N VAL A 41 10.12 17.90 -20.04
CA VAL A 41 9.60 16.88 -20.95
C VAL A 41 8.17 17.21 -21.37
N GLU A 42 7.26 17.20 -20.41
CA GLU A 42 5.85 17.49 -20.69
C GLU A 42 5.13 17.99 -19.44
N ALA A 43 3.86 18.30 -19.61
CA ALA A 43 3.04 18.81 -18.52
C ALA A 43 1.69 18.10 -18.49
N ARG A 44 1.46 17.33 -17.44
CA ARG A 44 0.21 16.60 -17.27
C ARG A 44 -0.51 17.03 -16.01
N GLU A 45 -1.84 16.96 -16.02
CA GLU A 45 -2.64 17.35 -14.87
C GLU A 45 -3.69 16.28 -14.55
N GLN A 46 -4.25 16.36 -13.35
CA GLN A 46 -5.26 15.42 -12.91
C GLN A 46 -5.88 15.87 -11.59
N VAL A 47 -7.18 15.71 -11.45
CA VAL A 47 -7.88 16.11 -10.23
C VAL A 47 -8.02 14.93 -9.27
N VAL A 48 -7.29 15.01 -8.17
CA VAL A 48 -7.34 13.96 -7.15
C VAL A 48 -7.64 14.53 -5.77
N ALA A 49 -8.87 14.34 -5.32
CA ALA A 49 -9.29 14.84 -4.01
C ALA A 49 -8.88 16.29 -3.82
N GLY A 50 -8.80 17.03 -4.92
CA GLY A 50 -8.43 18.43 -4.86
C GLY A 50 -7.70 18.88 -6.11
N THR A 51 -6.37 18.89 -6.05
CA THR A 51 -5.56 19.31 -7.18
C THR A 51 -4.22 18.58 -7.18
N LEU A 52 -3.81 18.11 -8.36
CA LEU A 52 -2.54 17.39 -8.49
C LEU A 52 -1.76 17.91 -9.69
N HIS A 53 -0.51 18.30 -9.45
CA HIS A 53 0.35 18.80 -10.52
C HIS A 53 1.38 17.75 -10.94
N HIS A 54 1.18 17.19 -12.12
CA HIS A 54 2.08 16.17 -12.65
C HIS A 54 3.00 16.75 -13.72
N LEU A 55 4.27 16.91 -13.38
CA LEU A 55 5.25 17.47 -14.31
C LEU A 55 6.39 16.48 -14.57
N VAL A 56 6.74 16.31 -15.83
CA VAL A 56 7.82 15.41 -16.21
C VAL A 56 8.95 16.18 -16.90
N LEU A 57 10.17 15.92 -16.50
CA LEU A 57 11.33 16.60 -17.08
C LEU A 57 12.56 15.71 -17.12
N GLU A 58 13.46 15.98 -18.06
CA GLU A 58 14.68 15.21 -18.21
C GLU A 58 15.75 15.71 -17.25
N VAL A 59 16.12 14.87 -16.29
CA VAL A 59 17.13 15.23 -15.30
C VAL A 59 18.42 14.43 -15.50
N LEU A 60 19.45 14.82 -14.75
CA LEU A 60 20.74 14.17 -14.82
C LEU A 60 21.04 13.45 -13.50
N ASP A 61 21.17 12.13 -13.57
CA ASP A 61 21.45 11.33 -12.38
C ASP A 61 22.88 10.78 -12.43
N ALA A 62 23.76 11.36 -11.62
CA ALA A 62 25.15 10.92 -11.56
C ALA A 62 25.82 10.98 -12.93
N GLY A 63 25.26 11.78 -13.83
CA GLY A 63 25.83 11.91 -15.16
C GLY A 63 25.06 11.10 -16.20
N LYS A 64 23.82 10.75 -15.88
CA LYS A 64 22.98 9.98 -16.80
C LYS A 64 21.61 10.61 -16.91
N LYS A 65 21.26 11.01 -18.13
CA LYS A 65 19.97 11.63 -18.37
C LYS A 65 18.85 10.65 -18.19
N LYS A 66 17.76 11.15 -17.67
CA LYS A 66 16.58 10.33 -17.42
C LYS A 66 15.37 11.21 -17.12
N LEU A 67 14.21 10.82 -17.65
CA LEU A 67 12.99 11.58 -17.42
C LEU A 67 12.37 11.21 -16.07
N TYR A 68 12.09 12.23 -15.26
CA TYR A 68 11.49 12.01 -13.94
C TYR A 68 10.17 12.75 -13.82
N GLU A 69 9.22 12.14 -13.12
CA GLU A 69 7.91 12.75 -12.92
C GLU A 69 7.77 13.28 -11.50
N ALA A 70 7.11 14.43 -11.38
CA ALA A 70 6.91 15.05 -10.08
C ALA A 70 5.42 15.33 -9.83
N LYS A 71 4.96 15.05 -8.62
CA LYS A 71 3.57 15.27 -8.27
C LYS A 71 3.45 16.30 -7.15
N ILE A 72 2.62 17.29 -7.37
CA ILE A 72 2.41 18.34 -6.39
C ILE A 72 0.97 18.37 -5.93
N TRP A 73 0.78 18.40 -4.60
CA TRP A 73 -0.55 18.41 -4.01
C TRP A 73 -1.00 19.84 -3.70
N VAL A 74 -2.15 20.23 -4.23
CA VAL A 74 -2.69 21.57 -4.01
C VAL A 74 -4.13 21.49 -3.49
N LYS A 75 -4.46 22.40 -2.57
CA LYS A 75 -5.80 22.43 -1.99
C LYS A 75 -6.58 23.65 -2.51
N PRO A 76 -7.89 23.48 -2.75
CA PRO A 76 -8.74 24.56 -3.25
C PRO A 76 -9.08 25.59 -2.17
N TRP A 77 -9.42 25.10 -0.98
CA TRP A 77 -9.77 25.96 0.13
C TRP A 77 -8.51 26.56 0.77
N MET A 78 -7.57 25.70 1.14
CA MET A 78 -6.33 26.14 1.76
C MET A 78 -5.57 27.08 0.83
N ASP A 79 -5.70 26.86 -0.47
CA ASP A 79 -5.02 27.70 -1.46
C ASP A 79 -3.51 27.66 -1.25
N PHE A 80 -3.01 26.54 -0.76
CA PHE A 80 -1.58 26.37 -0.52
C PHE A 80 -1.04 25.16 -1.27
N LYS A 81 -0.22 25.42 -2.29
CA LYS A 81 0.37 24.35 -3.08
C LYS A 81 1.62 23.80 -2.41
N GLN A 82 1.80 22.48 -2.50
CA GLN A 82 2.96 21.83 -1.90
C GLN A 82 3.33 20.58 -2.69
N LEU A 83 4.61 20.47 -3.03
CA LEU A 83 5.11 19.32 -3.77
C LEU A 83 5.12 18.06 -2.91
N GLN A 84 4.58 16.98 -3.45
CA GLN A 84 4.52 15.71 -2.72
C GLN A 84 5.83 14.94 -2.90
N GLU A 85 6.10 14.53 -4.14
CA GLU A 85 7.32 13.77 -4.44
C GLU A 85 7.40 13.45 -5.94
N PHE A 86 8.60 13.09 -6.39
CA PHE A 86 8.81 12.76 -7.79
C PHE A 86 9.46 11.39 -7.94
N LYS A 87 9.14 10.69 -9.02
CA LYS A 87 9.70 9.37 -9.28
C LYS A 87 10.26 9.28 -10.69
N HIS A 88 11.48 8.74 -10.80
CA HIS A 88 12.13 8.61 -12.09
C HIS A 88 11.32 7.72 -13.03
N VAL A 89 11.26 8.09 -14.30
CA VAL A 89 10.53 7.32 -15.30
C VAL A 89 11.36 7.07 -16.53
N ARG A 90 10.98 6.06 -17.31
CA ARG A 90 11.70 5.71 -18.53
C ARG A 90 11.52 6.80 -19.59
N ASP A 91 12.07 6.55 -20.79
CA ASP A 91 11.96 7.49 -21.89
C ASP A 91 10.51 7.77 -22.24
N VAL A 92 9.76 6.72 -22.53
CA VAL A 92 8.36 6.84 -22.89
C VAL A 92 7.58 7.57 -21.78
N PRO A 93 6.41 8.13 -22.13
CA PRO A 93 5.58 8.85 -21.17
C PRO A 93 4.77 7.92 -20.26
N SER A 94 5.48 7.01 -19.58
CA SER A 94 4.83 6.06 -18.69
C SER A 94 5.73 5.76 -17.49
N PHE A 95 5.09 5.45 -16.35
CA PHE A 95 5.83 5.14 -15.14
C PHE A 95 6.87 4.06 -15.38
N THR A 96 7.99 4.16 -14.67
CA THR A 96 9.07 3.18 -14.83
C THR A 96 8.59 1.78 -14.47
N SER A 97 9.42 0.78 -14.75
CA SER A 97 9.07 -0.60 -14.47
C SER A 97 9.70 -1.07 -13.16
N SER A 98 9.77 -0.15 -12.19
CA SER A 98 10.36 -0.46 -10.89
C SER A 98 9.28 -0.53 -9.81
N ASP A 99 8.81 0.64 -9.38
CA ASP A 99 7.77 0.72 -8.36
C ASP A 99 7.38 2.17 -8.10
N LEU A 100 6.35 2.64 -8.80
CA LEU A 100 5.87 4.01 -8.64
C LEU A 100 4.62 4.05 -7.78
N GLY A 101 4.05 5.24 -7.62
CA GLY A 101 2.85 5.40 -6.83
C GLY A 101 3.12 5.28 -5.34
N ALA A 102 2.08 5.51 -4.54
CA ALA A 102 2.22 5.43 -3.08
C ALA A 102 1.10 4.59 -2.48
N LYS A 103 1.25 3.27 -2.58
CA LYS A 103 0.25 2.35 -2.04
C LYS A 103 0.29 2.35 -0.51
N THR A 104 -0.86 2.07 0.11
CA THR A 104 -0.97 2.04 1.56
C THR A 104 -1.68 0.77 2.02
N ASP A 105 -1.50 -0.32 1.28
CA ASP A 105 -2.13 -1.58 1.61
C ASP A 105 -1.14 -2.74 1.45
N ASP A 106 -0.59 -3.20 2.57
CA ASP A 106 0.37 -4.30 2.55
C ASP A 106 0.01 -5.35 3.60
N GLN A 107 -0.27 -6.56 3.14
CA GLN A 107 -0.62 -7.66 4.04
C GLN A 107 0.50 -7.94 5.02
N VAL A 108 0.16 -8.66 6.09
CA VAL A 108 1.13 -9.00 7.11
C VAL A 108 0.63 -10.12 8.00
N SER A 109 1.53 -11.04 8.36
CA SER A 109 1.17 -12.17 9.21
C SER A 109 1.68 -11.97 10.63
N GLY A 110 0.78 -11.61 11.54
CA GLY A 110 1.17 -11.39 12.92
C GLY A 110 0.03 -11.63 13.89
N TRP A 111 -0.41 -12.88 13.99
CA TRP A 111 -1.50 -13.24 14.88
C TRP A 111 -2.77 -12.46 14.55
N ARG A 112 -3.52 -12.96 13.57
CA ARG A 112 -4.75 -12.31 13.14
C ARG A 112 -5.70 -13.30 12.48
N PRO A 113 -7.01 -13.03 12.52
CA PRO A 113 -8.03 -13.91 11.93
C PRO A 113 -7.94 -13.94 10.40
N VAL A 114 -8.99 -14.46 9.77
CA VAL A 114 -9.04 -14.55 8.31
C VAL A 114 -10.45 -14.36 7.80
N PRO A 115 -10.60 -13.93 6.53
CA PRO A 115 -11.91 -13.71 5.92
C PRO A 115 -12.68 -15.01 5.76
N VAL A 116 -13.79 -14.95 5.03
CA VAL A 116 -14.63 -16.12 4.79
C VAL A 116 -14.95 -16.27 3.31
N HIS A 117 -14.96 -17.52 2.84
CA HIS A 117 -15.25 -17.81 1.43
C HIS A 117 -14.05 -17.46 0.53
N ASP A 118 -12.95 -17.02 1.15
CA ASP A 118 -11.75 -16.67 0.40
C ASP A 118 -11.05 -17.92 -0.12
N PRO A 119 -10.07 -17.75 -1.03
CA PRO A 119 -9.32 -18.88 -1.60
C PRO A 119 -8.45 -19.58 -0.56
N VAL A 120 -8.07 -18.85 0.49
CA VAL A 120 -7.24 -19.41 1.54
C VAL A 120 -8.09 -20.15 2.58
N VAL A 121 -9.24 -19.57 2.92
CA VAL A 121 -10.14 -20.19 3.89
C VAL A 121 -10.88 -21.38 3.29
N GLN A 122 -11.55 -21.15 2.17
CA GLN A 122 -12.29 -22.21 1.49
C GLN A 122 -11.38 -23.40 1.18
N ASP A 123 -10.10 -23.11 0.93
CA ASP A 123 -9.14 -24.15 0.64
C ASP A 123 -8.84 -24.98 1.88
N ALA A 124 -8.54 -24.31 2.97
CA ALA A 124 -8.23 -24.98 4.23
C ALA A 124 -9.46 -25.70 4.77
N ALA A 125 -10.61 -25.04 4.67
CA ALA A 125 -11.86 -25.61 5.15
C ALA A 125 -12.17 -26.92 4.44
N HIS A 126 -12.31 -26.87 3.11
CA HIS A 126 -12.60 -28.05 2.31
C HIS A 126 -11.59 -29.15 2.58
N HIS A 127 -10.31 -28.79 2.55
CA HIS A 127 -9.24 -29.75 2.80
C HIS A 127 -9.41 -30.40 4.17
N ALA A 128 -9.88 -29.63 5.13
CA ALA A 128 -10.09 -30.14 6.49
C ALA A 128 -11.27 -31.10 6.53
N ILE A 129 -12.31 -30.79 5.76
CA ILE A 129 -13.51 -31.63 5.72
C ILE A 129 -13.16 -33.07 5.37
N LYS A 130 -12.41 -33.26 4.31
CA LYS A 130 -12.01 -34.59 3.87
C LYS A 130 -10.96 -35.19 4.81
N THR A 131 -10.03 -34.35 5.26
CA THR A 131 -8.97 -34.79 6.15
C THR A 131 -9.54 -35.26 7.49
N ILE A 132 -10.36 -34.43 8.10
CA ILE A 132 -10.96 -34.76 9.39
C ILE A 132 -11.67 -36.11 9.34
N GLN A 133 -12.56 -36.27 8.36
CA GLN A 133 -13.30 -37.51 8.20
C GLN A 133 -12.37 -38.65 7.79
N GLU A 134 -11.32 -38.32 7.06
CA GLU A 134 -10.34 -39.31 6.60
C GLU A 134 -9.40 -39.72 7.73
N ARG A 135 -9.21 -38.81 8.69
CA ARG A 135 -8.32 -39.07 9.81
C ARG A 135 -8.78 -40.30 10.60
N SER A 136 -10.05 -40.66 10.44
CA SER A 136 -10.60 -41.82 11.14
C SER A 136 -10.57 -43.05 10.25
N ASN A 137 -10.99 -42.89 8.99
CA ASN A 137 -11.01 -43.98 8.03
C ASN A 137 -11.49 -43.50 6.67
N SER A 138 -11.41 -44.38 5.68
CA SER A 138 -11.85 -44.04 4.33
C SER A 138 -13.37 -43.91 4.26
N LEU A 139 -13.85 -42.70 4.08
CA LEU A 139 -15.28 -42.43 4.01
C LEU A 139 -15.56 -41.03 3.49
N PHE A 140 -16.82 -40.76 3.17
CA PHE A 140 -17.23 -39.45 2.66
C PHE A 140 -18.64 -39.09 3.13
N PRO A 141 -18.78 -38.68 4.40
CA PRO A 141 -20.09 -38.31 4.96
C PRO A 141 -20.66 -37.06 4.31
N TYR A 142 -19.96 -35.94 4.46
CA TYR A 142 -20.40 -34.68 3.89
C TYR A 142 -19.21 -33.83 3.46
N GLU A 143 -19.51 -32.65 2.92
CA GLU A 143 -18.46 -31.74 2.46
C GLU A 143 -18.71 -30.33 2.99
N LEU A 144 -17.82 -29.41 2.63
CA LEU A 144 -17.93 -28.02 3.07
C LEU A 144 -19.23 -27.41 2.57
N SER A 145 -20.03 -26.88 3.49
CA SER A 145 -21.31 -26.26 3.14
C SER A 145 -21.21 -24.74 3.18
N GLU A 146 -20.94 -24.20 4.36
CA GLU A 146 -20.81 -22.76 4.53
C GLU A 146 -19.92 -22.43 5.72
N VAL A 147 -19.12 -21.36 5.59
CA VAL A 147 -18.23 -20.95 6.66
C VAL A 147 -18.84 -19.85 7.51
N VAL A 148 -18.79 -20.02 8.83
CA VAL A 148 -19.35 -19.04 9.75
C VAL A 148 -18.32 -17.95 10.08
N HIS A 149 -17.10 -18.38 10.35
CA HIS A 149 -16.02 -17.45 10.68
C HIS A 149 -14.70 -18.18 10.82
N ALA A 150 -13.68 -17.70 10.11
CA ALA A 150 -12.35 -18.32 10.16
C ALA A 150 -11.32 -17.35 10.70
N ASN A 151 -10.33 -17.89 11.41
CA ASN A 151 -9.27 -17.07 11.99
C ASN A 151 -7.94 -17.82 11.97
N ALA A 152 -6.87 -17.11 11.63
CA ALA A 152 -5.55 -17.72 11.57
C ALA A 152 -4.72 -17.35 12.79
N GLU A 153 -3.80 -18.25 13.17
CA GLU A 153 -2.94 -18.03 14.32
C GLU A 153 -1.51 -18.47 14.02
N VAL A 154 -0.55 -17.74 14.55
CA VAL A 154 0.86 -18.06 14.33
C VAL A 154 1.44 -18.84 15.49
N VAL A 155 1.77 -20.10 15.25
CA VAL A 155 2.33 -20.97 16.28
C VAL A 155 3.85 -20.79 16.35
N ASP A 156 4.50 -21.54 17.24
CA ASP A 156 5.95 -21.46 17.40
C ASP A 156 6.68 -21.59 16.07
N THR A 157 6.11 -22.38 15.15
CA THR A 157 6.72 -22.59 13.84
C THR A 157 5.67 -22.54 12.73
N SER A 158 4.67 -23.41 12.83
CA SER A 158 3.61 -23.48 11.82
C SER A 158 2.57 -22.38 12.07
N ALA A 159 1.38 -22.57 11.50
CA ALA A 159 0.29 -21.61 11.65
C ALA A 159 -1.03 -22.31 11.89
N LYS A 160 -1.65 -22.05 13.04
CA LYS A 160 -2.92 -22.67 13.38
C LYS A 160 -4.07 -21.99 12.66
N PHE A 161 -5.16 -22.73 12.45
CA PHE A 161 -6.33 -22.21 11.76
C PHE A 161 -7.61 -22.56 12.53
N ASP A 162 -8.18 -21.55 13.19
CA ASP A 162 -9.41 -21.76 13.96
C ASP A 162 -10.61 -21.24 13.19
N MET A 163 -11.37 -22.15 12.59
CA MET A 163 -12.56 -21.78 11.83
C MET A 163 -13.78 -22.55 12.30
N LEU A 164 -14.95 -22.16 11.81
CA LEU A 164 -16.20 -22.81 12.17
C LEU A 164 -17.17 -22.79 10.99
N LEU A 165 -17.59 -23.98 10.55
CA LEU A 165 -18.51 -24.09 9.44
C LEU A 165 -19.58 -25.15 9.72
N LYS A 166 -20.63 -25.14 8.91
CA LYS A 166 -21.72 -26.11 9.05
C LYS A 166 -21.68 -27.15 7.95
N VAL A 167 -21.98 -28.40 8.30
CA VAL A 167 -21.98 -29.48 7.33
C VAL A 167 -23.40 -29.90 6.96
N LYS A 168 -23.57 -30.38 5.73
CA LYS A 168 -24.87 -30.82 5.26
C LYS A 168 -24.84 -32.28 4.85
N ARG A 169 -25.95 -32.98 5.10
CA ARG A 169 -26.04 -34.40 4.77
C ARG A 169 -27.50 -34.84 4.70
N GLY A 170 -28.04 -34.87 3.48
CA GLY A 170 -29.43 -35.27 3.30
C GLY A 170 -30.41 -34.22 3.76
N GLY A 171 -29.95 -32.97 3.85
CA GLY A 171 -30.81 -31.89 4.28
C GLY A 171 -30.72 -31.62 5.76
N LYS A 172 -29.57 -31.95 6.35
CA LYS A 172 -29.37 -31.73 7.78
C LYS A 172 -28.50 -30.50 8.02
N GLU A 173 -28.28 -30.16 9.29
CA GLU A 173 -27.47 -29.01 9.64
C GLU A 173 -26.79 -29.22 10.99
N GLU A 174 -25.46 -29.19 11.00
CA GLU A 174 -24.70 -29.38 12.22
C GLU A 174 -23.37 -28.64 12.15
N LYS A 175 -23.17 -27.70 13.07
CA LYS A 175 -21.94 -26.92 13.12
C LYS A 175 -20.86 -27.64 13.92
N TYR A 176 -19.61 -27.24 13.71
CA TYR A 176 -18.49 -27.85 14.41
C TYR A 176 -17.22 -27.01 14.27
N LYS A 177 -16.28 -27.21 15.20
CA LYS A 177 -15.03 -26.47 15.19
C LYS A 177 -13.97 -27.23 14.39
N VAL A 178 -12.97 -26.52 13.92
CA VAL A 178 -11.89 -27.13 13.14
C VAL A 178 -10.55 -26.46 13.43
N GLU A 179 -9.52 -27.26 13.63
CA GLU A 179 -8.18 -26.74 13.91
C GLU A 179 -7.15 -27.39 12.99
N VAL A 180 -6.69 -26.64 12.00
CA VAL A 180 -5.70 -27.14 11.05
C VAL A 180 -4.44 -26.28 11.07
N HIS A 181 -3.30 -26.90 10.80
CA HIS A 181 -2.03 -26.18 10.78
C HIS A 181 -1.62 -25.86 9.36
N LYS A 182 -0.86 -24.77 9.20
CA LYS A 182 -0.39 -24.35 7.89
C LYS A 182 1.10 -24.60 7.73
N SER A 183 1.47 -25.31 6.68
CA SER A 183 2.87 -25.62 6.42
C SER A 183 3.42 -24.75 5.30
N THR A 184 4.49 -24.03 5.58
CA THR A 184 5.12 -23.15 4.59
C THR A 184 6.32 -23.82 3.95
N GLU A 185 6.28 -25.15 3.85
CA GLU A 185 7.36 -25.91 3.26
C GLU A 185 6.86 -27.25 2.71
N GLU A 186 5.58 -27.29 2.33
CA GLU A 186 4.98 -28.49 1.80
C GLU A 186 3.77 -28.17 0.92
N GLY A 187 2.92 -27.28 1.41
CA GLY A 187 1.74 -26.89 0.65
C GLY A 187 0.49 -27.61 1.13
N GLY A 188 0.66 -28.80 1.69
CA GLY A 188 -0.48 -29.55 2.17
C GLY A 188 -0.79 -29.26 3.63
N PHE A 189 -2.07 -29.03 3.91
CA PHE A 189 -2.51 -28.74 5.28
C PHE A 189 -2.36 -29.95 6.17
N ASN A 190 -2.33 -29.73 7.48
CA ASN A 190 -2.19 -30.80 8.45
C ASN A 190 -3.17 -30.62 9.60
N LEU A 191 -4.39 -31.11 9.41
CA LEU A 191 -5.43 -31.01 10.44
C LEU A 191 -4.92 -31.50 11.79
N LYS A 192 -4.98 -30.63 12.79
CA LYS A 192 -4.52 -30.97 14.14
C LYS A 192 -5.63 -31.67 14.91
N LYS A 193 -6.66 -30.91 15.28
CA LYS A 193 -7.79 -31.45 16.03
C LYS A 193 -9.11 -30.91 15.50
N VAL A 194 -10.21 -31.45 16.01
CA VAL A 194 -11.54 -31.01 15.59
C VAL A 194 -12.57 -31.19 16.71
N ASP A 195 -13.50 -30.26 16.81
CA ASP A 195 -14.53 -30.31 17.83
C ASP A 195 -15.91 -30.03 17.24
N LEU A 196 -16.95 -30.29 18.02
CA LEU A 196 -18.32 -30.06 17.56
C LEU A 196 -18.90 -28.81 18.21
N ASP A 197 -19.87 -28.19 17.54
CA ASP A 197 -20.50 -26.98 18.06
C ASP A 197 -22.00 -27.19 18.24
N HIS A 198 -22.39 -28.43 18.53
CA HIS A 198 -23.80 -28.76 18.72
C HIS A 198 -24.16 -28.74 20.21
N SER A 199 -23.66 -27.73 20.92
CA SER A 199 -23.94 -27.59 22.34
C SER A 199 -25.01 -26.53 22.59
N MET A 1 -1.17 29.96 -3.39
CA MET A 1 -2.31 30.89 -3.66
C MET A 1 -3.08 30.46 -4.90
N ALA A 2 -2.39 29.84 -5.85
CA ALA A 2 -3.02 29.39 -7.08
C ALA A 2 -3.20 27.88 -7.07
N THR A 3 -3.99 27.38 -8.03
CA THR A 3 -4.24 25.95 -8.13
C THR A 3 -4.76 25.59 -9.53
N LEU A 4 -4.60 24.32 -9.91
CA LEU A 4 -5.04 23.85 -11.21
C LEU A 4 -5.73 22.50 -11.09
N GLY A 5 -6.92 22.50 -10.50
CA GLY A 5 -7.67 21.27 -10.33
C GLY A 5 -8.41 20.86 -11.60
N GLY A 6 -8.06 19.69 -12.12
CA GLY A 6 -8.70 19.20 -13.34
C GLY A 6 -7.71 18.62 -14.33
N VAL A 7 -7.93 17.36 -14.70
CA VAL A 7 -7.04 16.68 -15.65
C VAL A 7 -6.87 17.49 -16.92
N HIS A 8 -5.63 17.60 -17.39
CA HIS A 8 -5.32 18.35 -18.60
C HIS A 8 -3.83 18.29 -18.92
N ASP A 9 -3.48 17.46 -19.90
CA ASP A 9 -2.09 17.32 -20.31
C ASP A 9 -1.66 18.48 -21.21
N SER A 10 -0.37 18.51 -21.54
CA SER A 10 0.16 19.56 -22.40
C SER A 10 1.64 19.32 -22.70
N ASN A 11 2.26 20.29 -23.37
CA ASN A 11 3.68 20.19 -23.72
C ASN A 11 4.50 21.22 -22.97
N SER A 12 4.16 21.44 -21.71
CA SER A 12 4.87 22.41 -20.87
C SER A 12 4.70 23.82 -21.43
N ASN A 13 3.46 24.19 -21.73
CA ASN A 13 3.17 25.50 -22.28
C ASN A 13 3.64 26.60 -21.33
N PRO A 14 3.09 26.63 -20.10
CA PRO A 14 3.46 27.64 -19.10
C PRO A 14 4.84 27.39 -18.51
N ASP A 15 5.15 28.07 -17.41
CA ASP A 15 6.44 27.90 -16.75
C ASP A 15 6.47 26.63 -15.90
N THR A 16 6.27 25.49 -16.55
CA THR A 16 6.27 24.21 -15.86
C THR A 16 7.69 23.80 -15.47
N HIS A 17 8.66 24.27 -16.24
CA HIS A 17 10.06 23.95 -15.98
C HIS A 17 10.48 24.42 -14.58
N SER A 18 10.01 25.60 -14.20
CA SER A 18 10.34 26.15 -12.89
C SER A 18 9.74 25.32 -11.76
N LEU A 19 8.55 24.75 -12.02
CA LEU A 19 7.87 23.93 -11.04
C LEU A 19 8.74 22.75 -10.60
N ALA A 20 9.32 22.07 -11.58
CA ALA A 20 10.18 20.92 -11.31
C ALA A 20 11.37 21.32 -10.44
N ARG A 21 11.82 22.56 -10.60
CA ARG A 21 12.95 23.07 -9.84
C ARG A 21 12.63 23.06 -8.35
N PHE A 22 11.44 23.54 -8.01
CA PHE A 22 11.01 23.60 -6.61
C PHE A 22 10.86 22.19 -6.04
N ALA A 23 10.30 21.28 -6.83
CA ALA A 23 10.10 19.91 -6.40
C ALA A 23 11.44 19.25 -6.05
N VAL A 24 12.38 19.29 -6.97
CA VAL A 24 13.69 18.68 -6.75
C VAL A 24 14.39 19.32 -5.56
N ASP A 25 14.14 20.61 -5.36
CA ASP A 25 14.76 21.35 -4.27
C ASP A 25 14.40 20.75 -2.90
N GLN A 26 13.13 20.41 -2.71
CA GLN A 26 12.68 19.85 -1.44
C GLN A 26 13.25 18.46 -1.20
N HIS A 27 13.41 17.70 -2.28
CA HIS A 27 13.94 16.34 -2.16
C HIS A 27 15.46 16.36 -1.96
N ASN A 28 16.16 17.07 -2.83
CA ASN A 28 17.61 17.17 -2.74
C ASN A 28 18.06 17.73 -1.40
N THR A 29 17.29 18.67 -0.86
CA THR A 29 17.62 19.30 0.41
C THR A 29 17.30 18.40 1.61
N LYS A 30 16.28 17.55 1.47
CA LYS A 30 15.88 16.69 2.59
C LYS A 30 16.58 15.33 2.59
N GLU A 31 16.51 14.59 1.49
CA GLU A 31 17.15 13.27 1.44
C GLU A 31 17.93 13.01 0.14
N ASN A 32 17.59 13.72 -0.92
CA ASN A 32 18.27 13.53 -2.20
C ASN A 32 19.54 14.37 -2.28
N GLY A 33 20.19 14.32 -3.44
CA GLY A 33 21.41 15.09 -3.64
C GLY A 33 22.23 14.59 -4.82
N LEU A 34 21.54 14.13 -5.87
CA LEU A 34 22.22 13.63 -7.06
C LEU A 34 21.31 13.76 -8.28
N LEU A 35 20.35 14.66 -8.22
CA LEU A 35 19.42 14.88 -9.32
C LEU A 35 19.44 16.33 -9.77
N GLU A 36 19.65 16.54 -11.06
CA GLU A 36 19.69 17.89 -11.62
C GLU A 36 18.71 18.03 -12.78
N LEU A 37 18.23 19.26 -12.97
CA LEU A 37 17.28 19.56 -14.04
C LEU A 37 18.00 19.92 -15.33
N VAL A 38 17.73 19.17 -16.39
CA VAL A 38 18.35 19.39 -17.68
C VAL A 38 17.43 20.16 -18.62
N ARG A 39 16.27 19.57 -18.93
CA ARG A 39 15.31 20.21 -19.83
C ARG A 39 13.93 19.60 -19.70
N VAL A 40 12.92 20.46 -19.50
CA VAL A 40 11.53 20.01 -19.35
C VAL A 40 11.14 19.02 -20.45
N VAL A 41 10.17 18.17 -20.13
CA VAL A 41 9.69 17.17 -21.08
C VAL A 41 8.22 17.40 -21.40
N GLU A 42 7.36 17.22 -20.41
CA GLU A 42 5.92 17.41 -20.59
C GLU A 42 5.26 17.87 -19.29
N ALA A 43 3.97 18.19 -19.38
CA ALA A 43 3.21 18.64 -18.23
C ALA A 43 1.81 18.06 -18.24
N ARG A 44 1.52 17.21 -17.26
CA ARG A 44 0.22 16.58 -17.14
C ARG A 44 -0.50 17.02 -15.87
N GLU A 45 -1.82 17.05 -15.92
CA GLU A 45 -2.63 17.45 -14.77
C GLU A 45 -3.70 16.42 -14.47
N GLN A 46 -4.15 16.39 -13.22
CA GLN A 46 -5.18 15.45 -12.78
C GLN A 46 -5.71 15.85 -11.41
N VAL A 47 -7.02 15.69 -11.22
CA VAL A 47 -7.65 16.05 -9.96
C VAL A 47 -7.73 14.83 -9.03
N VAL A 48 -6.95 14.87 -7.95
CA VAL A 48 -6.93 13.78 -6.97
C VAL A 48 -7.18 14.32 -5.56
N ALA A 49 -8.38 14.11 -5.06
CA ALA A 49 -8.76 14.56 -3.72
C ALA A 49 -8.41 16.04 -3.54
N GLY A 50 -8.45 16.78 -4.63
CA GLY A 50 -8.14 18.20 -4.59
C GLY A 50 -7.52 18.70 -5.89
N THR A 51 -6.19 18.80 -5.90
CA THR A 51 -5.48 19.26 -7.08
C THR A 51 -4.08 18.64 -7.14
N LEU A 52 -3.79 17.98 -8.27
CA LEU A 52 -2.49 17.34 -8.46
C LEU A 52 -1.76 17.94 -9.65
N HIS A 53 -0.45 18.17 -9.48
CA HIS A 53 0.37 18.73 -10.55
C HIS A 53 1.43 17.72 -10.99
N HIS A 54 1.20 17.13 -12.17
CA HIS A 54 2.12 16.14 -12.72
C HIS A 54 3.01 16.76 -13.79
N LEU A 55 4.29 16.93 -13.47
CA LEU A 55 5.23 17.52 -14.41
C LEU A 55 6.37 16.56 -14.74
N VAL A 56 6.70 16.47 -16.03
CA VAL A 56 7.77 15.60 -16.48
C VAL A 56 8.90 16.42 -17.08
N LEU A 57 10.13 16.11 -16.68
CA LEU A 57 11.29 16.84 -17.15
C LEU A 57 12.52 15.94 -17.21
N GLU A 58 13.46 16.30 -18.07
CA GLU A 58 14.70 15.53 -18.22
C GLU A 58 15.73 15.98 -17.18
N VAL A 59 16.06 15.08 -16.26
CA VAL A 59 17.04 15.39 -15.22
C VAL A 59 18.27 14.51 -15.35
N LEU A 60 19.37 15.00 -14.81
CA LEU A 60 20.63 14.28 -14.83
C LEU A 60 20.92 13.67 -13.46
N ASP A 61 20.96 12.35 -13.41
CA ASP A 61 21.22 11.64 -12.16
C ASP A 61 22.68 11.21 -12.07
N ALA A 62 23.45 11.89 -11.22
CA ALA A 62 24.86 11.57 -11.04
C ALA A 62 25.61 11.60 -12.37
N GLY A 63 25.07 12.32 -13.34
CA GLY A 63 25.71 12.41 -14.64
C GLY A 63 25.05 11.55 -15.69
N LYS A 64 23.78 11.23 -15.49
CA LYS A 64 23.04 10.40 -16.43
C LYS A 64 21.72 11.04 -16.80
N LYS A 65 21.52 11.25 -18.09
CA LYS A 65 20.30 11.87 -18.60
C LYS A 65 19.13 10.91 -18.47
N LYS A 66 18.15 11.29 -17.67
CA LYS A 66 16.96 10.48 -17.46
C LYS A 66 15.74 11.35 -17.18
N LEU A 67 14.58 10.92 -17.65
CA LEU A 67 13.35 11.68 -17.44
C LEU A 67 12.66 11.26 -16.15
N TYR A 68 12.13 12.24 -15.44
CA TYR A 68 11.44 11.98 -14.18
C TYR A 68 10.15 12.80 -14.09
N GLU A 69 9.24 12.38 -13.23
CA GLU A 69 7.97 13.08 -13.05
C GLU A 69 7.80 13.53 -11.61
N ALA A 70 7.20 14.70 -11.43
CA ALA A 70 6.98 15.24 -10.09
C ALA A 70 5.50 15.53 -9.85
N LYS A 71 5.02 15.17 -8.67
CA LYS A 71 3.63 15.40 -8.31
C LYS A 71 3.52 16.45 -7.22
N ILE A 72 2.68 17.45 -7.45
CA ILE A 72 2.49 18.51 -6.48
C ILE A 72 1.03 18.54 -6.00
N TRP A 73 0.86 18.49 -4.69
CA TRP A 73 -0.48 18.49 -4.09
C TRP A 73 -0.89 19.90 -3.68
N VAL A 74 -2.10 20.29 -4.03
CA VAL A 74 -2.61 21.62 -3.70
C VAL A 74 -3.98 21.53 -3.03
N LYS A 75 -4.29 22.51 -2.18
CA LYS A 75 -5.57 22.54 -1.49
C LYS A 75 -6.55 23.48 -2.19
N PRO A 76 -7.58 22.92 -2.86
CA PRO A 76 -8.59 23.71 -3.56
C PRO A 76 -9.19 24.80 -2.69
N TRP A 77 -9.22 24.55 -1.38
CA TRP A 77 -9.78 25.52 -0.44
C TRP A 77 -8.67 26.39 0.15
N MET A 78 -7.67 25.75 0.74
CA MET A 78 -6.56 26.47 1.34
C MET A 78 -5.85 27.34 0.31
N ASP A 79 -5.91 26.94 -0.95
CA ASP A 79 -5.28 27.69 -2.03
C ASP A 79 -3.76 27.72 -1.85
N PHE A 80 -3.21 26.66 -1.25
CA PHE A 80 -1.78 26.56 -1.02
C PHE A 80 -1.19 25.36 -1.75
N LYS A 81 -0.38 25.62 -2.76
CA LYS A 81 0.25 24.56 -3.54
C LYS A 81 1.52 24.06 -2.85
N GLN A 82 1.70 22.75 -2.83
CA GLN A 82 2.87 22.15 -2.20
C GLN A 82 3.32 20.90 -2.95
N LEU A 83 4.60 20.85 -3.29
CA LEU A 83 5.15 19.70 -4.01
C LEU A 83 5.24 18.49 -3.10
N GLN A 84 4.78 17.35 -3.60
CA GLN A 84 4.79 16.10 -2.82
C GLN A 84 6.11 15.35 -3.03
N GLU A 85 6.31 14.84 -4.23
CA GLU A 85 7.52 14.08 -4.55
C GLU A 85 7.54 13.67 -6.03
N PHE A 86 8.72 13.28 -6.52
CA PHE A 86 8.87 12.87 -7.90
C PHE A 86 9.44 11.46 -8.00
N LYS A 87 9.05 10.74 -9.05
CA LYS A 87 9.52 9.38 -9.26
C LYS A 87 10.18 9.25 -10.63
N HIS A 88 11.15 8.33 -10.73
CA HIS A 88 11.86 8.10 -11.99
C HIS A 88 10.96 7.41 -13.01
N VAL A 89 11.00 7.91 -14.24
CA VAL A 89 10.19 7.34 -15.32
C VAL A 89 11.03 7.10 -16.56
N ARG A 90 10.47 6.39 -17.53
CA ARG A 90 11.17 6.10 -18.77
C ARG A 90 10.77 7.07 -19.88
N ASP A 91 11.47 7.01 -21.01
CA ASP A 91 11.19 7.89 -22.13
C ASP A 91 9.83 7.57 -22.74
N VAL A 92 8.76 7.95 -22.06
CA VAL A 92 7.41 7.71 -22.53
C VAL A 92 6.39 8.56 -21.78
N PRO A 93 5.20 8.78 -22.38
CA PRO A 93 4.15 9.59 -21.76
C PRO A 93 3.67 9.00 -20.45
N SER A 94 3.82 7.68 -20.29
CA SER A 94 3.40 7.00 -19.08
C SER A 94 4.60 6.67 -18.19
N PHE A 95 4.36 5.87 -17.17
CA PHE A 95 5.42 5.48 -16.24
C PHE A 95 6.37 4.46 -16.89
N THR A 96 7.36 4.01 -16.12
CA THR A 96 8.32 3.03 -16.63
C THR A 96 7.94 1.63 -16.21
N SER A 97 8.50 0.64 -16.89
CA SER A 97 8.21 -0.76 -16.58
C SER A 97 9.30 -1.36 -15.71
N SER A 98 9.82 -0.56 -14.79
CA SER A 98 10.88 -1.01 -13.89
C SER A 98 10.34 -1.22 -12.48
N ASP A 99 10.02 -0.13 -11.80
CA ASP A 99 9.49 -0.20 -10.45
C ASP A 99 8.26 0.69 -10.29
N LEU A 100 7.44 0.74 -11.34
CA LEU A 100 6.24 1.56 -11.33
C LEU A 100 5.02 0.74 -11.76
N GLY A 101 3.86 1.38 -11.79
CA GLY A 101 2.65 0.70 -12.19
C GLY A 101 1.40 1.48 -11.83
N ALA A 102 0.23 0.89 -12.09
CA ALA A 102 -1.04 1.53 -11.80
C ALA A 102 -1.98 0.58 -11.08
N LYS A 103 -1.75 0.39 -9.78
CA LYS A 103 -2.58 -0.50 -8.97
C LYS A 103 -2.97 0.16 -7.66
N THR A 104 -3.70 -0.57 -6.82
CA THR A 104 -4.14 -0.05 -5.54
C THR A 104 -3.98 -1.10 -4.44
N ASP A 105 -2.76 -1.24 -3.94
CA ASP A 105 -2.46 -2.21 -2.89
C ASP A 105 -1.38 -1.69 -1.95
N ASP A 106 -1.78 -0.88 -0.98
CA ASP A 106 -0.84 -0.31 -0.02
C ASP A 106 -1.45 -0.28 1.38
N GLN A 107 -0.61 -0.42 2.39
CA GLN A 107 -1.07 -0.40 3.78
C GLN A 107 -1.54 1.00 4.18
N VAL A 108 -2.35 1.07 5.23
CA VAL A 108 -2.87 2.34 5.71
C VAL A 108 -2.87 2.39 7.23
N SER A 109 -2.95 3.59 7.79
CA SER A 109 -2.96 3.78 9.23
C SER A 109 -3.04 5.27 9.58
N GLY A 110 -4.00 5.61 10.45
CA GLY A 110 -4.16 6.99 10.86
C GLY A 110 -5.31 7.17 11.83
N TRP A 111 -5.23 8.21 12.65
CA TRP A 111 -6.25 8.50 13.65
C TRP A 111 -7.34 9.40 13.06
N ARG A 112 -8.20 8.82 12.23
CA ARG A 112 -9.28 9.57 11.61
C ARG A 112 -10.54 8.70 11.48
N PRO A 113 -11.71 9.35 11.38
CA PRO A 113 -12.99 8.64 11.25
C PRO A 113 -13.10 7.86 9.95
N VAL A 114 -14.31 7.43 9.61
CA VAL A 114 -14.55 6.67 8.39
C VAL A 114 -15.94 6.94 7.83
N PRO A 115 -16.12 6.74 6.52
CA PRO A 115 -17.41 6.96 5.85
C PRO A 115 -18.48 5.98 6.33
N VAL A 116 -19.59 5.93 5.62
CA VAL A 116 -20.68 5.04 5.96
C VAL A 116 -21.18 4.27 4.74
N HIS A 117 -21.52 3.00 4.94
CA HIS A 117 -22.01 2.15 3.85
C HIS A 117 -20.87 1.71 2.93
N ASP A 118 -19.65 2.10 3.27
CA ASP A 118 -18.49 1.75 2.47
C ASP A 118 -18.14 0.27 2.64
N PRO A 119 -17.23 -0.26 1.80
CA PRO A 119 -16.82 -1.67 1.86
C PRO A 119 -16.06 -1.98 3.15
N VAL A 120 -15.44 -0.95 3.72
CA VAL A 120 -14.66 -1.12 4.95
C VAL A 120 -15.57 -1.04 6.17
N VAL A 121 -16.46 -0.05 6.20
CA VAL A 121 -17.37 0.13 7.30
C VAL A 121 -18.40 -1.00 7.35
N GLN A 122 -19.10 -1.21 6.24
CA GLN A 122 -20.12 -2.26 6.17
C GLN A 122 -19.52 -3.63 6.53
N ASP A 123 -18.26 -3.82 6.16
CA ASP A 123 -17.58 -5.08 6.44
C ASP A 123 -17.32 -5.22 7.94
N ALA A 124 -16.66 -4.23 8.52
CA ALA A 124 -16.35 -4.24 9.94
C ALA A 124 -17.62 -4.31 10.77
N ALA A 125 -18.63 -3.54 10.38
CA ALA A 125 -19.90 -3.51 11.08
C ALA A 125 -20.54 -4.89 11.11
N HIS A 126 -20.82 -5.43 9.92
CA HIS A 126 -21.43 -6.75 9.81
C HIS A 126 -20.63 -7.80 10.58
N HIS A 127 -19.31 -7.79 10.39
CA HIS A 127 -18.44 -8.73 11.08
C HIS A 127 -18.56 -8.59 12.59
N ALA A 128 -18.75 -7.35 13.05
CA ALA A 128 -18.90 -7.07 14.47
C ALA A 128 -20.23 -7.60 14.99
N ILE A 129 -21.28 -7.45 14.19
CA ILE A 129 -22.62 -7.91 14.57
C ILE A 129 -22.61 -9.38 14.95
N LYS A 130 -22.05 -10.22 14.09
CA LYS A 130 -21.98 -11.65 14.35
C LYS A 130 -20.96 -11.97 15.44
N THR A 131 -19.85 -11.25 15.43
CA THR A 131 -18.80 -11.46 16.42
C THR A 131 -19.27 -11.10 17.83
N ILE A 132 -19.82 -9.90 17.98
CA ILE A 132 -20.30 -9.43 19.27
C ILE A 132 -21.28 -10.45 19.89
N GLN A 133 -22.29 -10.83 19.12
CA GLN A 133 -23.28 -11.79 19.59
C GLN A 133 -22.65 -13.17 19.79
N GLU A 134 -21.65 -13.47 18.97
CA GLU A 134 -20.95 -14.76 19.05
C GLU A 134 -19.98 -14.79 20.22
N ARG A 135 -19.50 -13.62 20.62
CA ARG A 135 -18.55 -13.51 21.72
C ARG A 135 -19.15 -14.08 23.00
N SER A 136 -20.47 -14.16 23.06
CA SER A 136 -21.15 -14.68 24.23
C SER A 136 -21.48 -16.16 24.05
N ASN A 137 -22.00 -16.51 22.87
CA ASN A 137 -22.36 -17.88 22.57
C ASN A 137 -22.89 -18.01 21.14
N SER A 138 -23.09 -19.23 20.69
CA SER A 138 -23.59 -19.49 19.34
C SER A 138 -25.06 -19.07 19.23
N LEU A 139 -25.31 -17.98 18.51
CA LEU A 139 -26.67 -17.47 18.32
C LEU A 139 -26.72 -16.47 17.19
N PHE A 140 -27.94 -16.10 16.80
CA PHE A 140 -28.13 -15.13 15.73
C PHE A 140 -29.39 -14.29 15.97
N PRO A 141 -29.30 -13.31 16.89
CA PRO A 141 -30.43 -12.45 17.22
C PRO A 141 -30.82 -11.53 16.07
N TYR A 142 -29.89 -10.66 15.67
CA TYR A 142 -30.14 -9.73 14.59
C TYR A 142 -28.87 -9.51 13.76
N GLU A 143 -28.99 -8.69 12.71
CA GLU A 143 -27.85 -8.40 11.85
C GLU A 143 -27.73 -6.90 11.59
N LEU A 144 -26.73 -6.52 10.80
CA LEU A 144 -26.51 -5.11 10.49
C LEU A 144 -27.72 -4.51 9.78
N SER A 145 -28.32 -3.51 10.40
CA SER A 145 -29.49 -2.85 9.83
C SER A 145 -29.09 -1.60 9.05
N GLU A 146 -28.60 -0.59 9.76
CA GLU A 146 -28.18 0.65 9.13
C GLU A 146 -27.12 1.36 9.96
N VAL A 147 -26.10 1.88 9.29
CA VAL A 147 -25.01 2.57 9.96
C VAL A 147 -25.26 4.08 9.99
N VAL A 148 -25.21 4.65 11.19
CA VAL A 148 -25.43 6.09 11.36
C VAL A 148 -24.14 6.86 11.11
N HIS A 149 -23.07 6.45 11.78
CA HIS A 149 -21.77 7.11 11.64
C HIS A 149 -20.66 6.24 12.21
N ALA A 150 -19.62 6.01 11.41
CA ALA A 150 -18.49 5.19 11.85
C ALA A 150 -17.20 6.00 11.86
N ASN A 151 -16.27 5.62 12.71
CA ASN A 151 -14.99 6.30 12.82
C ASN A 151 -13.87 5.33 13.17
N ALA A 152 -12.71 5.51 12.54
CA ALA A 152 -11.57 4.65 12.79
C ALA A 152 -10.55 5.33 13.69
N GLU A 153 -9.71 4.53 14.35
CA GLU A 153 -8.69 5.05 15.24
C GLU A 153 -7.45 4.15 15.22
N VAL A 154 -6.29 4.75 15.49
CA VAL A 154 -5.04 4.00 15.50
C VAL A 154 -4.58 3.71 16.92
N VAL A 155 -4.13 2.50 17.15
CA VAL A 155 -3.65 2.09 18.46
C VAL A 155 -2.14 1.84 18.44
N ASP A 156 -1.58 1.42 19.57
CA ASP A 156 -0.14 1.17 19.67
C ASP A 156 0.35 0.24 18.55
N THR A 157 -0.50 -0.71 18.16
CA THR A 157 -0.15 -1.65 17.11
C THR A 157 -1.30 -1.84 16.12
N SER A 158 -2.45 -2.24 16.62
CA SER A 158 -3.63 -2.47 15.78
C SER A 158 -4.35 -1.15 15.49
N ALA A 159 -5.62 -1.25 15.09
CA ALA A 159 -6.43 -0.08 14.80
C ALA A 159 -7.84 -0.23 15.35
N LYS A 160 -8.23 0.71 16.23
CA LYS A 160 -9.55 0.67 16.83
C LYS A 160 -10.62 1.18 15.87
N PHE A 161 -11.84 0.71 16.05
CA PHE A 161 -12.96 1.10 15.19
C PHE A 161 -14.18 1.48 16.03
N ASP A 162 -14.51 2.76 16.05
CA ASP A 162 -15.66 3.23 16.80
C ASP A 162 -16.80 3.62 15.87
N MET A 163 -17.86 2.82 15.89
CA MET A 163 -19.02 3.07 15.04
C MET A 163 -20.32 2.94 15.83
N LEU A 164 -21.43 3.31 15.19
CA LEU A 164 -22.73 3.23 15.83
C LEU A 164 -23.82 2.96 14.80
N LEU A 165 -24.55 1.86 14.97
CA LEU A 165 -25.60 1.49 14.05
C LEU A 165 -26.82 0.95 14.80
N LYS A 166 -27.94 0.84 14.09
CA LYS A 166 -29.18 0.34 14.69
C LYS A 166 -29.42 -1.12 14.29
N VAL A 167 -29.92 -1.91 15.23
CA VAL A 167 -30.20 -3.31 14.97
C VAL A 167 -31.70 -3.57 14.89
N LYS A 168 -32.09 -4.52 14.04
CA LYS A 168 -33.50 -4.86 13.86
C LYS A 168 -33.74 -6.34 14.20
N ARG A 169 -34.88 -6.62 14.81
CA ARG A 169 -35.23 -7.98 15.18
C ARG A 169 -36.74 -8.12 15.41
N GLY A 170 -37.45 -8.53 14.36
CA GLY A 170 -38.89 -8.69 14.46
C GLY A 170 -39.63 -7.36 14.47
N GLY A 171 -38.97 -6.31 13.98
CA GLY A 171 -39.59 -5.00 13.94
C GLY A 171 -39.20 -4.13 15.13
N LYS A 172 -38.03 -4.39 15.70
CA LYS A 172 -37.56 -3.62 16.84
C LYS A 172 -36.55 -2.56 16.40
N GLU A 173 -36.09 -1.76 17.34
CA GLU A 173 -35.12 -0.71 17.04
C GLU A 173 -34.35 -0.30 18.30
N GLU A 174 -33.03 -0.39 18.23
CA GLU A 174 -32.18 -0.03 19.35
C GLU A 174 -30.73 0.13 18.91
N LYS A 175 -30.16 1.30 19.17
CA LYS A 175 -28.79 1.59 18.79
C LYS A 175 -27.81 1.08 19.85
N TYR A 176 -26.54 0.92 19.46
CA TYR A 176 -25.53 0.45 20.39
C TYR A 176 -24.13 0.77 19.86
N LYS A 177 -23.19 0.97 20.77
CA LYS A 177 -21.81 1.27 20.41
C LYS A 177 -21.06 0.01 20.04
N VAL A 178 -19.98 0.15 19.29
CA VAL A 178 -19.17 -0.99 18.87
C VAL A 178 -17.69 -0.62 18.78
N GLU A 179 -16.84 -1.47 19.33
CA GLU A 179 -15.41 -1.22 19.31
C GLU A 179 -14.66 -2.46 18.83
N VAL A 180 -14.21 -2.42 17.58
CA VAL A 180 -13.48 -3.54 16.99
C VAL A 180 -12.08 -3.11 16.55
N HIS A 181 -11.14 -4.04 16.61
CA HIS A 181 -9.76 -3.76 16.22
C HIS A 181 -9.48 -4.25 14.81
N LYS A 182 -8.54 -3.59 14.14
CA LYS A 182 -8.18 -3.96 12.77
C LYS A 182 -6.81 -4.63 12.74
N SER A 183 -6.74 -5.83 12.18
CA SER A 183 -5.49 -6.57 12.07
C SER A 183 -5.39 -7.28 10.73
N THR A 184 -4.22 -7.16 10.10
CA THR A 184 -3.99 -7.79 8.80
C THR A 184 -3.42 -9.19 8.97
N GLU A 185 -2.55 -9.36 9.95
CA GLU A 185 -1.94 -10.66 10.23
C GLU A 185 -2.95 -11.63 10.81
N GLU A 186 -3.87 -11.10 11.62
CA GLU A 186 -4.90 -11.92 12.26
C GLU A 186 -5.77 -12.60 11.20
N GLY A 187 -5.95 -11.92 10.06
CA GLY A 187 -6.75 -12.48 8.99
C GLY A 187 -8.11 -11.80 8.89
N GLY A 188 -8.60 -11.29 10.01
CA GLY A 188 -9.89 -10.62 10.02
C GLY A 188 -10.00 -9.57 11.11
N PHE A 189 -11.22 -9.33 11.58
CA PHE A 189 -11.45 -8.35 12.64
C PHE A 189 -11.45 -9.02 14.01
N ASN A 190 -11.23 -8.21 15.05
CA ASN A 190 -11.23 -8.72 16.42
C ASN A 190 -11.96 -7.77 17.34
N LEU A 191 -13.26 -7.97 17.48
CA LEU A 191 -14.09 -7.14 18.35
C LEU A 191 -13.52 -7.05 19.75
N LYS A 192 -13.25 -5.84 20.20
CA LYS A 192 -12.70 -5.62 21.54
C LYS A 192 -13.80 -5.57 22.59
N LYS A 193 -14.60 -4.52 22.54
CA LYS A 193 -15.71 -4.35 23.48
C LYS A 193 -16.97 -3.88 22.77
N VAL A 194 -18.07 -3.82 23.51
CA VAL A 194 -19.34 -3.38 22.96
C VAL A 194 -20.18 -2.65 24.01
N ASP A 195 -20.93 -1.65 23.56
CA ASP A 195 -21.77 -0.87 24.46
C ASP A 195 -23.15 -0.60 23.84
N LEU A 196 -24.11 -0.21 24.67
CA LEU A 196 -25.45 0.08 24.19
C LEU A 196 -25.70 1.58 24.13
N ASP A 197 -26.59 2.00 23.23
CA ASP A 197 -26.91 3.42 23.07
C ASP A 197 -28.42 3.63 23.09
N HIS A 198 -28.97 3.82 24.29
CA HIS A 198 -30.41 4.05 24.44
C HIS A 198 -30.72 4.63 25.82
N SER A 199 -29.83 5.47 26.32
CA SER A 199 -30.00 6.09 27.62
C SER A 199 -30.45 7.55 27.47
N MET A 1 -3.48 33.02 -3.65
CA MET A 1 -4.27 31.78 -3.86
C MET A 1 -4.33 31.42 -5.34
N ALA A 2 -3.80 30.24 -5.68
CA ALA A 2 -3.80 29.77 -7.06
C ALA A 2 -3.78 28.24 -7.12
N THR A 3 -4.43 27.69 -8.14
CA THR A 3 -4.49 26.24 -8.31
C THR A 3 -4.82 25.89 -9.76
N LEU A 4 -4.67 24.60 -10.09
CA LEU A 4 -4.95 24.13 -11.44
C LEU A 4 -5.57 22.73 -11.40
N GLY A 5 -6.34 22.46 -10.35
CA GLY A 5 -6.98 21.16 -10.22
C GLY A 5 -7.87 20.82 -11.40
N GLY A 6 -7.45 19.84 -12.19
CA GLY A 6 -8.23 19.45 -13.35
C GLY A 6 -7.40 18.75 -14.41
N VAL A 7 -7.81 17.55 -14.78
CA VAL A 7 -7.09 16.77 -15.79
C VAL A 7 -6.91 17.57 -17.08
N HIS A 8 -5.65 17.70 -17.51
CA HIS A 8 -5.34 18.44 -18.73
C HIS A 8 -3.85 18.41 -19.03
N ASP A 9 -3.46 17.61 -20.02
CA ASP A 9 -2.06 17.50 -20.41
C ASP A 9 -1.64 18.66 -21.30
N SER A 10 -0.35 18.70 -21.64
CA SER A 10 0.17 19.77 -22.48
C SER A 10 1.65 19.55 -22.78
N ASN A 11 2.28 20.53 -23.43
CA ASN A 11 3.69 20.44 -23.78
C ASN A 11 4.51 21.47 -22.99
N SER A 12 4.18 21.62 -21.71
CA SER A 12 4.87 22.56 -20.85
C SER A 12 4.68 24.00 -21.34
N ASN A 13 3.42 24.34 -21.64
CA ASN A 13 3.10 25.67 -22.13
C ASN A 13 3.54 26.74 -21.13
N PRO A 14 2.98 26.70 -19.90
CA PRO A 14 3.32 27.65 -18.84
C PRO A 14 4.73 27.44 -18.29
N ASP A 15 5.02 28.08 -17.16
CA ASP A 15 6.33 27.94 -16.53
C ASP A 15 6.43 26.64 -15.73
N THR A 16 6.24 25.52 -16.42
CA THR A 16 6.31 24.21 -15.78
C THR A 16 7.75 23.84 -15.46
N HIS A 17 8.67 24.30 -16.29
CA HIS A 17 10.09 24.01 -16.10
C HIS A 17 10.57 24.49 -14.73
N SER A 18 10.00 25.60 -14.26
CA SER A 18 10.37 26.16 -12.97
C SER A 18 9.78 25.33 -11.82
N LEU A 19 8.60 24.77 -12.05
CA LEU A 19 7.92 23.95 -11.05
C LEU A 19 8.80 22.77 -10.63
N ALA A 20 9.37 22.09 -11.61
CA ALA A 20 10.24 20.95 -11.35
C ALA A 20 11.44 21.35 -10.50
N ARG A 21 11.89 22.59 -10.67
CA ARG A 21 13.03 23.09 -9.91
C ARG A 21 12.72 23.09 -8.41
N PHE A 22 11.53 23.57 -8.07
CA PHE A 22 11.10 23.62 -6.67
C PHE A 22 10.94 22.23 -6.09
N ALA A 23 10.43 21.31 -6.90
CA ALA A 23 10.22 19.94 -6.47
C ALA A 23 11.54 19.26 -6.11
N VAL A 24 12.48 19.29 -7.04
CA VAL A 24 13.79 18.68 -6.84
C VAL A 24 14.50 19.30 -5.64
N ASP A 25 14.27 20.59 -5.43
CA ASP A 25 14.89 21.33 -4.35
C ASP A 25 14.54 20.73 -2.97
N GLN A 26 13.28 20.37 -2.78
CA GLN A 26 12.83 19.82 -1.50
C GLN A 26 13.40 18.43 -1.27
N HIS A 27 13.56 17.65 -2.33
CA HIS A 27 14.09 16.30 -2.22
C HIS A 27 15.60 16.32 -2.02
N ASN A 28 16.29 17.04 -2.90
CA ASN A 28 17.75 17.14 -2.84
C ASN A 28 18.21 17.70 -1.50
N THR A 29 17.46 18.65 -0.97
CA THR A 29 17.81 19.28 0.30
C THR A 29 17.47 18.40 1.51
N LYS A 30 16.45 17.55 1.38
CA LYS A 30 16.04 16.70 2.49
C LYS A 30 16.75 15.34 2.52
N GLU A 31 16.68 14.58 1.41
CA GLU A 31 17.31 13.27 1.39
C GLU A 31 18.09 13.00 0.11
N ASN A 32 17.75 13.70 -0.97
CA ASN A 32 18.44 13.50 -2.24
C ASN A 32 19.70 14.34 -2.34
N GLY A 33 20.33 14.32 -3.51
CA GLY A 33 21.54 15.08 -3.73
C GLY A 33 22.35 14.59 -4.91
N LEU A 34 21.65 14.13 -5.96
CA LEU A 34 22.31 13.64 -7.16
C LEU A 34 21.40 13.75 -8.37
N LEU A 35 20.43 14.66 -8.30
CA LEU A 35 19.48 14.86 -9.39
C LEU A 35 19.51 16.32 -9.85
N GLU A 36 19.70 16.51 -11.15
CA GLU A 36 19.74 17.86 -11.72
C GLU A 36 18.75 18.00 -12.86
N LEU A 37 18.28 19.22 -13.06
CA LEU A 37 17.32 19.51 -14.12
C LEU A 37 18.04 19.86 -15.42
N VAL A 38 17.75 19.10 -16.47
CA VAL A 38 18.36 19.31 -17.77
C VAL A 38 17.44 20.08 -18.71
N ARG A 39 16.28 19.50 -19.01
CA ARG A 39 15.32 20.15 -19.90
C ARG A 39 13.92 19.55 -19.74
N VAL A 40 12.93 20.41 -19.56
CA VAL A 40 11.54 19.98 -19.40
C VAL A 40 11.13 18.99 -20.48
N VAL A 41 10.16 18.13 -20.15
CA VAL A 41 9.67 17.13 -21.09
C VAL A 41 8.20 17.38 -21.42
N GLU A 42 7.34 17.22 -20.42
CA GLU A 42 5.90 17.43 -20.62
C GLU A 42 5.24 17.89 -19.33
N ALA A 43 3.98 18.30 -19.44
CA ALA A 43 3.21 18.76 -18.29
C ALA A 43 1.80 18.19 -18.31
N ARG A 44 1.52 17.34 -17.33
CA ARG A 44 0.21 16.71 -17.22
C ARG A 44 -0.49 17.12 -15.93
N GLU A 45 -1.83 17.16 -15.97
CA GLU A 45 -2.61 17.54 -14.81
C GLU A 45 -3.70 16.51 -14.53
N GLN A 46 -4.16 16.48 -13.27
CA GLN A 46 -5.20 15.55 -12.87
C GLN A 46 -5.74 15.94 -11.49
N VAL A 47 -7.05 15.82 -11.32
CA VAL A 47 -7.69 16.16 -10.05
C VAL A 47 -7.79 14.94 -9.13
N VAL A 48 -7.02 14.96 -8.05
CA VAL A 48 -7.02 13.87 -7.08
C VAL A 48 -7.27 14.39 -5.67
N ALA A 49 -8.48 14.20 -5.18
CA ALA A 49 -8.85 14.64 -3.84
C ALA A 49 -8.50 16.11 -3.64
N GLY A 50 -8.52 16.87 -4.72
CA GLY A 50 -8.19 18.29 -4.65
C GLY A 50 -7.55 18.79 -5.93
N THR A 51 -6.22 18.87 -5.94
CA THR A 51 -5.48 19.34 -7.10
C THR A 51 -4.10 18.69 -7.15
N LEU A 52 -3.80 18.05 -8.28
CA LEU A 52 -2.52 17.39 -8.47
C LEU A 52 -1.75 17.99 -9.65
N HIS A 53 -0.45 18.19 -9.46
CA HIS A 53 0.39 18.75 -10.50
C HIS A 53 1.43 17.73 -10.96
N HIS A 54 1.22 17.16 -12.14
CA HIS A 54 2.14 16.16 -12.68
C HIS A 54 3.01 16.78 -13.76
N LEU A 55 4.29 16.93 -13.45
CA LEU A 55 5.23 17.51 -14.41
C LEU A 55 6.37 16.55 -14.73
N VAL A 56 6.70 16.44 -16.01
CA VAL A 56 7.77 15.57 -16.46
C VAL A 56 8.90 16.39 -17.07
N LEU A 57 10.13 16.07 -16.68
CA LEU A 57 11.29 16.79 -17.18
C LEU A 57 12.52 15.89 -17.23
N GLU A 58 13.45 16.24 -18.11
CA GLU A 58 14.69 15.47 -18.26
C GLU A 58 15.73 15.91 -17.24
N VAL A 59 16.06 15.02 -16.31
CA VAL A 59 17.04 15.33 -15.28
C VAL A 59 18.28 14.45 -15.41
N LEU A 60 19.39 14.94 -14.88
CA LEU A 60 20.63 14.21 -14.91
C LEU A 60 20.93 13.62 -13.53
N ASP A 61 20.97 12.29 -13.47
CA ASP A 61 21.24 11.59 -12.22
C ASP A 61 22.68 11.13 -12.15
N ALA A 62 23.47 11.79 -11.30
CA ALA A 62 24.87 11.45 -11.14
C ALA A 62 25.62 11.46 -12.47
N GLY A 63 25.08 12.21 -13.44
CA GLY A 63 25.70 12.29 -14.74
C GLY A 63 25.03 11.44 -15.78
N LYS A 64 23.76 11.11 -15.56
CA LYS A 64 23.00 10.30 -16.50
C LYS A 64 21.68 10.96 -16.87
N LYS A 65 21.48 11.16 -18.16
CA LYS A 65 20.26 11.80 -18.65
C LYS A 65 19.08 10.85 -18.53
N LYS A 66 18.11 11.23 -17.72
CA LYS A 66 16.92 10.43 -17.50
C LYS A 66 15.71 11.31 -17.21
N LEU A 67 14.53 10.89 -17.68
CA LEU A 67 13.32 11.65 -17.46
C LEU A 67 12.65 11.25 -16.14
N TYR A 68 12.17 12.25 -15.40
CA TYR A 68 11.51 12.01 -14.14
C TYR A 68 10.22 12.81 -14.04
N GLU A 69 9.29 12.33 -13.22
CA GLU A 69 8.01 13.02 -13.03
C GLU A 69 7.85 13.49 -11.59
N ALA A 70 7.27 14.66 -11.42
CA ALA A 70 7.06 15.23 -10.09
C ALA A 70 5.58 15.51 -9.84
N LYS A 71 5.10 15.16 -8.66
CA LYS A 71 3.72 15.39 -8.30
C LYS A 71 3.61 16.43 -7.19
N ILE A 72 2.75 17.42 -7.41
CA ILE A 72 2.56 18.48 -6.43
C ILE A 72 1.11 18.51 -5.96
N TRP A 73 0.93 18.48 -4.64
CA TRP A 73 -0.39 18.48 -4.04
C TRP A 73 -0.81 19.90 -3.66
N VAL A 74 -2.01 20.29 -4.06
CA VAL A 74 -2.53 21.62 -3.75
C VAL A 74 -3.90 21.54 -3.09
N LYS A 75 -4.14 22.42 -2.12
CA LYS A 75 -5.42 22.45 -1.42
C LYS A 75 -6.50 23.11 -2.26
N PRO A 76 -7.75 22.62 -2.16
CA PRO A 76 -8.87 23.17 -2.92
C PRO A 76 -9.35 24.52 -2.37
N TRP A 77 -9.47 24.60 -1.05
CA TRP A 77 -9.91 25.83 -0.40
C TRP A 77 -8.73 26.64 0.10
N MET A 78 -7.77 25.97 0.73
CA MET A 78 -6.58 26.64 1.26
C MET A 78 -5.82 27.33 0.14
N ASP A 79 -5.90 26.78 -1.07
CA ASP A 79 -5.21 27.36 -2.22
C ASP A 79 -3.70 27.38 -2.00
N PHE A 80 -3.21 26.42 -1.22
CA PHE A 80 -1.79 26.33 -0.93
C PHE A 80 -1.15 25.18 -1.69
N LYS A 81 -0.33 25.50 -2.68
CA LYS A 81 0.34 24.48 -3.48
C LYS A 81 1.62 24.00 -2.80
N GLN A 82 1.81 22.68 -2.79
CA GLN A 82 3.00 22.09 -2.16
C GLN A 82 3.44 20.84 -2.91
N LEU A 83 4.72 20.80 -3.27
CA LEU A 83 5.28 19.66 -3.99
C LEU A 83 5.37 18.44 -3.08
N GLN A 84 4.90 17.30 -3.57
CA GLN A 84 4.93 16.06 -2.78
C GLN A 84 6.24 15.31 -3.00
N GLU A 85 6.44 14.81 -4.22
CA GLU A 85 7.65 14.06 -4.55
C GLU A 85 7.64 13.65 -6.02
N PHE A 86 8.82 13.26 -6.53
CA PHE A 86 8.94 12.85 -7.92
C PHE A 86 9.48 11.43 -8.04
N LYS A 87 9.07 10.72 -9.08
CA LYS A 87 9.51 9.35 -9.30
C LYS A 87 10.29 9.24 -10.62
N HIS A 88 11.30 8.39 -10.62
CA HIS A 88 12.12 8.20 -11.81
C HIS A 88 11.40 7.35 -12.85
N VAL A 89 11.27 7.89 -14.07
CA VAL A 89 10.60 7.18 -15.15
C VAL A 89 11.54 6.98 -16.34
N ARG A 90 11.02 6.37 -17.39
CA ARG A 90 11.80 6.12 -18.60
C ARG A 90 11.27 6.93 -19.77
N ASP A 91 11.87 6.72 -20.95
CA ASP A 91 11.45 7.42 -22.15
C ASP A 91 10.07 6.95 -22.60
N VAL A 92 9.74 7.25 -23.85
CA VAL A 92 8.44 6.85 -24.43
C VAL A 92 7.28 7.26 -23.51
N PRO A 93 6.03 7.05 -23.96
CA PRO A 93 4.85 7.41 -23.18
C PRO A 93 4.46 6.31 -22.19
N SER A 94 5.41 5.90 -21.37
CA SER A 94 5.17 4.86 -20.38
C SER A 94 5.85 5.21 -19.05
N PHE A 95 5.89 4.24 -18.14
CA PHE A 95 6.50 4.44 -16.84
C PHE A 95 7.46 3.30 -16.51
N THR A 96 8.60 3.28 -17.18
CA THR A 96 9.62 2.25 -16.97
C THR A 96 8.99 0.85 -16.92
N SER A 97 7.88 0.69 -17.64
CA SER A 97 7.18 -0.60 -17.69
C SER A 97 6.82 -1.07 -16.29
N SER A 98 6.74 -0.14 -15.34
CA SER A 98 6.41 -0.47 -13.96
C SER A 98 5.12 0.24 -13.53
N ASP A 99 4.82 0.18 -12.25
CA ASP A 99 3.61 0.81 -11.71
C ASP A 99 3.97 2.05 -10.89
N LEU A 100 3.70 3.22 -11.45
CA LEU A 100 3.99 4.48 -10.77
C LEU A 100 2.69 5.20 -10.38
N GLY A 101 1.98 5.71 -11.38
CA GLY A 101 0.74 6.41 -11.12
C GLY A 101 0.93 7.61 -10.21
N ALA A 102 -0.16 8.08 -9.61
CA ALA A 102 -0.11 9.23 -8.72
C ALA A 102 -1.06 9.06 -7.54
N LYS A 103 -1.19 7.83 -7.06
CA LYS A 103 -2.08 7.53 -5.94
C LYS A 103 -1.30 7.51 -4.63
N THR A 104 -2.02 7.36 -3.52
CA THR A 104 -1.40 7.33 -2.20
C THR A 104 -2.33 6.67 -1.18
N ASP A 105 -2.04 5.42 -0.85
CA ASP A 105 -2.85 4.69 0.12
C ASP A 105 -1.97 4.01 1.16
N ASP A 106 -2.59 3.27 2.08
CA ASP A 106 -1.86 2.58 3.13
C ASP A 106 -2.81 1.73 3.98
N GLN A 107 -2.47 0.46 4.15
CA GLN A 107 -3.29 -0.46 4.93
C GLN A 107 -2.97 -0.34 6.41
N VAL A 108 -3.86 -0.85 7.25
CA VAL A 108 -3.67 -0.80 8.69
C VAL A 108 -4.60 -1.78 9.40
N SER A 109 -4.15 -2.29 10.54
CA SER A 109 -4.94 -3.24 11.32
C SER A 109 -5.50 -2.59 12.57
N GLY A 110 -6.41 -3.28 13.24
CA GLY A 110 -7.01 -2.75 14.46
C GLY A 110 -7.97 -3.73 15.11
N TRP A 111 -8.12 -3.61 16.43
CA TRP A 111 -9.01 -4.49 17.17
C TRP A 111 -10.40 -3.87 17.30
N ARG A 112 -11.29 -4.23 16.38
CA ARG A 112 -12.65 -3.70 16.39
C ARG A 112 -13.63 -4.75 15.87
N PRO A 113 -14.91 -4.63 16.25
CA PRO A 113 -15.96 -5.57 15.82
C PRO A 113 -16.22 -5.48 14.31
N VAL A 114 -17.33 -6.07 13.88
CA VAL A 114 -17.69 -6.06 12.46
C VAL A 114 -19.21 -6.06 12.28
N PRO A 115 -19.69 -5.55 11.14
CA PRO A 115 -21.13 -5.51 10.83
C PRO A 115 -21.73 -6.90 10.69
N VAL A 116 -22.95 -6.95 10.17
CA VAL A 116 -23.65 -8.22 9.97
C VAL A 116 -24.26 -8.30 8.58
N HIS A 117 -24.20 -9.49 7.98
CA HIS A 117 -24.75 -9.71 6.65
C HIS A 117 -23.85 -9.11 5.56
N ASP A 118 -22.71 -8.55 5.98
CA ASP A 118 -21.77 -7.94 5.04
C ASP A 118 -21.05 -9.03 4.24
N PRO A 119 -20.31 -8.63 3.18
CA PRO A 119 -19.58 -9.57 2.33
C PRO A 119 -18.42 -10.22 3.08
N VAL A 120 -17.92 -9.54 4.11
CA VAL A 120 -16.83 -10.06 4.90
C VAL A 120 -17.32 -11.01 5.99
N VAL A 121 -18.38 -10.58 6.69
CA VAL A 121 -18.96 -11.39 7.75
C VAL A 121 -19.61 -12.64 7.20
N GLN A 122 -20.53 -12.46 6.25
CA GLN A 122 -21.23 -13.58 5.63
C GLN A 122 -20.24 -14.59 5.05
N ASP A 123 -19.16 -14.07 4.49
CA ASP A 123 -18.13 -14.92 3.89
C ASP A 123 -17.43 -15.75 4.96
N ALA A 124 -16.97 -15.09 6.02
CA ALA A 124 -16.29 -15.77 7.11
C ALA A 124 -17.23 -16.73 7.81
N ALA A 125 -18.47 -16.29 8.05
CA ALA A 125 -19.47 -17.13 8.71
C ALA A 125 -19.72 -18.41 7.94
N HIS A 126 -20.17 -18.27 6.69
CA HIS A 126 -20.45 -19.41 5.84
C HIS A 126 -19.24 -20.34 5.77
N HIS A 127 -18.07 -19.77 5.51
CA HIS A 127 -16.83 -20.55 5.42
C HIS A 127 -16.58 -21.31 6.71
N ALA A 128 -16.94 -20.70 7.83
CA ALA A 128 -16.75 -21.32 9.14
C ALA A 128 -17.73 -22.47 9.34
N ILE A 129 -18.96 -22.30 8.86
CA ILE A 129 -19.99 -23.32 8.98
C ILE A 129 -19.51 -24.66 8.41
N LYS A 130 -19.02 -24.63 7.18
CA LYS A 130 -18.53 -25.84 6.53
C LYS A 130 -17.21 -26.30 7.13
N THR A 131 -16.34 -25.35 7.46
CA THR A 131 -15.04 -25.67 8.03
C THR A 131 -15.20 -26.32 9.40
N ILE A 132 -15.95 -25.68 10.29
CA ILE A 132 -16.17 -26.21 11.63
C ILE A 132 -16.67 -27.64 11.58
N GLN A 133 -17.73 -27.88 10.82
CA GLN A 133 -18.29 -29.22 10.69
C GLN A 133 -17.33 -30.15 9.98
N GLU A 134 -16.54 -29.59 9.07
CA GLU A 134 -15.56 -30.37 8.31
C GLU A 134 -14.33 -30.68 9.15
N ARG A 135 -14.06 -29.83 10.13
CA ARG A 135 -12.90 -30.01 11.00
C ARG A 135 -12.97 -31.35 11.74
N SER A 136 -14.18 -31.91 11.83
CA SER A 136 -14.38 -33.19 12.50
C SER A 136 -14.34 -34.34 11.50
N ASN A 137 -15.08 -34.18 10.40
CA ASN A 137 -15.14 -35.21 9.36
C ASN A 137 -16.02 -34.75 8.20
N SER A 138 -16.05 -35.55 7.14
CA SER A 138 -16.85 -35.22 5.97
C SER A 138 -18.34 -35.36 6.27
N LEU A 139 -19.03 -34.22 6.33
CA LEU A 139 -20.46 -34.23 6.61
C LEU A 139 -21.08 -32.87 6.27
N PHE A 140 -22.41 -32.81 6.29
CA PHE A 140 -23.12 -31.58 5.98
C PHE A 140 -24.41 -31.49 6.79
N PRO A 141 -24.30 -31.20 8.10
CA PRO A 141 -25.47 -31.08 8.98
C PRO A 141 -26.35 -29.90 8.63
N TYR A 142 -25.80 -28.70 8.71
CA TYR A 142 -26.54 -27.48 8.40
C TYR A 142 -25.63 -26.42 7.80
N GLU A 143 -26.20 -25.27 7.45
CA GLU A 143 -25.45 -24.18 6.88
C GLU A 143 -25.75 -22.86 7.59
N LEU A 144 -25.13 -21.78 7.12
CA LEU A 144 -25.33 -20.46 7.71
C LEU A 144 -26.80 -20.05 7.62
N SER A 145 -27.43 -19.85 8.77
CA SER A 145 -28.83 -19.46 8.82
C SER A 145 -28.97 -17.94 8.93
N GLU A 146 -28.51 -17.39 10.05
CA GLU A 146 -28.57 -15.95 10.29
C GLU A 146 -27.53 -15.51 11.29
N VAL A 147 -26.98 -14.31 11.09
CA VAL A 147 -25.96 -13.77 11.98
C VAL A 147 -26.57 -12.77 12.96
N VAL A 148 -26.31 -12.97 14.24
CA VAL A 148 -26.82 -12.09 15.27
C VAL A 148 -25.89 -10.90 15.49
N HIS A 149 -24.60 -11.18 15.63
CA HIS A 149 -23.60 -10.15 15.84
C HIS A 149 -22.19 -10.71 15.67
N ALA A 150 -21.41 -10.06 14.82
CA ALA A 150 -20.03 -10.49 14.56
C ALA A 150 -19.04 -9.42 14.97
N ASN A 151 -17.85 -9.84 15.38
CA ASN A 151 -16.80 -8.91 15.78
C ASN A 151 -15.43 -9.43 15.39
N ALA A 152 -14.57 -8.53 14.91
CA ALA A 152 -13.22 -8.91 14.51
C ALA A 152 -12.19 -8.51 15.56
N GLU A 153 -11.04 -9.17 15.53
CA GLU A 153 -9.97 -8.89 16.47
C GLU A 153 -8.60 -9.07 15.82
N VAL A 154 -7.61 -8.34 16.31
CA VAL A 154 -6.26 -8.42 15.77
C VAL A 154 -5.35 -9.26 16.66
N VAL A 155 -4.54 -10.10 16.02
CA VAL A 155 -3.62 -10.97 16.75
C VAL A 155 -2.17 -10.59 16.44
N ASP A 156 -1.22 -11.33 17.01
CA ASP A 156 0.20 -11.04 16.80
C ASP A 156 0.53 -10.94 15.32
N THR A 157 -0.16 -11.73 14.49
CA THR A 157 0.07 -11.70 13.05
C THR A 157 -1.24 -11.73 12.27
N SER A 158 -2.06 -12.75 12.52
CA SER A 158 -3.33 -12.89 11.83
C SER A 158 -4.41 -12.03 12.49
N ALA A 159 -5.68 -12.36 12.24
CA ALA A 159 -6.80 -11.62 12.80
C ALA A 159 -7.91 -12.56 13.23
N LYS A 160 -8.27 -12.51 14.51
CA LYS A 160 -9.33 -13.36 15.04
C LYS A 160 -10.71 -12.84 14.65
N PHE A 161 -11.68 -13.73 14.63
CA PHE A 161 -13.05 -13.37 14.28
C PHE A 161 -14.05 -13.99 15.25
N ASP A 162 -14.62 -13.16 16.13
CA ASP A 162 -15.58 -13.63 17.11
C ASP A 162 -17.00 -13.25 16.70
N MET A 163 -17.78 -14.24 16.29
CA MET A 163 -19.16 -14.01 15.88
C MET A 163 -20.11 -15.02 16.50
N LEU A 164 -21.41 -14.81 16.30
CA LEU A 164 -22.43 -15.70 16.84
C LEU A 164 -23.64 -15.74 15.93
N LEU A 165 -23.96 -16.93 15.43
CA LEU A 165 -25.11 -17.11 14.55
C LEU A 165 -25.92 -18.34 14.93
N LYS A 166 -27.10 -18.46 14.35
CA LYS A 166 -27.97 -19.61 14.62
C LYS A 166 -27.98 -20.58 13.45
N VAL A 167 -27.97 -21.87 13.76
CA VAL A 167 -27.98 -22.90 12.72
C VAL A 167 -29.34 -23.58 12.63
N LYS A 168 -29.80 -23.82 11.41
CA LYS A 168 -31.09 -24.47 11.19
C LYS A 168 -30.90 -25.89 10.68
N ARG A 169 -31.78 -26.79 11.11
CA ARG A 169 -31.71 -28.19 10.69
C ARG A 169 -33.06 -28.88 10.91
N GLY A 170 -33.87 -28.91 9.86
CA GLY A 170 -35.17 -29.55 9.96
C GLY A 170 -36.18 -28.71 10.73
N GLY A 171 -35.94 -27.41 10.81
CA GLY A 171 -36.83 -26.52 11.53
C GLY A 171 -36.42 -26.31 12.97
N LYS A 172 -35.13 -26.50 13.25
CA LYS A 172 -34.62 -26.33 14.61
C LYS A 172 -33.90 -24.99 14.75
N GLU A 173 -33.43 -24.69 15.96
CA GLU A 173 -32.71 -23.45 16.22
C GLU A 173 -31.74 -23.61 17.38
N GLU A 174 -30.46 -23.38 17.10
CA GLU A 174 -29.44 -23.50 18.13
C GLU A 174 -28.25 -22.58 17.83
N LYS A 175 -27.97 -21.67 18.75
CA LYS A 175 -26.87 -20.73 18.59
C LYS A 175 -25.55 -21.35 19.04
N TYR A 176 -24.44 -20.77 18.59
CA TYR A 176 -23.12 -21.27 18.94
C TYR A 176 -22.04 -20.24 18.61
N LYS A 177 -20.97 -20.26 19.39
CA LYS A 177 -19.86 -19.33 19.19
C LYS A 177 -18.95 -19.82 18.08
N VAL A 178 -18.20 -18.90 17.48
CA VAL A 178 -17.28 -19.24 16.39
C VAL A 178 -16.03 -18.37 16.43
N GLU A 179 -14.87 -19.01 16.27
CA GLU A 179 -13.60 -18.29 16.30
C GLU A 179 -12.74 -18.69 15.10
N VAL A 180 -12.66 -17.81 14.12
CA VAL A 180 -11.87 -18.05 12.92
C VAL A 180 -10.81 -16.97 12.73
N HIS A 181 -9.69 -17.36 12.14
CA HIS A 181 -8.59 -16.42 11.90
C HIS A 181 -8.60 -15.92 10.46
N LYS A 182 -8.10 -14.71 10.26
CA LYS A 182 -8.05 -14.12 8.92
C LYS A 182 -6.62 -14.08 8.40
N SER A 183 -6.42 -14.66 7.21
CA SER A 183 -5.10 -14.70 6.60
C SER A 183 -5.18 -14.33 5.12
N THR A 184 -4.70 -13.13 4.79
CA THR A 184 -4.72 -12.66 3.40
C THR A 184 -3.65 -13.37 2.58
N GLU A 185 -2.52 -13.67 3.20
CA GLU A 185 -1.42 -14.35 2.53
C GLU A 185 -1.87 -15.70 2.00
N GLU A 186 -2.79 -16.34 2.71
CA GLU A 186 -3.30 -17.64 2.30
C GLU A 186 -4.54 -17.50 1.42
N GLY A 187 -5.40 -16.56 1.76
CA GLY A 187 -6.61 -16.33 0.99
C GLY A 187 -7.81 -17.05 1.57
N GLY A 188 -7.57 -18.16 2.25
CA GLY A 188 -8.65 -18.92 2.85
C GLY A 188 -8.66 -18.82 4.36
N PHE A 189 -9.85 -18.70 4.94
CA PHE A 189 -10.00 -18.59 6.39
C PHE A 189 -9.44 -19.83 7.08
N ASN A 190 -9.15 -19.71 8.36
CA ASN A 190 -8.62 -20.82 9.14
C ASN A 190 -9.29 -20.89 10.52
N LEU A 191 -10.42 -21.58 10.58
CA LEU A 191 -11.17 -21.72 11.83
C LEU A 191 -10.27 -22.23 12.95
N LYS A 192 -10.19 -21.47 14.03
CA LYS A 192 -9.38 -21.85 15.18
C LYS A 192 -10.14 -22.79 16.10
N LYS A 193 -11.17 -22.27 16.76
CA LYS A 193 -11.98 -23.06 17.67
C LYS A 193 -13.45 -22.71 17.53
N VAL A 194 -14.31 -23.47 18.21
CA VAL A 194 -15.75 -23.24 18.16
C VAL A 194 -16.41 -23.64 19.48
N ASP A 195 -17.45 -22.90 19.85
CA ASP A 195 -18.18 -23.18 21.08
C ASP A 195 -19.69 -23.14 20.85
N LEU A 196 -20.46 -23.69 21.79
CA LEU A 196 -21.91 -23.71 21.68
C LEU A 196 -22.54 -22.66 22.59
N ASP A 197 -23.70 -22.15 22.20
CA ASP A 197 -24.40 -21.15 22.98
C ASP A 197 -25.85 -21.56 23.23
N HIS A 198 -26.09 -22.22 24.36
CA HIS A 198 -27.42 -22.68 24.72
C HIS A 198 -27.63 -22.64 26.23
N SER A 199 -26.98 -21.69 26.89
CA SER A 199 -27.09 -21.55 28.34
C SER A 199 -27.37 -20.10 28.72
N MET A 1 -3.61 29.92 -3.91
CA MET A 1 -3.26 31.11 -4.71
C MET A 1 -3.31 30.80 -6.21
N ALA A 2 -3.02 29.56 -6.56
CA ALA A 2 -3.03 29.14 -7.95
C ALA A 2 -3.33 27.65 -8.08
N THR A 3 -4.42 27.32 -8.78
CA THR A 3 -4.80 25.93 -8.98
C THR A 3 -4.99 25.63 -10.46
N LEU A 4 -5.05 24.33 -10.78
CA LEU A 4 -5.22 23.91 -12.16
C LEU A 4 -5.77 22.49 -12.23
N GLY A 5 -6.71 22.18 -11.34
CA GLY A 5 -7.30 20.85 -11.31
C GLY A 5 -7.94 20.47 -12.62
N GLY A 6 -7.81 19.21 -13.00
CA GLY A 6 -8.38 18.73 -14.24
C GLY A 6 -7.38 17.97 -15.09
N VAL A 7 -7.53 16.65 -15.12
CA VAL A 7 -6.62 15.80 -15.90
C VAL A 7 -6.58 16.24 -17.36
N HIS A 8 -5.39 16.61 -17.83
CA HIS A 8 -5.22 17.05 -19.21
C HIS A 8 -3.75 17.34 -19.51
N ASP A 9 -3.13 16.48 -20.30
CA ASP A 9 -1.72 16.63 -20.66
C ASP A 9 -1.50 17.95 -21.40
N SER A 10 -0.24 18.29 -21.64
CA SER A 10 0.10 19.52 -22.33
C SER A 10 1.55 19.49 -22.81
N ASN A 11 2.00 20.61 -23.38
CA ASN A 11 3.38 20.71 -23.87
C ASN A 11 4.17 21.72 -23.06
N SER A 12 3.93 21.75 -21.75
CA SER A 12 4.63 22.67 -20.87
C SER A 12 4.33 24.11 -21.24
N ASN A 13 3.05 24.44 -21.35
CA ASN A 13 2.63 25.79 -21.70
C ASN A 13 3.16 26.81 -20.70
N PRO A 14 2.76 26.67 -19.42
CA PRO A 14 3.20 27.58 -18.36
C PRO A 14 4.65 27.34 -17.94
N ASP A 15 5.05 27.94 -16.82
CA ASP A 15 6.41 27.79 -16.32
C ASP A 15 6.56 26.45 -15.59
N THR A 16 6.36 25.36 -16.32
CA THR A 16 6.48 24.03 -15.75
C THR A 16 7.93 23.72 -15.36
N HIS A 17 8.87 24.33 -16.08
CA HIS A 17 10.29 24.12 -15.81
C HIS A 17 10.63 24.49 -14.37
N SER A 18 10.24 25.69 -13.96
CA SER A 18 10.50 26.16 -12.61
C SER A 18 9.77 25.31 -11.57
N LEU A 19 8.58 24.84 -11.94
CA LEU A 19 7.78 24.01 -11.04
C LEU A 19 8.55 22.75 -10.63
N ALA A 20 9.30 22.20 -11.57
CA ALA A 20 10.09 21.00 -11.31
C ALA A 20 11.27 21.30 -10.41
N ARG A 21 11.82 22.51 -10.55
CA ARG A 21 12.96 22.93 -9.74
C ARG A 21 12.61 22.90 -8.25
N PHE A 22 11.42 23.40 -7.92
CA PHE A 22 10.96 23.43 -6.54
C PHE A 22 10.82 22.01 -5.99
N ALA A 23 10.35 21.11 -6.83
CA ALA A 23 10.15 19.72 -6.43
C ALA A 23 11.48 19.05 -6.10
N VAL A 24 12.42 19.11 -7.04
CA VAL A 24 13.73 18.50 -6.85
C VAL A 24 14.45 19.12 -5.66
N ASP A 25 14.20 20.40 -5.43
CA ASP A 25 14.83 21.12 -4.32
C ASP A 25 14.48 20.51 -2.97
N GLN A 26 13.20 20.17 -2.78
CA GLN A 26 12.75 19.60 -1.51
C GLN A 26 13.31 18.19 -1.30
N HIS A 27 13.48 17.45 -2.39
CA HIS A 27 14.01 16.09 -2.31
C HIS A 27 15.51 16.09 -2.09
N ASN A 28 16.23 16.85 -2.91
CA ASN A 28 17.68 16.93 -2.81
C ASN A 28 18.13 17.46 -1.46
N THR A 29 17.37 18.41 -0.92
CA THR A 29 17.70 19.02 0.37
C THR A 29 17.33 18.11 1.54
N LYS A 30 16.32 17.25 1.36
CA LYS A 30 15.89 16.38 2.45
C LYS A 30 16.60 15.03 2.48
N GLU A 31 16.59 14.30 1.36
CA GLU A 31 17.24 12.99 1.32
C GLU A 31 18.08 12.76 0.05
N ASN A 32 17.78 13.48 -1.01
CA ASN A 32 18.51 13.32 -2.26
C ASN A 32 19.73 14.23 -2.31
N GLY A 33 20.34 14.34 -3.49
CA GLY A 33 21.52 15.16 -3.65
C GLY A 33 22.36 14.76 -4.85
N LEU A 34 21.70 14.34 -5.93
CA LEU A 34 22.40 13.93 -7.13
C LEU A 34 21.48 14.01 -8.35
N LEU A 35 20.51 14.90 -8.28
CA LEU A 35 19.55 15.09 -9.35
C LEU A 35 19.54 16.53 -9.83
N GLU A 36 19.74 16.72 -11.12
CA GLU A 36 19.75 18.07 -11.70
C GLU A 36 18.76 18.17 -12.85
N LEU A 37 18.23 19.37 -13.05
CA LEU A 37 17.27 19.61 -14.10
C LEU A 37 17.95 20.04 -15.39
N VAL A 38 17.75 19.27 -16.45
CA VAL A 38 18.37 19.55 -17.74
C VAL A 38 17.40 20.29 -18.66
N ARG A 39 16.27 19.67 -18.97
CA ARG A 39 15.27 20.28 -19.85
C ARG A 39 13.91 19.62 -19.68
N VAL A 40 12.89 20.45 -19.46
CA VAL A 40 11.52 19.95 -19.29
C VAL A 40 11.14 18.96 -20.38
N VAL A 41 10.20 18.07 -20.07
CA VAL A 41 9.73 17.06 -21.01
C VAL A 41 8.28 17.32 -21.39
N GLU A 42 7.38 17.18 -20.43
CA GLU A 42 5.95 17.40 -20.65
C GLU A 42 5.25 17.82 -19.37
N ALA A 43 3.97 18.12 -19.49
CA ALA A 43 3.17 18.54 -18.34
C ALA A 43 1.82 17.84 -18.33
N ARG A 44 1.63 16.98 -17.33
CA ARG A 44 0.38 16.24 -17.19
C ARG A 44 -0.37 16.68 -15.94
N GLU A 45 -1.59 17.19 -16.14
CA GLU A 45 -2.41 17.64 -15.02
C GLU A 45 -3.30 16.51 -14.50
N GLN A 46 -3.82 16.70 -13.29
CA GLN A 46 -4.67 15.70 -12.67
C GLN A 46 -5.32 16.26 -11.41
N VAL A 47 -6.54 15.82 -11.13
CA VAL A 47 -7.26 16.28 -9.95
C VAL A 47 -7.26 15.22 -8.86
N VAL A 48 -6.55 15.50 -7.76
CA VAL A 48 -6.47 14.58 -6.65
C VAL A 48 -6.84 15.28 -5.34
N ALA A 49 -7.95 14.86 -4.73
CA ALA A 49 -8.40 15.45 -3.47
C ALA A 49 -8.32 16.98 -3.54
N GLY A 50 -8.51 17.51 -4.74
CA GLY A 50 -8.42 18.94 -4.94
C GLY A 50 -7.71 19.29 -6.24
N THR A 51 -6.39 19.26 -6.21
CA THR A 51 -5.58 19.55 -7.38
C THR A 51 -4.26 18.80 -7.32
N LEU A 52 -3.84 18.26 -8.47
CA LEU A 52 -2.59 17.53 -8.55
C LEU A 52 -1.79 17.95 -9.79
N HIS A 53 -0.56 18.40 -9.57
CA HIS A 53 0.30 18.84 -10.65
C HIS A 53 1.37 17.80 -10.97
N HIS A 54 1.27 17.19 -12.14
CA HIS A 54 2.22 16.18 -12.58
C HIS A 54 3.08 16.72 -13.72
N LEU A 55 4.34 17.01 -13.43
CA LEU A 55 5.25 17.54 -14.43
C LEU A 55 6.41 16.59 -14.70
N VAL A 56 6.80 16.48 -15.97
CA VAL A 56 7.90 15.62 -16.37
C VAL A 56 9.03 16.45 -16.96
N LEU A 57 10.24 16.13 -16.59
CA LEU A 57 11.40 16.87 -17.07
C LEU A 57 12.63 15.97 -17.17
N GLU A 58 13.54 16.33 -18.06
CA GLU A 58 14.78 15.57 -18.25
C GLU A 58 15.83 16.04 -17.25
N VAL A 59 16.20 15.15 -16.33
CA VAL A 59 17.19 15.47 -15.30
C VAL A 59 18.46 14.64 -15.46
N LEU A 60 19.53 15.13 -14.87
CA LEU A 60 20.80 14.45 -14.91
C LEU A 60 21.14 13.87 -13.54
N ASP A 61 21.31 12.56 -13.49
CA ASP A 61 21.63 11.86 -12.26
C ASP A 61 23.06 11.33 -12.29
N ALA A 62 23.93 11.96 -11.51
CA ALA A 62 25.33 11.56 -11.44
C ALA A 62 26.00 11.61 -12.81
N GLY A 63 25.40 12.34 -13.74
CA GLY A 63 25.96 12.47 -15.08
C GLY A 63 25.20 11.66 -16.12
N LYS A 64 23.98 11.25 -15.79
CA LYS A 64 23.17 10.47 -16.72
C LYS A 64 21.76 11.05 -16.82
N LYS A 65 21.39 11.45 -18.02
CA LYS A 65 20.08 12.02 -18.26
C LYS A 65 18.99 10.99 -18.07
N LYS A 66 17.86 11.47 -17.60
CA LYS A 66 16.71 10.61 -17.37
C LYS A 66 15.47 11.45 -17.13
N LEU A 67 14.33 11.00 -17.65
CA LEU A 67 13.07 11.73 -17.46
C LEU A 67 12.40 11.32 -16.16
N TYR A 68 12.01 12.32 -15.37
CA TYR A 68 11.36 12.07 -14.09
C TYR A 68 10.06 12.86 -13.98
N GLU A 69 9.12 12.33 -13.19
CA GLU A 69 7.83 12.99 -13.00
C GLU A 69 7.67 13.45 -11.55
N ALA A 70 7.18 14.67 -11.38
CA ALA A 70 6.96 15.23 -10.04
C ALA A 70 5.49 15.53 -9.80
N LYS A 71 5.00 15.15 -8.62
CA LYS A 71 3.60 15.38 -8.28
C LYS A 71 3.47 16.39 -7.15
N ILE A 72 2.59 17.36 -7.34
CA ILE A 72 2.36 18.41 -6.34
C ILE A 72 0.89 18.45 -5.93
N TRP A 73 0.65 18.40 -4.62
CA TRP A 73 -0.71 18.43 -4.10
C TRP A 73 -1.11 19.84 -3.68
N VAL A 74 -2.13 20.37 -4.34
CA VAL A 74 -2.63 21.71 -4.03
C VAL A 74 -4.14 21.69 -3.84
N LYS A 75 -4.64 22.66 -3.07
CA LYS A 75 -6.08 22.75 -2.80
C LYS A 75 -6.57 24.19 -2.97
N PRO A 76 -7.83 24.36 -3.40
CA PRO A 76 -8.42 25.68 -3.61
C PRO A 76 -8.71 26.40 -2.29
N TRP A 77 -9.27 25.67 -1.34
CA TRP A 77 -9.59 26.23 -0.03
C TRP A 77 -8.33 26.75 0.66
N MET A 78 -7.34 25.87 0.80
CA MET A 78 -6.09 26.24 1.45
C MET A 78 -5.39 27.35 0.68
N ASP A 79 -5.58 27.36 -0.63
CA ASP A 79 -4.96 28.38 -1.49
C ASP A 79 -3.44 28.32 -1.39
N PHE A 80 -2.91 27.13 -1.15
CA PHE A 80 -1.47 26.94 -1.05
C PHE A 80 -1.04 25.61 -1.63
N LYS A 81 -0.10 25.66 -2.58
CA LYS A 81 0.39 24.45 -3.22
C LYS A 81 1.49 23.80 -2.38
N GLN A 82 1.72 22.52 -2.61
CA GLN A 82 2.75 21.78 -1.88
C GLN A 82 3.23 20.56 -2.67
N LEU A 83 4.49 20.59 -3.06
CA LEU A 83 5.08 19.49 -3.82
C LEU A 83 5.27 18.25 -2.94
N GLN A 84 4.84 17.10 -3.44
CA GLN A 84 4.96 15.85 -2.69
C GLN A 84 6.29 15.17 -2.97
N GLU A 85 6.43 14.64 -4.17
CA GLU A 85 7.65 13.94 -4.57
C GLU A 85 7.59 13.53 -6.03
N PHE A 86 8.75 13.19 -6.60
CA PHE A 86 8.82 12.77 -7.99
C PHE A 86 9.31 11.33 -8.12
N LYS A 87 8.84 10.64 -9.15
CA LYS A 87 9.22 9.25 -9.38
C LYS A 87 10.02 9.13 -10.68
N HIS A 88 10.95 8.18 -10.70
CA HIS A 88 11.79 7.97 -11.88
C HIS A 88 11.00 7.26 -12.99
N VAL A 89 10.90 7.92 -14.14
CA VAL A 89 10.17 7.36 -15.27
C VAL A 89 11.08 7.26 -16.50
N ARG A 90 10.56 6.62 -17.56
CA ARG A 90 11.32 6.46 -18.79
C ARG A 90 10.72 7.30 -19.91
N ASP A 91 11.20 7.07 -21.13
CA ASP A 91 10.72 7.80 -22.29
C ASP A 91 9.24 7.57 -22.51
N VAL A 92 8.78 6.35 -22.18
CA VAL A 92 7.37 5.99 -22.34
C VAL A 92 6.47 6.96 -21.60
N PRO A 93 5.19 7.04 -22.00
CA PRO A 93 4.22 7.93 -21.37
C PRO A 93 3.87 7.50 -19.94
N SER A 94 3.99 6.20 -19.68
CA SER A 94 3.69 5.66 -18.37
C SER A 94 4.94 5.62 -17.50
N PHE A 95 4.80 5.07 -16.30
CA PHE A 95 5.92 4.97 -15.37
C PHE A 95 6.92 3.91 -15.83
N THR A 96 7.73 4.25 -16.83
CA THR A 96 8.73 3.35 -17.38
C THR A 96 8.15 1.95 -17.60
N SER A 97 9.02 0.98 -17.85
CA SER A 97 8.60 -0.39 -18.09
C SER A 97 8.27 -1.08 -16.77
N SER A 98 9.00 -0.74 -15.72
CA SER A 98 8.79 -1.32 -14.40
C SER A 98 7.45 -0.86 -13.82
N ASP A 99 7.25 -1.14 -12.54
CA ASP A 99 6.03 -0.76 -11.86
C ASP A 99 6.32 0.09 -10.62
N LEU A 100 5.94 1.37 -10.68
CA LEU A 100 6.17 2.28 -9.56
C LEU A 100 4.99 2.24 -8.58
N GLY A 101 3.90 2.88 -8.97
CA GLY A 101 2.72 2.91 -8.11
C GLY A 101 2.78 4.04 -7.10
N ALA A 102 3.84 4.07 -6.31
CA ALA A 102 4.00 5.10 -5.30
C ALA A 102 2.89 5.03 -4.26
N LYS A 103 2.48 3.82 -3.92
CA LYS A 103 1.42 3.62 -2.94
C LYS A 103 1.93 2.82 -1.74
N THR A 104 1.00 2.39 -0.89
CA THR A 104 1.36 1.61 0.30
C THR A 104 0.48 0.37 0.42
N ASP A 105 1.12 -0.78 0.54
CA ASP A 105 0.39 -2.04 0.67
C ASP A 105 1.35 -3.21 0.88
N ASP A 106 0.80 -4.38 1.19
CA ASP A 106 1.61 -5.57 1.41
C ASP A 106 0.75 -6.83 1.39
N GLN A 107 1.39 -7.99 1.53
CA GLN A 107 0.68 -9.26 1.52
C GLN A 107 0.58 -9.83 2.93
N VAL A 108 -0.09 -10.97 3.05
CA VAL A 108 -0.25 -11.63 4.35
C VAL A 108 0.19 -13.08 4.29
N SER A 109 0.46 -13.66 5.46
CA SER A 109 0.90 -15.05 5.54
C SER A 109 1.14 -15.46 6.99
N GLY A 110 0.41 -16.48 7.44
CA GLY A 110 0.56 -16.94 8.81
C GLY A 110 -0.42 -18.05 9.16
N TRP A 111 -0.83 -18.09 10.41
CA TRP A 111 -1.78 -19.11 10.86
C TRP A 111 -3.21 -18.57 10.87
N ARG A 112 -3.93 -18.83 9.78
CA ARG A 112 -5.31 -18.36 9.65
C ARG A 112 -6.13 -19.32 8.79
N PRO A 113 -7.46 -19.32 8.96
CA PRO A 113 -8.36 -20.19 8.20
C PRO A 113 -8.40 -19.82 6.71
N VAL A 114 -9.40 -20.34 6.00
CA VAL A 114 -9.56 -20.08 4.58
C VAL A 114 -11.03 -20.02 4.19
N PRO A 115 -11.35 -19.31 3.10
CA PRO A 115 -12.73 -19.18 2.61
C PRO A 115 -13.30 -20.52 2.15
N VAL A 116 -14.43 -20.46 1.46
CA VAL A 116 -15.07 -21.66 0.95
C VAL A 116 -15.51 -21.49 -0.50
N HIS A 117 -15.34 -22.54 -1.30
CA HIS A 117 -15.71 -22.51 -2.71
C HIS A 117 -14.68 -21.73 -3.53
N ASP A 118 -13.62 -21.26 -2.88
CA ASP A 118 -12.58 -20.50 -3.56
C ASP A 118 -11.73 -21.42 -4.44
N PRO A 119 -10.90 -20.84 -5.32
CA PRO A 119 -10.04 -21.62 -6.22
C PRO A 119 -8.95 -22.38 -5.46
N VAL A 120 -8.59 -21.87 -4.29
CA VAL A 120 -7.56 -22.50 -3.47
C VAL A 120 -8.15 -23.63 -2.63
N VAL A 121 -9.32 -23.39 -2.05
CA VAL A 121 -10.00 -24.39 -1.22
C VAL A 121 -10.58 -25.51 -2.08
N GLN A 122 -11.40 -25.14 -3.05
CA GLN A 122 -12.02 -26.13 -3.93
C GLN A 122 -10.96 -26.99 -4.61
N ASP A 123 -9.80 -26.42 -4.85
CA ASP A 123 -8.70 -27.14 -5.48
C ASP A 123 -8.12 -28.19 -4.54
N ALA A 124 -7.77 -27.76 -3.34
CA ALA A 124 -7.21 -28.65 -2.33
C ALA A 124 -8.23 -29.70 -1.90
N ALA A 125 -9.48 -29.26 -1.75
CA ALA A 125 -10.57 -30.15 -1.34
C ALA A 125 -10.71 -31.30 -2.33
N HIS A 126 -11.01 -30.96 -3.58
CA HIS A 126 -11.19 -31.97 -4.63
C HIS A 126 -9.94 -32.85 -4.74
N HIS A 127 -8.78 -32.22 -4.76
CA HIS A 127 -7.51 -32.94 -4.86
C HIS A 127 -7.38 -33.94 -3.71
N ALA A 128 -7.89 -33.55 -2.54
CA ALA A 128 -7.83 -34.41 -1.36
C ALA A 128 -8.78 -35.59 -1.50
N ILE A 129 -10.00 -35.32 -1.98
CA ILE A 129 -11.00 -36.37 -2.17
C ILE A 129 -10.47 -37.49 -3.05
N LYS A 130 -9.95 -37.13 -4.22
CA LYS A 130 -9.41 -38.12 -5.15
C LYS A 130 -8.20 -38.83 -4.56
N THR A 131 -7.37 -38.07 -3.84
CA THR A 131 -6.17 -38.63 -3.23
C THR A 131 -6.52 -39.61 -2.11
N ILE A 132 -7.39 -39.17 -1.20
CA ILE A 132 -7.81 -40.02 -0.08
C ILE A 132 -8.32 -41.37 -0.58
N GLN A 133 -9.29 -41.34 -1.48
CA GLN A 133 -9.86 -42.57 -2.03
C GLN A 133 -8.81 -43.33 -2.83
N GLU A 134 -7.89 -42.60 -3.44
CA GLU A 134 -6.83 -43.21 -4.24
C GLU A 134 -5.74 -43.81 -3.35
N ARG A 135 -5.60 -43.26 -2.14
CA ARG A 135 -4.59 -43.73 -1.20
C ARG A 135 -4.80 -45.21 -0.88
N SER A 136 -6.01 -45.70 -1.10
CA SER A 136 -6.34 -47.10 -0.84
C SER A 136 -6.26 -47.92 -2.12
N ASN A 137 -6.74 -47.35 -3.22
CA ASN A 137 -6.72 -48.02 -4.51
C ASN A 137 -7.29 -47.12 -5.60
N SER A 138 -7.06 -47.50 -6.85
CA SER A 138 -7.56 -46.73 -7.98
C SER A 138 -9.08 -46.82 -8.08
N LEU A 139 -9.76 -45.71 -7.79
CA LEU A 139 -11.21 -45.67 -7.83
C LEU A 139 -11.72 -44.24 -7.72
N PHE A 140 -13.00 -44.04 -8.02
CA PHE A 140 -13.62 -42.72 -7.94
C PHE A 140 -15.10 -42.83 -7.62
N PRO A 141 -15.44 -43.36 -6.42
CA PRO A 141 -16.83 -43.52 -6.00
C PRO A 141 -17.59 -42.20 -5.96
N TYR A 142 -17.15 -41.29 -5.09
CA TYR A 142 -17.79 -39.99 -4.96
C TYR A 142 -16.78 -38.86 -5.12
N GLU A 143 -17.27 -37.63 -5.11
CA GLU A 143 -16.41 -36.45 -5.26
C GLU A 143 -16.89 -35.31 -4.39
N LEU A 144 -16.29 -34.14 -4.56
CA LEU A 144 -16.66 -32.96 -3.79
C LEU A 144 -18.14 -32.64 -3.97
N SER A 145 -18.78 -32.20 -2.88
CA SER A 145 -20.19 -31.87 -2.91
C SER A 145 -20.43 -30.43 -2.43
N GLU A 146 -20.18 -30.20 -1.14
CA GLU A 146 -20.36 -28.88 -0.55
C GLU A 146 -19.44 -28.69 0.65
N VAL A 147 -18.64 -27.62 0.61
CA VAL A 147 -17.71 -27.32 1.69
C VAL A 147 -18.40 -26.52 2.80
N VAL A 148 -18.29 -27.03 4.03
CA VAL A 148 -18.90 -26.36 5.17
C VAL A 148 -18.02 -25.23 5.69
N HIS A 149 -16.72 -25.51 5.80
CA HIS A 149 -15.76 -24.52 6.28
C HIS A 149 -14.34 -25.06 6.21
N ALA A 150 -13.43 -24.29 5.63
CA ALA A 150 -12.04 -24.69 5.49
C ALA A 150 -11.12 -23.73 6.23
N ASN A 151 -10.00 -24.24 6.72
CA ASN A 151 -9.03 -23.43 7.45
C ASN A 151 -7.61 -23.89 7.18
N ALA A 152 -6.70 -22.93 6.99
CA ALA A 152 -5.31 -23.24 6.72
C ALA A 152 -4.44 -23.06 7.95
N GLU A 153 -3.34 -23.79 8.01
CA GLU A 153 -2.42 -23.71 9.14
C GLU A 153 -0.98 -23.86 8.68
N VAL A 154 -0.07 -23.15 9.33
CA VAL A 154 1.35 -23.21 8.98
C VAL A 154 2.10 -24.19 9.87
N VAL A 155 2.62 -25.24 9.27
CA VAL A 155 3.36 -26.25 10.01
C VAL A 155 4.84 -25.87 10.14
N ASP A 156 5.63 -26.72 10.76
CA ASP A 156 7.06 -26.44 10.95
C ASP A 156 7.74 -26.07 9.63
N THR A 157 7.31 -26.68 8.54
CA THR A 157 7.88 -26.41 7.23
C THR A 157 6.79 -26.17 6.18
N SER A 158 5.92 -27.16 6.00
CA SER A 158 4.84 -27.06 5.02
C SER A 158 3.64 -26.31 5.60
N ALA A 159 2.47 -26.49 5.00
CA ALA A 159 1.26 -25.83 5.45
C ALA A 159 0.09 -26.81 5.53
N LYS A 160 -0.44 -27.00 6.73
CA LYS A 160 -1.55 -27.92 6.94
C LYS A 160 -2.87 -27.29 6.47
N PHE A 161 -3.83 -28.15 6.13
CA PHE A 161 -5.13 -27.71 5.67
C PHE A 161 -6.25 -28.49 6.34
N ASP A 162 -6.93 -27.87 7.28
CA ASP A 162 -8.03 -28.52 8.00
C ASP A 162 -9.38 -28.04 7.48
N MET A 163 -9.99 -28.82 6.60
CA MET A 163 -11.29 -28.47 6.03
C MET A 163 -12.33 -29.52 6.35
N LEU A 164 -13.59 -29.20 6.06
CA LEU A 164 -14.70 -30.12 6.31
C LEU A 164 -15.78 -29.95 5.25
N LEU A 165 -16.07 -31.03 4.53
CA LEU A 165 -17.09 -31.00 3.49
C LEU A 165 -17.88 -32.30 3.45
N LYS A 166 -18.97 -32.30 2.71
CA LYS A 166 -19.81 -33.49 2.58
C LYS A 166 -19.66 -34.12 1.20
N VAL A 167 -19.67 -35.46 1.16
CA VAL A 167 -19.54 -36.18 -0.10
C VAL A 167 -20.84 -36.89 -0.47
N LYS A 168 -21.20 -36.83 -1.74
CA LYS A 168 -22.41 -37.47 -2.22
C LYS A 168 -22.09 -38.74 -3.00
N ARG A 169 -23.02 -39.71 -2.97
CA ARG A 169 -22.83 -40.97 -3.67
C ARG A 169 -24.17 -41.67 -3.90
N GLY A 170 -24.77 -41.41 -5.04
CA GLY A 170 -26.05 -42.02 -5.36
C GLY A 170 -27.20 -41.39 -4.60
N GLY A 171 -27.00 -40.18 -4.11
CA GLY A 171 -28.04 -39.48 -3.38
C GLY A 171 -27.87 -39.60 -1.88
N LYS A 172 -26.64 -39.80 -1.42
CA LYS A 172 -26.36 -39.93 0.00
C LYS A 172 -25.79 -38.63 0.56
N GLU A 173 -25.55 -38.61 1.86
CA GLU A 173 -25.00 -37.43 2.52
C GLU A 173 -24.18 -37.82 3.75
N GLU A 174 -22.89 -37.51 3.71
CA GLU A 174 -21.99 -37.82 4.83
C GLU A 174 -20.82 -36.86 4.87
N LYS A 175 -20.64 -36.23 6.04
CA LYS A 175 -19.55 -35.27 6.22
C LYS A 175 -18.29 -35.99 6.71
N TYR A 176 -17.15 -35.33 6.54
CA TYR A 176 -15.87 -35.91 6.96
C TYR A 176 -14.77 -34.85 6.99
N LYS A 177 -13.77 -35.08 7.84
CA LYS A 177 -12.65 -34.14 7.97
C LYS A 177 -11.57 -34.45 6.93
N VAL A 178 -10.75 -33.46 6.63
CA VAL A 178 -9.67 -33.64 5.66
C VAL A 178 -8.42 -32.88 6.08
N GLU A 179 -7.28 -33.54 5.99
CA GLU A 179 -6.01 -32.93 6.36
C GLU A 179 -4.97 -33.08 5.25
N VAL A 180 -4.66 -31.98 4.57
CA VAL A 180 -3.70 -31.99 3.48
C VAL A 180 -2.62 -30.93 3.70
N HIS A 181 -1.42 -31.22 3.22
CA HIS A 181 -0.30 -30.29 3.35
C HIS A 181 -0.09 -29.49 2.07
N LYS A 182 0.43 -28.28 2.21
CA LYS A 182 0.69 -27.43 1.06
C LYS A 182 2.18 -27.33 0.77
N SER A 183 2.56 -27.69 -0.46
CA SER A 183 3.96 -27.65 -0.86
C SER A 183 4.16 -26.67 -2.02
N THR A 184 4.79 -25.53 -1.73
CA THR A 184 5.05 -24.51 -2.75
C THR A 184 6.19 -24.93 -3.66
N GLU A 185 7.20 -25.56 -3.07
CA GLU A 185 8.36 -26.02 -3.84
C GLU A 185 7.95 -27.02 -4.91
N GLU A 186 6.99 -27.87 -4.57
CA GLU A 186 6.50 -28.87 -5.51
C GLU A 186 5.28 -28.37 -6.28
N GLY A 187 4.38 -27.70 -5.56
CA GLY A 187 3.18 -27.17 -6.19
C GLY A 187 1.98 -28.08 -6.02
N GLY A 188 2.25 -29.39 -5.89
CA GLY A 188 1.18 -30.34 -5.73
C GLY A 188 0.86 -30.61 -4.26
N PHE A 189 -0.42 -30.84 -3.97
CA PHE A 189 -0.86 -31.11 -2.61
C PHE A 189 -0.43 -32.50 -2.17
N ASN A 190 -0.30 -32.68 -0.86
CA ASN A 190 0.11 -33.96 -0.29
C ASN A 190 -0.77 -34.34 0.89
N LEU A 191 -1.89 -35.00 0.60
CA LEU A 191 -2.83 -35.42 1.64
C LEU A 191 -2.11 -36.14 2.77
N LYS A 192 -2.25 -35.61 3.99
CA LYS A 192 -1.61 -36.21 5.16
C LYS A 192 -2.50 -37.30 5.75
N LYS A 193 -3.61 -36.89 6.36
CA LYS A 193 -4.54 -37.83 6.96
C LYS A 193 -5.98 -37.44 6.66
N VAL A 194 -6.92 -38.30 7.06
CA VAL A 194 -8.34 -38.06 6.83
C VAL A 194 -9.18 -38.57 7.99
N ASP A 195 -10.27 -37.87 8.28
CA ASP A 195 -11.16 -38.27 9.37
C ASP A 195 -12.62 -38.15 8.95
N LEU A 196 -13.49 -38.81 9.69
CA LEU A 196 -14.93 -38.78 9.39
C LEU A 196 -15.67 -37.88 10.38
N ASP A 197 -16.80 -37.33 9.95
CA ASP A 197 -17.58 -36.45 10.80
C ASP A 197 -19.04 -36.92 10.87
N HIS A 198 -19.32 -37.81 11.83
CA HIS A 198 -20.66 -38.34 12.00
C HIS A 198 -20.79 -39.07 13.33
N SER A 199 -20.10 -38.56 14.35
CA SER A 199 -20.14 -39.17 15.67
C SER A 199 -20.36 -38.12 16.75
N MET A 1 -1.93 29.82 -2.45
CA MET A 1 -3.36 30.18 -2.68
C MET A 1 -3.79 29.81 -4.10
N ALA A 2 -2.85 29.84 -5.04
CA ALA A 2 -3.13 29.50 -6.43
C ALA A 2 -3.26 27.99 -6.60
N THR A 3 -4.15 27.58 -7.49
CA THR A 3 -4.37 26.17 -7.76
C THR A 3 -4.36 25.89 -9.26
N LEU A 4 -4.81 24.70 -9.65
CA LEU A 4 -4.84 24.31 -11.06
C LEU A 4 -5.55 22.97 -11.23
N GLY A 5 -6.88 23.01 -11.26
CA GLY A 5 -7.66 21.79 -11.42
C GLY A 5 -8.09 21.57 -12.86
N GLY A 6 -8.39 20.33 -13.20
CA GLY A 6 -8.81 20.00 -14.55
C GLY A 6 -7.78 19.21 -15.31
N VAL A 7 -7.90 17.88 -15.28
CA VAL A 7 -6.97 17.01 -15.97
C VAL A 7 -6.83 17.39 -17.45
N HIS A 8 -5.59 17.60 -17.88
CA HIS A 8 -5.32 17.98 -19.26
C HIS A 8 -3.82 18.16 -19.50
N ASP A 9 -3.26 17.35 -20.39
CA ASP A 9 -1.84 17.44 -20.71
C ASP A 9 -1.47 18.81 -21.24
N SER A 10 -0.21 19.00 -21.59
CA SER A 10 0.26 20.27 -22.12
C SER A 10 1.74 20.19 -22.51
N ASN A 11 2.32 21.34 -22.81
CA ASN A 11 3.72 21.41 -23.20
C ASN A 11 4.44 22.57 -22.50
N SER A 12 4.30 22.64 -21.18
CA SER A 12 4.92 23.69 -20.40
C SER A 12 4.38 25.05 -20.80
N ASN A 13 3.07 25.20 -20.73
CA ASN A 13 2.41 26.46 -21.10
C ASN A 13 2.57 27.50 -19.98
N PRO A 14 2.21 27.13 -18.74
CA PRO A 14 2.31 28.03 -17.59
C PRO A 14 3.69 28.04 -16.94
N ASP A 15 4.72 27.79 -17.73
CA ASP A 15 6.09 27.75 -17.24
C ASP A 15 6.28 26.59 -16.28
N THR A 16 6.14 25.37 -16.80
CA THR A 16 6.30 24.16 -15.98
C THR A 16 7.77 23.91 -15.68
N HIS A 17 8.65 24.38 -16.56
CA HIS A 17 10.09 24.19 -16.39
C HIS A 17 10.54 24.64 -14.99
N SER A 18 9.90 25.68 -14.47
CA SER A 18 10.25 26.21 -13.15
C SER A 18 9.67 25.33 -12.04
N LEU A 19 8.47 24.79 -12.27
CA LEU A 19 7.82 23.94 -11.28
C LEU A 19 8.72 22.79 -10.86
N ALA A 20 9.32 22.11 -11.84
CA ALA A 20 10.19 20.98 -11.58
C ALA A 20 11.36 21.38 -10.68
N ARG A 21 11.85 22.62 -10.87
CA ARG A 21 12.95 23.13 -10.08
C ARG A 21 12.64 23.10 -8.59
N PHE A 22 11.42 23.53 -8.25
CA PHE A 22 10.98 23.57 -6.86
C PHE A 22 10.92 22.16 -6.26
N ALA A 23 10.37 21.23 -7.01
CA ALA A 23 10.24 19.85 -6.55
C ALA A 23 11.61 19.23 -6.28
N VAL A 24 12.49 19.27 -7.26
CA VAL A 24 13.83 18.71 -7.12
C VAL A 24 14.58 19.37 -5.96
N ASP A 25 14.57 20.70 -5.94
CA ASP A 25 15.24 21.45 -4.90
C ASP A 25 14.70 21.09 -3.52
N GLN A 26 13.47 20.60 -3.47
CA GLN A 26 12.84 20.23 -2.21
C GLN A 26 13.44 18.93 -1.67
N HIS A 27 13.50 17.91 -2.50
CA HIS A 27 14.05 16.63 -2.10
C HIS A 27 15.57 16.69 -2.01
N ASN A 28 16.17 17.43 -2.94
CA ASN A 28 17.62 17.58 -2.97
C ASN A 28 18.14 18.25 -1.70
N THR A 29 17.38 19.20 -1.19
CA THR A 29 17.77 19.92 0.01
C THR A 29 17.56 19.11 1.29
N LYS A 30 16.60 18.20 1.27
CA LYS A 30 16.31 17.41 2.48
C LYS A 30 17.08 16.10 2.54
N GLU A 31 17.00 15.26 1.50
CA GLU A 31 17.70 13.98 1.52
C GLU A 31 18.41 13.67 0.20
N ASN A 32 17.96 14.27 -0.89
CA ASN A 32 18.57 14.02 -2.19
C ASN A 32 19.77 14.92 -2.43
N GLY A 33 20.35 14.83 -3.63
CA GLY A 33 21.51 15.64 -3.96
C GLY A 33 22.32 15.07 -5.11
N LEU A 34 21.62 14.50 -6.09
CA LEU A 34 22.29 13.91 -7.25
C LEU A 34 21.38 13.93 -8.48
N LEU A 35 20.41 14.82 -8.46
CA LEU A 35 19.46 14.94 -9.57
C LEU A 35 19.48 16.34 -10.15
N GLU A 36 19.72 16.44 -11.45
CA GLU A 36 19.76 17.73 -12.13
C GLU A 36 18.77 17.78 -13.29
N LEU A 37 18.31 18.98 -13.59
CA LEU A 37 17.36 19.17 -14.68
C LEU A 37 18.07 19.39 -16.01
N VAL A 38 17.76 18.54 -16.98
CA VAL A 38 18.38 18.62 -18.30
C VAL A 38 17.46 19.32 -19.30
N ARG A 39 16.27 18.76 -19.49
CA ARG A 39 15.31 19.33 -20.43
C ARG A 39 13.90 18.81 -20.15
N VAL A 40 12.93 19.73 -20.02
CA VAL A 40 11.55 19.36 -19.76
C VAL A 40 11.05 18.32 -20.74
N VAL A 41 10.09 17.51 -20.29
CA VAL A 41 9.52 16.46 -21.13
C VAL A 41 8.08 16.79 -21.52
N GLU A 42 7.21 16.84 -20.51
CA GLU A 42 5.80 17.14 -20.75
C GLU A 42 5.14 17.71 -19.50
N ALA A 43 3.87 18.10 -19.64
CA ALA A 43 3.12 18.65 -18.52
C ALA A 43 1.72 18.05 -18.46
N ARG A 44 1.46 17.29 -17.42
CA ARG A 44 0.17 16.65 -17.23
C ARG A 44 -0.50 17.10 -15.94
N GLU A 45 -1.82 17.14 -15.93
CA GLU A 45 -2.56 17.56 -14.75
C GLU A 45 -3.76 16.63 -14.48
N GLN A 46 -4.24 16.67 -13.25
CA GLN A 46 -5.38 15.85 -12.85
C GLN A 46 -5.90 16.30 -11.49
N VAL A 47 -7.20 16.12 -11.28
CA VAL A 47 -7.83 16.52 -10.02
C VAL A 47 -7.76 15.41 -8.99
N VAL A 48 -6.96 15.62 -7.95
CA VAL A 48 -6.81 14.65 -6.87
C VAL A 48 -7.04 15.29 -5.52
N ALA A 49 -8.16 14.95 -4.88
CA ALA A 49 -8.50 15.50 -3.57
C ALA A 49 -8.23 17.00 -3.53
N GLY A 50 -8.39 17.64 -4.67
CA GLY A 50 -8.14 19.07 -4.77
C GLY A 50 -7.44 19.42 -6.06
N THR A 51 -6.12 19.34 -6.06
CA THR A 51 -5.33 19.64 -7.24
C THR A 51 -4.03 18.83 -7.26
N LEU A 52 -3.73 18.24 -8.42
CA LEU A 52 -2.53 17.44 -8.58
C LEU A 52 -1.68 17.96 -9.74
N HIS A 53 -0.42 18.26 -9.45
CA HIS A 53 0.50 18.76 -10.47
C HIS A 53 1.50 17.68 -10.88
N HIS A 54 1.30 17.12 -12.07
CA HIS A 54 2.18 16.08 -12.58
C HIS A 54 3.06 16.62 -13.69
N LEU A 55 4.36 16.78 -13.39
CA LEU A 55 5.31 17.28 -14.36
C LEU A 55 6.41 16.27 -14.66
N VAL A 56 6.73 16.11 -15.94
CA VAL A 56 7.77 15.17 -16.36
C VAL A 56 8.88 15.91 -17.08
N LEU A 57 10.11 15.64 -16.68
CA LEU A 57 11.27 16.29 -17.29
C LEU A 57 12.48 15.37 -17.32
N GLU A 58 13.40 15.62 -18.24
CA GLU A 58 14.61 14.82 -18.37
C GLU A 58 15.69 15.34 -17.43
N VAL A 59 16.05 14.53 -16.43
CA VAL A 59 17.06 14.92 -15.45
C VAL A 59 18.30 14.04 -15.55
N LEU A 60 19.41 14.56 -15.04
CA LEU A 60 20.66 13.85 -15.03
C LEU A 60 20.99 13.36 -13.63
N ASP A 61 21.09 12.05 -13.47
CA ASP A 61 21.40 11.44 -12.19
C ASP A 61 22.81 10.88 -12.18
N ALA A 62 23.70 11.54 -11.42
CA ALA A 62 25.08 11.11 -11.32
C ALA A 62 25.76 11.05 -12.68
N GLY A 63 25.18 11.73 -13.67
CA GLY A 63 25.76 11.74 -15.00
C GLY A 63 25.00 10.87 -15.98
N LYS A 64 23.76 10.51 -15.64
CA LYS A 64 22.93 9.69 -16.51
C LYS A 64 21.55 10.28 -16.67
N LYS A 65 21.19 10.61 -17.90
CA LYS A 65 19.90 11.19 -18.18
C LYS A 65 18.79 10.21 -17.94
N LYS A 66 17.68 10.73 -17.47
CA LYS A 66 16.51 9.93 -17.20
C LYS A 66 15.30 10.82 -16.97
N LEU A 67 14.14 10.40 -17.47
CA LEU A 67 12.92 11.18 -17.30
C LEU A 67 12.30 10.91 -15.93
N TYR A 68 12.04 11.97 -15.19
CA TYR A 68 11.44 11.86 -13.87
C TYR A 68 10.14 12.65 -13.79
N GLU A 69 9.18 12.12 -13.02
CA GLU A 69 7.90 12.78 -12.85
C GLU A 69 7.71 13.27 -11.42
N ALA A 70 7.27 14.51 -11.27
CA ALA A 70 7.06 15.09 -9.95
C ALA A 70 5.59 15.40 -9.73
N LYS A 71 5.09 15.03 -8.55
CA LYS A 71 3.69 15.26 -8.20
C LYS A 71 3.57 16.28 -7.08
N ILE A 72 2.72 17.27 -7.29
CA ILE A 72 2.49 18.31 -6.28
C ILE A 72 1.05 18.31 -5.83
N TRP A 73 0.85 18.14 -4.53
CA TRP A 73 -0.49 18.10 -3.95
C TRP A 73 -0.91 19.46 -3.42
N VAL A 74 -1.88 20.07 -4.09
CA VAL A 74 -2.38 21.37 -3.68
C VAL A 74 -3.90 21.37 -3.60
N LYS A 75 -4.46 22.27 -2.79
CA LYS A 75 -5.90 22.35 -2.61
C LYS A 75 -6.34 23.81 -2.48
N PRO A 76 -7.58 24.13 -2.91
CA PRO A 76 -8.13 25.48 -2.84
C PRO A 76 -8.40 25.93 -1.41
N TRP A 77 -8.99 25.04 -0.62
CA TRP A 77 -9.30 25.34 0.77
C TRP A 77 -8.04 25.67 1.56
N MET A 78 -6.97 24.91 1.30
CA MET A 78 -5.70 25.11 1.98
C MET A 78 -5.07 26.43 1.56
N ASP A 79 -5.32 26.84 0.32
CA ASP A 79 -4.78 28.08 -0.21
C ASP A 79 -3.25 28.04 -0.20
N PHE A 80 -2.69 26.85 -0.37
CA PHE A 80 -1.24 26.68 -0.40
C PHE A 80 -0.86 25.36 -1.04
N LYS A 81 -0.02 25.43 -2.07
CA LYS A 81 0.44 24.23 -2.78
C LYS A 81 1.61 23.58 -2.05
N GLN A 82 1.83 22.30 -2.33
CA GLN A 82 2.93 21.57 -1.70
C GLN A 82 3.33 20.36 -2.53
N LEU A 83 4.61 20.29 -2.89
CA LEU A 83 5.13 19.19 -3.68
C LEU A 83 5.19 17.91 -2.86
N GLN A 84 4.66 16.82 -3.41
CA GLN A 84 4.66 15.54 -2.71
C GLN A 84 5.99 14.83 -2.89
N GLU A 85 6.28 14.41 -4.13
CA GLU A 85 7.53 13.71 -4.43
C GLU A 85 7.61 13.34 -5.90
N PHE A 86 8.81 13.02 -6.36
CA PHE A 86 9.02 12.65 -7.76
C PHE A 86 9.73 11.29 -7.86
N LYS A 87 9.43 10.55 -8.91
CA LYS A 87 10.03 9.24 -9.13
C LYS A 87 10.52 9.10 -10.56
N HIS A 88 11.55 8.27 -10.75
CA HIS A 88 12.11 8.05 -12.07
C HIS A 88 11.15 7.27 -12.95
N VAL A 89 10.89 7.79 -14.15
CA VAL A 89 9.99 7.14 -15.10
C VAL A 89 10.70 6.80 -16.40
N ARG A 90 9.95 6.22 -17.33
CA ARG A 90 10.52 5.84 -18.62
C ARG A 90 10.52 7.02 -19.59
N ASP A 91 10.94 6.77 -20.83
CA ASP A 91 10.99 7.81 -21.85
C ASP A 91 9.60 8.36 -22.14
N VAL A 92 8.58 7.54 -21.91
CA VAL A 92 7.19 7.95 -22.14
C VAL A 92 6.51 8.37 -20.85
N PRO A 93 5.45 9.19 -20.95
CA PRO A 93 4.71 9.66 -19.79
C PRO A 93 3.82 8.58 -19.18
N SER A 94 4.46 7.50 -18.72
CA SER A 94 3.72 6.39 -18.12
C SER A 94 4.41 5.93 -16.83
N PHE A 95 5.49 5.18 -16.98
CA PHE A 95 6.23 4.68 -15.83
C PHE A 95 7.47 3.91 -16.27
N THR A 96 8.54 4.03 -15.49
CA THR A 96 9.79 3.35 -15.80
C THR A 96 9.59 1.84 -15.87
N SER A 97 10.57 1.14 -16.45
CA SER A 97 10.50 -0.30 -16.58
C SER A 97 11.19 -0.99 -15.41
N SER A 98 10.88 -0.53 -14.19
CA SER A 98 11.46 -1.11 -12.99
C SER A 98 10.42 -1.26 -11.89
N ASP A 99 9.17 -1.49 -12.29
CA ASP A 99 8.08 -1.66 -11.35
C ASP A 99 7.89 -0.41 -10.51
N LEU A 100 6.76 0.27 -10.71
CA LEU A 100 6.45 1.49 -9.97
C LEU A 100 5.31 1.26 -9.00
N GLY A 101 4.10 1.07 -9.53
CA GLY A 101 2.94 0.84 -8.69
C GLY A 101 2.45 2.11 -8.02
N ALA A 102 1.21 2.49 -8.30
CA ALA A 102 0.62 3.69 -7.73
C ALA A 102 0.60 3.62 -6.20
N LYS A 103 0.58 2.40 -5.67
CA LYS A 103 0.55 2.20 -4.23
C LYS A 103 1.59 1.16 -3.82
N THR A 104 2.00 1.22 -2.54
CA THR A 104 2.99 0.28 -2.03
C THR A 104 2.55 -0.29 -0.68
N ASP A 105 2.92 -1.53 -0.43
CA ASP A 105 2.56 -2.20 0.82
C ASP A 105 3.63 -3.20 1.23
N ASP A 106 3.99 -3.18 2.52
CA ASP A 106 5.01 -4.09 3.04
C ASP A 106 4.54 -4.73 4.34
N GLN A 107 5.33 -5.66 4.86
CA GLN A 107 5.00 -6.35 6.09
C GLN A 107 5.85 -5.85 7.25
N VAL A 108 5.40 -6.14 8.46
CA VAL A 108 6.11 -5.71 9.66
C VAL A 108 5.64 -6.48 10.88
N SER A 109 6.50 -6.54 11.90
CA SER A 109 6.18 -7.25 13.13
C SER A 109 5.64 -6.29 14.20
N GLY A 110 5.50 -6.79 15.42
CA GLY A 110 5.01 -5.97 16.51
C GLY A 110 4.00 -6.69 17.36
N TRP A 111 4.03 -6.41 18.66
CA TRP A 111 3.11 -7.04 19.61
C TRP A 111 1.72 -6.44 19.50
N ARG A 112 0.90 -7.01 18.60
CA ARG A 112 -0.46 -6.52 18.40
C ARG A 112 -1.40 -7.66 18.02
N PRO A 113 -2.71 -7.49 18.26
CA PRO A 113 -3.71 -8.51 17.95
C PRO A 113 -3.88 -8.72 16.45
N VAL A 114 -4.95 -9.39 16.05
CA VAL A 114 -5.23 -9.67 14.65
C VAL A 114 -6.73 -9.65 14.37
N PRO A 115 -7.11 -9.37 13.11
CA PRO A 115 -8.53 -9.33 12.70
C PRO A 115 -9.19 -10.71 12.82
N VAL A 116 -10.37 -10.83 12.23
CA VAL A 116 -11.12 -12.09 12.27
C VAL A 116 -11.64 -12.45 10.88
N HIS A 117 -11.59 -13.74 10.56
CA HIS A 117 -12.06 -14.24 9.26
C HIS A 117 -11.06 -13.91 8.15
N ASP A 118 -9.93 -13.30 8.52
CA ASP A 118 -8.91 -12.95 7.54
C ASP A 118 -8.16 -14.18 7.07
N PRO A 119 -7.34 -14.04 6.01
CA PRO A 119 -6.56 -15.17 5.47
C PRO A 119 -5.48 -15.63 6.43
N VAL A 120 -5.04 -14.73 7.31
CA VAL A 120 -4.00 -15.05 8.28
C VAL A 120 -4.61 -15.73 9.51
N VAL A 121 -5.75 -15.23 9.96
CA VAL A 121 -6.44 -15.78 11.12
C VAL A 121 -7.09 -17.11 10.79
N GLN A 122 -7.94 -17.10 9.76
CA GLN A 122 -8.63 -18.31 9.33
C GLN A 122 -7.64 -19.44 9.04
N ASP A 123 -6.44 -19.06 8.60
CA ASP A 123 -5.41 -20.04 8.28
C ASP A 123 -4.84 -20.65 9.56
N ALA A 124 -4.39 -19.79 10.47
CA ALA A 124 -3.82 -20.24 11.74
C ALA A 124 -4.84 -21.03 12.54
N ALA A 125 -6.08 -20.53 12.59
CA ALA A 125 -7.15 -21.18 13.32
C ALA A 125 -7.36 -22.61 12.81
N HIS A 126 -7.69 -22.73 11.52
CA HIS A 126 -7.92 -24.03 10.91
C HIS A 126 -6.69 -24.93 11.06
N HIS A 127 -5.51 -24.34 10.89
CA HIS A 127 -4.26 -25.08 11.02
C HIS A 127 -4.06 -25.58 12.44
N ALA A 128 -4.46 -24.78 13.41
CA ALA A 128 -4.33 -25.15 14.82
C ALA A 128 -5.33 -26.26 15.19
N ILE A 129 -6.56 -26.11 14.73
CA ILE A 129 -7.60 -27.10 15.02
C ILE A 129 -7.17 -28.51 14.59
N LYS A 130 -6.71 -28.64 13.35
CA LYS A 130 -6.28 -29.93 12.83
C LYS A 130 -5.00 -30.40 13.52
N THR A 131 -4.10 -29.46 13.80
CA THR A 131 -2.84 -29.78 14.46
C THR A 131 -3.07 -30.26 15.89
N ILE A 132 -3.84 -29.49 16.66
CA ILE A 132 -4.12 -29.84 18.05
C ILE A 132 -4.68 -31.25 18.16
N GLN A 133 -5.72 -31.54 17.39
CA GLN A 133 -6.35 -32.86 17.41
C GLN A 133 -5.40 -33.91 16.83
N GLU A 134 -4.55 -33.48 15.90
CA GLU A 134 -3.59 -34.38 15.27
C GLU A 134 -2.40 -34.65 16.19
N ARG A 135 -2.12 -33.70 17.08
CA ARG A 135 -1.01 -33.83 18.02
C ARG A 135 -1.17 -35.07 18.89
N SER A 136 -2.40 -35.57 19.00
CA SER A 136 -2.68 -36.75 19.80
C SER A 136 -2.69 -38.00 18.93
N ASN A 137 -3.36 -37.92 17.79
CA ASN A 137 -3.46 -39.04 16.87
C ASN A 137 -4.23 -38.66 15.62
N SER A 138 -4.26 -39.56 14.64
CA SER A 138 -4.97 -39.31 13.39
C SER A 138 -6.47 -39.35 13.62
N LEU A 139 -7.10 -38.17 13.59
CA LEU A 139 -8.55 -38.07 13.80
C LEU A 139 -9.08 -36.72 13.31
N PHE A 140 -10.40 -36.60 13.27
CA PHE A 140 -11.03 -35.36 12.82
C PHE A 140 -12.34 -35.12 13.57
N PRO A 141 -12.26 -34.71 14.84
CA PRO A 141 -13.44 -34.45 15.67
C PRO A 141 -14.26 -33.26 15.15
N TYR A 142 -13.63 -32.08 15.15
CA TYR A 142 -14.31 -30.87 14.69
C TYR A 142 -13.32 -29.95 13.98
N GLU A 143 -13.84 -28.84 13.45
CA GLU A 143 -13.01 -27.88 12.73
C GLU A 143 -13.42 -26.45 13.08
N LEU A 144 -12.83 -25.48 12.39
CA LEU A 144 -13.13 -24.07 12.63
C LEU A 144 -14.59 -23.77 12.30
N SER A 145 -15.33 -23.33 13.30
CA SER A 145 -16.75 -23.01 13.12
C SER A 145 -16.94 -21.49 13.01
N GLU A 146 -16.57 -20.77 14.06
CA GLU A 146 -16.70 -19.32 14.07
C GLU A 146 -15.65 -18.68 14.97
N VAL A 147 -14.82 -17.82 14.38
CA VAL A 147 -13.77 -17.14 15.13
C VAL A 147 -14.32 -15.92 15.87
N VAL A 148 -14.12 -15.90 17.19
CA VAL A 148 -14.60 -14.80 18.01
C VAL A 148 -13.63 -13.63 17.98
N HIS A 149 -12.39 -13.88 18.42
CA HIS A 149 -11.36 -12.84 18.45
C HIS A 149 -9.97 -13.46 18.45
N ALA A 150 -9.11 -12.99 17.55
CA ALA A 150 -7.75 -13.49 17.44
C ALA A 150 -6.74 -12.38 17.68
N ASN A 151 -5.60 -12.73 18.27
CA ASN A 151 -4.55 -11.75 18.54
C ASN A 151 -3.16 -12.36 18.34
N ALA A 152 -2.26 -11.60 17.74
CA ALA A 152 -0.90 -12.07 17.50
C ALA A 152 0.08 -11.47 18.50
N GLU A 153 1.22 -12.12 18.65
CA GLU A 153 2.25 -11.66 19.57
C GLU A 153 3.65 -11.95 19.02
N VAL A 154 4.61 -11.12 19.40
CA VAL A 154 5.98 -11.29 18.94
C VAL A 154 6.85 -11.95 20.01
N VAL A 155 7.60 -12.97 19.60
CA VAL A 155 8.48 -13.68 20.52
C VAL A 155 9.94 -13.35 20.24
N ASP A 156 10.82 -13.72 21.16
CA ASP A 156 12.25 -13.46 21.00
C ASP A 156 12.76 -13.99 19.67
N THR A 157 12.08 -15.00 19.12
CA THR A 157 12.47 -15.59 17.84
C THR A 157 11.27 -15.75 16.93
N SER A 158 10.22 -16.40 17.45
CA SER A 158 9.01 -16.62 16.67
C SER A 158 7.91 -15.65 17.06
N ALA A 159 6.67 -15.98 16.71
CA ALA A 159 5.53 -15.13 17.04
C ALA A 159 4.36 -15.96 17.55
N LYS A 160 3.89 -15.64 18.75
CA LYS A 160 2.78 -16.36 19.36
C LYS A 160 1.44 -15.93 18.75
N PHE A 161 0.44 -16.79 18.88
CA PHE A 161 -0.89 -16.49 18.35
C PHE A 161 -1.97 -16.92 19.34
N ASP A 162 -2.58 -15.93 20.00
CA ASP A 162 -3.64 -16.21 20.97
C ASP A 162 -5.00 -15.88 20.39
N MET A 163 -5.78 -16.91 20.10
CA MET A 163 -7.12 -16.72 19.54
C MET A 163 -8.15 -17.56 20.28
N LEU A 164 -9.43 -17.29 20.01
CA LEU A 164 -10.51 -18.01 20.66
C LEU A 164 -11.67 -18.21 19.69
N LEU A 165 -12.02 -19.47 19.44
CA LEU A 165 -13.11 -19.79 18.53
C LEU A 165 -13.91 -20.98 19.04
N LYS A 166 -15.08 -21.20 18.44
CA LYS A 166 -15.94 -22.31 18.83
C LYS A 166 -15.90 -23.42 17.78
N VAL A 167 -15.87 -24.66 18.25
CA VAL A 167 -15.82 -25.81 17.35
C VAL A 167 -17.17 -26.52 17.30
N LYS A 168 -17.52 -27.05 16.14
CA LYS A 168 -18.78 -27.77 15.97
C LYS A 168 -18.53 -29.24 15.70
N ARG A 169 -19.42 -30.10 16.20
CA ARG A 169 -19.30 -31.53 16.02
C ARG A 169 -20.64 -32.23 16.26
N GLY A 170 -21.38 -32.46 15.17
CA GLY A 170 -22.67 -33.11 15.29
C GLY A 170 -23.74 -32.19 15.84
N GLY A 171 -23.51 -30.89 15.74
CA GLY A 171 -24.48 -29.92 16.24
C GLY A 171 -24.18 -29.46 17.66
N LYS A 172 -22.91 -29.53 18.04
CA LYS A 172 -22.50 -29.11 19.38
C LYS A 172 -21.86 -27.73 19.35
N GLU A 173 -21.50 -27.22 20.52
CA GLU A 173 -20.87 -25.91 20.63
C GLU A 173 -19.99 -25.82 21.87
N GLU A 174 -18.70 -25.57 21.66
CA GLU A 174 -17.76 -25.45 22.78
C GLU A 174 -16.54 -24.63 22.38
N LYS A 175 -16.31 -23.55 23.12
CA LYS A 175 -15.17 -22.68 22.84
C LYS A 175 -13.90 -23.21 23.52
N TYR A 176 -12.75 -22.74 23.04
CA TYR A 176 -11.48 -23.17 23.59
C TYR A 176 -10.35 -22.24 23.16
N LYS A 177 -9.32 -22.13 24.00
CA LYS A 177 -8.18 -21.28 23.70
C LYS A 177 -7.21 -21.98 22.77
N VAL A 178 -6.39 -21.21 22.07
CA VAL A 178 -5.41 -21.77 21.15
C VAL A 178 -4.13 -20.93 21.13
N GLU A 179 -2.99 -21.62 21.18
CA GLU A 179 -1.70 -20.94 21.17
C GLU A 179 -0.77 -21.57 20.13
N VAL A 180 -0.55 -20.86 19.03
CA VAL A 180 0.32 -21.35 17.97
C VAL A 180 1.41 -20.33 17.66
N HIS A 181 2.57 -20.84 17.24
CA HIS A 181 3.70 -19.98 16.91
C HIS A 181 3.81 -19.76 15.40
N LYS A 182 4.36 -18.62 15.02
CA LYS A 182 4.52 -18.29 13.60
C LYS A 182 5.98 -18.40 13.18
N SER A 183 6.25 -19.25 12.19
CA SER A 183 7.60 -19.44 11.69
C SER A 183 7.68 -19.15 10.20
N THR A 184 8.23 -17.98 9.86
CA THR A 184 8.36 -17.58 8.47
C THR A 184 9.43 -18.41 7.76
N GLU A 185 10.51 -18.70 8.48
CA GLU A 185 11.60 -19.48 7.91
C GLU A 185 11.12 -20.87 7.50
N GLU A 186 10.21 -21.44 8.28
CA GLU A 186 9.67 -22.76 7.99
C GLU A 186 8.45 -22.66 7.09
N GLY A 187 7.59 -21.68 7.38
CA GLY A 187 6.39 -21.50 6.58
C GLY A 187 5.17 -22.16 7.18
N GLY A 188 5.41 -23.23 7.94
CA GLY A 188 4.32 -23.94 8.58
C GLY A 188 4.17 -23.59 10.05
N PHE A 189 2.92 -23.39 10.49
CA PHE A 189 2.65 -23.04 11.88
C PHE A 189 3.14 -24.15 12.81
N ASN A 190 3.38 -23.79 14.07
CA ASN A 190 3.83 -24.75 15.07
C ASN A 190 3.04 -24.61 16.36
N LEU A 191 1.89 -25.27 16.42
CA LEU A 191 1.03 -25.23 17.61
C LEU A 191 1.83 -25.48 18.88
N LYS A 192 1.80 -24.51 19.80
CA LYS A 192 2.53 -24.64 21.06
C LYS A 192 1.68 -25.38 22.09
N LYS A 193 0.63 -24.72 22.57
CA LYS A 193 -0.26 -25.32 23.57
C LYS A 193 -1.72 -25.04 23.22
N VAL A 194 -2.62 -25.64 23.99
CA VAL A 194 -4.05 -25.47 23.77
C VAL A 194 -4.81 -25.52 25.10
N ASP A 195 -5.86 -24.70 25.20
CA ASP A 195 -6.68 -24.66 26.41
C ASP A 195 -8.16 -24.62 26.07
N LEU A 196 -9.00 -24.87 27.07
CA LEU A 196 -10.44 -24.86 26.88
C LEU A 196 -11.07 -23.59 27.45
N ASP A 197 -12.22 -23.21 26.93
CA ASP A 197 -12.91 -22.01 27.40
C ASP A 197 -14.36 -22.32 27.75
N HIS A 198 -14.59 -22.71 29.00
CA HIS A 198 -15.93 -23.04 29.46
C HIS A 198 -15.96 -23.15 30.98
N SER A 199 -15.18 -22.32 31.65
CA SER A 199 -15.12 -22.31 33.11
C SER A 199 -15.90 -21.14 33.69
N MET A 1 -4.22 30.30 -2.12
CA MET A 1 -3.22 31.08 -2.88
C MET A 1 -3.48 31.00 -4.39
N ALA A 2 -3.19 29.85 -4.98
CA ALA A 2 -3.39 29.64 -6.40
C ALA A 2 -3.62 28.16 -6.72
N THR A 3 -4.61 27.89 -7.55
CA THR A 3 -4.93 26.52 -7.94
C THR A 3 -4.81 26.35 -9.45
N LEU A 4 -5.03 25.13 -9.93
CA LEU A 4 -4.95 24.83 -11.36
C LEU A 4 -5.65 23.51 -11.69
N GLY A 5 -5.72 23.20 -12.97
CA GLY A 5 -6.36 21.97 -13.41
C GLY A 5 -5.97 21.58 -14.83
N GLY A 6 -6.71 20.66 -15.42
CA GLY A 6 -6.41 20.23 -16.77
C GLY A 6 -6.94 18.85 -17.08
N VAL A 7 -6.45 17.85 -16.35
CA VAL A 7 -6.88 16.47 -16.57
C VAL A 7 -6.57 16.01 -17.98
N HIS A 8 -5.37 16.36 -18.46
CA HIS A 8 -4.94 15.99 -19.80
C HIS A 8 -3.49 16.40 -20.03
N ASP A 9 -2.69 15.47 -20.53
CA ASP A 9 -1.28 15.73 -20.80
C ASP A 9 -1.12 16.90 -21.77
N SER A 10 -0.36 17.91 -21.35
CA SER A 10 -0.13 19.09 -22.19
C SER A 10 1.30 19.09 -22.73
N ASN A 11 1.70 20.21 -23.31
CA ASN A 11 3.04 20.34 -23.88
C ASN A 11 3.86 21.38 -23.12
N SER A 12 3.62 21.46 -21.80
CA SER A 12 4.34 22.41 -20.96
C SER A 12 4.07 23.84 -21.41
N ASN A 13 2.79 24.22 -21.42
CA ASN A 13 2.40 25.56 -21.84
C ASN A 13 3.04 26.62 -20.95
N PRO A 14 2.76 26.59 -19.64
CA PRO A 14 3.33 27.54 -18.67
C PRO A 14 4.80 27.27 -18.38
N ASP A 15 5.32 27.92 -17.36
CA ASP A 15 6.71 27.76 -16.97
C ASP A 15 6.90 26.50 -16.12
N THR A 16 6.55 25.35 -16.70
CA THR A 16 6.68 24.07 -16.00
C THR A 16 8.12 23.80 -15.59
N HIS A 17 9.06 24.36 -16.36
CA HIS A 17 10.48 24.17 -16.08
C HIS A 17 10.82 24.63 -14.66
N SER A 18 10.36 25.82 -14.30
CA SER A 18 10.61 26.37 -12.97
C SER A 18 9.93 25.54 -11.89
N LEU A 19 8.72 25.08 -12.19
CA LEU A 19 7.96 24.26 -11.25
C LEU A 19 8.75 23.05 -10.78
N ALA A 20 9.35 22.35 -11.73
CA ALA A 20 10.15 21.16 -11.42
C ALA A 20 11.31 21.50 -10.48
N ARG A 21 11.82 22.72 -10.61
CA ARG A 21 12.93 23.16 -9.76
C ARG A 21 12.56 23.10 -8.29
N PHE A 22 11.36 23.56 -7.97
CA PHE A 22 10.88 23.57 -6.59
C PHE A 22 10.79 22.15 -6.04
N ALA A 23 10.22 21.25 -6.83
CA ALA A 23 10.06 19.85 -6.42
C ALA A 23 11.42 19.21 -6.13
N VAL A 24 12.32 19.27 -7.11
CA VAL A 24 13.64 18.69 -6.95
C VAL A 24 14.42 19.35 -5.82
N ASP A 25 14.38 20.67 -5.78
CA ASP A 25 15.07 21.44 -4.75
C ASP A 25 14.62 21.03 -3.35
N GLN A 26 13.40 20.49 -3.26
CA GLN A 26 12.84 20.08 -1.98
C GLN A 26 13.39 18.72 -1.56
N HIS A 27 13.50 17.80 -2.52
CA HIS A 27 14.01 16.46 -2.23
C HIS A 27 15.52 16.47 -2.05
N ASN A 28 16.21 17.20 -2.93
CA ASN A 28 17.66 17.29 -2.88
C ASN A 28 18.13 17.91 -1.57
N THR A 29 17.40 18.90 -1.08
CA THR A 29 17.76 19.58 0.15
C THR A 29 17.40 18.76 1.40
N LYS A 30 16.41 17.88 1.30
CA LYS A 30 15.99 17.10 2.46
C LYS A 30 16.71 15.75 2.55
N GLU A 31 16.67 14.94 1.50
CA GLU A 31 17.32 13.63 1.54
C GLU A 31 18.13 13.32 0.28
N ASN A 32 17.80 13.97 -0.83
CA ASN A 32 18.50 13.73 -2.08
C ASN A 32 19.71 14.64 -2.23
N GLY A 33 20.24 14.73 -3.44
CA GLY A 33 21.40 15.57 -3.69
C GLY A 33 22.26 15.07 -4.84
N LEU A 34 21.60 14.58 -5.89
CA LEU A 34 22.31 14.06 -7.06
C LEU A 34 21.42 14.09 -8.29
N LEU A 35 20.44 15.00 -8.28
CA LEU A 35 19.51 15.14 -9.39
C LEU A 35 19.53 16.56 -9.94
N GLU A 36 19.76 16.68 -11.25
CA GLU A 36 19.80 17.99 -11.89
C GLU A 36 18.83 18.05 -13.05
N LEU A 37 18.35 19.26 -13.34
CA LEU A 37 17.42 19.48 -14.44
C LEU A 37 18.15 19.75 -15.74
N VAL A 38 17.88 18.93 -16.74
CA VAL A 38 18.52 19.07 -18.05
C VAL A 38 17.61 19.79 -19.04
N ARG A 39 16.44 19.20 -19.29
CA ARG A 39 15.49 19.79 -20.23
C ARG A 39 14.07 19.25 -20.02
N VAL A 40 13.11 20.14 -19.89
CA VAL A 40 11.71 19.77 -19.68
C VAL A 40 11.26 18.72 -20.69
N VAL A 41 10.31 17.89 -20.28
CA VAL A 41 9.77 16.85 -21.15
C VAL A 41 8.31 17.15 -21.50
N GLU A 42 7.44 17.06 -20.50
CA GLU A 42 6.02 17.32 -20.69
C GLU A 42 5.38 17.77 -19.39
N ALA A 43 4.08 18.06 -19.47
CA ALA A 43 3.32 18.50 -18.30
C ALA A 43 1.94 17.89 -18.29
N ARG A 44 1.67 17.08 -17.27
CA ARG A 44 0.38 16.43 -17.12
C ARG A 44 -0.38 17.02 -15.93
N GLU A 45 -1.67 17.27 -16.12
CA GLU A 45 -2.49 17.83 -15.06
C GLU A 45 -3.73 16.98 -14.82
N GLN A 46 -4.29 17.08 -13.61
CA GLN A 46 -5.47 16.31 -13.26
C GLN A 46 -6.07 16.84 -11.96
N VAL A 47 -7.40 16.83 -11.87
CA VAL A 47 -8.08 17.30 -10.69
C VAL A 47 -8.26 16.18 -9.67
N VAL A 48 -7.54 16.29 -8.56
CA VAL A 48 -7.62 15.30 -7.49
C VAL A 48 -7.93 15.98 -6.15
N ALA A 49 -9.13 15.76 -5.64
CA ALA A 49 -9.53 16.35 -4.36
C ALA A 49 -9.11 17.82 -4.29
N GLY A 50 -9.09 18.46 -5.47
CA GLY A 50 -8.70 19.84 -5.55
C GLY A 50 -7.88 20.12 -6.80
N THR A 51 -6.56 19.95 -6.69
CA THR A 51 -5.67 20.18 -7.81
C THR A 51 -4.42 19.31 -7.70
N LEU A 52 -3.91 18.86 -8.84
CA LEU A 52 -2.71 18.03 -8.89
C LEU A 52 -1.76 18.51 -9.98
N HIS A 53 -0.49 18.64 -9.63
CA HIS A 53 0.53 19.10 -10.58
C HIS A 53 1.48 17.98 -10.95
N HIS A 54 1.35 17.49 -12.18
CA HIS A 54 2.21 16.43 -12.69
C HIS A 54 3.12 16.96 -13.77
N LEU A 55 4.41 17.08 -13.47
CA LEU A 55 5.37 17.59 -14.44
C LEU A 55 6.50 16.60 -14.71
N VAL A 56 6.87 16.45 -15.98
CA VAL A 56 7.93 15.55 -16.37
C VAL A 56 9.05 16.31 -17.07
N LEU A 57 10.28 16.02 -16.68
CA LEU A 57 11.43 16.68 -17.26
C LEU A 57 12.65 15.76 -17.27
N GLU A 58 13.59 16.03 -18.19
CA GLU A 58 14.80 15.23 -18.30
C GLU A 58 15.86 15.73 -17.32
N VAL A 59 16.19 14.90 -16.34
CA VAL A 59 17.18 15.26 -15.33
C VAL A 59 18.43 14.39 -15.43
N LEU A 60 19.52 14.90 -14.87
CA LEU A 60 20.78 14.18 -14.87
C LEU A 60 21.08 13.66 -13.47
N ASP A 61 21.19 12.35 -13.34
CA ASP A 61 21.48 11.71 -12.06
C ASP A 61 22.91 11.15 -12.04
N ALA A 62 23.78 11.81 -11.28
CA ALA A 62 25.16 11.39 -11.17
C ALA A 62 25.86 11.34 -12.53
N GLY A 63 25.28 12.04 -13.51
CA GLY A 63 25.88 12.07 -14.84
C GLY A 63 25.12 11.23 -15.85
N LYS A 64 23.88 10.86 -15.52
CA LYS A 64 23.06 10.05 -16.42
C LYS A 64 21.67 10.65 -16.56
N LYS A 65 21.33 11.01 -17.79
CA LYS A 65 20.04 11.60 -18.08
C LYS A 65 18.92 10.60 -17.87
N LYS A 66 17.81 11.12 -17.41
CA LYS A 66 16.63 10.30 -17.16
C LYS A 66 15.41 11.20 -16.95
N LEU A 67 14.26 10.76 -17.47
CA LEU A 67 13.04 11.53 -17.32
C LEU A 67 12.37 11.24 -15.98
N TYR A 68 12.07 12.30 -15.24
CA TYR A 68 11.43 12.16 -13.94
C TYR A 68 10.15 12.97 -13.88
N GLU A 69 9.16 12.44 -13.15
CA GLU A 69 7.88 13.12 -13.01
C GLU A 69 7.66 13.55 -11.55
N ALA A 70 7.11 14.75 -11.37
CA ALA A 70 6.87 15.27 -10.03
C ALA A 70 5.37 15.53 -9.82
N LYS A 71 4.88 15.10 -8.66
CA LYS A 71 3.47 15.28 -8.33
C LYS A 71 3.30 16.27 -7.18
N ILE A 72 2.39 17.23 -7.37
CA ILE A 72 2.12 18.23 -6.35
C ILE A 72 0.63 18.28 -6.03
N TRP A 73 0.30 18.26 -4.74
CA TRP A 73 -1.09 18.30 -4.31
C TRP A 73 -1.46 19.67 -3.76
N VAL A 74 -2.39 20.34 -4.42
CA VAL A 74 -2.84 21.65 -3.98
C VAL A 74 -4.36 21.72 -3.92
N LYS A 75 -4.88 22.34 -2.87
CA LYS A 75 -6.33 22.46 -2.69
C LYS A 75 -6.71 23.90 -2.37
N PRO A 76 -7.95 24.29 -2.69
CA PRO A 76 -8.45 25.65 -2.44
C PRO A 76 -8.63 25.93 -0.94
N TRP A 77 -9.05 24.91 -0.20
CA TRP A 77 -9.26 25.04 1.24
C TRP A 77 -7.97 25.45 1.94
N MET A 78 -6.86 24.81 1.54
CA MET A 78 -5.57 25.10 2.13
C MET A 78 -5.03 26.44 1.64
N ASP A 79 -5.41 26.82 0.42
CA ASP A 79 -4.97 28.08 -0.17
C ASP A 79 -3.46 28.10 -0.33
N PHE A 80 -2.87 26.92 -0.56
CA PHE A 80 -1.43 26.81 -0.74
C PHE A 80 -1.06 25.48 -1.39
N LYS A 81 -0.12 25.52 -2.32
CA LYS A 81 0.32 24.32 -3.02
C LYS A 81 1.37 23.57 -2.20
N GLN A 82 1.55 22.29 -2.49
CA GLN A 82 2.53 21.48 -1.78
C GLN A 82 2.97 20.29 -2.62
N LEU A 83 4.25 20.26 -2.97
CA LEU A 83 4.81 19.18 -3.77
C LEU A 83 4.99 17.92 -2.93
N GLN A 84 4.53 16.79 -3.46
CA GLN A 84 4.65 15.52 -2.75
C GLN A 84 5.99 14.87 -3.01
N GLU A 85 6.21 14.42 -4.24
CA GLU A 85 7.46 13.76 -4.60
C GLU A 85 7.48 13.41 -6.09
N PHE A 86 8.67 13.13 -6.59
CA PHE A 86 8.83 12.76 -8.00
C PHE A 86 9.45 11.37 -8.13
N LYS A 87 9.08 10.66 -9.20
CA LYS A 87 9.59 9.32 -9.44
C LYS A 87 10.23 9.22 -10.82
N HIS A 88 11.26 8.39 -10.95
CA HIS A 88 11.95 8.21 -12.21
C HIS A 88 11.06 7.48 -13.22
N VAL A 89 11.01 7.99 -14.44
CA VAL A 89 10.20 7.39 -15.49
C VAL A 89 11.01 7.19 -16.77
N ARG A 90 10.75 6.10 -17.47
CA ARG A 90 11.46 5.80 -18.71
C ARG A 90 11.23 6.90 -19.74
N ASP A 91 11.70 6.66 -20.95
CA ASP A 91 11.55 7.63 -22.03
C ASP A 91 10.12 7.67 -22.54
N VAL A 92 9.91 8.25 -23.71
CA VAL A 92 8.59 8.36 -24.32
C VAL A 92 7.57 8.93 -23.33
N PRO A 93 6.33 9.18 -23.79
CA PRO A 93 5.28 9.74 -22.95
C PRO A 93 4.53 8.67 -22.16
N SER A 94 5.29 7.82 -21.46
CA SER A 94 4.69 6.75 -20.67
C SER A 94 5.43 6.59 -19.34
N PHE A 95 5.13 5.51 -18.62
CA PHE A 95 5.76 5.24 -17.34
C PHE A 95 6.42 3.86 -17.35
N THR A 96 7.58 3.76 -16.70
CA THR A 96 8.32 2.51 -16.63
C THR A 96 7.48 1.42 -15.95
N SER A 97 7.98 0.19 -15.99
CA SER A 97 7.28 -0.93 -15.38
C SER A 97 7.89 -1.28 -14.03
N SER A 98 8.38 -0.27 -13.32
CA SER A 98 8.99 -0.47 -12.02
C SER A 98 8.04 -0.06 -10.90
N ASP A 99 6.75 -0.32 -11.10
CA ASP A 99 5.74 0.03 -10.11
C ASP A 99 5.67 1.54 -9.92
N LEU A 100 4.96 2.23 -10.81
CA LEU A 100 4.82 3.68 -10.75
C LEU A 100 3.35 4.08 -10.88
N GLY A 101 2.96 5.09 -10.10
CA GLY A 101 1.58 5.56 -10.15
C GLY A 101 1.15 6.19 -8.84
N ALA A 102 -0.14 6.05 -8.52
CA ALA A 102 -0.68 6.61 -7.29
C ALA A 102 -0.37 5.72 -6.09
N LYS A 103 0.87 5.81 -5.61
CA LYS A 103 1.30 5.02 -4.47
C LYS A 103 2.09 5.87 -3.47
N THR A 104 2.23 5.37 -2.25
CA THR A 104 2.96 6.08 -1.22
C THR A 104 3.21 5.18 -0.01
N ASP A 105 4.36 5.38 0.64
CA ASP A 105 4.72 4.58 1.81
C ASP A 105 6.03 5.07 2.41
N ASP A 106 6.03 5.25 3.73
CA ASP A 106 7.22 5.72 4.43
C ASP A 106 7.24 5.22 5.87
N GLN A 107 8.24 5.63 6.63
CA GLN A 107 8.38 5.21 8.03
C GLN A 107 8.64 6.42 8.93
N VAL A 108 8.43 6.22 10.22
CA VAL A 108 8.65 7.29 11.20
C VAL A 108 8.73 6.73 12.61
N SER A 109 9.04 7.59 13.57
CA SER A 109 9.16 7.19 14.96
C SER A 109 9.44 8.39 15.86
N GLY A 110 8.44 8.81 16.61
CA GLY A 110 8.60 9.95 17.50
C GLY A 110 7.35 10.25 18.29
N TRP A 111 6.80 9.22 18.94
CA TRP A 111 5.59 9.38 19.73
C TRP A 111 4.44 9.93 18.89
N ARG A 112 3.77 9.03 18.16
CA ARG A 112 2.66 9.41 17.31
C ARG A 112 1.74 8.22 17.04
N PRO A 113 0.47 8.48 16.70
CA PRO A 113 -0.51 7.43 16.42
C PRO A 113 -0.20 6.69 15.12
N VAL A 114 -1.18 5.94 14.62
CA VAL A 114 -1.01 5.19 13.39
C VAL A 114 -2.31 5.12 12.60
N PRO A 115 -2.22 4.94 11.26
CA PRO A 115 -3.39 4.85 10.39
C PRO A 115 -4.26 3.65 10.71
N VAL A 116 -5.19 3.34 9.81
CA VAL A 116 -6.09 2.22 9.99
C VAL A 116 -6.17 1.37 8.72
N HIS A 117 -6.24 0.05 8.89
CA HIS A 117 -6.32 -0.87 7.77
C HIS A 117 -4.97 -1.02 7.05
N ASP A 118 -3.94 -0.36 7.59
CA ASP A 118 -2.61 -0.41 7.01
C ASP A 118 -1.97 -1.78 7.26
N PRO A 119 -0.85 -2.07 6.58
CA PRO A 119 -0.15 -3.35 6.75
C PRO A 119 0.49 -3.48 8.13
N VAL A 120 0.77 -2.35 8.76
CA VAL A 120 1.37 -2.34 10.09
C VAL A 120 0.31 -2.48 11.17
N VAL A 121 -0.79 -1.77 11.01
CA VAL A 121 -1.89 -1.80 11.97
C VAL A 121 -2.64 -3.13 11.89
N GLN A 122 -3.12 -3.47 10.70
CA GLN A 122 -3.85 -4.71 10.49
C GLN A 122 -3.03 -5.91 10.94
N ASP A 123 -1.72 -5.81 10.81
CA ASP A 123 -0.81 -6.89 11.22
C ASP A 123 -0.79 -7.01 12.74
N ALA A 124 -0.54 -5.89 13.41
CA ALA A 124 -0.49 -5.88 14.86
C ALA A 124 -1.84 -6.22 15.47
N ALA A 125 -2.90 -5.68 14.88
CA ALA A 125 -4.26 -5.93 15.36
C ALA A 125 -4.59 -7.41 15.30
N HIS A 126 -4.52 -7.99 14.10
CA HIS A 126 -4.81 -9.41 13.92
C HIS A 126 -3.95 -10.27 14.84
N HIS A 127 -2.65 -9.98 14.87
CA HIS A 127 -1.72 -10.72 15.71
C HIS A 127 -2.14 -10.64 17.18
N ALA A 128 -2.67 -9.48 17.57
CA ALA A 128 -3.12 -9.27 18.94
C ALA A 128 -4.38 -10.08 19.24
N ILE A 129 -5.27 -10.14 18.26
CA ILE A 129 -6.53 -10.87 18.41
C ILE A 129 -6.27 -12.32 18.82
N LYS A 130 -5.40 -13.00 18.08
CA LYS A 130 -5.08 -14.39 18.37
C LYS A 130 -4.22 -14.51 19.62
N THR A 131 -3.30 -13.57 19.79
CA THR A 131 -2.40 -13.58 20.95
C THR A 131 -3.19 -13.36 22.25
N ILE A 132 -3.99 -12.30 22.28
CA ILE A 132 -4.78 -11.99 23.47
C ILE A 132 -5.61 -13.19 23.92
N GLN A 133 -6.40 -13.73 23.00
CA GLN A 133 -7.24 -14.89 23.30
C GLN A 133 -6.38 -16.10 23.64
N GLU A 134 -5.21 -16.18 23.02
CA GLU A 134 -4.29 -17.29 23.26
C GLU A 134 -3.56 -17.13 24.59
N ARG A 135 -3.41 -15.88 25.03
CA ARG A 135 -2.72 -15.60 26.28
C ARG A 135 -3.41 -16.29 27.45
N SER A 136 -4.68 -16.65 27.27
CA SER A 136 -5.43 -17.32 28.31
C SER A 136 -5.39 -18.83 28.14
N ASN A 137 -5.61 -19.28 26.91
CA ASN A 137 -5.59 -20.71 26.59
C ASN A 137 -5.83 -20.95 25.10
N SER A 138 -5.71 -22.19 24.69
CA SER A 138 -5.93 -22.56 23.28
C SER A 138 -7.40 -22.46 22.92
N LEU A 139 -7.76 -21.39 22.21
CA LEU A 139 -9.14 -21.18 21.80
C LEU A 139 -9.21 -20.22 20.60
N PHE A 140 -10.35 -20.24 19.91
CA PHE A 140 -10.54 -19.38 18.75
C PHE A 140 -11.97 -18.82 18.73
N PRO A 141 -12.27 -17.86 19.62
CA PRO A 141 -13.60 -17.25 19.70
C PRO A 141 -13.93 -16.43 18.46
N TYR A 142 -13.15 -15.38 18.22
CA TYR A 142 -13.37 -14.51 17.07
C TYR A 142 -12.03 -13.99 16.52
N GLU A 143 -12.11 -13.18 15.47
CA GLU A 143 -10.92 -12.63 14.84
C GLU A 143 -11.11 -11.13 14.56
N LEU A 144 -10.13 -10.54 13.88
CA LEU A 144 -10.20 -9.13 13.53
C LEU A 144 -11.43 -8.82 12.68
N SER A 145 -12.17 -7.80 13.07
CA SER A 145 -13.37 -7.40 12.34
C SER A 145 -13.16 -6.06 11.63
N GLU A 146 -13.05 -5.00 12.42
CA GLU A 146 -12.85 -3.66 11.87
C GLU A 146 -12.11 -2.77 12.86
N VAL A 147 -11.13 -2.03 12.36
CA VAL A 147 -10.35 -1.13 13.21
C VAL A 147 -10.96 0.26 13.26
N VAL A 148 -11.18 0.77 14.47
CA VAL A 148 -11.75 2.09 14.65
C VAL A 148 -10.68 3.17 14.64
N HIS A 149 -9.58 2.91 15.34
CA HIS A 149 -8.48 3.86 15.42
C HIS A 149 -7.30 3.26 16.17
N ALA A 150 -6.13 3.30 15.55
CA ALA A 150 -4.91 2.76 16.15
C ALA A 150 -3.87 3.85 16.36
N ASN A 151 -3.07 3.71 17.41
CA ASN A 151 -2.02 4.69 17.71
C ASN A 151 -0.78 3.99 18.27
N ALA A 152 0.39 4.44 17.83
CA ALA A 152 1.65 3.86 18.28
C ALA A 152 2.33 4.76 19.32
N GLU A 153 3.15 4.15 20.16
CA GLU A 153 3.87 4.89 21.19
C GLU A 153 5.29 4.35 21.36
N VAL A 154 6.21 5.25 21.69
CA VAL A 154 7.61 4.86 21.87
C VAL A 154 7.96 4.75 23.35
N VAL A 155 8.24 3.53 23.79
CA VAL A 155 8.60 3.29 25.19
C VAL A 155 10.11 3.45 25.39
N ASP A 156 10.57 3.23 26.62
CA ASP A 156 11.99 3.38 26.93
C ASP A 156 12.87 2.59 25.96
N THR A 157 12.36 1.45 25.48
CA THR A 157 13.11 0.63 24.54
C THR A 157 12.21 0.12 23.41
N SER A 158 11.15 -0.58 23.77
CA SER A 158 10.22 -1.12 22.78
C SER A 158 9.25 -0.04 22.29
N ALA A 159 8.13 -0.48 21.71
CA ALA A 159 7.13 0.45 21.20
C ALA A 159 5.72 -0.04 21.52
N LYS A 160 4.97 0.74 22.28
CA LYS A 160 3.61 0.38 22.65
C LYS A 160 2.64 0.62 21.50
N PHE A 161 1.53 -0.11 21.50
CA PHE A 161 0.52 0.03 20.46
C PHE A 161 -0.88 0.08 21.07
N ASP A 162 -1.47 1.27 21.07
CA ASP A 162 -2.81 1.46 21.63
C ASP A 162 -3.84 1.55 20.51
N MET A 163 -4.51 0.43 20.23
CA MET A 163 -5.52 0.39 19.18
C MET A 163 -6.87 -0.04 19.74
N LEU A 164 -7.91 0.09 18.92
CA LEU A 164 -9.26 -0.29 19.32
C LEU A 164 -10.07 -0.76 18.12
N LEU A 165 -10.54 -2.01 18.17
CA LEU A 165 -11.31 -2.58 17.08
C LEU A 165 -12.48 -3.40 17.61
N LYS A 166 -13.47 -3.65 16.76
CA LYS A 166 -14.64 -4.43 17.15
C LYS A 166 -14.46 -5.89 16.76
N VAL A 167 -14.99 -6.79 17.59
CA VAL A 167 -14.89 -8.22 17.33
C VAL A 167 -16.24 -8.81 16.95
N LYS A 168 -16.24 -9.73 15.99
CA LYS A 168 -17.48 -10.36 15.53
C LYS A 168 -17.48 -11.85 15.88
N ARG A 169 -18.66 -12.37 16.21
CA ARG A 169 -18.80 -13.78 16.56
C ARG A 169 -20.24 -14.22 16.44
N GLY A 170 -20.60 -14.74 15.27
CA GLY A 170 -21.96 -15.20 15.03
C GLY A 170 -22.92 -14.06 14.80
N GLY A 171 -22.40 -12.89 14.44
CA GLY A 171 -23.25 -11.74 14.19
C GLY A 171 -23.33 -10.81 15.38
N LYS A 172 -22.31 -10.83 16.23
CA LYS A 172 -22.29 -9.97 17.42
C LYS A 172 -21.37 -8.79 17.20
N GLU A 173 -21.31 -7.90 18.19
CA GLU A 173 -20.46 -6.71 18.11
C GLU A 173 -20.02 -6.26 19.50
N GLU A 174 -18.71 -6.31 19.74
CA GLU A 174 -18.16 -5.91 21.02
C GLU A 174 -16.76 -5.34 20.86
N LYS A 175 -16.60 -4.08 21.26
CA LYS A 175 -15.31 -3.40 21.15
C LYS A 175 -14.45 -3.66 22.39
N TYR A 176 -13.15 -3.45 22.26
CA TYR A 176 -12.22 -3.65 23.37
C TYR A 176 -10.87 -3.01 23.08
N LYS A 177 -10.18 -2.61 24.13
CA LYS A 177 -8.87 -1.98 24.00
C LYS A 177 -7.77 -3.03 23.81
N VAL A 178 -6.66 -2.62 23.24
CA VAL A 178 -5.54 -3.53 23.00
C VAL A 178 -4.20 -2.82 23.19
N GLU A 179 -3.29 -3.47 23.90
CA GLU A 179 -1.97 -2.91 24.15
C GLU A 179 -0.88 -3.93 23.84
N VAL A 180 -0.22 -3.75 22.69
CA VAL A 180 0.84 -4.64 22.27
C VAL A 180 2.16 -3.89 22.07
N HIS A 181 3.26 -4.57 22.31
CA HIS A 181 4.58 -3.96 22.17
C HIS A 181 5.22 -4.35 20.84
N LYS A 182 6.08 -3.48 20.33
CA LYS A 182 6.75 -3.73 19.06
C LYS A 182 8.22 -4.07 19.28
N SER A 183 8.66 -5.18 18.72
CA SER A 183 10.05 -5.61 18.86
C SER A 183 10.84 -5.29 17.60
N THR A 184 11.89 -4.47 17.75
CA THR A 184 12.72 -4.10 16.61
C THR A 184 13.59 -5.27 16.15
N GLU A 185 13.70 -5.44 14.84
CA GLU A 185 14.48 -6.52 14.28
C GLU A 185 13.98 -7.88 14.75
N GLU A 186 12.70 -7.94 15.10
CA GLU A 186 12.10 -9.17 15.56
C GLU A 186 11.02 -9.65 14.59
N GLY A 187 10.14 -8.73 14.20
CA GLY A 187 9.07 -9.07 13.27
C GLY A 187 7.78 -9.43 13.98
N GLY A 188 7.90 -10.18 15.08
CA GLY A 188 6.72 -10.58 15.82
C GLY A 188 6.27 -9.53 16.81
N PHE A 189 5.16 -9.78 17.48
CA PHE A 189 4.60 -8.84 18.46
C PHE A 189 4.52 -9.47 19.83
N ASN A 190 4.44 -8.64 20.87
CA ASN A 190 4.35 -9.12 22.23
C ASN A 190 3.26 -8.39 23.00
N LEU A 191 2.03 -8.90 22.90
CA LEU A 191 0.88 -8.31 23.57
C LEU A 191 1.16 -8.12 25.06
N LYS A 192 1.04 -6.88 25.52
CA LYS A 192 1.28 -6.56 26.93
C LYS A 192 0.01 -6.78 27.76
N LYS A 193 -0.98 -5.92 27.54
CA LYS A 193 -2.24 -6.02 28.26
C LYS A 193 -3.42 -5.79 27.33
N VAL A 194 -4.63 -5.98 27.85
CA VAL A 194 -5.84 -5.80 27.06
C VAL A 194 -7.02 -5.38 27.93
N ASP A 195 -7.89 -4.54 27.38
CA ASP A 195 -9.05 -4.06 28.12
C ASP A 195 -10.31 -4.13 27.26
N LEU A 196 -11.47 -3.98 27.89
CA LEU A 196 -12.74 -4.02 27.18
C LEU A 196 -13.31 -2.62 27.00
N ASP A 197 -14.11 -2.44 25.94
CA ASP A 197 -14.72 -1.14 25.68
C ASP A 197 -16.22 -1.29 25.46
N HIS A 198 -16.98 -1.21 26.55
CA HIS A 198 -18.43 -1.33 26.48
C HIS A 198 -19.08 -0.82 27.77
N SER A 199 -18.49 0.21 28.35
CA SER A 199 -19.02 0.79 29.58
C SER A 199 -18.94 2.31 29.54
N MET A 1 -3.75 30.74 -1.63
CA MET A 1 -4.89 30.24 -2.46
C MET A 1 -4.52 30.21 -3.94
N ALA A 2 -3.81 29.15 -4.34
CA ALA A 2 -3.39 28.99 -5.72
C ALA A 2 -3.52 27.54 -6.17
N THR A 3 -4.39 27.33 -7.16
CA THR A 3 -4.61 25.98 -7.69
C THR A 3 -4.79 26.02 -9.21
N LEU A 4 -5.10 24.86 -9.79
CA LEU A 4 -5.30 24.76 -11.23
C LEU A 4 -6.12 23.52 -11.58
N GLY A 5 -6.50 23.42 -12.86
CA GLY A 5 -7.28 22.28 -13.30
C GLY A 5 -6.95 21.89 -14.72
N GLY A 6 -7.00 20.58 -15.01
CA GLY A 6 -6.69 20.11 -16.34
C GLY A 6 -7.15 18.69 -16.57
N VAL A 7 -6.61 17.75 -15.79
CA VAL A 7 -6.96 16.34 -15.92
C VAL A 7 -6.59 15.82 -17.31
N HIS A 8 -5.35 16.06 -17.72
CA HIS A 8 -4.87 15.62 -19.02
C HIS A 8 -3.36 15.80 -19.14
N ASP A 9 -2.85 15.72 -20.35
CA ASP A 9 -1.42 15.89 -20.60
C ASP A 9 -1.17 16.93 -21.67
N SER A 10 0.00 17.57 -21.60
CA SER A 10 0.37 18.59 -22.58
C SER A 10 1.87 18.88 -22.51
N ASN A 11 2.28 19.99 -23.10
CA ASN A 11 3.69 20.38 -23.09
C ASN A 11 3.97 21.39 -21.99
N SER A 12 5.15 22.00 -22.04
CA SER A 12 5.53 22.99 -21.04
C SER A 12 4.98 24.37 -21.41
N ASN A 13 3.66 24.47 -21.55
CA ASN A 13 3.02 25.72 -21.90
C ASN A 13 3.41 26.82 -20.92
N PRO A 14 3.08 26.64 -19.63
CA PRO A 14 3.40 27.61 -18.59
C PRO A 14 4.83 27.44 -18.07
N ASP A 15 5.12 28.05 -16.93
CA ASP A 15 6.45 27.95 -16.33
C ASP A 15 6.61 26.63 -15.60
N THR A 16 6.49 25.54 -16.35
CA THR A 16 6.61 24.19 -15.78
C THR A 16 8.07 23.86 -15.46
N HIS A 17 8.98 24.44 -16.24
CA HIS A 17 10.41 24.20 -16.04
C HIS A 17 10.83 24.56 -14.62
N SER A 18 10.39 25.71 -14.15
CA SER A 18 10.72 26.17 -12.80
C SER A 18 10.01 25.34 -11.74
N LEU A 19 8.79 24.91 -12.04
CA LEU A 19 8.01 24.12 -11.11
C LEU A 19 8.75 22.85 -10.70
N ALA A 20 9.49 22.28 -11.66
CA ALA A 20 10.24 21.06 -11.41
C ALA A 20 11.46 21.35 -10.53
N ARG A 21 12.01 22.55 -10.66
CA ARG A 21 13.17 22.96 -9.88
C ARG A 21 12.83 22.96 -8.39
N PHE A 22 11.68 23.50 -8.05
CA PHE A 22 11.23 23.57 -6.66
C PHE A 22 11.04 22.17 -6.09
N ALA A 23 10.50 21.28 -6.91
CA ALA A 23 10.26 19.90 -6.49
C ALA A 23 11.57 19.19 -6.16
N VAL A 24 12.49 19.21 -7.12
CA VAL A 24 13.79 18.56 -6.93
C VAL A 24 14.53 19.15 -5.74
N ASP A 25 14.33 20.44 -5.51
CA ASP A 25 14.99 21.13 -4.42
C ASP A 25 14.65 20.53 -3.06
N GLN A 26 13.38 20.21 -2.85
CA GLN A 26 12.94 19.64 -1.57
C GLN A 26 13.51 18.25 -1.36
N HIS A 27 13.65 17.49 -2.43
CA HIS A 27 14.18 16.13 -2.34
C HIS A 27 15.68 16.14 -2.15
N ASN A 28 16.37 16.86 -3.02
CA ASN A 28 17.83 16.95 -2.95
C ASN A 28 18.30 17.50 -1.62
N THR A 29 17.55 18.46 -1.08
CA THR A 29 17.91 19.08 0.19
C THR A 29 17.55 18.20 1.39
N LYS A 30 16.53 17.35 1.24
CA LYS A 30 16.11 16.51 2.36
C LYS A 30 16.79 15.14 2.39
N GLU A 31 16.73 14.39 1.28
CA GLU A 31 17.36 13.06 1.26
C GLU A 31 18.15 12.80 -0.02
N ASN A 32 17.84 13.50 -1.10
CA ASN A 32 18.54 13.30 -2.37
C ASN A 32 19.81 14.14 -2.43
N GLY A 33 20.47 14.09 -3.58
CA GLY A 33 21.71 14.84 -3.76
C GLY A 33 22.49 14.40 -4.98
N LEU A 34 21.78 14.04 -6.04
CA LEU A 34 22.41 13.61 -7.28
C LEU A 34 21.45 13.72 -8.46
N LEU A 35 20.51 14.64 -8.35
CA LEU A 35 19.52 14.85 -9.42
C LEU A 35 19.55 16.29 -9.91
N GLU A 36 19.73 16.47 -11.21
CA GLU A 36 19.77 17.80 -11.80
C GLU A 36 18.77 17.93 -12.95
N LEU A 37 18.28 19.13 -13.14
CA LEU A 37 17.31 19.41 -14.20
C LEU A 37 18.02 19.74 -15.51
N VAL A 38 17.71 18.98 -16.56
CA VAL A 38 18.31 19.19 -17.86
C VAL A 38 17.38 19.94 -18.80
N ARG A 39 16.22 19.35 -19.09
CA ARG A 39 15.25 19.98 -19.97
C ARG A 39 13.86 19.37 -19.79
N VAL A 40 12.86 20.24 -19.60
CA VAL A 40 11.48 19.81 -19.41
C VAL A 40 11.05 18.78 -20.47
N VAL A 41 10.09 17.95 -20.11
CA VAL A 41 9.58 16.93 -21.02
C VAL A 41 8.12 17.17 -21.35
N GLU A 42 7.26 17.04 -20.35
CA GLU A 42 5.83 17.25 -20.54
C GLU A 42 5.19 17.81 -19.28
N ALA A 43 3.92 18.19 -19.39
CA ALA A 43 3.19 18.75 -18.27
C ALA A 43 1.79 18.16 -18.18
N ARG A 44 1.55 17.39 -17.12
CA ARG A 44 0.27 16.74 -16.90
C ARG A 44 -0.46 17.38 -15.72
N GLU A 45 -1.79 17.37 -15.77
CA GLU A 45 -2.59 17.95 -14.70
C GLU A 45 -3.80 17.07 -14.40
N GLN A 46 -4.26 17.11 -13.16
CA GLN A 46 -5.41 16.33 -12.73
C GLN A 46 -5.90 16.79 -11.36
N VAL A 47 -7.22 16.78 -11.18
CA VAL A 47 -7.81 17.21 -9.91
C VAL A 47 -8.03 16.01 -8.99
N VAL A 48 -7.27 15.96 -7.91
CA VAL A 48 -7.39 14.88 -6.93
C VAL A 48 -7.58 15.44 -5.53
N ALA A 49 -8.80 15.33 -5.02
CA ALA A 49 -9.13 15.83 -3.68
C ALA A 49 -8.63 17.26 -3.50
N GLY A 50 -8.59 18.01 -4.58
CA GLY A 50 -8.13 19.38 -4.54
C GLY A 50 -7.44 19.80 -5.81
N THR A 51 -6.11 19.74 -5.81
CA THR A 51 -5.33 20.11 -6.99
C THR A 51 -4.02 19.32 -7.04
N LEU A 52 -3.76 18.70 -8.18
CA LEU A 52 -2.55 17.91 -8.37
C LEU A 52 -1.74 18.43 -9.56
N HIS A 53 -0.45 18.66 -9.35
CA HIS A 53 0.42 19.15 -10.40
C HIS A 53 1.46 18.09 -10.77
N HIS A 54 1.26 17.46 -11.93
CA HIS A 54 2.18 16.42 -12.40
C HIS A 54 3.02 16.94 -13.57
N LEU A 55 4.30 17.16 -13.31
CA LEU A 55 5.22 17.66 -14.34
C LEU A 55 6.33 16.66 -14.63
N VAL A 56 6.67 16.51 -15.91
CA VAL A 56 7.72 15.60 -16.32
C VAL A 56 8.86 16.37 -16.96
N LEU A 57 10.08 16.02 -16.59
CA LEU A 57 11.25 16.72 -17.12
C LEU A 57 12.47 15.79 -17.20
N GLU A 58 13.40 16.12 -18.08
CA GLU A 58 14.62 15.34 -18.26
C GLU A 58 15.69 15.80 -17.27
N VAL A 59 16.06 14.91 -16.35
CA VAL A 59 17.08 15.23 -15.34
C VAL A 59 18.31 14.38 -15.51
N LEU A 60 19.42 14.86 -14.96
CA LEU A 60 20.67 14.15 -15.01
C LEU A 60 21.01 13.58 -13.64
N ASP A 61 21.14 12.26 -13.58
CA ASP A 61 21.47 11.57 -12.34
C ASP A 61 22.90 11.03 -12.37
N ALA A 62 23.78 11.69 -11.61
CA ALA A 62 25.17 11.29 -11.55
C ALA A 62 25.84 11.30 -12.92
N GLY A 63 25.23 12.01 -13.87
CA GLY A 63 25.80 12.10 -15.20
C GLY A 63 25.02 11.30 -16.23
N LYS A 64 23.80 10.90 -15.89
CA LYS A 64 22.97 10.13 -16.80
C LYS A 64 21.57 10.72 -16.89
N LYS A 65 21.20 11.12 -18.10
CA LYS A 65 19.90 11.72 -18.32
C LYS A 65 18.79 10.70 -18.14
N LYS A 66 17.68 11.19 -17.63
CA LYS A 66 16.52 10.36 -17.39
C LYS A 66 15.30 11.22 -17.13
N LEU A 67 14.14 10.81 -17.63
CA LEU A 67 12.92 11.56 -17.42
C LEU A 67 12.27 11.18 -16.10
N TYR A 68 11.84 12.19 -15.35
CA TYR A 68 11.21 11.97 -14.05
C TYR A 68 9.92 12.78 -13.93
N GLU A 69 8.99 12.27 -13.13
CA GLU A 69 7.71 12.94 -12.93
C GLU A 69 7.59 13.45 -11.49
N ALA A 70 7.11 14.68 -11.34
CA ALA A 70 6.95 15.28 -10.03
C ALA A 70 5.50 15.64 -9.77
N LYS A 71 5.01 15.29 -8.58
CA LYS A 71 3.63 15.58 -8.22
C LYS A 71 3.58 16.62 -7.11
N ILE A 72 2.75 17.64 -7.31
CA ILE A 72 2.60 18.71 -6.33
C ILE A 72 1.18 18.76 -5.82
N TRP A 73 1.03 18.70 -4.50
CA TRP A 73 -0.28 18.72 -3.87
C TRP A 73 -0.65 20.13 -3.43
N VAL A 74 -1.82 20.59 -3.85
CA VAL A 74 -2.28 21.94 -3.50
C VAL A 74 -3.68 21.89 -2.89
N LYS A 75 -3.81 22.48 -1.70
CA LYS A 75 -5.10 22.50 -1.01
C LYS A 75 -5.76 23.88 -1.13
N PRO A 76 -6.60 24.07 -2.16
CA PRO A 76 -7.29 25.35 -2.38
C PRO A 76 -8.34 25.64 -1.30
N TRP A 77 -8.83 24.58 -0.65
CA TRP A 77 -9.83 24.73 0.39
C TRP A 77 -9.31 25.62 1.52
N MET A 78 -8.07 25.40 1.91
CA MET A 78 -7.46 26.19 2.97
C MET A 78 -5.96 25.92 3.06
N ASP A 79 -5.25 26.21 1.98
CA ASP A 79 -3.81 25.99 1.93
C ASP A 79 -3.23 26.47 0.61
N PHE A 80 -1.91 26.37 0.47
CA PHE A 80 -1.23 26.79 -0.75
C PHE A 80 -0.68 25.59 -1.51
N LYS A 81 0.13 25.86 -2.52
CA LYS A 81 0.72 24.80 -3.34
C LYS A 81 1.98 24.24 -2.67
N GLN A 82 2.08 22.92 -2.62
CA GLN A 82 3.23 22.26 -2.01
C GLN A 82 3.62 21.00 -2.78
N LEU A 83 4.89 20.92 -3.16
CA LEU A 83 5.39 19.77 -3.91
C LEU A 83 5.45 18.53 -3.01
N GLN A 84 4.93 17.41 -3.50
CA GLN A 84 4.93 16.17 -2.75
C GLN A 84 6.22 15.38 -2.97
N GLU A 85 6.38 14.85 -4.18
CA GLU A 85 7.57 14.08 -4.51
C GLU A 85 7.53 13.65 -5.98
N PHE A 86 8.69 13.23 -6.50
CA PHE A 86 8.79 12.80 -7.89
C PHE A 86 9.32 11.37 -7.99
N LYS A 87 8.89 10.66 -9.02
CA LYS A 87 9.32 9.28 -9.23
C LYS A 87 10.01 9.14 -10.58
N HIS A 88 10.98 8.23 -10.66
CA HIS A 88 11.72 8.01 -11.89
C HIS A 88 10.89 7.21 -12.90
N VAL A 89 10.98 7.61 -14.16
CA VAL A 89 10.24 6.95 -15.23
C VAL A 89 11.16 6.61 -16.40
N ARG A 90 11.13 5.35 -16.83
CA ARG A 90 11.96 4.90 -17.94
C ARG A 90 11.43 5.44 -19.27
N ASP A 91 11.48 6.76 -19.43
CA ASP A 91 11.02 7.41 -20.65
C ASP A 91 9.62 6.94 -21.01
N VAL A 92 8.61 7.61 -20.46
CA VAL A 92 7.22 7.26 -20.73
C VAL A 92 6.28 8.39 -20.30
N PRO A 93 5.06 8.42 -20.87
CA PRO A 93 4.06 9.44 -20.56
C PRO A 93 3.42 9.23 -19.19
N SER A 94 3.27 7.96 -18.80
CA SER A 94 2.66 7.63 -17.52
C SER A 94 3.70 7.10 -16.54
N PHE A 95 4.17 5.88 -16.79
CA PHE A 95 5.18 5.27 -15.92
C PHE A 95 5.63 3.92 -16.48
N THR A 96 6.89 3.59 -16.26
CA THR A 96 7.46 2.33 -16.75
C THR A 96 6.71 1.14 -16.17
N SER A 97 6.87 -0.01 -16.80
CA SER A 97 6.21 -1.23 -16.35
C SER A 97 7.23 -2.28 -15.90
N SER A 98 8.27 -1.82 -15.23
CA SER A 98 9.32 -2.71 -14.75
C SER A 98 9.20 -2.93 -13.24
N ASP A 99 8.86 -1.86 -12.53
CA ASP A 99 8.72 -1.92 -11.07
C ASP A 99 8.20 -0.60 -10.51
N LEU A 100 7.31 0.04 -11.27
CA LEU A 100 6.74 1.31 -10.84
C LEU A 100 5.21 1.27 -10.91
N GLY A 101 4.56 1.91 -9.94
CA GLY A 101 3.11 1.93 -9.91
C GLY A 101 2.57 2.24 -8.53
N ALA A 102 1.28 1.98 -8.34
CA ALA A 102 0.63 2.24 -7.06
C ALA A 102 0.55 0.96 -6.22
N LYS A 103 1.58 0.13 -6.32
CA LYS A 103 1.64 -1.12 -5.57
C LYS A 103 2.59 -1.00 -4.38
N THR A 104 2.07 -1.27 -3.18
CA THR A 104 2.88 -1.20 -1.97
C THR A 104 2.07 -1.64 -0.76
N ASP A 105 2.34 -2.86 -0.28
CA ASP A 105 1.65 -3.39 0.88
C ASP A 105 2.20 -4.75 1.27
N ASP A 106 2.15 -5.06 2.56
CA ASP A 106 2.66 -6.33 3.07
C ASP A 106 1.81 -6.82 4.24
N GLN A 107 1.77 -8.15 4.42
CA GLN A 107 1.00 -8.75 5.50
C GLN A 107 1.92 -9.25 6.61
N VAL A 108 1.34 -9.50 7.77
CA VAL A 108 2.11 -9.99 8.92
C VAL A 108 1.18 -10.55 9.99
N SER A 109 1.61 -11.64 10.60
CA SER A 109 0.82 -12.28 11.66
C SER A 109 1.44 -12.03 13.02
N GLY A 110 0.91 -12.72 14.04
CA GLY A 110 1.42 -12.55 15.39
C GLY A 110 0.49 -13.12 16.44
N TRP A 111 0.46 -14.45 16.55
CA TRP A 111 -0.39 -15.12 17.52
C TRP A 111 -1.86 -14.77 17.28
N ARG A 112 -2.50 -15.49 16.36
CA ARG A 112 -3.90 -15.26 16.04
C ARG A 112 -4.53 -16.50 15.43
N PRO A 113 -5.87 -16.64 15.54
CA PRO A 113 -6.60 -17.78 15.00
C PRO A 113 -6.61 -17.80 13.47
N VAL A 114 -7.49 -18.60 12.90
CA VAL A 114 -7.59 -18.72 11.45
C VAL A 114 -9.03 -18.92 11.01
N PRO A 115 -9.37 -18.54 9.77
CA PRO A 115 -10.73 -18.69 9.23
C PRO A 115 -11.13 -20.16 9.10
N VAL A 116 -12.22 -20.40 8.37
CA VAL A 116 -12.71 -21.76 8.18
C VAL A 116 -13.06 -22.01 6.72
N HIS A 117 -12.75 -23.21 6.23
CA HIS A 117 -13.02 -23.58 4.84
C HIS A 117 -12.02 -22.95 3.88
N ASP A 118 -11.05 -22.21 4.43
CA ASP A 118 -10.04 -21.55 3.62
C ASP A 118 -9.07 -22.58 3.03
N PRO A 119 -8.24 -22.16 2.06
CA PRO A 119 -7.26 -23.04 1.42
C PRO A 119 -6.16 -23.47 2.38
N VAL A 120 -5.91 -22.65 3.40
CA VAL A 120 -4.88 -22.95 4.39
C VAL A 120 -5.41 -23.89 5.47
N VAL A 121 -6.62 -23.61 5.95
CA VAL A 121 -7.24 -24.43 6.98
C VAL A 121 -7.66 -25.79 6.43
N GLN A 122 -8.46 -25.76 5.37
CA GLN A 122 -8.94 -26.99 4.75
C GLN A 122 -7.77 -27.90 4.37
N ASP A 123 -6.64 -27.28 4.02
CA ASP A 123 -5.46 -28.03 3.64
C ASP A 123 -4.83 -28.71 4.85
N ALA A 124 -4.59 -27.93 5.91
CA ALA A 124 -4.01 -28.46 7.13
C ALA A 124 -4.92 -29.51 7.77
N ALA A 125 -6.22 -29.22 7.79
CA ALA A 125 -7.19 -30.14 8.37
C ALA A 125 -7.15 -31.50 7.69
N HIS A 126 -7.40 -31.51 6.38
CA HIS A 126 -7.38 -32.74 5.60
C HIS A 126 -6.04 -33.45 5.75
N HIS A 127 -4.96 -32.70 5.64
CA HIS A 127 -3.62 -33.25 5.76
C HIS A 127 -3.42 -33.91 7.12
N ALA A 128 -4.01 -33.32 8.16
CA ALA A 128 -3.90 -33.86 9.51
C ALA A 128 -4.71 -35.15 9.65
N ILE A 129 -5.90 -35.15 9.08
CA ILE A 129 -6.78 -36.33 9.15
C ILE A 129 -6.07 -37.56 8.64
N LYS A 130 -5.48 -37.46 7.45
CA LYS A 130 -4.77 -38.59 6.85
C LYS A 130 -3.46 -38.86 7.57
N THR A 131 -2.77 -37.81 7.98
CA THR A 131 -1.49 -37.93 8.66
C THR A 131 -1.67 -38.62 10.02
N ILE A 132 -2.62 -38.14 10.81
CA ILE A 132 -2.88 -38.70 12.13
C ILE A 132 -3.09 -40.22 12.05
N GLN A 133 -4.04 -40.63 11.21
CA GLN A 133 -4.34 -42.04 11.05
C GLN A 133 -3.16 -42.78 10.40
N GLU A 134 -2.43 -42.07 9.56
CA GLU A 134 -1.27 -42.65 8.88
C GLU A 134 -0.08 -42.77 9.83
N ARG A 135 -0.05 -41.93 10.86
CA ARG A 135 1.03 -41.96 11.82
C ARG A 135 1.13 -43.33 12.50
N SER A 136 0.04 -44.09 12.46
CA SER A 136 0.01 -45.40 13.07
C SER A 136 0.22 -46.48 12.01
N ASN A 137 -0.49 -46.33 10.89
CA ASN A 137 -0.39 -47.29 9.79
C ASN A 137 -1.29 -46.88 8.62
N SER A 138 -1.09 -47.51 7.47
CA SER A 138 -1.88 -47.21 6.29
C SER A 138 -3.30 -47.75 6.44
N LEU A 139 -4.28 -46.86 6.46
CA LEU A 139 -5.67 -47.25 6.61
C LEU A 139 -6.60 -46.26 5.91
N PHE A 140 -6.44 -44.99 6.22
CA PHE A 140 -7.27 -43.94 5.62
C PHE A 140 -8.74 -44.19 5.92
N PRO A 141 -9.19 -43.90 7.16
CA PRO A 141 -10.58 -44.11 7.57
C PRO A 141 -11.53 -43.12 6.89
N TYR A 142 -11.39 -41.84 7.23
CA TYR A 142 -12.24 -40.80 6.65
C TYR A 142 -11.44 -39.52 6.40
N GLU A 143 -12.12 -38.50 5.93
CA GLU A 143 -11.49 -37.21 5.64
C GLU A 143 -12.27 -36.07 6.28
N LEU A 144 -11.86 -34.84 5.96
CA LEU A 144 -12.52 -33.65 6.50
C LEU A 144 -14.00 -33.63 6.14
N SER A 145 -14.82 -33.19 7.08
CA SER A 145 -16.27 -33.13 6.87
C SER A 145 -16.78 -31.70 7.01
N GLU A 146 -16.68 -31.15 8.22
CA GLU A 146 -17.14 -29.79 8.49
C GLU A 146 -16.31 -29.17 9.61
N VAL A 147 -15.61 -28.08 9.29
CA VAL A 147 -14.79 -27.38 10.26
C VAL A 147 -15.64 -26.49 11.17
N VAL A 148 -15.41 -26.60 12.46
CA VAL A 148 -16.16 -25.82 13.44
C VAL A 148 -15.44 -24.51 13.75
N HIS A 149 -14.12 -24.58 13.93
CA HIS A 149 -13.32 -23.41 14.23
C HIS A 149 -11.84 -23.75 14.29
N ALA A 150 -11.03 -23.03 13.52
CA ALA A 150 -9.59 -23.27 13.48
C ALA A 150 -8.83 -22.04 13.95
N ASN A 151 -7.68 -22.27 14.59
CA ASN A 151 -6.86 -21.17 15.09
C ASN A 151 -5.38 -21.51 14.97
N ALA A 152 -4.57 -20.52 14.57
CA ALA A 152 -3.15 -20.71 14.42
C ALA A 152 -2.38 -20.10 15.58
N GLU A 153 -1.19 -20.65 15.85
CA GLU A 153 -0.36 -20.16 16.94
C GLU A 153 1.12 -20.12 16.52
N VAL A 154 1.85 -19.13 17.03
CA VAL A 154 3.25 -18.99 16.70
C VAL A 154 4.14 -19.54 17.82
N VAL A 155 4.85 -20.62 17.51
CA VAL A 155 5.74 -21.25 18.48
C VAL A 155 7.14 -20.61 18.44
N ASP A 156 8.05 -21.12 19.26
CA ASP A 156 9.41 -20.58 19.31
C ASP A 156 10.04 -20.48 17.92
N THR A 157 9.68 -21.43 17.05
CA THR A 157 10.22 -21.44 15.69
C THR A 157 9.12 -21.74 14.67
N SER A 158 8.45 -22.87 14.82
CA SER A 158 7.39 -23.27 13.90
C SER A 158 6.09 -22.57 14.24
N ALA A 159 4.97 -23.12 13.77
CA ALA A 159 3.65 -22.56 14.03
C ALA A 159 2.63 -23.65 14.34
N LYS A 160 2.05 -23.58 15.53
CA LYS A 160 1.07 -24.57 15.95
C LYS A 160 -0.29 -24.30 15.30
N PHE A 161 -1.10 -25.35 15.18
CA PHE A 161 -2.42 -25.23 14.58
C PHE A 161 -3.46 -25.98 15.40
N ASP A 162 -4.29 -25.23 16.13
CA ASP A 162 -5.32 -25.82 16.96
C ASP A 162 -6.70 -25.66 16.31
N MET A 163 -7.15 -26.70 15.63
CA MET A 163 -8.45 -26.67 14.96
C MET A 163 -9.36 -27.79 15.46
N LEU A 164 -10.63 -27.73 15.06
CA LEU A 164 -11.60 -28.74 15.47
C LEU A 164 -12.65 -28.94 14.38
N LEU A 165 -12.75 -30.17 13.87
CA LEU A 165 -13.71 -30.48 12.83
C LEU A 165 -14.37 -31.83 13.08
N LYS A 166 -15.56 -32.02 12.51
CA LYS A 166 -16.29 -33.27 12.68
C LYS A 166 -15.96 -34.24 11.56
N VAL A 167 -15.70 -35.50 11.92
CA VAL A 167 -15.37 -36.53 10.94
C VAL A 167 -16.48 -37.56 10.82
N LYS A 168 -16.63 -38.13 9.63
CA LYS A 168 -17.65 -39.13 9.38
C LYS A 168 -17.03 -40.52 9.20
N ARG A 169 -17.79 -41.55 9.58
CA ARG A 169 -17.32 -42.92 9.45
C ARG A 169 -18.49 -43.90 9.46
N GLY A 170 -18.99 -44.24 8.28
CA GLY A 170 -20.09 -45.17 8.19
C GLY A 170 -21.43 -44.52 8.53
N GLY A 171 -21.48 -43.19 8.46
CA GLY A 171 -22.70 -42.48 8.76
C GLY A 171 -22.75 -41.97 10.19
N LYS A 172 -21.57 -41.77 10.78
CA LYS A 172 -21.49 -41.28 12.16
C LYS A 172 -21.15 -39.79 12.19
N GLU A 173 -21.10 -39.23 13.38
CA GLU A 173 -20.78 -37.82 13.54
C GLU A 173 -20.10 -37.56 14.88
N GLU A 174 -18.81 -37.23 14.83
CA GLU A 174 -18.05 -36.96 16.04
C GLU A 174 -17.00 -35.88 15.80
N LYS A 175 -16.50 -35.29 16.88
CA LYS A 175 -15.50 -34.24 16.78
C LYS A 175 -14.20 -34.68 17.45
N TYR A 176 -13.10 -34.01 17.10
CA TYR A 176 -11.80 -34.33 17.67
C TYR A 176 -10.82 -33.17 17.51
N LYS A 177 -9.97 -32.99 18.51
CA LYS A 177 -8.97 -31.92 18.50
C LYS A 177 -7.77 -32.31 17.65
N VAL A 178 -7.22 -31.35 16.92
CA VAL A 178 -6.07 -31.60 16.07
C VAL A 178 -4.97 -30.56 16.31
N GLU A 179 -3.73 -31.03 16.43
CA GLU A 179 -2.60 -30.15 16.66
C GLU A 179 -1.48 -30.44 15.65
N VAL A 180 -1.31 -29.53 14.71
CA VAL A 180 -0.28 -29.68 13.68
C VAL A 180 0.63 -28.46 13.63
N HIS A 181 1.89 -28.68 13.27
CA HIS A 181 2.86 -27.60 13.18
C HIS A 181 3.04 -27.15 11.74
N LYS A 182 3.39 -25.89 11.55
CA LYS A 182 3.60 -25.33 10.22
C LYS A 182 5.08 -25.10 9.95
N SER A 183 5.55 -25.59 8.81
CA SER A 183 6.94 -25.44 8.43
C SER A 183 7.09 -24.46 7.28
N THR A 184 7.53 -23.24 7.58
CA THR A 184 7.72 -22.21 6.57
C THR A 184 8.81 -22.60 5.58
N GLU A 185 8.71 -22.10 4.36
CA GLU A 185 9.69 -22.40 3.33
C GLU A 185 9.75 -23.90 3.03
N GLU A 186 8.63 -24.58 3.27
CA GLU A 186 8.55 -26.01 3.03
C GLU A 186 7.18 -26.40 2.48
N GLY A 187 6.13 -26.02 3.20
CA GLY A 187 4.79 -26.34 2.75
C GLY A 187 4.24 -27.59 3.41
N GLY A 188 5.14 -28.50 3.79
CA GLY A 188 4.71 -29.74 4.42
C GLY A 188 4.37 -29.55 5.88
N PHE A 189 3.28 -30.16 6.32
CA PHE A 189 2.84 -30.06 7.71
C PHE A 189 3.45 -31.17 8.55
N ASN A 190 3.52 -30.93 9.86
CA ASN A 190 4.10 -31.91 10.77
C ASN A 190 3.18 -32.11 11.98
N LEU A 191 2.17 -32.97 11.82
CA LEU A 191 1.22 -33.27 12.89
C LEU A 191 1.94 -33.57 14.20
N LYS A 192 1.65 -32.78 15.23
CA LYS A 192 2.26 -32.96 16.53
C LYS A 192 1.47 -33.96 17.37
N LYS A 193 0.29 -33.55 17.82
CA LYS A 193 -0.57 -34.40 18.63
C LYS A 193 -2.02 -34.30 18.18
N VAL A 194 -2.88 -35.13 18.76
CA VAL A 194 -4.30 -35.13 18.42
C VAL A 194 -5.14 -35.61 19.59
N ASP A 195 -6.35 -35.06 19.70
CA ASP A 195 -7.27 -35.43 20.78
C ASP A 195 -8.67 -35.67 20.24
N LEU A 196 -9.51 -36.31 21.04
CA LEU A 196 -10.89 -36.60 20.64
C LEU A 196 -11.86 -35.66 21.35
N ASP A 197 -12.96 -35.33 20.69
CA ASP A 197 -13.97 -34.44 21.27
C ASP A 197 -15.37 -34.92 20.92
N HIS A 198 -15.92 -35.78 21.77
CA HIS A 198 -17.27 -36.31 21.56
C HIS A 198 -18.27 -35.68 22.52
N SER A 199 -18.02 -34.43 22.89
CA SER A 199 -18.89 -33.71 23.81
C SER A 199 -19.36 -32.39 23.20
N MET A 1 -1.08 28.90 -3.25
CA MET A 1 -2.12 29.83 -3.76
C MET A 1 -2.18 29.79 -5.29
N ALA A 2 -2.03 28.60 -5.85
CA ALA A 2 -2.07 28.43 -7.30
C ALA A 2 -2.52 27.02 -7.67
N THR A 3 -3.57 26.93 -8.49
CA THR A 3 -4.10 25.65 -8.92
C THR A 3 -4.14 25.58 -10.44
N LEU A 4 -4.78 24.52 -10.96
CA LEU A 4 -4.88 24.32 -12.40
C LEU A 4 -6.21 23.65 -12.75
N GLY A 5 -6.39 23.36 -14.04
CA GLY A 5 -7.62 22.72 -14.49
C GLY A 5 -7.96 21.48 -13.70
N GLY A 6 -7.46 20.33 -14.15
CA GLY A 6 -7.72 19.09 -13.45
C GLY A 6 -7.86 17.91 -14.40
N VAL A 7 -6.90 17.00 -14.35
CA VAL A 7 -6.91 15.82 -15.21
C VAL A 7 -6.79 16.21 -16.68
N HIS A 8 -5.57 16.46 -17.13
CA HIS A 8 -5.33 16.85 -18.51
C HIS A 8 -3.83 17.02 -18.78
N ASP A 9 -3.39 16.60 -19.96
CA ASP A 9 -1.98 16.70 -20.34
C ASP A 9 -1.74 17.97 -21.15
N SER A 10 -0.47 18.28 -21.37
CA SER A 10 -0.09 19.47 -22.13
C SER A 10 1.37 19.40 -22.57
N ASN A 11 1.85 20.48 -23.17
CA ASN A 11 3.24 20.54 -23.63
C ASN A 11 4.03 21.58 -22.84
N SER A 12 3.79 21.63 -21.53
CA SER A 12 4.48 22.58 -20.67
C SER A 12 4.16 24.01 -21.06
N ASN A 13 2.87 24.30 -21.22
CA ASN A 13 2.43 25.64 -21.60
C ASN A 13 2.89 26.67 -20.58
N PRO A 14 2.45 26.53 -19.31
CA PRO A 14 2.81 27.46 -18.25
C PRO A 14 4.25 27.26 -17.77
N ASP A 15 4.58 27.88 -16.64
CA ASP A 15 5.93 27.77 -16.10
C ASP A 15 6.12 26.45 -15.38
N THR A 16 6.01 25.36 -16.13
CA THR A 16 6.18 24.01 -15.57
C THR A 16 7.63 23.74 -15.20
N HIS A 17 8.54 24.40 -15.92
CA HIS A 17 9.97 24.23 -15.67
C HIS A 17 10.32 24.58 -14.23
N SER A 18 9.93 25.78 -13.81
CA SER A 18 10.21 26.25 -12.45
C SER A 18 9.56 25.32 -11.42
N LEU A 19 8.40 24.78 -11.77
CA LEU A 19 7.68 23.88 -10.88
C LEU A 19 8.53 22.66 -10.52
N ALA A 20 9.24 22.14 -11.51
CA ALA A 20 10.10 20.98 -11.30
C ALA A 20 11.30 21.34 -10.44
N ARG A 21 11.79 22.56 -10.60
CA ARG A 21 12.93 23.04 -9.83
C ARG A 21 12.63 23.01 -8.34
N PHE A 22 11.44 23.47 -7.97
CA PHE A 22 11.02 23.50 -6.58
C PHE A 22 10.90 22.09 -6.02
N ALA A 23 10.33 21.19 -6.81
CA ALA A 23 10.14 19.81 -6.39
C ALA A 23 11.48 19.14 -6.09
N VAL A 24 12.40 19.20 -7.04
CA VAL A 24 13.72 18.61 -6.86
C VAL A 24 14.46 19.24 -5.69
N ASP A 25 14.21 20.53 -5.48
CA ASP A 25 14.86 21.27 -4.40
C ASP A 25 14.55 20.68 -3.03
N GLN A 26 13.28 20.34 -2.81
CA GLN A 26 12.86 19.78 -1.52
C GLN A 26 13.47 18.40 -1.28
N HIS A 27 13.62 17.63 -2.36
CA HIS A 27 14.18 16.29 -2.26
C HIS A 27 15.70 16.34 -2.07
N ASN A 28 16.37 17.07 -2.95
CA ASN A 28 17.82 17.19 -2.88
C ASN A 28 18.28 17.76 -1.54
N THR A 29 17.51 18.70 -1.00
CA THR A 29 17.84 19.33 0.26
C THR A 29 17.54 18.44 1.46
N LYS A 30 16.54 17.56 1.34
CA LYS A 30 16.16 16.70 2.45
C LYS A 30 16.90 15.35 2.47
N GLU A 31 16.86 14.60 1.37
CA GLU A 31 17.51 13.30 1.33
C GLU A 31 18.31 13.06 0.04
N ASN A 32 17.95 13.76 -1.04
CA ASN A 32 18.64 13.58 -2.30
C ASN A 32 19.88 14.47 -2.40
N GLY A 33 20.52 14.45 -3.56
CA GLY A 33 21.71 15.26 -3.76
C GLY A 33 22.52 14.82 -4.97
N LEU A 34 21.83 14.38 -6.02
CA LEU A 34 22.49 13.94 -7.24
C LEU A 34 21.54 14.02 -8.44
N LEU A 35 20.55 14.90 -8.34
CA LEU A 35 19.57 15.06 -9.41
C LEU A 35 19.55 16.51 -9.90
N GLU A 36 19.74 16.69 -11.21
CA GLU A 36 19.73 18.02 -11.78
C GLU A 36 18.72 18.11 -12.93
N LEU A 37 18.18 19.30 -13.13
CA LEU A 37 17.20 19.53 -14.18
C LEU A 37 17.88 19.90 -15.49
N VAL A 38 17.63 19.10 -16.52
CA VAL A 38 18.23 19.34 -17.84
C VAL A 38 17.27 20.06 -18.77
N ARG A 39 16.14 19.42 -19.07
CA ARG A 39 15.15 20.03 -19.96
C ARG A 39 13.78 19.41 -19.75
N VAL A 40 12.76 20.26 -19.60
CA VAL A 40 11.39 19.80 -19.39
C VAL A 40 10.99 18.77 -20.43
N VAL A 41 10.06 17.89 -20.04
CA VAL A 41 9.57 16.85 -20.94
C VAL A 41 8.11 17.08 -21.31
N GLU A 42 7.24 16.99 -20.31
CA GLU A 42 5.80 17.19 -20.53
C GLU A 42 5.13 17.71 -19.26
N ALA A 43 3.85 18.03 -19.38
CA ALA A 43 3.08 18.54 -18.25
C ALA A 43 1.70 17.90 -18.18
N ARG A 44 1.48 17.11 -17.14
CA ARG A 44 0.20 16.43 -16.96
C ARG A 44 -0.51 16.95 -15.71
N GLU A 45 -1.84 16.92 -15.74
CA GLU A 45 -2.63 17.39 -14.61
C GLU A 45 -3.58 16.32 -14.12
N GLN A 46 -4.05 16.47 -12.88
CA GLN A 46 -4.96 15.51 -12.27
C GLN A 46 -5.55 16.07 -10.99
N VAL A 47 -6.73 15.59 -10.64
CA VAL A 47 -7.41 16.06 -9.44
C VAL A 47 -7.39 15.00 -8.34
N VAL A 48 -6.63 15.29 -7.29
CA VAL A 48 -6.52 14.37 -6.15
C VAL A 48 -6.83 15.08 -4.84
N ALA A 49 -7.96 14.75 -4.23
CA ALA A 49 -8.36 15.37 -2.97
C ALA A 49 -8.15 16.88 -3.02
N GLY A 50 -8.30 17.44 -4.22
CA GLY A 50 -8.11 18.86 -4.43
C GLY A 50 -7.46 19.15 -5.76
N THR A 51 -6.13 19.12 -5.80
CA THR A 51 -5.41 19.38 -7.03
C THR A 51 -4.08 18.62 -7.04
N LEU A 52 -3.71 18.09 -8.21
CA LEU A 52 -2.46 17.36 -8.35
C LEU A 52 -1.70 17.85 -9.58
N HIS A 53 -0.43 18.19 -9.39
CA HIS A 53 0.41 18.67 -10.49
C HIS A 53 1.49 17.66 -10.84
N HIS A 54 1.30 16.97 -11.96
CA HIS A 54 2.25 15.97 -12.41
C HIS A 54 3.10 16.52 -13.57
N LEU A 55 4.37 16.80 -13.29
CA LEU A 55 5.27 17.34 -14.30
C LEU A 55 6.45 16.40 -14.55
N VAL A 56 6.71 16.14 -15.82
CA VAL A 56 7.82 15.27 -16.22
C VAL A 56 8.90 16.07 -16.92
N LEU A 57 10.14 15.88 -16.49
CA LEU A 57 11.26 16.60 -17.07
C LEU A 57 12.51 15.72 -17.15
N GLU A 58 13.42 16.09 -18.05
CA GLU A 58 14.68 15.35 -18.22
C GLU A 58 15.73 15.86 -17.25
N VAL A 59 16.14 14.99 -16.32
CA VAL A 59 17.14 15.35 -15.32
C VAL A 59 18.41 14.54 -15.48
N LEU A 60 19.49 15.06 -14.92
CA LEU A 60 20.77 14.39 -14.97
C LEU A 60 21.13 13.83 -13.60
N ASP A 61 21.31 12.51 -13.55
CA ASP A 61 21.65 11.83 -12.31
C ASP A 61 23.09 11.34 -12.35
N ALA A 62 23.97 12.00 -11.59
CA ALA A 62 25.36 11.63 -11.53
C ALA A 62 26.02 11.67 -12.91
N GLY A 63 25.39 12.37 -13.84
CA GLY A 63 25.94 12.48 -15.18
C GLY A 63 25.19 11.65 -16.21
N LYS A 64 23.98 11.23 -15.86
CA LYS A 64 23.17 10.42 -16.77
C LYS A 64 21.75 10.97 -16.86
N LYS A 65 21.35 11.35 -18.06
CA LYS A 65 20.03 11.90 -18.28
C LYS A 65 18.97 10.86 -18.06
N LYS A 66 17.84 11.32 -17.57
CA LYS A 66 16.71 10.44 -17.31
C LYS A 66 15.46 11.27 -17.05
N LEU A 67 14.32 10.81 -17.55
CA LEU A 67 13.06 11.53 -17.35
C LEU A 67 12.43 11.15 -16.02
N TYR A 68 12.09 12.15 -15.22
CA TYR A 68 11.47 11.93 -13.92
C TYR A 68 10.15 12.68 -13.81
N GLU A 69 9.24 12.14 -13.02
CA GLU A 69 7.93 12.76 -12.84
C GLU A 69 7.75 13.26 -11.41
N ALA A 70 7.29 14.49 -11.28
CA ALA A 70 7.07 15.10 -9.96
C ALA A 70 5.60 15.40 -9.73
N LYS A 71 5.11 15.08 -8.54
CA LYS A 71 3.72 15.33 -8.19
C LYS A 71 3.62 16.38 -7.10
N ILE A 72 2.76 17.36 -7.31
CA ILE A 72 2.55 18.43 -6.34
C ILE A 72 1.11 18.42 -5.84
N TRP A 73 0.96 18.37 -4.52
CA TRP A 73 -0.36 18.33 -3.91
C TRP A 73 -0.81 19.73 -3.49
N VAL A 74 -1.85 20.23 -4.14
CA VAL A 74 -2.38 21.56 -3.83
C VAL A 74 -3.89 21.49 -3.64
N LYS A 75 -4.43 22.46 -2.90
CA LYS A 75 -5.86 22.51 -2.64
C LYS A 75 -6.42 23.91 -2.92
N PRO A 76 -7.50 23.99 -3.71
CA PRO A 76 -8.12 25.29 -4.05
C PRO A 76 -8.48 26.11 -2.81
N TRP A 77 -9.27 25.51 -1.93
CA TRP A 77 -9.69 26.18 -0.70
C TRP A 77 -8.48 26.57 0.15
N MET A 78 -7.56 25.62 0.32
CA MET A 78 -6.36 25.87 1.11
C MET A 78 -5.55 27.02 0.52
N ASP A 79 -5.56 27.13 -0.80
CA ASP A 79 -4.83 28.18 -1.49
C ASP A 79 -3.34 28.08 -1.19
N PHE A 80 -2.86 26.87 -0.95
CA PHE A 80 -1.45 26.64 -0.66
C PHE A 80 -0.95 25.38 -1.35
N LYS A 81 -0.15 25.56 -2.39
CA LYS A 81 0.40 24.43 -3.14
C LYS A 81 1.66 23.90 -2.46
N GLN A 82 1.86 22.58 -2.52
CA GLN A 82 3.02 21.96 -1.91
C GLN A 82 3.45 20.72 -2.69
N LEU A 83 4.72 20.68 -3.09
CA LEU A 83 5.26 19.55 -3.83
C LEU A 83 5.39 18.32 -2.94
N GLN A 84 4.91 17.18 -3.42
CA GLN A 84 4.98 15.95 -2.66
C GLN A 84 6.31 15.22 -2.89
N GLU A 85 6.49 14.70 -4.10
CA GLU A 85 7.71 13.98 -4.45
C GLU A 85 7.68 13.52 -5.90
N PHE A 86 8.84 13.16 -6.44
CA PHE A 86 8.94 12.70 -7.83
C PHE A 86 9.45 11.27 -7.90
N LYS A 87 9.01 10.54 -8.92
CA LYS A 87 9.43 9.16 -9.10
C LYS A 87 10.14 8.99 -10.45
N HIS A 88 11.04 8.01 -10.51
CA HIS A 88 11.79 7.75 -11.73
C HIS A 88 10.90 7.09 -12.78
N VAL A 89 10.81 7.71 -13.95
CA VAL A 89 9.99 7.19 -15.04
C VAL A 89 10.84 6.94 -16.28
N ARG A 90 10.19 6.47 -17.35
CA ARG A 90 10.88 6.19 -18.61
C ARG A 90 10.30 7.03 -19.74
N ASP A 91 10.85 6.86 -20.93
CA ASP A 91 10.38 7.60 -22.11
C ASP A 91 8.96 7.18 -22.48
N VAL A 92 7.99 7.65 -21.72
CA VAL A 92 6.59 7.32 -21.97
C VAL A 92 5.66 8.28 -21.24
N PRO A 93 4.39 8.39 -21.71
CA PRO A 93 3.40 9.27 -21.09
C PRO A 93 2.98 8.79 -19.71
N SER A 94 3.05 7.48 -19.50
CA SER A 94 2.68 6.89 -18.22
C SER A 94 3.91 6.35 -17.49
N PHE A 95 3.78 6.21 -16.17
CA PHE A 95 4.88 5.70 -15.36
C PHE A 95 5.36 4.34 -15.86
N THR A 96 6.67 4.13 -15.81
CA THR A 96 7.25 2.86 -16.26
C THR A 96 6.71 1.69 -15.45
N SER A 97 7.18 0.50 -15.76
CA SER A 97 6.75 -0.71 -15.05
C SER A 97 7.75 -1.09 -13.97
N SER A 98 8.33 -0.09 -13.31
CA SER A 98 9.31 -0.33 -12.26
C SER A 98 8.68 -0.11 -10.88
N ASP A 99 7.41 -0.47 -10.75
CA ASP A 99 6.69 -0.32 -9.49
C ASP A 99 6.64 1.14 -9.07
N LEU A 100 5.73 1.89 -9.67
CA LEU A 100 5.58 3.30 -9.35
C LEU A 100 4.29 3.55 -8.57
N GLY A 101 3.16 3.42 -9.24
CA GLY A 101 1.88 3.62 -8.59
C GLY A 101 1.74 5.02 -8.02
N ALA A 102 1.05 5.15 -6.89
CA ALA A 102 0.84 6.44 -6.25
C ALA A 102 0.14 6.28 -4.92
N LYS A 103 0.47 5.21 -4.19
CA LYS A 103 -0.13 4.94 -2.89
C LYS A 103 0.88 4.31 -1.95
N THR A 104 0.40 3.84 -0.80
CA THR A 104 1.26 3.21 0.19
C THR A 104 0.65 1.90 0.68
N ASP A 105 1.52 0.94 1.00
CA ASP A 105 1.08 -0.37 1.48
C ASP A 105 2.26 -1.24 1.85
N ASP A 106 2.19 -1.87 3.02
CA ASP A 106 3.26 -2.74 3.49
C ASP A 106 2.81 -3.54 4.71
N GLN A 107 3.38 -4.74 4.87
CA GLN A 107 3.03 -5.61 5.99
C GLN A 107 4.15 -5.63 7.01
N VAL A 108 3.82 -6.10 8.22
CA VAL A 108 4.80 -6.18 9.29
C VAL A 108 4.30 -7.09 10.42
N SER A 109 5.21 -7.86 10.98
CA SER A 109 4.87 -8.78 12.06
C SER A 109 5.39 -8.26 13.40
N GLY A 110 4.53 -8.25 14.41
CA GLY A 110 4.92 -7.77 15.72
C GLY A 110 3.80 -7.89 16.74
N TRP A 111 3.48 -9.13 17.12
CA TRP A 111 2.43 -9.39 18.08
C TRP A 111 1.10 -8.81 17.62
N ARG A 112 0.40 -9.54 16.76
CA ARG A 112 -0.89 -9.09 16.25
C ARG A 112 -1.74 -10.28 15.80
N PRO A 113 -3.07 -10.11 15.77
CA PRO A 113 -4.00 -11.16 15.36
C PRO A 113 -3.89 -11.48 13.87
N VAL A 114 -4.89 -12.20 13.35
CA VAL A 114 -4.92 -12.58 11.94
C VAL A 114 -6.34 -12.61 11.39
N PRO A 115 -6.50 -12.42 10.08
CA PRO A 115 -7.82 -12.44 9.43
C PRO A 115 -8.48 -13.80 9.53
N VAL A 116 -9.54 -13.99 8.75
CA VAL A 116 -10.27 -15.25 8.73
C VAL A 116 -10.55 -15.72 7.31
N HIS A 117 -10.45 -17.02 7.09
CA HIS A 117 -10.68 -17.61 5.77
C HIS A 117 -9.49 -17.37 4.84
N ASP A 118 -8.44 -16.73 5.36
CA ASP A 118 -7.25 -16.45 4.57
C ASP A 118 -6.47 -17.73 4.29
N PRO A 119 -5.49 -17.68 3.37
CA PRO A 119 -4.66 -18.84 3.03
C PRO A 119 -3.75 -19.26 4.18
N VAL A 120 -3.43 -18.30 5.05
CA VAL A 120 -2.57 -18.59 6.19
C VAL A 120 -3.36 -19.16 7.36
N VAL A 121 -4.54 -18.60 7.59
CA VAL A 121 -5.41 -19.06 8.67
C VAL A 121 -6.05 -20.40 8.34
N GLN A 122 -6.74 -20.44 7.20
CA GLN A 122 -7.41 -21.66 6.76
C GLN A 122 -6.43 -22.82 6.69
N ASP A 123 -5.18 -22.51 6.36
CA ASP A 123 -4.14 -23.53 6.26
C ASP A 123 -3.79 -24.08 7.64
N ALA A 124 -3.54 -23.18 8.59
CA ALA A 124 -3.20 -23.58 9.95
C ALA A 124 -4.39 -24.24 10.64
N ALA A 125 -5.58 -23.68 10.42
CA ALA A 125 -6.79 -24.21 11.01
C ALA A 125 -7.04 -25.65 10.58
N HIS A 126 -7.17 -25.86 9.27
CA HIS A 126 -7.40 -27.19 8.72
C HIS A 126 -6.32 -28.17 9.20
N HIS A 127 -5.07 -27.75 9.07
CA HIS A 127 -3.95 -28.59 9.49
C HIS A 127 -4.07 -28.95 10.96
N ALA A 128 -4.59 -28.02 11.75
CA ALA A 128 -4.77 -28.25 13.18
C ALA A 128 -5.89 -29.25 13.44
N ILE A 129 -6.95 -29.16 12.64
CA ILE A 129 -8.09 -30.06 12.78
C ILE A 129 -7.65 -31.52 12.73
N LYS A 130 -6.89 -31.87 11.70
CA LYS A 130 -6.41 -33.24 11.54
C LYS A 130 -5.31 -33.56 12.53
N THR A 131 -4.42 -32.60 12.77
CA THR A 131 -3.33 -32.79 13.72
C THR A 131 -3.84 -33.04 15.13
N ILE A 132 -4.73 -32.17 15.61
CA ILE A 132 -5.29 -32.30 16.94
C ILE A 132 -5.88 -33.70 17.16
N GLN A 133 -6.77 -34.11 16.27
CA GLN A 133 -7.40 -35.42 16.38
C GLN A 133 -6.37 -36.53 16.14
N GLU A 134 -5.38 -36.24 15.31
CA GLU A 134 -4.32 -37.20 15.01
C GLU A 134 -3.35 -37.33 16.17
N ARG A 135 -3.23 -36.27 16.97
CA ARG A 135 -2.32 -36.27 18.11
C ARG A 135 -2.66 -37.40 19.08
N SER A 136 -3.89 -37.88 19.01
CA SER A 136 -4.33 -38.97 19.88
C SER A 136 -4.29 -40.30 19.15
N ASN A 137 -4.82 -40.32 17.93
CA ASN A 137 -4.85 -41.53 17.12
C ASN A 137 -5.48 -41.26 15.76
N SER A 138 -5.30 -42.20 14.84
CA SER A 138 -5.86 -42.06 13.49
C SER A 138 -7.38 -42.25 13.52
N LEU A 139 -8.11 -41.23 13.10
CA LEU A 139 -9.56 -41.28 13.08
C LEU A 139 -10.14 -40.44 11.96
N PHE A 140 -9.77 -39.16 11.93
CA PHE A 140 -10.25 -38.25 10.89
C PHE A 140 -11.77 -38.17 10.88
N PRO A 141 -12.38 -37.75 12.00
CA PRO A 141 -13.84 -37.64 12.12
C PRO A 141 -14.41 -36.53 11.25
N TYR A 142 -14.01 -35.29 11.53
CA TYR A 142 -14.48 -34.14 10.77
C TYR A 142 -13.32 -33.22 10.39
N GLU A 143 -13.65 -32.13 9.72
CA GLU A 143 -12.65 -31.17 9.28
C GLU A 143 -13.08 -29.73 9.59
N LEU A 144 -12.36 -28.77 9.05
CA LEU A 144 -12.68 -27.36 9.27
C LEU A 144 -14.07 -27.03 8.76
N SER A 145 -14.81 -26.24 9.54
CA SER A 145 -16.17 -25.86 9.16
C SER A 145 -16.27 -24.35 8.94
N GLU A 146 -16.14 -23.59 10.01
CA GLU A 146 -16.21 -22.13 9.93
C GLU A 146 -15.37 -21.49 11.03
N VAL A 147 -14.48 -20.59 10.62
CA VAL A 147 -13.60 -19.90 11.56
C VAL A 147 -14.31 -18.70 12.19
N VAL A 148 -14.22 -18.58 13.51
CA VAL A 148 -14.85 -17.49 14.24
C VAL A 148 -13.91 -16.29 14.34
N HIS A 149 -12.70 -16.54 14.83
CA HIS A 149 -11.71 -15.48 14.97
C HIS A 149 -10.32 -16.07 15.20
N ALA A 150 -9.36 -15.63 14.39
CA ALA A 150 -7.99 -16.12 14.51
C ALA A 150 -7.02 -14.99 14.85
N ASN A 151 -6.00 -15.32 15.62
CA ASN A 151 -5.00 -14.33 16.03
C ASN A 151 -3.63 -14.97 16.16
N ALA A 152 -2.60 -14.27 15.69
CA ALA A 152 -1.24 -14.78 15.75
C ALA A 152 -0.45 -14.11 16.88
N GLU A 153 0.58 -14.81 17.35
CA GLU A 153 1.42 -14.29 18.43
C GLU A 153 2.88 -14.65 18.19
N VAL A 154 3.78 -13.78 18.61
CA VAL A 154 5.20 -14.00 18.45
C VAL A 154 5.85 -14.49 19.75
N VAL A 155 6.26 -15.75 19.75
CA VAL A 155 6.90 -16.34 20.93
C VAL A 155 8.40 -16.06 20.93
N ASP A 156 9.11 -16.57 21.93
CA ASP A 156 10.55 -16.35 22.04
C ASP A 156 11.27 -16.70 20.75
N THR A 157 10.76 -17.70 20.03
CA THR A 157 11.37 -18.14 18.78
C THR A 157 10.31 -18.41 17.72
N SER A 158 9.38 -19.31 18.02
CA SER A 158 8.32 -19.66 17.07
C SER A 158 7.20 -18.61 17.10
N ALA A 159 6.02 -19.01 16.61
CA ALA A 159 4.87 -18.12 16.58
C ALA A 159 3.59 -18.85 16.96
N LYS A 160 2.95 -18.40 18.03
CA LYS A 160 1.72 -19.02 18.49
C LYS A 160 0.52 -18.61 17.63
N PHE A 161 -0.51 -19.45 17.61
CA PHE A 161 -1.71 -19.17 16.83
C PHE A 161 -2.96 -19.46 17.65
N ASP A 162 -3.64 -18.41 18.10
CA ASP A 162 -4.85 -18.56 18.89
C ASP A 162 -6.09 -18.29 18.04
N MET A 163 -6.73 -19.37 17.58
CA MET A 163 -7.92 -19.25 16.75
C MET A 163 -9.09 -20.03 17.34
N LEU A 164 -10.27 -19.82 16.80
CA LEU A 164 -11.48 -20.50 17.26
C LEU A 164 -12.43 -20.74 16.10
N LEU A 165 -12.76 -22.00 15.85
CA LEU A 165 -13.66 -22.36 14.77
C LEU A 165 -14.59 -23.49 15.19
N LYS A 166 -15.73 -23.61 14.49
CA LYS A 166 -16.71 -24.64 14.81
C LYS A 166 -16.46 -25.89 13.96
N VAL A 167 -16.77 -27.05 14.53
CA VAL A 167 -16.58 -28.31 13.83
C VAL A 167 -17.91 -28.98 13.52
N LYS A 168 -18.03 -29.52 12.31
CA LYS A 168 -19.26 -30.18 11.89
C LYS A 168 -19.05 -31.69 11.74
N ARG A 169 -20.07 -32.46 12.10
CA ARG A 169 -20.00 -33.91 12.02
C ARG A 169 -21.40 -34.53 12.00
N GLY A 170 -21.93 -34.75 10.80
CA GLY A 170 -23.25 -35.32 10.68
C GLY A 170 -24.35 -34.32 10.95
N GLY A 171 -24.03 -33.03 10.86
CA GLY A 171 -25.02 -32.00 11.11
C GLY A 171 -24.97 -31.47 12.53
N LYS A 172 -23.81 -31.58 13.17
CA LYS A 172 -23.64 -31.09 14.53
C LYS A 172 -22.91 -29.76 14.56
N GLU A 173 -22.75 -29.19 15.74
CA GLU A 173 -22.07 -27.91 15.90
C GLU A 173 -21.43 -27.80 17.28
N GLU A 174 -20.11 -27.63 17.30
CA GLU A 174 -19.38 -27.51 18.56
C GLU A 174 -18.10 -26.71 18.37
N LYS A 175 -17.98 -25.60 19.08
CA LYS A 175 -16.81 -24.74 18.98
C LYS A 175 -15.70 -25.24 19.91
N TYR A 176 -14.48 -24.80 19.64
CA TYR A 176 -13.33 -25.21 20.45
C TYR A 176 -12.12 -24.32 20.16
N LYS A 177 -11.27 -24.15 21.18
CA LYS A 177 -10.07 -23.34 21.04
C LYS A 177 -8.95 -24.13 20.36
N VAL A 178 -8.00 -23.41 19.77
CA VAL A 178 -6.88 -24.05 19.09
C VAL A 178 -5.59 -23.26 19.27
N GLU A 179 -4.51 -23.95 19.56
CA GLU A 179 -3.22 -23.31 19.76
C GLU A 179 -2.12 -24.05 19.00
N VAL A 180 -1.68 -23.47 17.89
CA VAL A 180 -0.64 -24.07 17.07
C VAL A 180 0.55 -23.13 16.92
N HIS A 181 1.75 -23.71 16.79
CA HIS A 181 2.96 -22.91 16.64
C HIS A 181 3.38 -22.84 15.17
N LYS A 182 4.06 -21.76 14.81
CA LYS A 182 4.52 -21.57 13.44
C LYS A 182 6.03 -21.72 13.35
N SER A 183 6.47 -22.65 12.50
CA SER A 183 7.89 -22.90 12.32
C SER A 183 8.22 -23.13 10.84
N THR A 184 9.37 -22.62 10.40
CA THR A 184 9.80 -22.78 9.02
C THR A 184 10.82 -23.91 8.89
N GLU A 185 11.62 -24.09 9.94
CA GLU A 185 12.64 -25.14 9.94
C GLU A 185 12.01 -26.52 10.09
N GLU A 186 10.99 -26.60 10.93
CA GLU A 186 10.29 -27.86 11.16
C GLU A 186 9.70 -28.41 9.87
N GLY A 187 9.27 -27.51 8.99
CA GLY A 187 8.69 -27.91 7.73
C GLY A 187 7.18 -27.73 7.70
N GLY A 188 6.55 -27.81 8.87
CA GLY A 188 5.12 -27.64 8.95
C GLY A 188 4.66 -27.18 10.31
N PHE A 189 3.36 -26.94 10.45
CA PHE A 189 2.79 -26.48 11.71
C PHE A 189 3.00 -27.52 12.81
N ASN A 190 2.92 -27.07 14.06
CA ASN A 190 3.10 -27.95 15.21
C ASN A 190 2.10 -27.62 16.31
N LEU A 191 0.92 -28.23 16.23
CA LEU A 191 -0.13 -28.00 17.21
C LEU A 191 0.41 -28.17 18.64
N LYS A 192 0.28 -27.12 19.44
CA LYS A 192 0.75 -27.14 20.83
C LYS A 192 -0.31 -27.73 21.74
N LYS A 193 -1.39 -26.98 21.95
CA LYS A 193 -2.49 -27.44 22.80
C LYS A 193 -3.84 -27.15 22.16
N VAL A 194 -4.90 -27.62 22.79
CA VAL A 194 -6.26 -27.42 22.29
C VAL A 194 -7.28 -27.47 23.41
N ASP A 195 -8.32 -26.64 23.31
CA ASP A 195 -9.37 -26.60 24.32
C ASP A 195 -10.75 -26.59 23.67
N LEU A 196 -11.77 -26.89 24.46
CA LEU A 196 -13.14 -26.91 23.97
C LEU A 196 -13.91 -25.67 24.42
N ASP A 197 -14.84 -25.22 23.60
CA ASP A 197 -15.64 -24.04 23.91
C ASP A 197 -17.13 -24.37 23.88
N HIS A 198 -17.67 -24.73 25.04
CA HIS A 198 -19.09 -25.07 25.15
C HIS A 198 -19.61 -24.79 26.55
N SER A 199 -19.07 -23.74 27.17
CA SER A 199 -19.49 -23.35 28.52
C SER A 199 -19.47 -21.84 28.68
N MET A 1 -1.98 32.68 -3.45
CA MET A 1 -3.05 31.67 -3.70
C MET A 1 -3.16 31.34 -5.18
N ALA A 2 -2.49 30.25 -5.58
CA ALA A 2 -2.51 29.81 -6.97
C ALA A 2 -2.74 28.31 -7.07
N THR A 3 -3.57 27.90 -8.03
CA THR A 3 -3.87 26.49 -8.23
C THR A 3 -4.14 26.20 -9.70
N LEU A 4 -4.64 24.99 -9.98
CA LEU A 4 -4.95 24.59 -11.34
C LEU A 4 -5.84 23.35 -11.35
N GLY A 5 -6.84 23.35 -12.23
CA GLY A 5 -7.74 22.23 -12.32
C GLY A 5 -8.09 21.86 -13.75
N GLY A 6 -8.62 20.65 -13.94
CA GLY A 6 -8.98 20.21 -15.26
C GLY A 6 -7.93 19.30 -15.88
N VAL A 7 -8.03 18.00 -15.60
CA VAL A 7 -7.08 17.02 -16.13
C VAL A 7 -6.84 17.23 -17.61
N HIS A 8 -5.58 17.43 -17.99
CA HIS A 8 -5.20 17.63 -19.38
C HIS A 8 -3.69 17.81 -19.53
N ASP A 9 -3.13 17.21 -20.55
CA ASP A 9 -1.69 17.30 -20.81
C ASP A 9 -1.33 18.67 -21.35
N SER A 10 -0.06 18.84 -21.73
CA SER A 10 0.41 20.11 -22.27
C SER A 10 1.87 20.00 -22.71
N ASN A 11 2.43 21.12 -23.15
CA ASN A 11 3.82 21.16 -23.61
C ASN A 11 4.60 22.26 -22.89
N SER A 12 4.34 22.42 -21.60
CA SER A 12 5.02 23.44 -20.81
C SER A 12 4.69 24.84 -21.33
N ASN A 13 3.40 25.17 -21.30
CA ASN A 13 2.93 26.48 -21.76
C ASN A 13 3.32 27.57 -20.77
N PRO A 14 2.95 27.40 -19.49
CA PRO A 14 3.25 28.38 -18.44
C PRO A 14 4.63 28.19 -17.82
N ASP A 15 5.54 27.59 -18.57
CA ASP A 15 6.89 27.35 -18.09
C ASP A 15 6.89 26.30 -16.98
N THR A 16 6.42 25.11 -17.31
CA THR A 16 6.35 24.02 -16.35
C THR A 16 7.75 23.62 -15.86
N HIS A 17 8.76 23.86 -16.70
CA HIS A 17 10.13 23.53 -16.35
C HIS A 17 10.51 24.11 -14.99
N SER A 18 10.13 25.37 -14.76
CA SER A 18 10.43 26.05 -13.51
C SER A 18 9.79 25.33 -12.32
N LEU A 19 8.56 24.83 -12.52
CA LEU A 19 7.84 24.14 -11.47
C LEU A 19 8.65 22.96 -10.93
N ALA A 20 9.24 22.19 -11.84
CA ALA A 20 10.04 21.04 -11.46
C ALA A 20 11.19 21.44 -10.55
N ARG A 21 11.73 22.64 -10.77
CA ARG A 21 12.85 23.14 -9.97
C ARG A 21 12.48 23.14 -8.48
N PHE A 22 11.28 23.57 -8.17
CA PHE A 22 10.81 23.62 -6.78
C PHE A 22 10.70 22.23 -6.18
N ALA A 23 10.23 21.27 -6.98
CA ALA A 23 10.07 19.90 -6.52
C ALA A 23 11.41 19.26 -6.18
N VAL A 24 12.34 19.29 -7.14
CA VAL A 24 13.65 18.71 -6.94
C VAL A 24 14.38 19.37 -5.76
N ASP A 25 14.30 20.70 -5.71
CA ASP A 25 14.94 21.45 -4.64
C ASP A 25 14.36 21.09 -3.28
N GLN A 26 13.10 20.64 -3.28
CA GLN A 26 12.44 20.26 -2.04
C GLN A 26 13.03 18.98 -1.47
N HIS A 27 13.12 17.95 -2.30
CA HIS A 27 13.68 16.67 -1.87
C HIS A 27 15.19 16.74 -1.77
N ASN A 28 15.79 17.51 -2.67
CA ASN A 28 17.24 17.67 -2.71
C ASN A 28 17.74 18.34 -1.42
N THR A 29 16.95 19.27 -0.90
CA THR A 29 17.33 19.97 0.31
C THR A 29 17.13 19.14 1.58
N LYS A 30 16.17 18.22 1.54
CA LYS A 30 15.88 17.41 2.73
C LYS A 30 16.68 16.10 2.78
N GLU A 31 16.61 15.28 1.73
CA GLU A 31 17.33 14.01 1.73
C GLU A 31 18.05 13.73 0.42
N ASN A 32 17.59 14.34 -0.68
CA ASN A 32 18.21 14.11 -1.98
C ASN A 32 19.41 15.03 -2.19
N GLY A 33 19.99 14.96 -3.39
CA GLY A 33 21.13 15.79 -3.71
C GLY A 33 21.97 15.23 -4.84
N LEU A 34 21.30 14.68 -5.85
CA LEU A 34 21.99 14.11 -7.00
C LEU A 34 21.10 14.12 -8.24
N LEU A 35 20.12 15.02 -8.25
CA LEU A 35 19.20 15.13 -9.37
C LEU A 35 19.17 16.56 -9.91
N GLU A 36 19.41 16.69 -11.21
CA GLU A 36 19.42 18.01 -11.85
C GLU A 36 18.45 18.06 -13.02
N LEU A 37 17.96 19.25 -13.32
CA LEU A 37 17.02 19.44 -14.42
C LEU A 37 17.77 19.71 -15.72
N VAL A 38 17.52 18.88 -16.72
CA VAL A 38 18.17 19.02 -18.02
C VAL A 38 17.25 19.70 -19.03
N ARG A 39 16.10 19.09 -19.29
CA ARG A 39 15.15 19.65 -20.25
C ARG A 39 13.74 19.11 -20.02
N VAL A 40 12.77 20.00 -19.90
CA VAL A 40 11.38 19.62 -19.67
C VAL A 40 10.93 18.56 -20.68
N VAL A 41 9.97 17.74 -20.27
CA VAL A 41 9.44 16.69 -21.12
C VAL A 41 7.99 16.97 -21.51
N GLU A 42 7.11 16.97 -20.50
CA GLU A 42 5.69 17.22 -20.74
C GLU A 42 5.01 17.79 -19.50
N ALA A 43 3.73 18.10 -19.63
CA ALA A 43 2.96 18.66 -18.53
C ALA A 43 1.57 18.04 -18.46
N ARG A 44 1.32 17.31 -17.38
CA ARG A 44 0.04 16.65 -17.17
C ARG A 44 -0.65 17.17 -15.92
N GLU A 45 -1.98 17.17 -15.94
CA GLU A 45 -2.75 17.65 -14.80
C GLU A 45 -3.94 16.74 -14.50
N GLN A 46 -4.46 16.82 -13.29
CA GLN A 46 -5.59 16.02 -12.87
C GLN A 46 -6.10 16.48 -11.51
N VAL A 47 -7.39 16.29 -11.27
CA VAL A 47 -7.99 16.70 -10.01
C VAL A 47 -7.92 15.56 -8.98
N VAL A 48 -7.11 15.77 -7.94
CA VAL A 48 -6.95 14.78 -6.88
C VAL A 48 -7.17 15.41 -5.52
N ALA A 49 -8.27 15.05 -4.87
CA ALA A 49 -8.60 15.57 -3.54
C ALA A 49 -8.32 17.08 -3.47
N GLY A 50 -8.51 17.75 -4.60
CA GLY A 50 -8.27 19.18 -4.68
C GLY A 50 -7.56 19.56 -5.95
N THR A 51 -6.23 19.45 -5.96
CA THR A 51 -5.44 19.78 -7.13
C THR A 51 -4.17 18.94 -7.19
N LEU A 52 -3.87 18.41 -8.36
CA LEU A 52 -2.68 17.58 -8.55
C LEU A 52 -1.83 18.14 -9.69
N HIS A 53 -0.54 18.37 -9.40
CA HIS A 53 0.37 18.89 -10.41
C HIS A 53 1.40 17.83 -10.79
N HIS A 54 1.22 17.25 -11.98
CA HIS A 54 2.14 16.24 -12.47
C HIS A 54 2.99 16.76 -13.63
N LEU A 55 4.27 16.96 -13.37
CA LEU A 55 5.18 17.47 -14.38
C LEU A 55 6.29 16.47 -14.67
N VAL A 56 6.60 16.29 -15.94
CA VAL A 56 7.65 15.37 -16.35
C VAL A 56 8.77 16.12 -17.07
N LEU A 57 10.00 15.88 -16.65
CA LEU A 57 11.16 16.55 -17.25
C LEU A 57 12.39 15.65 -17.24
N GLU A 58 13.30 15.89 -18.18
CA GLU A 58 14.53 15.11 -18.28
C GLU A 58 15.56 15.64 -17.30
N VAL A 59 15.90 14.82 -16.31
CA VAL A 59 16.87 15.20 -15.29
C VAL A 59 18.15 14.37 -15.37
N LEU A 60 19.23 14.90 -14.82
CA LEU A 60 20.50 14.21 -14.80
C LEU A 60 20.80 13.70 -13.40
N ASP A 61 20.91 12.38 -13.28
CA ASP A 61 21.20 11.74 -12.01
C ASP A 61 22.63 11.20 -11.98
N ALA A 62 23.48 11.82 -11.19
CA ALA A 62 24.87 11.42 -11.06
C ALA A 62 25.58 11.41 -12.42
N GLY A 63 25.01 12.11 -13.39
CA GLY A 63 25.61 12.18 -14.71
C GLY A 63 24.88 11.33 -15.73
N LYS A 64 23.65 10.94 -15.42
CA LYS A 64 22.85 10.12 -16.34
C LYS A 64 21.46 10.70 -16.50
N LYS A 65 21.13 11.06 -17.72
CA LYS A 65 19.83 11.63 -18.01
C LYS A 65 18.72 10.62 -17.84
N LYS A 66 17.59 11.11 -17.39
CA LYS A 66 16.43 10.26 -17.17
C LYS A 66 15.18 11.12 -16.96
N LEU A 67 14.06 10.69 -17.53
CA LEU A 67 12.82 11.43 -17.38
C LEU A 67 12.13 11.08 -16.07
N TYR A 68 11.79 12.10 -15.30
CA TYR A 68 11.12 11.91 -14.01
C TYR A 68 9.83 12.73 -13.94
N GLU A 69 8.88 12.23 -13.16
CA GLU A 69 7.60 12.91 -13.00
C GLU A 69 7.40 13.34 -11.54
N ALA A 70 7.18 14.63 -11.34
CA ALA A 70 6.97 15.16 -10.00
C ALA A 70 5.50 15.47 -9.76
N LYS A 71 5.01 15.10 -8.58
CA LYS A 71 3.61 15.33 -8.23
C LYS A 71 3.49 16.32 -7.08
N ILE A 72 2.60 17.30 -7.25
CA ILE A 72 2.38 18.31 -6.22
C ILE A 72 0.93 18.28 -5.76
N TRP A 73 0.73 18.04 -4.48
CA TRP A 73 -0.61 17.97 -3.91
C TRP A 73 -1.03 19.29 -3.30
N VAL A 74 -1.98 19.96 -3.94
CA VAL A 74 -2.47 21.25 -3.45
C VAL A 74 -4.00 21.26 -3.38
N LYS A 75 -4.54 22.12 -2.53
CA LYS A 75 -5.99 22.23 -2.36
C LYS A 75 -6.37 23.64 -1.91
N PRO A 76 -7.56 24.11 -2.33
CA PRO A 76 -8.05 25.45 -1.96
C PRO A 76 -8.01 25.70 -0.46
N TRP A 77 -8.48 24.72 0.30
CA TRP A 77 -8.51 24.84 1.76
C TRP A 77 -7.10 25.02 2.31
N MET A 78 -6.12 24.45 1.63
CA MET A 78 -4.72 24.56 2.05
C MET A 78 -4.20 25.98 1.84
N ASP A 79 -4.73 26.66 0.83
CA ASP A 79 -4.31 28.02 0.54
C ASP A 79 -2.82 28.09 0.22
N PHE A 80 -2.29 27.00 -0.33
CA PHE A 80 -0.87 26.93 -0.67
C PHE A 80 -0.54 25.59 -1.32
N LYS A 81 0.43 25.59 -2.23
CA LYS A 81 0.84 24.38 -2.92
C LYS A 81 1.82 23.57 -2.08
N GLN A 82 1.94 22.28 -2.39
CA GLN A 82 2.85 21.41 -1.67
C GLN A 82 3.28 20.22 -2.52
N LEU A 83 4.57 20.16 -2.84
CA LEU A 83 5.10 19.07 -3.64
C LEU A 83 5.13 17.77 -2.83
N GLN A 84 4.55 16.72 -3.40
CA GLN A 84 4.52 15.42 -2.73
C GLN A 84 5.84 14.69 -2.91
N GLU A 85 6.15 14.32 -4.16
CA GLU A 85 7.39 13.62 -4.46
C GLU A 85 7.50 13.32 -5.95
N PHE A 86 8.71 12.99 -6.40
CA PHE A 86 8.94 12.68 -7.81
C PHE A 86 9.61 11.31 -7.96
N LYS A 87 9.31 10.64 -9.07
CA LYS A 87 9.88 9.32 -9.33
C LYS A 87 10.43 9.24 -10.75
N HIS A 88 11.44 8.41 -10.95
CA HIS A 88 12.05 8.24 -12.26
C HIS A 88 11.16 7.43 -13.18
N VAL A 89 11.04 7.87 -14.43
CA VAL A 89 10.22 7.17 -15.41
C VAL A 89 10.97 6.99 -16.73
N ARG A 90 10.46 6.10 -17.57
CA ARG A 90 11.08 5.83 -18.87
C ARG A 90 10.84 6.98 -19.83
N ASP A 91 11.32 6.81 -21.06
CA ASP A 91 11.15 7.85 -22.09
C ASP A 91 9.68 8.16 -22.31
N VAL A 92 8.92 7.15 -22.72
CA VAL A 92 7.50 7.32 -22.98
C VAL A 92 6.77 7.87 -21.75
N PRO A 93 5.59 8.48 -21.95
CA PRO A 93 4.81 9.06 -20.85
C PRO A 93 4.04 8.00 -20.07
N SER A 94 4.76 7.00 -19.56
CA SER A 94 4.15 5.93 -18.79
C SER A 94 5.08 5.45 -17.67
N PHE A 95 4.57 5.47 -16.45
CA PHE A 95 5.36 5.04 -15.29
C PHE A 95 6.00 3.67 -15.54
N THR A 96 7.32 3.62 -15.53
CA THR A 96 8.05 2.38 -15.75
C THR A 96 7.63 1.31 -14.74
N SER A 97 7.99 0.07 -15.01
CA SER A 97 7.65 -1.04 -14.14
C SER A 97 8.80 -1.34 -13.18
N SER A 98 9.39 -0.29 -12.62
CA SER A 98 10.49 -0.44 -11.68
C SER A 98 10.07 -0.02 -10.28
N ASP A 99 8.88 -0.42 -9.88
CA ASP A 99 8.36 -0.09 -8.56
C ASP A 99 8.22 1.42 -8.39
N LEU A 100 7.11 1.96 -8.91
CA LEU A 100 6.86 3.40 -8.82
C LEU A 100 5.63 3.67 -7.97
N GLY A 101 4.45 3.39 -8.51
CA GLY A 101 3.22 3.61 -7.78
C GLY A 101 3.04 5.08 -7.39
N ALA A 102 1.86 5.41 -6.89
CA ALA A 102 1.55 6.77 -6.48
C ALA A 102 1.48 6.88 -4.95
N LYS A 103 2.26 6.04 -4.27
CA LYS A 103 2.29 6.06 -2.81
C LYS A 103 3.57 5.41 -2.29
N THR A 104 4.38 6.20 -1.60
CA THR A 104 5.64 5.71 -1.06
C THR A 104 5.57 5.62 0.47
N ASP A 105 6.20 4.60 1.03
CA ASP A 105 6.21 4.41 2.48
C ASP A 105 7.47 3.66 2.92
N ASP A 106 8.53 4.41 3.20
CA ASP A 106 9.79 3.81 3.64
C ASP A 106 9.93 3.89 5.15
N GLN A 107 10.52 2.85 5.74
CA GLN A 107 10.72 2.81 7.18
C GLN A 107 12.12 3.27 7.55
N VAL A 108 12.30 3.60 8.82
CA VAL A 108 13.59 4.08 9.32
C VAL A 108 13.64 4.01 10.84
N SER A 109 14.78 4.42 11.40
CA SER A 109 14.97 4.42 12.84
C SER A 109 14.52 5.73 13.46
N GLY A 110 13.48 5.67 14.29
CA GLY A 110 12.97 6.87 14.93
C GLY A 110 11.82 6.58 15.88
N TRP A 111 11.77 7.30 16.98
CA TRP A 111 10.73 7.11 17.98
C TRP A 111 9.40 7.71 17.50
N ARG A 112 8.62 6.92 16.79
CA ARG A 112 7.33 7.36 16.26
C ARG A 112 6.38 6.20 16.09
N PRO A 113 5.06 6.47 16.10
CA PRO A 113 4.03 5.44 15.93
C PRO A 113 4.05 4.82 14.55
N VAL A 114 2.98 4.09 14.22
CA VAL A 114 2.87 3.44 12.92
C VAL A 114 1.42 3.41 12.44
N PRO A 115 1.21 3.33 11.11
CA PRO A 115 -0.13 3.28 10.53
C PRO A 115 -0.90 2.03 10.94
N VAL A 116 -2.01 1.77 10.26
CA VAL A 116 -2.84 0.60 10.55
C VAL A 116 -3.22 -0.13 9.27
N HIS A 117 -3.21 -1.45 9.33
CA HIS A 117 -3.55 -2.29 8.18
C HIS A 117 -2.42 -2.32 7.15
N ASP A 118 -1.30 -1.66 7.47
CA ASP A 118 -0.15 -1.62 6.58
C ASP A 118 0.57 -2.98 6.57
N PRO A 119 1.51 -3.17 5.63
CA PRO A 119 2.26 -4.41 5.52
C PRO A 119 3.19 -4.65 6.71
N VAL A 120 3.58 -3.55 7.36
CA VAL A 120 4.46 -3.63 8.53
C VAL A 120 3.67 -3.91 9.80
N VAL A 121 2.52 -3.25 9.94
CA VAL A 121 1.68 -3.43 11.11
C VAL A 121 0.97 -4.78 11.07
N GLN A 122 0.25 -5.04 9.98
CA GLN A 122 -0.48 -6.29 9.82
C GLN A 122 0.46 -7.48 9.98
N ASP A 123 1.72 -7.31 9.57
CA ASP A 123 2.71 -8.36 9.67
C ASP A 123 3.10 -8.61 11.13
N ALA A 124 3.52 -7.54 11.81
CA ALA A 124 3.91 -7.64 13.21
C ALA A 124 2.74 -8.12 14.07
N ALA A 125 1.55 -7.58 13.80
CA ALA A 125 0.36 -7.96 14.54
C ALA A 125 0.09 -9.45 14.43
N HIS A 126 -0.11 -9.92 13.20
CA HIS A 126 -0.38 -11.34 12.96
C HIS A 126 0.70 -12.21 13.57
N HIS A 127 1.96 -11.86 13.34
CA HIS A 127 3.09 -12.60 13.88
C HIS A 127 3.02 -12.66 15.40
N ALA A 128 2.56 -11.58 16.00
CA ALA A 128 2.44 -11.51 17.46
C ALA A 128 1.30 -12.40 17.96
N ILE A 129 0.21 -12.43 17.21
CA ILE A 129 -0.94 -13.24 17.58
C ILE A 129 -0.55 -14.70 17.79
N LYS A 130 0.13 -15.28 16.81
CA LYS A 130 0.57 -16.67 16.89
C LYS A 130 1.70 -16.83 17.89
N THR A 131 2.60 -15.86 17.94
CA THR A 131 3.74 -15.92 18.85
C THR A 131 3.29 -15.84 20.31
N ILE A 132 2.47 -14.83 20.63
CA ILE A 132 1.97 -14.65 21.99
C ILE A 132 1.31 -15.92 22.51
N GLN A 133 0.35 -16.44 21.75
CA GLN A 133 -0.36 -17.65 22.14
C GLN A 133 0.60 -18.85 22.16
N GLU A 134 1.59 -18.82 21.29
CA GLU A 134 2.57 -19.89 21.21
C GLU A 134 3.60 -19.79 22.33
N ARG A 135 3.81 -18.57 22.84
CA ARG A 135 4.76 -18.34 23.91
C ARG A 135 4.39 -19.15 25.15
N SER A 136 3.14 -19.56 25.24
CA SER A 136 2.67 -20.35 26.37
C SER A 136 2.71 -21.84 26.06
N ASN A 137 2.20 -22.21 24.88
CA ASN A 137 2.19 -23.60 24.46
C ASN A 137 1.59 -23.73 23.05
N SER A 138 1.64 -24.93 22.50
CA SER A 138 1.10 -25.19 21.18
C SER A 138 -0.42 -25.12 21.18
N LEU A 139 -0.97 -24.08 20.54
CA LEU A 139 -2.41 -23.90 20.49
C LEU A 139 -2.79 -22.85 19.45
N PHE A 140 -4.07 -22.76 19.14
CA PHE A 140 -4.56 -21.79 18.17
C PHE A 140 -5.96 -21.28 18.55
N PRO A 141 -6.05 -20.41 19.57
CA PRO A 141 -7.33 -19.86 20.03
C PRO A 141 -7.98 -18.97 18.99
N TYR A 142 -7.30 -17.88 18.64
CA TYR A 142 -7.82 -16.94 17.66
C TYR A 142 -6.69 -16.33 16.83
N GLU A 143 -7.05 -15.45 15.91
CA GLU A 143 -6.07 -14.80 15.04
C GLU A 143 -6.32 -13.29 14.97
N LEU A 144 -5.50 -12.60 14.18
CA LEU A 144 -5.64 -11.16 14.02
C LEU A 144 -7.01 -10.81 13.43
N SER A 145 -7.76 -10.01 14.17
CA SER A 145 -9.10 -9.59 13.74
C SER A 145 -9.05 -8.21 13.09
N GLU A 146 -8.78 -7.20 13.90
CA GLU A 146 -8.71 -5.83 13.40
C GLU A 146 -7.78 -4.99 14.28
N VAL A 147 -6.95 -4.18 13.63
CA VAL A 147 -6.02 -3.31 14.35
C VAL A 147 -6.61 -1.93 14.59
N VAL A 148 -6.65 -1.52 15.85
CA VAL A 148 -7.19 -0.22 16.21
C VAL A 148 -6.15 0.88 16.02
N HIS A 149 -4.97 0.67 16.59
CA HIS A 149 -3.90 1.65 16.49
C HIS A 149 -2.56 1.04 16.90
N ALA A 150 -1.57 1.15 16.03
CA ALA A 150 -0.24 0.61 16.31
C ALA A 150 0.81 1.72 16.34
N ASN A 151 1.82 1.54 17.19
CA ASN A 151 2.89 2.53 17.31
C ASN A 151 4.25 1.85 17.49
N ALA A 152 5.27 2.38 16.84
CA ALA A 152 6.61 1.82 16.93
C ALA A 152 7.50 2.65 17.85
N GLU A 153 8.54 2.03 18.37
CA GLU A 153 9.47 2.70 19.27
C GLU A 153 10.89 2.21 19.04
N VAL A 154 11.86 3.08 19.33
CA VAL A 154 13.27 2.73 19.15
C VAL A 154 13.94 2.46 20.50
N VAL A 155 14.34 1.21 20.72
CA VAL A 155 15.00 0.82 21.96
C VAL A 155 16.51 1.03 21.84
N ASP A 156 17.24 0.68 22.90
CA ASP A 156 18.69 0.84 22.92
C ASP A 156 19.34 0.21 21.68
N THR A 157 18.75 -0.88 21.20
CA THR A 157 19.29 -1.57 20.03
C THR A 157 18.16 -1.97 19.06
N SER A 158 17.21 -2.76 19.57
CA SER A 158 16.09 -3.22 18.75
C SER A 158 15.03 -2.14 18.63
N ALA A 159 13.81 -2.55 18.27
CA ALA A 159 12.70 -1.61 18.11
C ALA A 159 11.42 -2.19 18.72
N LYS A 160 10.86 -1.48 19.70
CA LYS A 160 9.64 -1.92 20.36
C LYS A 160 8.42 -1.61 19.49
N PHE A 161 7.35 -2.39 19.71
CA PHE A 161 6.12 -2.20 18.96
C PHE A 161 4.90 -2.25 19.88
N ASP A 162 4.31 -1.09 20.14
CA ASP A 162 3.14 -1.00 21.00
C ASP A 162 1.87 -0.83 20.18
N MET A 163 1.11 -1.92 20.03
CA MET A 163 -0.12 -1.89 19.26
C MET A 163 -1.28 -2.43 20.08
N LEU A 164 -2.50 -2.25 19.56
CA LEU A 164 -3.70 -2.72 20.22
C LEU A 164 -4.75 -3.14 19.21
N LEU A 165 -5.16 -4.42 19.26
CA LEU A 165 -6.16 -4.94 18.35
C LEU A 165 -7.14 -5.85 19.07
N LYS A 166 -8.24 -6.18 18.40
CA LYS A 166 -9.26 -7.04 18.98
C LYS A 166 -9.19 -8.45 18.40
N VAL A 167 -9.42 -9.45 19.24
CA VAL A 167 -9.37 -10.84 18.81
C VAL A 167 -10.78 -11.43 18.70
N LYS A 168 -10.98 -12.28 17.70
CA LYS A 168 -12.28 -12.92 17.51
C LYS A 168 -12.18 -14.43 17.70
N ARG A 169 -13.24 -15.02 18.27
CA ARG A 169 -13.27 -16.45 18.51
C ARG A 169 -14.70 -16.94 18.69
N GLY A 170 -15.32 -17.37 17.60
CA GLY A 170 -16.68 -17.85 17.66
C GLY A 170 -17.70 -16.73 17.77
N GLY A 171 -17.29 -15.51 17.41
CA GLY A 171 -18.18 -14.38 17.48
C GLY A 171 -17.99 -13.56 18.74
N LYS A 172 -16.78 -13.60 19.30
CA LYS A 172 -16.48 -12.86 20.52
C LYS A 172 -15.68 -11.60 20.20
N GLU A 173 -15.39 -10.80 21.22
CA GLU A 173 -14.63 -9.57 21.04
C GLU A 173 -13.90 -9.19 22.32
N GLU A 174 -12.58 -9.12 22.24
CA GLU A 174 -11.75 -8.77 23.39
C GLU A 174 -10.44 -8.14 22.94
N LYS A 175 -10.18 -6.93 23.42
CA LYS A 175 -8.95 -6.21 23.08
C LYS A 175 -7.83 -6.56 24.05
N TYR A 176 -6.60 -6.31 23.64
CA TYR A 176 -5.44 -6.59 24.48
C TYR A 176 -4.19 -5.88 23.95
N LYS A 177 -3.28 -5.55 24.87
CA LYS A 177 -2.04 -4.87 24.49
C LYS A 177 -1.02 -5.86 23.96
N VAL A 178 -0.09 -5.38 23.17
CA VAL A 178 0.95 -6.22 22.60
C VAL A 178 2.28 -5.47 22.48
N GLU A 179 3.36 -6.13 22.89
CA GLU A 179 4.68 -5.52 22.84
C GLU A 179 5.68 -6.47 22.17
N VAL A 180 6.02 -6.18 20.92
CA VAL A 180 6.96 -7.00 20.17
C VAL A 180 8.18 -6.18 19.75
N HIS A 181 9.33 -6.84 19.65
CA HIS A 181 10.56 -6.17 19.26
C HIS A 181 10.87 -6.42 17.80
N LYS A 182 11.56 -5.47 17.17
CA LYS A 182 11.92 -5.59 15.76
C LYS A 182 13.41 -5.86 15.60
N SER A 183 13.75 -6.95 14.90
CA SER A 183 15.14 -7.31 14.67
C SER A 183 15.36 -7.71 13.22
N THR A 184 16.11 -6.87 12.49
CA THR A 184 16.39 -7.13 11.09
C THR A 184 17.49 -8.19 10.95
N GLU A 185 18.40 -8.22 11.91
CA GLU A 185 19.50 -9.18 11.89
C GLU A 185 18.96 -10.61 11.91
N GLU A 186 17.83 -10.81 12.56
CA GLU A 186 17.21 -12.13 12.65
C GLU A 186 16.17 -12.32 11.55
N GLY A 187 15.41 -11.27 11.27
CA GLY A 187 14.39 -11.34 10.25
C GLY A 187 13.00 -11.64 10.81
N GLY A 188 12.98 -12.33 11.94
CA GLY A 188 11.72 -12.67 12.57
C GLY A 188 11.46 -11.87 13.83
N PHE A 189 10.22 -11.45 14.02
CA PHE A 189 9.85 -10.66 15.20
C PHE A 189 10.10 -11.45 16.48
N ASN A 190 10.17 -10.74 17.60
CA ASN A 190 10.40 -11.38 18.89
C ASN A 190 9.53 -10.74 19.96
N LEU A 191 8.31 -11.27 20.12
CA LEU A 191 7.37 -10.76 21.11
C LEU A 191 8.00 -10.69 22.49
N LYS A 192 7.99 -9.51 23.08
CA LYS A 192 8.56 -9.31 24.41
C LYS A 192 7.53 -9.63 25.50
N LYS A 193 6.51 -8.79 25.61
CA LYS A 193 5.46 -9.00 26.59
C LYS A 193 4.09 -8.74 25.98
N VAL A 194 3.04 -9.02 26.76
CA VAL A 194 1.67 -8.82 26.30
C VAL A 194 0.73 -8.55 27.47
N ASP A 195 -0.26 -7.69 27.24
CA ASP A 195 -1.23 -7.35 28.28
C ASP A 195 -2.65 -7.38 27.73
N LEU A 196 -3.63 -7.33 28.62
CA LEU A 196 -5.04 -7.35 28.22
C LEU A 196 -5.66 -5.96 28.34
N ASP A 197 -6.67 -5.69 27.53
CA ASP A 197 -7.35 -4.40 27.53
C ASP A 197 -8.86 -4.58 27.66
N HIS A 198 -9.34 -4.66 28.90
CA HIS A 198 -10.77 -4.83 29.15
C HIS A 198 -11.11 -4.51 30.60
N SER A 199 -10.41 -3.53 31.16
CA SER A 199 -10.64 -3.13 32.54
C SER A 199 -10.77 -1.61 32.66
N MET A 1 1.22 29.00 -3.64
CA MET A 1 -0.26 29.10 -3.57
C MET A 1 -0.87 29.21 -4.97
N ALA A 2 -0.98 28.08 -5.66
CA ALA A 2 -1.54 28.07 -7.00
C ALA A 2 -2.16 26.70 -7.32
N THR A 3 -3.20 26.71 -8.14
CA THR A 3 -3.88 25.48 -8.53
C THR A 3 -3.64 25.17 -10.00
N LEU A 4 -4.42 24.24 -10.54
CA LEU A 4 -4.29 23.85 -11.94
C LEU A 4 -5.62 23.98 -12.68
N GLY A 5 -5.61 23.61 -13.96
CA GLY A 5 -6.82 23.69 -14.76
C GLY A 5 -7.84 22.63 -14.38
N GLY A 6 -7.63 21.41 -14.89
CA GLY A 6 -8.55 20.33 -14.60
C GLY A 6 -8.30 19.11 -15.45
N VAL A 7 -7.28 18.33 -15.09
CA VAL A 7 -6.93 17.13 -15.83
C VAL A 7 -6.56 17.46 -17.28
N HIS A 8 -5.31 17.20 -17.63
CA HIS A 8 -4.83 17.46 -18.98
C HIS A 8 -3.37 17.02 -19.15
N ASP A 9 -3.12 16.26 -20.21
CA ASP A 9 -1.78 15.76 -20.50
C ASP A 9 -1.13 16.58 -21.62
N SER A 10 -0.76 17.81 -21.31
CA SER A 10 -0.13 18.69 -22.29
C SER A 10 1.38 18.73 -22.11
N ASN A 11 2.03 19.69 -22.75
CA ASN A 11 3.47 19.84 -22.66
C ASN A 11 3.84 21.00 -21.74
N SER A 12 5.08 21.45 -21.81
CA SER A 12 5.55 22.55 -20.98
C SER A 12 5.07 23.89 -21.55
N ASN A 13 3.76 24.06 -21.63
CA ASN A 13 3.18 25.30 -22.16
C ASN A 13 3.49 26.47 -21.22
N PRO A 14 3.02 26.39 -19.96
CA PRO A 14 3.26 27.43 -18.97
C PRO A 14 4.64 27.32 -18.33
N ASP A 15 4.83 27.97 -17.19
CA ASP A 15 6.10 27.91 -16.48
C ASP A 15 6.25 26.60 -15.72
N THR A 16 6.18 25.49 -16.46
CA THR A 16 6.30 24.17 -15.86
C THR A 16 7.74 23.86 -15.47
N HIS A 17 8.68 24.47 -16.20
CA HIS A 17 10.10 24.27 -15.95
C HIS A 17 10.44 24.58 -14.49
N SER A 18 9.95 25.71 -14.00
CA SER A 18 10.21 26.13 -12.63
C SER A 18 9.52 25.22 -11.62
N LEU A 19 8.34 24.71 -12.00
CA LEU A 19 7.58 23.82 -11.13
C LEU A 19 8.41 22.61 -10.73
N ALA A 20 9.19 22.10 -11.67
CA ALA A 20 10.03 20.94 -11.42
C ALA A 20 11.20 21.29 -10.50
N ARG A 21 11.73 22.49 -10.67
CA ARG A 21 12.85 22.96 -9.86
C ARG A 21 12.47 22.96 -8.37
N PHE A 22 11.27 23.42 -8.08
CA PHE A 22 10.79 23.49 -6.70
C PHE A 22 10.68 22.09 -6.10
N ALA A 23 10.39 21.10 -6.95
CA ALA A 23 10.25 19.73 -6.49
C ALA A 23 11.60 19.09 -6.18
N VAL A 24 12.50 19.14 -7.16
CA VAL A 24 13.83 18.57 -6.98
C VAL A 24 14.56 19.20 -5.80
N ASP A 25 14.28 20.48 -5.56
CA ASP A 25 14.92 21.21 -4.47
C ASP A 25 14.56 20.64 -3.11
N GLN A 26 13.29 20.29 -2.90
CA GLN A 26 12.84 19.74 -1.62
C GLN A 26 13.45 18.38 -1.32
N HIS A 27 13.60 17.56 -2.35
CA HIS A 27 14.17 16.23 -2.19
C HIS A 27 15.68 16.28 -2.02
N ASN A 28 16.34 17.05 -2.88
CA ASN A 28 17.78 17.18 -2.84
C ASN A 28 18.25 17.78 -1.51
N THR A 29 17.49 18.73 -0.99
CA THR A 29 17.84 19.39 0.26
C THR A 29 17.54 18.53 1.48
N LYS A 30 16.56 17.63 1.36
CA LYS A 30 16.18 16.79 2.50
C LYS A 30 16.94 15.46 2.57
N GLU A 31 16.93 14.68 1.48
CA GLU A 31 17.61 13.39 1.48
C GLU A 31 18.42 13.14 0.21
N ASN A 32 18.05 13.81 -0.88
CA ASN A 32 18.75 13.62 -2.15
C ASN A 32 19.94 14.57 -2.28
N GLY A 33 20.46 14.68 -3.50
CA GLY A 33 21.60 15.56 -3.74
C GLY A 33 22.42 15.13 -4.93
N LEU A 34 21.76 14.63 -5.96
CA LEU A 34 22.44 14.18 -7.17
C LEU A 34 21.50 14.21 -8.38
N LEU A 35 20.48 15.06 -8.30
CA LEU A 35 19.52 15.20 -9.38
C LEU A 35 19.47 16.63 -9.89
N GLU A 36 19.67 16.80 -11.18
CA GLU A 36 19.65 18.13 -11.79
C GLU A 36 18.65 18.19 -12.94
N LEU A 37 18.10 19.37 -13.17
CA LEU A 37 17.14 19.58 -14.24
C LEU A 37 17.84 19.96 -15.54
N VAL A 38 17.64 19.14 -16.57
CA VAL A 38 18.26 19.38 -17.87
C VAL A 38 17.31 20.10 -18.82
N ARG A 39 16.18 19.47 -19.11
CA ARG A 39 15.19 20.06 -20.02
C ARG A 39 13.81 19.44 -19.82
N VAL A 40 12.80 20.29 -19.65
CA VAL A 40 11.43 19.82 -19.46
C VAL A 40 11.01 18.83 -20.55
N VAL A 41 10.10 17.93 -20.20
CA VAL A 41 9.61 16.93 -21.14
C VAL A 41 8.14 17.15 -21.45
N GLU A 42 7.29 16.94 -20.45
CA GLU A 42 5.86 17.11 -20.62
C GLU A 42 5.20 17.55 -19.31
N ALA A 43 3.93 17.93 -19.39
CA ALA A 43 3.19 18.38 -18.23
C ALA A 43 1.78 17.77 -18.19
N ARG A 44 1.55 16.92 -17.21
CA ARG A 44 0.26 16.26 -17.04
C ARG A 44 -0.48 16.83 -15.84
N GLU A 45 -1.81 16.82 -15.91
CA GLU A 45 -2.63 17.33 -14.82
C GLU A 45 -3.77 16.38 -14.50
N GLN A 46 -4.26 16.46 -13.26
CA GLN A 46 -5.35 15.61 -12.80
C GLN A 46 -5.89 16.11 -11.47
N VAL A 47 -7.18 15.93 -11.25
CA VAL A 47 -7.80 16.36 -10.01
C VAL A 47 -7.70 15.29 -8.93
N VAL A 48 -6.91 15.56 -7.91
CA VAL A 48 -6.72 14.63 -6.80
C VAL A 48 -6.98 15.31 -5.46
N ALA A 49 -8.08 14.94 -4.80
CA ALA A 49 -8.43 15.52 -3.52
C ALA A 49 -8.21 17.03 -3.51
N GLY A 50 -8.39 17.64 -4.68
CA GLY A 50 -8.20 19.07 -4.81
C GLY A 50 -7.50 19.42 -6.11
N THR A 51 -6.17 19.37 -6.10
CA THR A 51 -5.39 19.68 -7.28
C THR A 51 -4.08 18.90 -7.29
N LEU A 52 -3.75 18.31 -8.44
CA LEU A 52 -2.52 17.54 -8.58
C LEU A 52 -1.70 18.06 -9.75
N HIS A 53 -0.42 18.34 -9.50
CA HIS A 53 0.47 18.84 -10.54
C HIS A 53 1.50 17.78 -10.93
N HIS A 54 1.30 17.17 -12.10
CA HIS A 54 2.21 16.13 -12.59
C HIS A 54 3.06 16.67 -13.73
N LEU A 55 4.34 16.87 -13.46
CA LEU A 55 5.25 17.39 -14.47
C LEU A 55 6.37 16.40 -14.80
N VAL A 56 6.72 16.33 -16.08
CA VAL A 56 7.77 15.44 -16.53
C VAL A 56 8.91 16.24 -17.14
N LEU A 57 10.13 15.92 -16.74
CA LEU A 57 11.30 16.64 -17.23
C LEU A 57 12.54 15.75 -17.28
N GLU A 58 13.48 16.11 -18.15
CA GLU A 58 14.73 15.36 -18.29
C GLU A 58 15.75 15.88 -17.30
N VAL A 59 16.14 15.03 -16.34
CA VAL A 59 17.12 15.41 -15.33
C VAL A 59 18.40 14.61 -15.47
N LEU A 60 19.47 15.14 -14.91
CA LEU A 60 20.77 14.50 -14.94
C LEU A 60 21.11 13.95 -13.56
N ASP A 61 21.30 12.64 -13.49
CA ASP A 61 21.63 11.96 -12.23
C ASP A 61 23.08 11.49 -12.25
N ALA A 62 23.92 12.16 -11.48
CA ALA A 62 25.33 11.81 -11.40
C ALA A 62 26.01 11.85 -12.77
N GLY A 63 25.39 12.53 -13.73
CA GLY A 63 25.96 12.64 -15.05
C GLY A 63 25.23 11.80 -16.08
N LYS A 64 24.02 11.37 -15.75
CA LYS A 64 23.23 10.55 -16.66
C LYS A 64 21.81 11.08 -16.78
N LYS A 65 21.43 11.46 -17.99
CA LYS A 65 20.12 12.00 -18.23
C LYS A 65 19.04 10.95 -18.04
N LYS A 66 17.91 11.40 -17.58
CA LYS A 66 16.78 10.52 -17.35
C LYS A 66 15.52 11.33 -17.11
N LEU A 67 14.40 10.89 -17.66
CA LEU A 67 13.13 11.60 -17.49
C LEU A 67 12.48 11.21 -16.16
N TYR A 68 12.11 12.22 -15.38
CA TYR A 68 11.47 11.98 -14.09
C TYR A 68 10.15 12.74 -13.99
N GLU A 69 9.27 12.25 -13.13
CA GLU A 69 7.96 12.87 -12.94
C GLU A 69 7.81 13.36 -11.51
N ALA A 70 7.27 14.56 -11.36
CA ALA A 70 7.05 15.16 -10.04
C ALA A 70 5.58 15.45 -9.81
N LYS A 71 5.10 15.16 -8.61
CA LYS A 71 3.70 15.40 -8.27
C LYS A 71 3.58 16.42 -7.14
N ILE A 72 2.74 17.41 -7.36
CA ILE A 72 2.52 18.45 -6.36
C ILE A 72 1.07 18.45 -5.89
N TRP A 73 0.88 18.28 -4.60
CA TRP A 73 -0.46 18.23 -4.00
C TRP A 73 -0.86 19.60 -3.45
N VAL A 74 -1.90 20.18 -4.05
CA VAL A 74 -2.40 21.48 -3.62
C VAL A 74 -3.92 21.43 -3.40
N LYS A 75 -4.42 22.32 -2.56
CA LYS A 75 -5.84 22.37 -2.27
C LYS A 75 -6.42 23.74 -2.63
N PRO A 76 -7.68 23.78 -3.09
CA PRO A 76 -8.33 25.04 -3.47
C PRO A 76 -8.66 25.91 -2.26
N TRP A 77 -9.21 25.29 -1.22
CA TRP A 77 -9.58 26.02 -0.01
C TRP A 77 -8.33 26.36 0.81
N MET A 78 -7.35 25.47 0.78
CA MET A 78 -6.11 25.68 1.52
C MET A 78 -5.39 26.94 1.04
N ASP A 79 -5.56 27.25 -0.23
CA ASP A 79 -4.93 28.44 -0.81
C ASP A 79 -3.41 28.37 -0.71
N PHE A 80 -2.88 27.14 -0.74
CA PHE A 80 -1.45 26.94 -0.64
C PHE A 80 -1.04 25.61 -1.29
N LYS A 81 -0.11 25.67 -2.23
CA LYS A 81 0.35 24.47 -2.92
C LYS A 81 1.47 23.80 -2.13
N GLN A 82 1.67 22.51 -2.38
CA GLN A 82 2.70 21.74 -1.69
C GLN A 82 3.16 20.56 -2.53
N LEU A 83 4.44 20.56 -2.89
CA LEU A 83 5.02 19.49 -3.70
C LEU A 83 5.14 18.21 -2.87
N GLN A 84 4.69 17.09 -3.42
CA GLN A 84 4.75 15.81 -2.72
C GLN A 84 6.11 15.13 -2.94
N GLU A 85 6.33 14.66 -4.17
CA GLU A 85 7.59 13.98 -4.50
C GLU A 85 7.59 13.55 -5.97
N PHE A 86 8.77 13.22 -6.49
CA PHE A 86 8.91 12.79 -7.87
C PHE A 86 9.43 11.36 -7.96
N LYS A 87 9.01 10.64 -9.00
CA LYS A 87 9.45 9.27 -9.20
C LYS A 87 10.19 9.12 -10.53
N HIS A 88 11.14 8.20 -10.58
CA HIS A 88 11.92 7.96 -11.78
C HIS A 88 11.08 7.23 -12.83
N VAL A 89 10.96 7.83 -14.00
CA VAL A 89 10.20 7.24 -15.09
C VAL A 89 11.07 7.01 -16.32
N ARG A 90 10.52 6.30 -17.30
CA ARG A 90 11.26 6.01 -18.53
C ARG A 90 10.63 6.74 -19.72
N ASP A 91 11.25 6.60 -20.89
CA ASP A 91 10.76 7.24 -22.10
C ASP A 91 9.41 6.66 -22.50
N VAL A 92 8.35 7.12 -21.83
CA VAL A 92 7.00 6.65 -22.12
C VAL A 92 5.95 7.58 -21.52
N PRO A 93 4.72 7.55 -22.05
CA PRO A 93 3.63 8.39 -21.55
C PRO A 93 3.22 8.03 -20.13
N SER A 94 3.44 6.78 -19.75
CA SER A 94 3.09 6.32 -18.41
C SER A 94 4.35 6.03 -17.60
N PHE A 95 4.16 5.70 -16.32
CA PHE A 95 5.28 5.41 -15.43
C PHE A 95 6.08 4.22 -15.94
N THR A 96 7.38 4.20 -15.65
CA THR A 96 8.25 3.12 -16.07
C THR A 96 7.80 1.79 -15.48
N SER A 97 8.54 0.73 -15.79
CA SER A 97 8.22 -0.60 -15.29
C SER A 97 9.37 -1.17 -14.47
N SER A 98 10.13 -0.29 -13.81
CA SER A 98 11.26 -0.70 -13.00
C SER A 98 10.88 -0.80 -11.53
N ASP A 99 10.32 0.29 -11.00
CA ASP A 99 9.91 0.33 -9.60
C ASP A 99 8.63 1.15 -9.44
N LEU A 100 7.74 1.04 -10.42
CA LEU A 100 6.47 1.76 -10.38
C LEU A 100 5.29 0.81 -10.57
N GLY A 101 4.20 1.09 -9.85
CA GLY A 101 3.02 0.26 -9.95
C GLY A 101 2.94 -0.77 -8.84
N ALA A 102 2.26 -1.89 -9.11
CA ALA A 102 2.12 -2.95 -8.12
C ALA A 102 2.95 -4.17 -8.50
N LYS A 103 3.59 -4.76 -7.50
CA LYS A 103 4.43 -5.93 -7.71
C LYS A 103 4.51 -6.79 -6.46
N THR A 104 3.99 -8.01 -6.55
CA THR A 104 4.00 -8.93 -5.42
C THR A 104 5.02 -10.05 -5.63
N ASP A 105 5.81 -10.33 -4.61
CA ASP A 105 6.83 -11.37 -4.69
C ASP A 105 7.54 -11.54 -3.36
N ASP A 106 7.69 -12.79 -2.92
CA ASP A 106 8.35 -13.09 -1.66
C ASP A 106 8.46 -14.60 -1.44
N GLN A 107 9.58 -15.04 -0.88
CA GLN A 107 9.81 -16.45 -0.63
C GLN A 107 8.93 -16.94 0.52
N VAL A 108 8.91 -18.25 0.73
CA VAL A 108 8.12 -18.85 1.79
C VAL A 108 9.01 -19.37 2.92
N SER A 109 8.69 -18.98 4.14
CA SER A 109 9.45 -19.41 5.31
C SER A 109 8.88 -18.81 6.59
N GLY A 110 8.93 -19.57 7.67
CA GLY A 110 8.42 -19.10 8.95
C GLY A 110 7.62 -20.15 9.68
N TRP A 111 7.72 -20.16 11.00
CA TRP A 111 7.00 -21.13 11.82
C TRP A 111 5.53 -20.77 11.92
N ARG A 112 4.74 -21.26 10.96
CA ARG A 112 3.31 -20.99 10.95
C ARG A 112 2.55 -22.11 10.25
N PRO A 113 1.24 -22.26 10.56
CA PRO A 113 0.40 -23.31 9.96
C PRO A 113 0.16 -23.07 8.47
N VAL A 114 -0.82 -23.79 7.93
CA VAL A 114 -1.15 -23.66 6.52
C VAL A 114 -2.64 -23.86 6.27
N PRO A 115 -3.18 -23.29 5.19
CA PRO A 115 -4.60 -23.41 4.85
C PRO A 115 -5.00 -24.85 4.54
N VAL A 116 -6.18 -25.02 3.97
CA VAL A 116 -6.69 -26.35 3.62
C VAL A 116 -7.25 -26.36 2.20
N HIS A 117 -7.01 -27.47 1.49
CA HIS A 117 -7.49 -27.61 0.11
C HIS A 117 -6.63 -26.80 -0.86
N ASP A 118 -5.60 -26.14 -0.35
CA ASP A 118 -4.72 -25.32 -1.19
C ASP A 118 -3.83 -26.21 -2.05
N PRO A 119 -3.16 -25.62 -3.05
CA PRO A 119 -2.26 -26.36 -3.95
C PRO A 119 -1.03 -26.90 -3.23
N VAL A 120 -0.64 -26.23 -2.15
CA VAL A 120 0.52 -26.65 -1.37
C VAL A 120 0.15 -27.73 -0.37
N VAL A 121 -1.02 -27.59 0.25
CA VAL A 121 -1.50 -28.55 1.23
C VAL A 121 -1.98 -29.83 0.55
N GLN A 122 -2.91 -29.67 -0.39
CA GLN A 122 -3.46 -30.82 -1.12
C GLN A 122 -2.34 -31.61 -1.78
N ASP A 123 -1.28 -30.93 -2.18
CA ASP A 123 -0.14 -31.58 -2.83
C ASP A 123 0.62 -32.44 -1.83
N ALA A 124 0.99 -31.84 -0.70
CA ALA A 124 1.72 -32.55 0.34
C ALA A 124 0.87 -33.66 0.94
N ALA A 125 -0.40 -33.37 1.16
CA ALA A 125 -1.32 -34.35 1.73
C ALA A 125 -1.41 -35.59 0.86
N HIS A 126 -1.84 -35.40 -0.38
CA HIS A 126 -1.97 -36.51 -1.32
C HIS A 126 -0.65 -37.26 -1.48
N HIS A 127 0.43 -36.52 -1.68
CA HIS A 127 1.75 -37.10 -1.83
C HIS A 127 2.11 -37.95 -0.62
N ALA A 128 1.66 -37.52 0.55
CA ALA A 128 1.93 -38.25 1.79
C ALA A 128 1.12 -39.53 1.85
N ILE A 129 -0.11 -39.48 1.34
CA ILE A 129 -0.99 -40.65 1.34
C ILE A 129 -0.32 -41.84 0.67
N LYS A 130 0.19 -41.63 -0.54
CA LYS A 130 0.85 -42.69 -1.28
C LYS A 130 2.22 -43.02 -0.69
N THR A 131 2.95 -41.98 -0.31
CA THR A 131 4.29 -42.16 0.26
C THR A 131 4.22 -42.97 1.55
N ILE A 132 3.36 -42.56 2.47
CA ILE A 132 3.22 -43.26 3.75
C ILE A 132 2.97 -44.75 3.53
N GLN A 133 1.95 -45.08 2.76
CA GLN A 133 1.62 -46.47 2.48
C GLN A 133 2.73 -47.13 1.65
N GLU A 134 3.38 -46.34 0.80
CA GLU A 134 4.46 -46.83 -0.04
C GLU A 134 5.73 -47.07 0.77
N ARG A 135 5.87 -46.34 1.87
CA ARG A 135 7.05 -46.47 2.72
C ARG A 135 7.21 -47.90 3.24
N SER A 136 6.10 -48.65 3.23
CA SER A 136 6.12 -50.03 3.69
C SER A 136 6.20 -50.99 2.51
N ASN A 137 5.38 -50.73 1.48
CA ASN A 137 5.36 -51.56 0.28
C ASN A 137 4.35 -51.02 -0.72
N SER A 138 4.44 -51.51 -1.96
CA SER A 138 3.53 -51.08 -3.01
C SER A 138 2.14 -51.65 -2.81
N LEU A 139 1.16 -50.78 -2.63
CA LEU A 139 -0.22 -51.21 -2.41
C LEU A 139 -1.22 -50.20 -2.96
N PHE A 140 -1.12 -48.96 -2.49
CA PHE A 140 -2.01 -47.90 -2.94
C PHE A 140 -3.46 -48.25 -2.68
N PRO A 141 -3.86 -48.34 -1.40
CA PRO A 141 -5.23 -48.67 -1.01
C PRO A 141 -6.21 -47.54 -1.27
N TYR A 142 -6.06 -46.45 -0.52
CA TYR A 142 -6.93 -45.29 -0.66
C TYR A 142 -6.11 -44.03 -0.92
N GLU A 143 -6.81 -42.90 -1.08
CA GLU A 143 -6.14 -41.63 -1.32
C GLU A 143 -6.74 -40.53 -0.44
N LEU A 144 -6.37 -39.29 -0.73
CA LEU A 144 -6.85 -38.14 0.04
C LEU A 144 -8.37 -38.06 -0.03
N SER A 145 -9.01 -37.91 1.13
CA SER A 145 -10.47 -37.81 1.20
C SER A 145 -10.90 -36.40 1.55
N GLU A 146 -10.57 -35.96 2.76
CA GLU A 146 -10.93 -34.62 3.21
C GLU A 146 -9.91 -34.11 4.24
N VAL A 147 -9.31 -32.97 3.94
CA VAL A 147 -8.33 -32.37 4.84
C VAL A 147 -9.01 -31.67 6.01
N VAL A 148 -8.58 -32.02 7.22
CA VAL A 148 -9.14 -31.42 8.43
C VAL A 148 -8.44 -30.13 8.79
N HIS A 149 -7.12 -30.20 8.93
CA HIS A 149 -6.31 -29.03 9.27
C HIS A 149 -4.83 -29.30 9.02
N ALA A 150 -4.19 -28.40 8.28
CA ALA A 150 -2.77 -28.55 7.97
C ALA A 150 -1.96 -27.39 8.54
N ASN A 151 -0.73 -27.69 8.96
CA ASN A 151 0.15 -26.66 9.52
C ASN A 151 1.60 -26.94 9.14
N ALA A 152 2.33 -25.87 8.80
CA ALA A 152 3.73 -26.00 8.41
C ALA A 152 4.65 -25.58 9.54
N GLU A 153 5.89 -26.06 9.50
CA GLU A 153 6.89 -25.73 10.51
C GLU A 153 8.26 -25.61 9.89
N VAL A 154 9.11 -24.77 10.50
CA VAL A 154 10.47 -24.57 9.99
C VAL A 154 11.49 -25.29 10.86
N VAL A 155 12.11 -26.33 10.30
CA VAL A 155 13.10 -27.11 11.02
C VAL A 155 14.49 -26.48 10.84
N ASP A 156 15.51 -27.11 11.42
CA ASP A 156 16.87 -26.60 11.35
C ASP A 156 17.29 -26.31 9.91
N THR A 157 16.80 -27.13 8.97
CA THR A 157 17.13 -26.96 7.56
C THR A 157 15.89 -27.07 6.68
N SER A 158 15.21 -28.22 6.78
CA SER A 158 14.00 -28.46 5.99
C SER A 158 12.79 -27.81 6.63
N ALA A 159 11.60 -28.29 6.26
CA ALA A 159 10.35 -27.75 6.80
C ALA A 159 9.36 -28.88 7.10
N LYS A 160 8.94 -28.98 8.35
CA LYS A 160 8.00 -30.02 8.76
C LYS A 160 6.57 -29.65 8.34
N PHE A 161 5.73 -30.67 8.21
CA PHE A 161 4.33 -30.47 7.81
C PHE A 161 3.41 -31.33 8.66
N ASP A 162 2.70 -30.69 9.58
CA ASP A 162 1.76 -31.40 10.46
C ASP A 162 0.33 -31.18 10.01
N MET A 163 -0.26 -32.20 9.39
CA MET A 163 -1.63 -32.11 8.91
C MET A 163 -2.46 -33.29 9.41
N LEU A 164 -3.76 -33.23 9.15
CA LEU A 164 -4.67 -34.29 9.57
C LEU A 164 -5.85 -34.40 8.62
N LEU A 165 -6.01 -35.57 8.01
CA LEU A 165 -7.11 -35.79 7.07
C LEU A 165 -7.72 -37.18 7.27
N LYS A 166 -8.95 -37.35 6.78
CA LYS A 166 -9.65 -38.62 6.90
C LYS A 166 -9.49 -39.45 5.63
N VAL A 167 -9.33 -40.76 5.80
CA VAL A 167 -9.17 -41.66 4.66
C VAL A 167 -10.43 -42.49 4.43
N LYS A 168 -10.73 -42.76 3.17
CA LYS A 168 -11.91 -43.56 2.81
C LYS A 168 -11.51 -44.86 2.14
N ARG A 169 -12.25 -45.92 2.43
CA ARG A 169 -11.97 -47.22 1.85
C ARG A 169 -13.20 -48.13 1.93
N GLY A 170 -14.01 -48.12 0.86
CA GLY A 170 -15.20 -48.94 0.83
C GLY A 170 -16.33 -48.34 1.65
N GLY A 171 -16.27 -47.05 1.92
CA GLY A 171 -17.30 -46.39 2.69
C GLY A 171 -16.95 -46.30 4.16
N LYS A 172 -15.66 -46.32 4.48
CA LYS A 172 -15.21 -46.23 5.86
C LYS A 172 -14.70 -44.83 6.18
N GLU A 173 -14.32 -44.61 7.43
CA GLU A 173 -13.81 -43.32 7.85
C GLU A 173 -12.84 -43.46 9.04
N GLU A 174 -11.61 -43.01 8.83
CA GLU A 174 -10.59 -43.09 9.88
C GLU A 174 -9.57 -41.98 9.72
N LYS A 175 -9.44 -41.16 10.77
CA LYS A 175 -8.49 -40.05 10.76
C LYS A 175 -7.10 -40.52 11.17
N TYR A 176 -6.09 -39.73 10.82
CA TYR A 176 -4.71 -40.06 11.17
C TYR A 176 -3.79 -38.85 10.99
N LYS A 177 -2.72 -38.82 11.78
CA LYS A 177 -1.75 -37.73 11.71
C LYS A 177 -0.73 -37.98 10.61
N VAL A 178 -0.09 -36.91 10.14
CA VAL A 178 0.91 -37.03 9.09
C VAL A 178 2.03 -36.02 9.28
N GLU A 179 3.27 -36.48 9.14
CA GLU A 179 4.43 -35.61 9.29
C GLU A 179 5.38 -35.76 8.11
N VAL A 180 5.39 -34.76 7.24
CA VAL A 180 6.25 -34.77 6.06
C VAL A 180 7.16 -33.55 6.04
N HIS A 181 8.35 -33.72 5.47
CA HIS A 181 9.32 -32.63 5.39
C HIS A 181 9.30 -32.00 4.00
N LYS A 182 9.65 -30.72 3.94
CA LYS A 182 9.67 -29.99 2.68
C LYS A 182 11.11 -29.72 2.23
N SER A 183 11.43 -30.14 1.01
CA SER A 183 12.77 -29.93 0.47
C SER A 183 12.77 -28.85 -0.59
N THR A 184 13.63 -27.86 -0.43
CA THR A 184 13.74 -26.75 -1.37
C THR A 184 14.88 -26.97 -2.34
N GLU A 185 15.17 -28.23 -2.65
CA GLU A 185 16.24 -28.58 -3.58
C GLU A 185 15.88 -29.82 -4.38
N GLU A 186 15.41 -30.85 -3.70
CA GLU A 186 15.04 -32.10 -4.34
C GLU A 186 13.73 -31.93 -5.13
N GLY A 187 12.78 -31.21 -4.53
CA GLY A 187 11.51 -30.99 -5.18
C GLY A 187 10.44 -31.98 -4.73
N GLY A 188 10.88 -33.16 -4.32
CA GLY A 188 9.94 -34.17 -3.85
C GLY A 188 9.84 -34.23 -2.34
N PHE A 189 8.63 -34.32 -1.83
CA PHE A 189 8.40 -34.38 -0.40
C PHE A 189 9.07 -35.61 0.21
N ASN A 190 9.34 -35.56 1.50
CA ASN A 190 9.98 -36.67 2.20
C ASN A 190 9.27 -36.96 3.52
N LEU A 191 8.25 -37.82 3.46
CA LEU A 191 7.48 -38.19 4.63
C LEU A 191 8.39 -38.68 5.74
N LYS A 192 8.30 -38.03 6.91
CA LYS A 192 9.12 -38.42 8.05
C LYS A 192 8.45 -39.53 8.85
N LYS A 193 7.36 -39.20 9.52
CA LYS A 193 6.62 -40.17 10.32
C LYS A 193 5.12 -40.02 10.12
N VAL A 194 4.35 -40.94 10.69
CA VAL A 194 2.90 -40.92 10.58
C VAL A 194 2.24 -41.56 11.79
N ASP A 195 1.08 -41.03 12.19
CA ASP A 195 0.35 -41.55 13.33
C ASP A 195 -1.13 -41.70 13.02
N LEU A 196 -1.83 -42.49 13.83
CA LEU A 196 -3.26 -42.72 13.64
C LEU A 196 -4.07 -41.93 14.66
N ASP A 197 -5.26 -41.48 14.26
CA ASP A 197 -6.13 -40.72 15.14
C ASP A 197 -7.52 -41.34 15.22
N HIS A 198 -7.75 -42.13 16.26
CA HIS A 198 -9.03 -42.79 16.45
C HIS A 198 -9.29 -43.08 17.92
N SER A 199 -8.83 -42.18 18.79
CA SER A 199 -9.01 -42.34 20.23
C SER A 199 -9.48 -41.04 20.86
N MET A 1 -3.22 33.31 -3.40
CA MET A 1 -4.01 32.07 -3.63
C MET A 1 -4.06 31.72 -5.11
N ALA A 2 -3.58 30.53 -5.45
CA ALA A 2 -3.57 30.08 -6.83
C ALA A 2 -3.59 28.55 -6.92
N THR A 3 -4.30 28.03 -7.91
CA THR A 3 -4.41 26.59 -8.10
C THR A 3 -4.79 26.25 -9.53
N LEU A 4 -4.56 25.00 -9.92
CA LEU A 4 -4.88 24.55 -11.28
C LEU A 4 -5.52 23.16 -11.25
N GLY A 5 -5.83 22.63 -12.42
CA GLY A 5 -6.44 21.32 -12.50
C GLY A 5 -6.96 21.00 -13.89
N GLY A 6 -6.68 19.79 -14.36
CA GLY A 6 -7.12 19.38 -15.68
C GLY A 6 -6.59 18.03 -16.09
N VAL A 7 -7.33 16.98 -15.77
CA VAL A 7 -6.93 15.61 -16.10
C VAL A 7 -6.57 15.49 -17.58
N HIS A 8 -5.29 15.66 -17.88
CA HIS A 8 -4.80 15.57 -19.25
C HIS A 8 -3.29 15.80 -19.31
N ASP A 9 -2.77 15.87 -20.52
CA ASP A 9 -1.34 16.10 -20.72
C ASP A 9 -1.09 17.32 -21.59
N SER A 10 -0.66 18.41 -20.97
CA SER A 10 -0.38 19.64 -21.69
C SER A 10 1.04 19.64 -22.27
N ASN A 11 1.44 20.78 -22.83
CA ASN A 11 2.77 20.91 -23.41
C ASN A 11 3.60 21.94 -22.65
N SER A 12 3.46 21.94 -21.33
CA SER A 12 4.19 22.88 -20.48
C SER A 12 3.82 24.32 -20.82
N ASN A 13 2.52 24.60 -20.86
CA ASN A 13 2.03 25.93 -21.18
C ASN A 13 2.59 26.97 -20.20
N PRO A 14 2.29 26.81 -18.89
CA PRO A 14 2.76 27.73 -17.86
C PRO A 14 4.26 27.58 -17.59
N ASP A 15 4.72 28.18 -16.50
CA ASP A 15 6.13 28.10 -16.13
C ASP A 15 6.44 26.80 -15.41
N THR A 16 6.20 25.69 -16.09
CA THR A 16 6.45 24.37 -15.52
C THR A 16 7.94 24.15 -15.30
N HIS A 17 8.77 24.83 -16.09
CA HIS A 17 10.22 24.70 -15.96
C HIS A 17 10.69 25.09 -14.57
N SER A 18 10.00 26.06 -13.96
CA SER A 18 10.35 26.52 -12.62
C SER A 18 9.81 25.57 -11.56
N LEU A 19 8.64 25.00 -11.81
CA LEU A 19 8.00 24.08 -10.88
C LEU A 19 8.93 22.90 -10.57
N ALA A 20 9.51 22.31 -11.61
CA ALA A 20 10.40 21.17 -11.44
C ALA A 20 11.59 21.53 -10.55
N ARG A 21 12.07 22.76 -10.68
CA ARG A 21 13.18 23.23 -9.87
C ARG A 21 12.86 23.18 -8.39
N PHE A 22 11.65 23.61 -8.05
CA PHE A 22 11.20 23.63 -6.67
C PHE A 22 11.03 22.20 -6.14
N ALA A 23 10.45 21.34 -6.96
CA ALA A 23 10.22 19.95 -6.56
C ALA A 23 11.53 19.25 -6.24
N VAL A 24 12.47 19.28 -7.18
CA VAL A 24 13.76 18.63 -6.98
C VAL A 24 14.50 19.23 -5.80
N ASP A 25 14.31 20.52 -5.59
CA ASP A 25 14.97 21.23 -4.50
C ASP A 25 14.62 20.64 -3.13
N GLN A 26 13.34 20.32 -2.92
CA GLN A 26 12.90 19.77 -1.64
C GLN A 26 13.46 18.37 -1.41
N HIS A 27 13.62 17.59 -2.47
CA HIS A 27 14.15 16.24 -2.35
C HIS A 27 15.66 16.26 -2.15
N ASN A 28 16.36 16.97 -3.02
CA ASN A 28 17.81 17.06 -2.94
C ASN A 28 18.26 17.63 -1.61
N THR A 29 17.52 18.60 -1.09
CA THR A 29 17.85 19.23 0.17
C THR A 29 17.48 18.37 1.38
N LYS A 30 16.47 17.53 1.24
CA LYS A 30 16.03 16.70 2.36
C LYS A 30 16.72 15.33 2.41
N GLU A 31 16.66 14.56 1.32
CA GLU A 31 17.28 13.23 1.32
C GLU A 31 18.09 12.95 0.05
N ASN A 32 17.79 13.65 -1.03
CA ASN A 32 18.50 13.42 -2.29
C ASN A 32 19.78 14.25 -2.35
N GLY A 33 20.46 14.19 -3.49
CA GLY A 33 21.69 14.93 -3.67
C GLY A 33 22.50 14.47 -4.87
N LEU A 34 21.80 14.10 -5.95
CA LEU A 34 22.45 13.63 -7.16
C LEU A 34 21.53 13.74 -8.36
N LEU A 35 20.60 14.68 -8.29
CA LEU A 35 19.63 14.89 -9.37
C LEU A 35 19.71 16.32 -9.89
N GLU A 36 19.89 16.47 -11.20
CA GLU A 36 19.97 17.79 -11.82
C GLU A 36 18.96 17.93 -12.94
N LEU A 37 18.52 19.15 -13.18
CA LEU A 37 17.55 19.43 -14.23
C LEU A 37 18.25 19.72 -15.56
N VAL A 38 17.91 18.94 -16.57
CA VAL A 38 18.50 19.09 -17.89
C VAL A 38 17.58 19.84 -18.84
N ARG A 39 16.40 19.29 -19.10
CA ARG A 39 15.44 19.92 -20.00
C ARG A 39 14.03 19.39 -19.77
N VAL A 40 13.08 20.31 -19.60
CA VAL A 40 11.68 19.96 -19.37
C VAL A 40 11.19 18.92 -20.39
N VAL A 41 10.24 18.10 -19.97
CA VAL A 41 9.67 17.08 -20.84
C VAL A 41 8.25 17.44 -21.23
N GLU A 42 7.36 17.45 -20.25
CA GLU A 42 5.96 17.78 -20.47
C GLU A 42 5.27 18.12 -19.16
N ALA A 43 3.99 18.43 -19.26
CA ALA A 43 3.20 18.79 -18.09
C ALA A 43 1.83 18.13 -18.11
N ARG A 44 1.62 17.24 -17.15
CA ARG A 44 0.35 16.52 -17.03
C ARG A 44 -0.41 16.99 -15.80
N GLU A 45 -1.73 17.18 -15.95
CA GLU A 45 -2.56 17.62 -14.85
C GLU A 45 -3.62 16.58 -14.51
N GLN A 46 -4.14 16.66 -13.29
CA GLN A 46 -5.17 15.73 -12.83
C GLN A 46 -5.75 16.18 -11.49
N VAL A 47 -7.02 15.86 -11.27
CA VAL A 47 -7.68 16.24 -10.04
C VAL A 47 -7.59 15.14 -9.01
N VAL A 48 -6.83 15.39 -7.94
CA VAL A 48 -6.66 14.41 -6.87
C VAL A 48 -6.98 15.04 -5.52
N ALA A 49 -8.09 14.61 -4.92
CA ALA A 49 -8.51 15.12 -3.62
C ALA A 49 -8.33 16.64 -3.53
N GLY A 50 -8.49 17.30 -4.68
CA GLY A 50 -8.34 18.74 -4.73
C GLY A 50 -7.66 19.20 -6.00
N THR A 51 -6.33 19.22 -5.99
CA THR A 51 -5.56 19.65 -7.15
C THR A 51 -4.20 18.95 -7.20
N LEU A 52 -3.89 18.35 -8.35
CA LEU A 52 -2.63 17.64 -8.52
C LEU A 52 -1.83 18.24 -9.68
N HIS A 53 -0.54 18.44 -9.46
CA HIS A 53 0.34 18.99 -10.49
C HIS A 53 1.38 17.98 -10.92
N HIS A 54 1.20 17.40 -12.10
CA HIS A 54 2.14 16.41 -12.62
C HIS A 54 3.07 17.03 -13.67
N LEU A 55 4.32 17.20 -13.31
CA LEU A 55 5.31 17.79 -14.21
C LEU A 55 6.48 16.84 -14.43
N VAL A 56 6.80 16.57 -15.69
CA VAL A 56 7.91 15.67 -16.01
C VAL A 56 9.00 16.42 -16.77
N LEU A 57 10.24 16.17 -16.39
CA LEU A 57 11.39 16.83 -17.00
C LEU A 57 12.58 15.89 -17.08
N GLU A 58 13.50 16.18 -18.01
CA GLU A 58 14.69 15.36 -18.17
C GLU A 58 15.77 15.80 -17.18
N VAL A 59 16.10 14.93 -16.24
CA VAL A 59 17.11 15.24 -15.24
C VAL A 59 18.31 14.31 -15.36
N LEU A 60 19.44 14.77 -14.85
CA LEU A 60 20.67 13.99 -14.88
C LEU A 60 20.97 13.44 -13.50
N ASP A 61 20.97 12.11 -13.39
CA ASP A 61 21.23 11.44 -12.13
C ASP A 61 22.66 10.92 -12.08
N ALA A 62 23.51 11.59 -11.30
CA ALA A 62 24.90 11.20 -11.17
C ALA A 62 25.59 11.12 -12.52
N GLY A 63 25.05 11.84 -13.52
CA GLY A 63 25.64 11.82 -14.84
C GLY A 63 24.87 10.97 -15.82
N LYS A 64 23.59 10.75 -15.56
CA LYS A 64 22.75 9.94 -16.43
C LYS A 64 21.46 10.66 -16.78
N LYS A 65 21.24 10.87 -18.06
CA LYS A 65 20.05 11.55 -18.55
C LYS A 65 18.82 10.66 -18.43
N LYS A 66 17.87 11.07 -17.60
CA LYS A 66 16.65 10.31 -17.39
C LYS A 66 15.49 11.25 -17.06
N LEU A 67 14.30 10.92 -17.56
CA LEU A 67 13.12 11.73 -17.30
C LEU A 67 12.48 11.37 -15.97
N TYR A 68 12.12 12.38 -15.19
CA TYR A 68 11.49 12.16 -13.89
C TYR A 68 10.16 12.89 -13.81
N GLU A 69 9.20 12.30 -13.09
CA GLU A 69 7.88 12.89 -12.92
C GLU A 69 7.70 13.39 -11.50
N ALA A 70 7.22 14.62 -11.37
CA ALA A 70 6.99 15.21 -10.06
C ALA A 70 5.53 15.54 -9.84
N LYS A 71 5.01 15.21 -8.66
CA LYS A 71 3.63 15.48 -8.32
C LYS A 71 3.53 16.50 -7.20
N ILE A 72 2.70 17.52 -7.40
CA ILE A 72 2.52 18.55 -6.40
C ILE A 72 1.07 18.57 -5.93
N TRP A 73 0.90 18.51 -4.61
CA TRP A 73 -0.43 18.50 -4.01
C TRP A 73 -0.85 19.91 -3.58
N VAL A 74 -2.01 20.35 -4.05
CA VAL A 74 -2.52 21.66 -3.71
C VAL A 74 -3.90 21.58 -3.06
N LYS A 75 -4.31 22.66 -2.41
CA LYS A 75 -5.61 22.70 -1.74
C LYS A 75 -6.64 23.43 -2.59
N PRO A 76 -7.91 23.00 -2.54
CA PRO A 76 -8.98 23.62 -3.31
C PRO A 76 -9.41 24.97 -2.74
N TRP A 77 -9.55 25.03 -1.42
CA TRP A 77 -9.95 26.27 -0.75
C TRP A 77 -8.75 26.97 -0.15
N MET A 78 -7.88 26.21 0.49
CA MET A 78 -6.67 26.77 1.11
C MET A 78 -5.80 27.48 0.08
N ASP A 79 -5.85 27.00 -1.16
CA ASP A 79 -5.06 27.58 -2.24
C ASP A 79 -3.58 27.52 -1.93
N PHE A 80 -3.17 26.51 -1.17
CA PHE A 80 -1.77 26.34 -0.80
C PHE A 80 -1.15 25.19 -1.58
N LYS A 81 -0.32 25.53 -2.57
CA LYS A 81 0.34 24.52 -3.39
C LYS A 81 1.62 24.03 -2.71
N GLN A 82 1.79 22.70 -2.70
CA GLN A 82 2.96 22.09 -2.08
C GLN A 82 3.40 20.86 -2.84
N LEU A 83 4.67 20.81 -3.21
CA LEU A 83 5.22 19.67 -3.96
C LEU A 83 5.33 18.45 -3.05
N GLN A 84 4.85 17.31 -3.54
CA GLN A 84 4.89 16.07 -2.77
C GLN A 84 6.20 15.32 -3.00
N GLU A 85 6.37 14.79 -4.21
CA GLU A 85 7.59 14.05 -4.55
C GLU A 85 7.56 13.61 -6.01
N PHE A 86 8.73 13.22 -6.53
CA PHE A 86 8.83 12.77 -7.92
C PHE A 86 9.36 11.35 -8.00
N LYS A 87 8.93 10.62 -9.03
CA LYS A 87 9.38 9.24 -9.23
C LYS A 87 10.10 9.11 -10.56
N HIS A 88 11.02 8.15 -10.63
CA HIS A 88 11.79 7.91 -11.85
C HIS A 88 10.92 7.28 -12.93
N VAL A 89 11.04 7.80 -14.15
CA VAL A 89 10.27 7.30 -15.28
C VAL A 89 11.15 7.15 -16.51
N ARG A 90 10.70 6.32 -17.46
CA ARG A 90 11.45 6.08 -18.68
C ARG A 90 11.17 7.18 -19.70
N ASP A 91 11.63 6.97 -20.93
CA ASP A 91 11.44 7.94 -22.00
C ASP A 91 9.96 8.17 -22.26
N VAL A 92 9.22 7.09 -22.44
CA VAL A 92 7.78 7.17 -22.70
C VAL A 92 7.06 7.92 -21.58
N PRO A 93 5.96 8.60 -21.91
CA PRO A 93 5.17 9.36 -20.93
C PRO A 93 4.25 8.47 -20.11
N SER A 94 4.84 7.49 -19.43
CA SER A 94 4.07 6.57 -18.60
C SER A 94 4.78 6.28 -17.28
N PHE A 95 5.76 5.39 -17.32
CA PHE A 95 6.51 5.03 -16.12
C PHE A 95 7.92 4.53 -16.49
N THR A 96 8.65 4.07 -15.49
CA THR A 96 10.00 3.56 -15.70
C THR A 96 9.99 2.08 -16.08
N SER A 97 8.80 1.53 -16.30
CA SER A 97 8.66 0.12 -16.66
C SER A 97 9.27 -0.79 -15.60
N SER A 98 9.28 -0.30 -14.36
CA SER A 98 9.84 -1.07 -13.24
C SER A 98 8.75 -1.40 -12.22
N ASP A 99 8.25 -0.39 -11.53
CA ASP A 99 7.22 -0.57 -10.52
C ASP A 99 6.78 0.77 -9.93
N LEU A 100 5.60 1.23 -10.33
CA LEU A 100 5.07 2.50 -9.84
C LEU A 100 3.65 2.33 -9.31
N GLY A 101 3.24 3.22 -8.42
CA GLY A 101 1.91 3.15 -7.86
C GLY A 101 1.72 4.12 -6.70
N ALA A 102 0.55 4.05 -6.08
CA ALA A 102 0.24 4.93 -4.95
C ALA A 102 0.25 4.16 -3.64
N LYS A 103 1.10 3.13 -3.57
CA LYS A 103 1.21 2.31 -2.37
C LYS A 103 2.06 3.01 -1.31
N THR A 104 1.50 3.20 -0.13
CA THR A 104 2.21 3.86 0.97
C THR A 104 2.55 2.85 2.06
N ASP A 105 3.65 2.12 1.87
CA ASP A 105 4.08 1.13 2.85
C ASP A 105 5.18 1.69 3.73
N ASP A 106 5.13 3.00 3.98
CA ASP A 106 6.13 3.65 4.82
C ASP A 106 5.54 4.05 6.17
N GLN A 107 6.41 4.21 7.16
CA GLN A 107 5.96 4.59 8.50
C GLN A 107 6.32 6.04 8.80
N VAL A 108 5.68 6.59 9.83
CA VAL A 108 5.92 7.98 10.22
C VAL A 108 5.39 8.24 11.62
N SER A 109 6.09 9.09 12.37
CA SER A 109 5.70 9.43 13.72
C SER A 109 4.96 10.77 13.76
N GLY A 110 3.64 10.71 13.64
CA GLY A 110 2.85 11.93 13.65
C GLY A 110 1.44 11.68 14.17
N TRP A 111 1.00 12.56 15.08
CA TRP A 111 -0.34 12.43 15.66
C TRP A 111 -1.41 12.86 14.67
N ARG A 112 -1.87 11.92 13.86
CA ARG A 112 -2.90 12.19 12.87
C ARG A 112 -3.74 10.95 12.59
N PRO A 113 -4.98 11.15 12.11
CA PRO A 113 -5.90 10.05 11.79
C PRO A 113 -5.41 9.19 10.63
N VAL A 114 -6.30 8.37 10.10
CA VAL A 114 -5.95 7.49 8.97
C VAL A 114 -7.14 7.30 8.05
N PRO A 115 -6.88 6.98 6.77
CA PRO A 115 -7.93 6.77 5.76
C PRO A 115 -8.78 5.54 6.10
N VAL A 116 -9.57 5.11 5.12
CA VAL A 116 -10.44 3.95 5.30
C VAL A 116 -10.36 3.02 4.11
N HIS A 117 -10.39 1.71 4.38
CA HIS A 117 -10.31 0.70 3.32
C HIS A 117 -8.88 0.56 2.79
N ASP A 118 -7.95 1.31 3.36
CA ASP A 118 -6.56 1.26 2.93
C ASP A 118 -5.91 -0.05 3.38
N PRO A 119 -4.71 -0.35 2.85
CA PRO A 119 -3.98 -1.58 3.19
C PRO A 119 -3.50 -1.57 4.64
N VAL A 120 -3.33 -0.38 5.20
CA VAL A 120 -2.89 -0.24 6.58
C VAL A 120 -4.05 -0.35 7.56
N VAL A 121 -5.17 0.28 7.21
CA VAL A 121 -6.35 0.25 8.06
C VAL A 121 -7.04 -1.10 7.98
N GLN A 122 -7.37 -1.54 6.77
CA GLN A 122 -8.02 -2.83 6.57
C GLN A 122 -7.22 -3.95 7.23
N ASP A 123 -5.91 -3.79 7.27
CA ASP A 123 -5.03 -4.79 7.87
C ASP A 123 -5.19 -4.78 9.39
N ALA A 124 -5.08 -3.61 9.99
CA ALA A 124 -5.22 -3.47 11.44
C ALA A 124 -6.62 -3.88 11.90
N ALA A 125 -7.62 -3.43 11.16
CA ALA A 125 -9.01 -3.74 11.49
C ALA A 125 -9.24 -5.25 11.52
N HIS A 126 -8.99 -5.91 10.39
CA HIS A 126 -9.16 -7.35 10.28
C HIS A 126 -8.34 -8.07 11.34
N HIS A 127 -7.11 -7.61 11.54
CA HIS A 127 -6.21 -8.21 12.52
C HIS A 127 -6.75 -8.02 13.93
N ALA A 128 -7.35 -6.86 14.18
CA ALA A 128 -7.91 -6.54 15.48
C ALA A 128 -9.16 -7.37 15.76
N ILE A 129 -10.02 -7.48 14.75
CA ILE A 129 -11.26 -8.25 14.88
C ILE A 129 -10.98 -9.67 15.33
N LYS A 130 -10.04 -10.34 14.67
CA LYS A 130 -9.68 -11.71 15.01
C LYS A 130 -8.90 -11.77 16.31
N THR A 131 -8.01 -10.81 16.51
CA THR A 131 -7.18 -10.75 17.72
C THR A 131 -8.04 -10.54 18.96
N ILE A 132 -8.91 -9.53 18.91
CA ILE A 132 -9.78 -9.21 20.03
C ILE A 132 -10.56 -10.44 20.49
N GLN A 133 -11.28 -11.07 19.55
CA GLN A 133 -12.05 -12.26 19.87
C GLN A 133 -11.14 -13.42 20.25
N GLU A 134 -9.95 -13.45 19.65
CA GLU A 134 -8.98 -14.50 19.94
C GLU A 134 -8.33 -14.30 21.29
N ARG A 135 -8.28 -13.06 21.75
CA ARG A 135 -7.67 -12.74 23.05
C ARG A 135 -8.37 -13.48 24.18
N SER A 136 -9.60 -13.92 23.93
CA SER A 136 -10.37 -14.65 24.92
C SER A 136 -10.36 -16.15 24.62
N ASN A 137 -10.55 -16.50 23.35
CA ASN A 137 -10.55 -17.89 22.92
C ASN A 137 -10.78 -17.99 21.42
N SER A 138 -10.37 -19.12 20.84
CA SER A 138 -10.53 -19.34 19.41
C SER A 138 -12.00 -19.53 19.04
N LEU A 139 -12.47 -18.70 18.12
CA LEU A 139 -13.87 -18.77 17.70
C LEU A 139 -14.04 -18.28 16.25
N PHE A 140 -13.52 -17.09 15.97
CA PHE A 140 -13.61 -16.52 14.64
C PHE A 140 -15.07 -16.40 14.19
N PRO A 141 -15.89 -15.63 14.94
CA PRO A 141 -17.30 -15.45 14.61
C PRO A 141 -17.51 -14.61 13.36
N TYR A 142 -17.04 -13.36 13.40
CA TYR A 142 -17.19 -12.46 12.26
C TYR A 142 -15.87 -11.76 11.95
N GLU A 143 -15.88 -10.91 10.94
CA GLU A 143 -14.68 -10.17 10.53
C GLU A 143 -15.02 -8.75 10.13
N LEU A 144 -14.07 -8.07 9.49
CA LEU A 144 -14.28 -6.70 9.04
C LEU A 144 -15.38 -6.63 7.99
N SER A 145 -16.33 -5.72 8.20
CA SER A 145 -17.44 -5.54 7.27
C SER A 145 -17.34 -4.21 6.55
N GLU A 146 -17.44 -3.12 7.31
CA GLU A 146 -17.36 -1.79 6.73
C GLU A 146 -16.77 -0.80 7.73
N VAL A 147 -15.65 -0.18 7.36
CA VAL A 147 -14.97 0.78 8.22
C VAL A 147 -15.65 2.14 8.16
N VAL A 148 -16.00 2.69 9.33
CA VAL A 148 -16.65 3.99 9.41
C VAL A 148 -15.62 5.12 9.41
N HIS A 149 -14.74 5.10 10.41
CA HIS A 149 -13.71 6.11 10.53
C HIS A 149 -12.54 5.60 11.37
N ALA A 150 -11.33 5.69 10.81
CA ALA A 150 -10.13 5.22 11.50
C ALA A 150 -9.16 6.39 11.72
N ASN A 151 -8.43 6.33 12.84
CA ASN A 151 -7.47 7.37 13.16
C ASN A 151 -6.28 6.79 13.93
N ALA A 152 -5.07 7.25 13.58
CA ALA A 152 -3.87 6.78 14.24
C ALA A 152 -3.36 7.79 15.26
N GLU A 153 -2.66 7.29 16.27
CA GLU A 153 -2.11 8.15 17.32
C GLU A 153 -0.69 7.72 17.68
N VAL A 154 0.16 8.69 17.98
CA VAL A 154 1.54 8.41 18.34
C VAL A 154 1.73 8.40 19.86
N VAL A 155 2.01 7.22 20.41
CA VAL A 155 2.22 7.07 21.84
C VAL A 155 3.67 7.36 22.21
N ASP A 156 4.01 7.23 23.48
CA ASP A 156 5.37 7.50 23.96
C ASP A 156 6.41 6.73 23.14
N THR A 157 6.06 5.51 22.73
CA THR A 157 6.98 4.70 21.93
C THR A 157 6.26 4.09 20.72
N SER A 158 5.19 3.33 20.97
CA SER A 158 4.44 2.70 19.89
C SER A 158 3.45 3.68 19.26
N ALA A 159 2.44 3.15 18.58
CA ALA A 159 1.43 3.97 17.93
C ALA A 159 0.04 3.39 18.15
N LYS A 160 -0.83 4.18 18.77
CA LYS A 160 -2.20 3.75 19.04
C LYS A 160 -3.06 3.84 17.79
N PHE A 161 -4.10 3.00 17.72
CA PHE A 161 -4.99 2.99 16.58
C PHE A 161 -6.45 2.99 17.04
N ASP A 162 -7.11 4.13 16.91
CA ASP A 162 -8.50 4.26 17.32
C ASP A 162 -9.42 4.32 16.10
N MET A 163 -10.01 3.18 15.76
CA MET A 163 -10.92 3.10 14.61
C MET A 163 -12.28 2.56 15.02
N LEU A 164 -13.25 2.67 14.12
CA LEU A 164 -14.60 2.20 14.38
C LEU A 164 -15.21 1.59 13.13
N LEU A 165 -15.58 0.32 13.20
CA LEU A 165 -16.18 -0.37 12.06
C LEU A 165 -17.33 -1.26 12.51
N LYS A 166 -18.18 -1.63 11.56
CA LYS A 166 -19.32 -2.49 11.85
C LYS A 166 -19.00 -3.95 11.51
N VAL A 167 -19.41 -4.86 12.39
CA VAL A 167 -19.17 -6.28 12.19
C VAL A 167 -20.45 -7.01 11.81
N LYS A 168 -20.34 -7.89 10.82
CA LYS A 168 -21.49 -8.65 10.35
C LYS A 168 -21.38 -10.12 10.76
N ARG A 169 -22.50 -10.72 11.11
CA ARG A 169 -22.53 -12.12 11.53
C ARG A 169 -23.93 -12.71 11.40
N GLY A 170 -24.20 -13.36 10.28
CA GLY A 170 -25.49 -13.96 10.05
C GLY A 170 -26.56 -12.93 9.72
N GLY A 171 -26.13 -11.75 9.28
CA GLY A 171 -27.08 -10.70 8.93
C GLY A 171 -27.31 -9.73 10.08
N LYS A 172 -26.33 -9.61 10.96
CA LYS A 172 -26.44 -8.71 12.10
C LYS A 172 -25.67 -7.40 11.84
N GLU A 173 -25.75 -6.47 12.79
CA GLU A 173 -25.06 -5.20 12.65
C GLU A 173 -24.82 -4.56 14.02
N GLU A 174 -23.55 -4.28 14.31
CA GLU A 174 -23.19 -3.67 15.59
C GLU A 174 -21.76 -3.13 15.54
N LYS A 175 -21.62 -1.83 15.83
CA LYS A 175 -20.32 -1.19 15.82
C LYS A 175 -19.60 -1.38 17.15
N TYR A 176 -18.29 -1.20 17.15
CA TYR A 176 -17.49 -1.36 18.36
C TYR A 176 -16.16 -0.62 18.25
N LYS A 177 -15.71 -0.06 19.37
CA LYS A 177 -14.45 0.68 19.40
C LYS A 177 -13.27 -0.29 19.51
N VAL A 178 -12.24 -0.05 18.70
CA VAL A 178 -11.06 -0.89 18.71
C VAL A 178 -9.80 -0.07 18.96
N GLU A 179 -8.95 -0.58 19.85
CA GLU A 179 -7.70 0.10 20.19
C GLU A 179 -6.52 -0.85 20.05
N VAL A 180 -5.74 -0.66 19.00
CA VAL A 180 -4.57 -1.50 18.75
C VAL A 180 -3.30 -0.66 18.63
N HIS A 181 -2.18 -1.24 19.03
CA HIS A 181 -0.90 -0.53 18.96
C HIS A 181 -0.10 -0.97 17.73
N LYS A 182 0.74 -0.07 17.24
CA LYS A 182 1.55 -0.35 16.06
C LYS A 182 3.02 -0.53 16.45
N SER A 183 3.61 -1.65 16.01
CA SER A 183 5.01 -1.93 16.31
C SER A 183 5.90 -1.62 15.11
N THR A 184 6.86 -0.73 15.31
CA THR A 184 7.77 -0.35 14.24
C THR A 184 8.77 -1.46 13.95
N GLU A 185 9.02 -1.72 12.67
CA GLU A 185 9.95 -2.76 12.26
C GLU A 185 9.52 -4.12 12.79
N GLU A 186 8.22 -4.28 13.01
CA GLU A 186 7.67 -5.52 13.52
C GLU A 186 6.71 -6.14 12.50
N GLY A 187 5.79 -5.32 11.99
CA GLY A 187 4.83 -5.80 11.02
C GLY A 187 3.52 -6.22 11.65
N GLY A 188 3.62 -6.90 12.80
CA GLY A 188 2.42 -7.35 13.49
C GLY A 188 1.79 -6.27 14.33
N PHE A 189 0.64 -6.56 14.90
CA PHE A 189 -0.08 -5.60 15.74
C PHE A 189 -0.23 -6.13 17.16
N ASN A 190 -0.50 -5.22 18.10
CA ASN A 190 -0.67 -5.60 19.50
C ASN A 190 -1.92 -4.95 20.09
N LEU A 191 -3.07 -5.59 19.86
CA LEU A 191 -4.34 -5.08 20.35
C LEU A 191 -4.26 -4.74 21.84
N LYS A 192 -4.54 -3.49 22.17
CA LYS A 192 -4.52 -3.04 23.56
C LYS A 192 -5.85 -3.29 24.24
N LYS A 193 -6.86 -2.51 23.87
CA LYS A 193 -8.19 -2.65 24.45
C LYS A 193 -9.26 -2.56 23.37
N VAL A 194 -10.51 -2.80 23.76
CA VAL A 194 -11.63 -2.75 22.83
C VAL A 194 -12.93 -2.39 23.55
N ASP A 195 -13.80 -1.67 22.86
CA ASP A 195 -15.09 -1.26 23.43
C ASP A 195 -16.23 -1.51 22.44
N LEU A 196 -17.45 -1.47 22.94
CA LEU A 196 -18.63 -1.69 22.10
C LEU A 196 -19.34 -0.36 21.82
N ASP A 197 -19.90 -0.24 20.62
CA ASP A 197 -20.61 0.97 20.22
C ASP A 197 -21.99 0.64 19.64
N HIS A 198 -23.01 0.65 20.49
CA HIS A 198 -24.36 0.36 20.06
C HIS A 198 -25.38 1.06 20.95
N SER A 199 -25.02 2.24 21.44
CA SER A 199 -25.91 3.02 22.30
C SER A 199 -25.46 4.48 22.37
N MET A 1 -3.88 30.54 -3.17
CA MET A 1 -3.81 31.77 -3.98
C MET A 1 -3.92 31.45 -5.47
N ALA A 2 -3.46 30.27 -5.85
CA ALA A 2 -3.52 29.84 -7.25
C ALA A 2 -3.56 28.32 -7.35
N THR A 3 -4.27 27.83 -8.37
CA THR A 3 -4.39 26.38 -8.58
C THR A 3 -4.58 26.08 -10.06
N LEU A 4 -4.84 24.80 -10.37
CA LEU A 4 -5.05 24.38 -11.75
C LEU A 4 -5.82 23.06 -11.79
N GLY A 5 -6.83 22.94 -10.95
CA GLY A 5 -7.64 21.72 -10.92
C GLY A 5 -8.29 21.42 -12.25
N GLY A 6 -8.12 20.19 -12.73
CA GLY A 6 -8.71 19.80 -14.00
C GLY A 6 -7.73 19.05 -14.88
N VAL A 7 -7.92 17.74 -14.97
CA VAL A 7 -7.05 16.90 -15.79
C VAL A 7 -6.92 17.44 -17.21
N HIS A 8 -5.68 17.59 -17.68
CA HIS A 8 -5.43 18.10 -19.02
C HIS A 8 -3.94 18.14 -19.32
N ASP A 9 -3.47 17.20 -20.14
CA ASP A 9 -2.06 17.13 -20.50
C ASP A 9 -1.68 18.29 -21.42
N SER A 10 -0.37 18.50 -21.58
CA SER A 10 0.11 19.57 -22.44
C SER A 10 1.60 19.38 -22.75
N ASN A 11 2.19 20.36 -23.43
CA ASN A 11 3.59 20.30 -23.80
C ASN A 11 4.41 21.35 -23.05
N SER A 12 4.11 21.51 -21.76
CA SER A 12 4.81 22.49 -20.94
C SER A 12 4.56 23.91 -21.45
N ASN A 13 3.30 24.21 -21.73
CA ASN A 13 2.93 25.54 -22.23
C ASN A 13 3.36 26.63 -21.25
N PRO A 14 2.83 26.58 -20.01
CA PRO A 14 3.16 27.58 -18.98
C PRO A 14 4.58 27.40 -18.45
N ASP A 15 4.88 28.09 -17.35
CA ASP A 15 6.21 28.00 -16.74
C ASP A 15 6.35 26.73 -15.91
N THR A 16 6.22 25.58 -16.58
CA THR A 16 6.33 24.30 -15.91
C THR A 16 7.78 23.98 -15.56
N HIS A 17 8.71 24.51 -16.36
CA HIS A 17 10.12 24.29 -16.15
C HIS A 17 10.54 24.74 -14.75
N SER A 18 9.90 25.79 -14.26
CA SER A 18 10.21 26.31 -12.94
C SER A 18 9.65 25.42 -11.84
N LEU A 19 8.46 24.88 -12.08
CA LEU A 19 7.80 24.00 -11.12
C LEU A 19 8.70 22.83 -10.74
N ALA A 20 9.31 22.21 -11.75
CA ALA A 20 10.20 21.08 -11.53
C ALA A 20 11.36 21.46 -10.62
N ARG A 21 11.79 22.71 -10.70
CA ARG A 21 12.89 23.20 -9.88
C ARG A 21 12.51 23.19 -8.41
N PHE A 22 11.30 23.66 -8.11
CA PHE A 22 10.81 23.72 -6.74
C PHE A 22 10.63 22.31 -6.17
N ALA A 23 10.29 21.36 -7.04
CA ALA A 23 10.09 19.99 -6.61
C ALA A 23 11.41 19.30 -6.28
N VAL A 24 12.35 19.33 -7.22
CA VAL A 24 13.65 18.70 -7.02
C VAL A 24 14.39 19.34 -5.85
N ASP A 25 14.17 20.63 -5.65
CA ASP A 25 14.83 21.37 -4.58
C ASP A 25 14.48 20.79 -3.21
N GLN A 26 13.21 20.46 -2.99
CA GLN A 26 12.78 19.92 -1.70
C GLN A 26 13.35 18.54 -1.44
N HIS A 27 13.51 17.75 -2.49
CA HIS A 27 14.06 16.39 -2.36
C HIS A 27 15.57 16.43 -2.16
N ASN A 28 16.26 17.13 -3.04
CA ASN A 28 17.72 17.24 -2.98
C ASN A 28 18.16 17.84 -1.63
N THR A 29 17.39 18.80 -1.14
CA THR A 29 17.71 19.46 0.11
C THR A 29 17.37 18.60 1.34
N LYS A 30 16.36 17.73 1.22
CA LYS A 30 15.95 16.92 2.35
C LYS A 30 16.66 15.56 2.41
N GLU A 31 16.61 14.78 1.34
CA GLU A 31 17.25 13.47 1.35
C GLU A 31 18.05 13.17 0.08
N ASN A 32 17.73 13.85 -1.02
CA ASN A 32 18.44 13.63 -2.27
C ASN A 32 19.71 14.47 -2.35
N GLY A 33 20.40 14.38 -3.49
CA GLY A 33 21.62 15.14 -3.67
C GLY A 33 22.43 14.66 -4.87
N LEU A 34 21.73 14.27 -5.94
CA LEU A 34 22.39 13.80 -7.14
C LEU A 34 21.46 13.87 -8.35
N LEU A 35 20.52 14.81 -8.29
CA LEU A 35 19.56 14.99 -9.37
C LEU A 35 19.61 16.41 -9.90
N GLU A 36 19.79 16.55 -11.21
CA GLU A 36 19.84 17.87 -11.84
C GLU A 36 18.84 17.98 -12.98
N LEU A 37 18.38 19.19 -13.23
CA LEU A 37 17.41 19.45 -14.29
C LEU A 37 18.11 19.73 -15.61
N VAL A 38 17.79 18.93 -16.63
CA VAL A 38 18.39 19.09 -17.94
C VAL A 38 17.46 19.82 -18.90
N ARG A 39 16.29 19.23 -19.17
CA ARG A 39 15.33 19.86 -20.09
C ARG A 39 13.92 19.31 -19.86
N VAL A 40 12.96 20.22 -19.71
CA VAL A 40 11.57 19.84 -19.48
C VAL A 40 11.10 18.79 -20.48
N VAL A 41 10.15 17.95 -20.05
CA VAL A 41 9.61 16.91 -20.90
C VAL A 41 8.18 17.25 -21.31
N GLU A 42 7.29 17.26 -20.34
CA GLU A 42 5.89 17.57 -20.59
C GLU A 42 5.19 17.96 -19.30
N ALA A 43 3.91 18.27 -19.42
CA ALA A 43 3.11 18.67 -18.28
C ALA A 43 1.73 18.04 -18.32
N ARG A 44 1.45 17.19 -17.34
CA ARG A 44 0.17 16.52 -17.24
C ARG A 44 -0.55 16.90 -15.96
N GLU A 45 -1.83 17.22 -16.07
CA GLU A 45 -2.62 17.62 -14.90
C GLU A 45 -3.73 16.60 -14.63
N GLN A 46 -4.21 16.58 -13.39
CA GLN A 46 -5.27 15.66 -12.99
C GLN A 46 -5.85 16.07 -11.65
N VAL A 47 -7.14 15.83 -11.47
CA VAL A 47 -7.82 16.18 -10.23
C VAL A 47 -7.71 15.06 -9.21
N VAL A 48 -6.95 15.30 -8.14
CA VAL A 48 -6.76 14.32 -7.08
C VAL A 48 -7.08 14.91 -5.72
N ALA A 49 -8.19 14.46 -5.13
CA ALA A 49 -8.61 14.96 -3.82
C ALA A 49 -8.45 16.47 -3.72
N GLY A 50 -8.61 17.14 -4.85
CA GLY A 50 -8.48 18.59 -4.88
C GLY A 50 -7.78 19.06 -6.15
N THR A 51 -6.46 19.09 -6.10
CA THR A 51 -5.68 19.54 -7.26
C THR A 51 -4.31 18.84 -7.29
N LEU A 52 -3.98 18.23 -8.42
CA LEU A 52 -2.72 17.54 -8.57
C LEU A 52 -1.92 18.13 -9.74
N HIS A 53 -0.62 18.32 -9.52
CA HIS A 53 0.26 18.87 -10.54
C HIS A 53 1.31 17.84 -10.96
N HIS A 54 1.13 17.27 -12.14
CA HIS A 54 2.07 16.26 -12.66
C HIS A 54 2.96 16.87 -13.73
N LEU A 55 4.24 17.07 -13.39
CA LEU A 55 5.20 17.63 -14.33
C LEU A 55 6.39 16.69 -14.51
N VAL A 56 6.72 16.42 -15.76
CA VAL A 56 7.85 15.54 -16.08
C VAL A 56 8.93 16.29 -16.84
N LEU A 57 10.17 16.07 -16.44
CA LEU A 57 11.30 16.74 -17.05
C LEU A 57 12.52 15.81 -17.12
N GLU A 58 13.43 16.09 -18.04
CA GLU A 58 14.63 15.29 -18.19
C GLU A 58 15.70 15.76 -17.21
N VAL A 59 16.03 14.91 -16.26
CA VAL A 59 17.04 15.24 -15.25
C VAL A 59 18.25 14.33 -15.37
N LEU A 60 19.38 14.83 -14.87
CA LEU A 60 20.61 14.06 -14.88
C LEU A 60 20.91 13.52 -13.49
N ASP A 61 20.93 12.19 -13.37
CA ASP A 61 21.20 11.54 -12.10
C ASP A 61 22.64 11.03 -12.03
N ALA A 62 23.47 11.72 -11.26
CA ALA A 62 24.87 11.34 -11.12
C ALA A 62 25.57 11.26 -12.47
N GLY A 63 25.02 11.97 -13.46
CA GLY A 63 25.61 11.96 -14.79
C GLY A 63 24.86 11.08 -15.77
N LYS A 64 23.58 10.85 -15.49
CA LYS A 64 22.77 10.02 -16.37
C LYS A 64 21.46 10.72 -16.73
N LYS A 65 21.25 10.91 -18.03
CA LYS A 65 20.05 11.58 -18.52
C LYS A 65 18.84 10.67 -18.39
N LYS A 66 17.87 11.07 -17.57
CA LYS A 66 16.67 10.30 -17.36
C LYS A 66 15.49 11.21 -17.04
N LEU A 67 14.30 10.86 -17.51
CA LEU A 67 13.11 11.66 -17.27
C LEU A 67 12.48 11.31 -15.93
N TYR A 68 12.09 12.33 -15.17
CA TYR A 68 11.47 12.12 -13.87
C TYR A 68 10.13 12.84 -13.80
N GLU A 69 9.19 12.26 -13.05
CA GLU A 69 7.87 12.84 -12.90
C GLU A 69 7.67 13.36 -11.48
N ALA A 70 7.17 14.58 -11.37
CA ALA A 70 6.94 15.19 -10.07
C ALA A 70 5.45 15.49 -9.86
N LYS A 71 4.96 15.19 -8.66
CA LYS A 71 3.58 15.43 -8.32
C LYS A 71 3.45 16.47 -7.22
N ILE A 72 2.62 17.47 -7.44
CA ILE A 72 2.41 18.52 -6.45
C ILE A 72 0.96 18.53 -5.98
N TRP A 73 0.79 18.48 -4.66
CA TRP A 73 -0.54 18.46 -4.08
C TRP A 73 -0.98 19.86 -3.66
N VAL A 74 -2.18 20.25 -4.11
CA VAL A 74 -2.71 21.58 -3.79
C VAL A 74 -4.10 21.46 -3.17
N LYS A 75 -4.27 22.03 -1.98
CA LYS A 75 -5.54 21.99 -1.29
C LYS A 75 -6.53 22.99 -1.89
N PRO A 76 -7.82 22.62 -1.97
CA PRO A 76 -8.85 23.49 -2.54
C PRO A 76 -9.26 24.61 -1.59
N TRP A 77 -9.44 24.27 -0.31
CA TRP A 77 -9.82 25.24 0.70
C TRP A 77 -8.70 26.25 0.94
N MET A 78 -7.60 25.77 1.52
CA MET A 78 -6.46 26.63 1.81
C MET A 78 -5.91 27.25 0.52
N ASP A 79 -6.08 26.54 -0.59
CA ASP A 79 -5.60 27.03 -1.88
C ASP A 79 -4.08 27.19 -1.87
N PHE A 80 -3.41 26.35 -1.09
CA PHE A 80 -1.96 26.39 -1.00
C PHE A 80 -1.33 25.22 -1.74
N LYS A 81 -0.51 25.54 -2.74
CA LYS A 81 0.16 24.51 -3.54
C LYS A 81 1.43 24.04 -2.85
N GLN A 82 1.61 22.72 -2.80
CA GLN A 82 2.79 22.14 -2.17
C GLN A 82 3.24 20.88 -2.92
N LEU A 83 4.52 20.85 -3.28
CA LEU A 83 5.08 19.72 -4.00
C LEU A 83 5.21 18.50 -3.09
N GLN A 84 4.75 17.35 -3.57
CA GLN A 84 4.79 16.12 -2.78
C GLN A 84 6.12 15.39 -3.00
N GLU A 85 6.31 14.84 -4.20
CA GLU A 85 7.52 14.11 -4.53
C GLU A 85 7.51 13.65 -5.98
N PHE A 86 8.68 13.27 -6.50
CA PHE A 86 8.80 12.81 -7.88
C PHE A 86 9.38 11.40 -7.94
N LYS A 87 8.97 10.65 -8.96
CA LYS A 87 9.45 9.29 -9.14
C LYS A 87 10.19 9.15 -10.47
N HIS A 88 11.13 8.22 -10.52
CA HIS A 88 11.91 7.98 -11.74
C HIS A 88 11.08 7.27 -12.79
N VAL A 89 11.19 7.74 -14.03
CA VAL A 89 10.45 7.15 -15.14
C VAL A 89 11.35 6.94 -16.35
N ARG A 90 11.19 5.81 -17.02
CA ARG A 90 11.99 5.49 -18.20
C ARG A 90 11.81 6.53 -19.29
N ASP A 91 12.61 6.44 -20.34
CA ASP A 91 12.54 7.38 -21.46
C ASP A 91 11.24 7.19 -22.24
N VAL A 92 10.13 7.56 -21.64
CA VAL A 92 8.82 7.43 -22.27
C VAL A 92 7.77 8.26 -21.55
N PRO A 93 6.66 8.59 -22.25
CA PRO A 93 5.57 9.39 -21.66
C PRO A 93 4.91 8.70 -20.49
N SER A 94 4.97 7.37 -20.47
CA SER A 94 4.39 6.58 -19.40
C SER A 94 5.41 6.28 -18.31
N PHE A 95 5.07 5.35 -17.42
CA PHE A 95 5.97 4.98 -16.33
C PHE A 95 6.69 3.68 -16.65
N THR A 96 7.87 3.50 -16.06
CA THR A 96 8.66 2.29 -16.29
C THR A 96 7.88 1.04 -15.90
N SER A 97 6.90 1.21 -15.02
CA SER A 97 6.08 0.09 -14.57
C SER A 97 6.92 -0.95 -13.86
N SER A 98 8.00 -0.50 -13.21
CA SER A 98 8.89 -1.41 -12.49
C SER A 98 8.63 -1.34 -10.99
N ASP A 99 8.35 -0.14 -10.50
CA ASP A 99 8.09 0.06 -9.08
C ASP A 99 7.49 1.44 -8.83
N LEU A 100 6.64 1.89 -9.76
CA LEU A 100 5.99 3.18 -9.63
C LEU A 100 4.47 3.05 -9.68
N GLY A 101 3.78 3.91 -8.95
CA GLY A 101 2.33 3.87 -8.93
C GLY A 101 1.77 4.02 -7.52
N ALA A 102 1.01 3.02 -7.08
CA ALA A 102 0.41 3.04 -5.75
C ALA A 102 0.59 1.71 -5.04
N LYS A 103 1.66 1.61 -4.26
CA LYS A 103 1.94 0.38 -3.53
C LYS A 103 2.24 0.68 -2.05
N THR A 104 2.06 -0.32 -1.20
CA THR A 104 2.30 -0.17 0.22
C THR A 104 2.10 -1.48 0.96
N ASP A 105 2.16 -1.44 2.29
CA ASP A 105 1.98 -2.63 3.11
C ASP A 105 1.82 -2.25 4.58
N ASP A 106 1.38 -3.22 5.39
CA ASP A 106 1.19 -2.98 6.81
C ASP A 106 1.83 -4.10 7.63
N GLN A 107 2.35 -3.74 8.80
CA GLN A 107 2.99 -4.70 9.68
C GLN A 107 2.09 -5.05 10.87
N VAL A 108 2.07 -6.32 11.24
CA VAL A 108 1.24 -6.77 12.36
C VAL A 108 2.11 -7.14 13.56
N SER A 109 1.77 -6.60 14.72
CA SER A 109 2.51 -6.87 15.94
C SER A 109 1.92 -6.11 17.12
N GLY A 110 1.39 -6.85 18.09
CA GLY A 110 0.80 -6.22 19.26
C GLY A 110 0.06 -7.22 20.14
N TRP A 111 0.26 -7.11 21.45
CA TRP A 111 -0.39 -8.01 22.40
C TRP A 111 -1.86 -7.67 22.55
N ARG A 112 -2.69 -8.26 21.70
CA ARG A 112 -4.13 -8.01 21.75
C ARG A 112 -4.91 -9.23 21.25
N PRO A 113 -6.19 -9.35 21.65
CA PRO A 113 -7.04 -10.47 21.25
C PRO A 113 -7.37 -10.43 19.75
N VAL A 114 -8.36 -11.23 19.35
CA VAL A 114 -8.77 -11.28 17.96
C VAL A 114 -10.28 -11.54 17.84
N PRO A 115 -10.88 -11.11 16.72
CA PRO A 115 -12.32 -11.30 16.47
C PRO A 115 -12.69 -12.77 16.37
N VAL A 116 -13.90 -13.03 15.87
CA VAL A 116 -14.38 -14.40 15.71
C VAL A 116 -15.04 -14.59 14.35
N HIS A 117 -14.81 -15.75 13.75
CA HIS A 117 -15.38 -16.08 12.44
C HIS A 117 -14.65 -15.34 11.31
N ASP A 118 -13.61 -14.59 11.67
CA ASP A 118 -12.83 -13.84 10.69
C ASP A 118 -11.97 -14.79 9.84
N PRO A 119 -11.39 -14.28 8.74
CA PRO A 119 -10.55 -15.09 7.86
C PRO A 119 -9.25 -15.52 8.54
N VAL A 120 -8.81 -14.75 9.53
CA VAL A 120 -7.59 -15.06 10.25
C VAL A 120 -7.86 -16.06 11.37
N VAL A 121 -8.95 -15.85 12.10
CA VAL A 121 -9.31 -16.74 13.20
C VAL A 121 -9.79 -18.09 12.67
N GLN A 122 -10.79 -18.05 11.80
CA GLN A 122 -11.34 -19.28 11.21
C GLN A 122 -10.24 -20.11 10.56
N ASP A 123 -9.24 -19.43 10.01
CA ASP A 123 -8.12 -20.10 9.36
C ASP A 123 -7.22 -20.77 10.39
N ALA A 124 -6.91 -20.04 11.46
CA ALA A 124 -6.06 -20.57 12.52
C ALA A 124 -6.76 -21.69 13.27
N ALA A 125 -8.05 -21.50 13.54
CA ALA A 125 -8.83 -22.49 14.26
C ALA A 125 -8.84 -23.82 13.51
N HIS A 126 -9.35 -23.80 12.27
CA HIS A 126 -9.41 -25.01 11.45
C HIS A 126 -8.05 -25.67 11.35
N HIS A 127 -7.02 -24.86 11.06
CA HIS A 127 -5.65 -25.37 10.95
C HIS A 127 -5.21 -26.03 12.24
N ALA A 128 -5.63 -25.47 13.37
CA ALA A 128 -5.27 -26.00 14.67
C ALA A 128 -5.99 -27.32 14.94
N ILE A 129 -7.30 -27.34 14.68
CA ILE A 129 -8.11 -28.53 14.89
C ILE A 129 -7.53 -29.73 14.15
N LYS A 130 -7.27 -29.55 12.86
CA LYS A 130 -6.71 -30.63 12.04
C LYS A 130 -5.31 -31.00 12.50
N THR A 131 -4.54 -30.00 12.89
CA THR A 131 -3.16 -30.23 13.34
C THR A 131 -3.15 -31.00 14.67
N ILE A 132 -3.95 -30.56 15.63
CA ILE A 132 -4.01 -31.22 16.93
C ILE A 132 -4.32 -32.71 16.78
N GLN A 133 -5.39 -33.02 16.09
CA GLN A 133 -5.79 -34.41 15.89
C GLN A 133 -4.77 -35.16 15.02
N GLU A 134 -4.13 -34.42 14.12
CA GLU A 134 -3.13 -34.99 13.22
C GLU A 134 -1.80 -35.20 13.94
N ARG A 135 -1.56 -34.40 14.99
CA ARG A 135 -0.32 -34.50 15.75
C ARG A 135 -0.15 -35.89 16.35
N SER A 136 -1.26 -36.62 16.47
CA SER A 136 -1.22 -37.97 17.03
C SER A 136 -1.13 -39.00 15.91
N ASN A 137 -2.03 -38.90 14.93
CA ASN A 137 -2.05 -39.81 13.80
C ASN A 137 -3.17 -39.43 12.82
N SER A 138 -3.28 -40.18 11.73
CA SER A 138 -4.31 -39.94 10.73
C SER A 138 -5.65 -40.47 11.20
N LEU A 139 -6.52 -39.57 11.62
CA LEU A 139 -7.85 -39.96 12.09
C LEU A 139 -8.93 -39.01 11.58
N PHE A 140 -8.70 -37.72 11.73
CA PHE A 140 -9.66 -36.71 11.28
C PHE A 140 -11.04 -36.95 11.92
N PRO A 141 -11.23 -36.44 13.14
CA PRO A 141 -12.50 -36.60 13.86
C PRO A 141 -13.54 -35.56 13.47
N TYR A 142 -13.24 -34.29 13.72
CA TYR A 142 -14.15 -33.21 13.39
C TYR A 142 -13.39 -31.94 13.02
N GLU A 143 -14.13 -30.87 12.74
CA GLU A 143 -13.53 -29.59 12.38
C GLU A 143 -14.12 -28.46 13.20
N LEU A 144 -13.83 -27.22 12.81
CA LEU A 144 -14.34 -26.05 13.51
C LEU A 144 -15.86 -26.02 13.49
N SER A 145 -16.46 -25.82 14.66
CA SER A 145 -17.92 -25.76 14.78
C SER A 145 -18.38 -24.34 15.04
N GLU A 146 -18.08 -23.83 16.23
CA GLU A 146 -18.48 -22.48 16.61
C GLU A 146 -17.46 -21.86 17.57
N VAL A 147 -16.81 -20.80 17.13
CA VAL A 147 -15.80 -20.12 17.95
C VAL A 147 -16.47 -19.23 19.01
N VAL A 148 -16.06 -19.41 20.26
CA VAL A 148 -16.60 -18.63 21.35
C VAL A 148 -15.87 -17.31 21.52
N HIS A 149 -14.54 -17.37 21.50
CA HIS A 149 -13.71 -16.19 21.64
C HIS A 149 -12.25 -16.51 21.39
N ALA A 150 -11.62 -15.76 20.50
CA ALA A 150 -10.22 -15.97 20.16
C ALA A 150 -9.38 -14.74 20.51
N ASN A 151 -8.13 -14.96 20.89
CA ASN A 151 -7.23 -13.87 21.24
C ASN A 151 -5.80 -14.16 20.79
N ALA A 152 -5.12 -13.14 20.28
CA ALA A 152 -3.76 -13.29 19.79
C ALA A 152 -2.76 -12.73 20.80
N GLU A 153 -1.53 -13.23 20.74
CA GLU A 153 -0.48 -12.77 21.64
C GLU A 153 0.86 -12.69 20.91
N VAL A 154 1.70 -11.76 21.33
CA VAL A 154 3.02 -11.57 20.71
C VAL A 154 4.12 -12.19 21.56
N VAL A 155 4.73 -13.26 21.05
CA VAL A 155 5.80 -13.94 21.76
C VAL A 155 7.15 -13.27 21.45
N ASP A 156 8.23 -13.82 22.01
CA ASP A 156 9.56 -13.26 21.81
C ASP A 156 9.86 -13.08 20.31
N THR A 157 9.37 -14.00 19.49
CA THR A 157 9.59 -13.92 18.06
C THR A 157 8.30 -14.16 17.27
N SER A 158 7.67 -15.31 17.50
CA SER A 158 6.43 -15.65 16.82
C SER A 158 5.23 -14.99 17.49
N ALA A 159 4.04 -15.53 17.24
CA ALA A 159 2.81 -14.99 17.81
C ALA A 159 1.90 -16.11 18.30
N LYS A 160 1.59 -16.10 19.59
CA LYS A 160 0.73 -17.12 20.18
C LYS A 160 -0.73 -16.84 19.86
N PHE A 161 -1.55 -17.90 19.88
CA PHE A 161 -2.97 -17.77 19.59
C PHE A 161 -3.80 -18.56 20.60
N ASP A 162 -4.44 -17.85 21.52
CA ASP A 162 -5.26 -18.49 22.55
C ASP A 162 -6.74 -18.34 22.23
N MET A 163 -7.35 -19.40 21.71
CA MET A 163 -8.76 -19.38 21.35
C MET A 163 -9.52 -20.51 22.04
N LEU A 164 -10.84 -20.48 21.91
CA LEU A 164 -11.69 -21.50 22.51
C LEU A 164 -12.95 -21.71 21.68
N LEU A 165 -13.14 -22.94 21.21
CA LEU A 165 -14.32 -23.27 20.40
C LEU A 165 -14.88 -24.63 20.78
N LYS A 166 -16.09 -24.91 20.31
CA LYS A 166 -16.75 -26.18 20.59
C LYS A 166 -16.72 -27.10 19.37
N VAL A 167 -16.37 -28.36 19.60
CA VAL A 167 -16.30 -29.33 18.51
C VAL A 167 -17.46 -30.31 18.57
N LYS A 168 -18.06 -30.60 17.42
CA LYS A 168 -19.18 -31.52 17.35
C LYS A 168 -18.73 -32.88 16.82
N ARG A 169 -19.40 -33.94 17.28
CA ARG A 169 -19.07 -35.30 16.86
C ARG A 169 -20.24 -36.24 17.12
N GLY A 170 -21.09 -36.41 16.11
CA GLY A 170 -22.24 -37.28 16.24
C GLY A 170 -23.37 -36.64 17.02
N GLY A 171 -23.37 -35.31 17.08
CA GLY A 171 -24.42 -34.60 17.79
C GLY A 171 -24.04 -34.28 19.22
N LYS A 172 -22.73 -34.20 19.48
CA LYS A 172 -22.24 -33.89 20.82
C LYS A 172 -21.75 -32.44 20.90
N GLU A 173 -21.33 -32.05 22.09
CA GLU A 173 -20.83 -30.68 22.30
C GLU A 173 -19.80 -30.65 23.42
N GLU A 174 -18.57 -30.29 23.07
CA GLU A 174 -17.49 -30.22 24.04
C GLU A 174 -16.50 -29.12 23.68
N LYS A 175 -16.27 -28.21 24.63
CA LYS A 175 -15.35 -27.10 24.42
C LYS A 175 -13.92 -27.52 24.74
N TYR A 176 -12.96 -26.77 24.23
CA TYR A 176 -11.55 -27.08 24.47
C TYR A 176 -10.66 -25.88 24.13
N LYS A 177 -9.52 -25.79 24.81
CA LYS A 177 -8.57 -24.71 24.57
C LYS A 177 -7.65 -25.04 23.41
N VAL A 178 -7.06 -24.01 22.80
CA VAL A 178 -6.16 -24.20 21.68
C VAL A 178 -5.04 -23.17 21.70
N GLU A 179 -3.81 -23.64 21.49
CA GLU A 179 -2.65 -22.76 21.48
C GLU A 179 -1.80 -23.00 20.24
N VAL A 180 -1.84 -22.05 19.31
CA VAL A 180 -1.07 -22.15 18.07
C VAL A 180 -0.21 -20.91 17.86
N HIS A 181 0.94 -21.10 17.21
CA HIS A 181 1.85 -20.00 16.95
C HIS A 181 1.69 -19.49 15.51
N LYS A 182 1.99 -18.21 15.31
CA LYS A 182 1.88 -17.60 13.99
C LYS A 182 3.25 -17.34 13.40
N SER A 183 3.46 -17.80 12.17
CA SER A 183 4.73 -17.62 11.48
C SER A 183 4.63 -16.49 10.46
N THR A 184 5.46 -15.46 10.64
CA THR A 184 5.47 -14.32 9.74
C THR A 184 6.08 -14.69 8.40
N GLU A 185 5.47 -14.22 7.32
CA GLU A 185 5.97 -14.51 5.97
C GLU A 185 6.01 -16.01 5.72
N GLU A 186 5.16 -16.75 6.41
CA GLU A 186 5.10 -18.19 6.25
C GLU A 186 3.73 -18.62 5.73
N GLY A 187 2.67 -18.10 6.36
CA GLY A 187 1.33 -18.44 5.94
C GLY A 187 0.74 -19.58 6.75
N GLY A 188 1.56 -20.60 7.01
CA GLY A 188 1.10 -21.74 7.78
C GLY A 188 1.12 -21.50 9.27
N PHE A 189 0.61 -22.45 10.04
CA PHE A 189 0.58 -22.33 11.49
C PHE A 189 1.39 -23.44 12.15
N ASN A 190 1.75 -23.24 13.41
CA ASN A 190 2.52 -24.23 14.16
C ASN A 190 1.90 -24.49 15.53
N LEU A 191 0.89 -25.35 15.56
CA LEU A 191 0.21 -25.70 16.80
C LEU A 191 1.21 -26.03 17.91
N LYS A 192 1.15 -25.29 19.00
CA LYS A 192 2.05 -25.52 20.12
C LYS A 192 1.48 -26.58 21.05
N LYS A 193 0.42 -26.23 21.78
CA LYS A 193 -0.21 -27.17 22.71
C LYS A 193 -1.73 -27.09 22.58
N VAL A 194 -2.41 -27.99 23.30
CA VAL A 194 -3.87 -28.03 23.27
C VAL A 194 -4.42 -28.50 24.61
N ASP A 195 -5.58 -27.95 24.99
CA ASP A 195 -6.21 -28.33 26.26
C ASP A 195 -7.72 -28.50 26.07
N LEU A 196 -8.36 -29.17 27.02
CA LEU A 196 -9.79 -29.40 26.97
C LEU A 196 -10.52 -28.49 27.96
N ASP A 197 -11.77 -28.17 27.68
CA ASP A 197 -12.57 -27.31 28.54
C ASP A 197 -13.94 -27.93 28.82
N HIS A 198 -14.02 -28.68 29.93
CA HIS A 198 -15.27 -29.33 30.31
C HIS A 198 -15.31 -29.58 31.82
N SER A 199 -14.70 -28.68 32.58
CA SER A 199 -14.67 -28.80 34.03
C SER A 199 -14.60 -27.43 34.69
N MET A 1 0.59 28.49 -3.77
CA MET A 1 -0.66 29.15 -3.32
C MET A 1 -1.60 29.39 -4.50
N ALA A 2 -1.65 28.43 -5.42
CA ALA A 2 -2.51 28.55 -6.59
C ALA A 2 -2.89 27.16 -7.12
N THR A 3 -4.09 27.08 -7.69
CA THR A 3 -4.57 25.81 -8.24
C THR A 3 -4.69 25.89 -9.76
N LEU A 4 -4.94 24.74 -10.39
CA LEU A 4 -5.07 24.69 -11.85
C LEU A 4 -5.86 23.45 -12.27
N GLY A 5 -6.19 23.37 -13.55
CA GLY A 5 -6.94 22.24 -14.06
C GLY A 5 -6.39 21.74 -15.38
N GLY A 6 -6.75 20.51 -15.74
CA GLY A 6 -6.28 19.93 -16.99
C GLY A 6 -6.79 18.53 -17.22
N VAL A 7 -6.43 17.62 -16.34
CA VAL A 7 -6.85 16.22 -16.45
C VAL A 7 -6.52 15.67 -17.84
N HIS A 8 -5.37 16.07 -18.36
CA HIS A 8 -4.94 15.62 -19.68
C HIS A 8 -3.51 16.06 -19.97
N ASP A 9 -2.65 15.12 -20.33
CA ASP A 9 -1.26 15.43 -20.63
C ASP A 9 -1.15 16.47 -21.75
N SER A 10 0.00 17.14 -21.81
CA SER A 10 0.22 18.16 -22.82
C SER A 10 1.70 18.50 -22.93
N ASN A 11 2.02 19.50 -23.75
CA ASN A 11 3.40 19.92 -23.95
C ASN A 11 3.72 21.14 -23.09
N SER A 12 5.00 21.34 -22.81
CA SER A 12 5.44 22.46 -21.98
C SER A 12 4.94 23.78 -22.55
N ASN A 13 4.80 24.78 -21.69
CA ASN A 13 4.32 26.10 -22.10
C ASN A 13 4.30 27.07 -20.92
N PRO A 14 3.65 26.68 -19.80
CA PRO A 14 3.58 27.52 -18.60
C PRO A 14 4.93 27.66 -17.91
N ASP A 15 4.90 27.93 -16.61
CA ASP A 15 6.13 28.08 -15.84
C ASP A 15 6.51 26.77 -15.17
N THR A 16 6.33 25.66 -15.89
CA THR A 16 6.65 24.34 -15.37
C THR A 16 8.14 24.22 -15.04
N HIS A 17 8.96 25.00 -15.75
CA HIS A 17 10.40 24.98 -15.53
C HIS A 17 10.75 25.24 -14.08
N SER A 18 10.24 26.34 -13.53
CA SER A 18 10.50 26.69 -12.14
C SER A 18 9.77 25.76 -11.18
N LEU A 19 8.58 25.32 -11.59
CA LEU A 19 7.78 24.42 -10.77
C LEU A 19 8.55 23.15 -10.42
N ALA A 20 9.23 22.59 -11.42
CA ALA A 20 10.00 21.36 -11.21
C ALA A 20 11.15 21.60 -10.24
N ARG A 21 11.77 22.77 -10.32
CA ARG A 21 12.90 23.10 -9.44
C ARG A 21 12.47 23.03 -7.97
N PHE A 22 11.31 23.60 -7.67
CA PHE A 22 10.80 23.61 -6.30
C PHE A 22 10.66 22.20 -5.75
N ALA A 23 10.37 21.25 -6.64
CA ALA A 23 10.20 19.85 -6.23
C ALA A 23 11.55 19.17 -6.02
N VAL A 24 12.41 19.22 -7.03
CA VAL A 24 13.73 18.61 -6.95
C VAL A 24 14.54 19.21 -5.81
N ASP A 25 14.55 20.54 -5.72
CA ASP A 25 15.30 21.24 -4.69
C ASP A 25 14.83 20.81 -3.30
N GLN A 26 13.57 20.42 -3.19
CA GLN A 26 13.00 19.99 -1.92
C GLN A 26 13.60 18.67 -1.47
N HIS A 27 13.59 17.69 -2.36
CA HIS A 27 14.13 16.37 -2.06
C HIS A 27 15.66 16.40 -2.02
N ASN A 28 16.25 17.17 -2.93
CA ASN A 28 17.69 17.29 -3.01
C ASN A 28 18.27 17.88 -1.72
N THR A 29 17.56 18.84 -1.15
CA THR A 29 18.01 19.49 0.07
C THR A 29 17.79 18.64 1.32
N LYS A 30 16.79 17.75 1.28
CA LYS A 30 16.48 16.93 2.45
C LYS A 30 17.22 15.59 2.46
N GLU A 31 17.10 14.81 1.38
CA GLU A 31 17.75 13.50 1.33
C GLU A 31 18.46 13.22 0.01
N ASN A 32 18.03 13.89 -1.06
CA ASN A 32 18.63 13.68 -2.37
C ASN A 32 19.87 14.56 -2.55
N GLY A 33 20.42 14.55 -3.75
CA GLY A 33 21.61 15.34 -4.02
C GLY A 33 22.41 14.82 -5.20
N LEU A 34 21.72 14.45 -6.27
CA LEU A 34 22.38 13.94 -7.47
C LEU A 34 21.48 14.05 -8.68
N LEU A 35 20.65 15.07 -8.70
CA LEU A 35 19.73 15.31 -9.80
C LEU A 35 20.05 16.63 -10.50
N GLU A 36 20.29 16.57 -11.81
CA GLU A 36 20.62 17.77 -12.58
C GLU A 36 19.61 17.99 -13.69
N LEU A 37 18.71 18.96 -13.48
CA LEU A 37 17.70 19.28 -14.47
C LEU A 37 18.33 19.59 -15.82
N VAL A 38 18.04 18.73 -16.80
CA VAL A 38 18.59 18.89 -18.15
C VAL A 38 17.63 19.64 -19.06
N ARG A 39 16.47 19.05 -19.32
CA ARG A 39 15.48 19.68 -20.20
C ARG A 39 14.08 19.17 -19.91
N VAL A 40 13.14 20.10 -19.75
CA VAL A 40 11.74 19.75 -19.47
C VAL A 40 11.22 18.70 -20.44
N VAL A 41 10.29 17.88 -19.95
CA VAL A 41 9.70 16.83 -20.77
C VAL A 41 8.27 17.21 -21.18
N GLU A 42 7.39 17.29 -20.19
CA GLU A 42 6.00 17.65 -20.45
C GLU A 42 5.29 18.05 -19.16
N ALA A 43 4.02 18.40 -19.29
CA ALA A 43 3.21 18.81 -18.16
C ALA A 43 1.85 18.15 -18.17
N ARG A 44 1.62 17.28 -17.20
CA ARG A 44 0.35 16.57 -17.07
C ARG A 44 -0.42 17.09 -15.86
N GLU A 45 -1.71 17.33 -16.04
CA GLU A 45 -2.55 17.84 -14.96
C GLU A 45 -3.76 16.93 -14.73
N GLN A 46 -4.30 16.99 -13.51
CA GLN A 46 -5.46 16.18 -13.14
C GLN A 46 -6.03 16.65 -11.81
N VAL A 47 -7.35 16.62 -11.71
CA VAL A 47 -8.02 17.05 -10.48
C VAL A 47 -8.31 15.86 -9.57
N VAL A 48 -7.61 15.80 -8.45
CA VAL A 48 -7.79 14.73 -7.48
C VAL A 48 -8.05 15.28 -6.08
N ALA A 49 -9.29 15.18 -5.62
CA ALA A 49 -9.66 15.68 -4.30
C ALA A 49 -9.11 17.08 -4.06
N GLY A 50 -8.96 17.83 -5.15
CA GLY A 50 -8.44 19.18 -5.07
C GLY A 50 -7.67 19.56 -6.32
N THR A 51 -6.35 19.46 -6.25
CA THR A 51 -5.51 19.78 -7.40
C THR A 51 -4.22 18.97 -7.38
N LEU A 52 -3.79 18.54 -8.57
CA LEU A 52 -2.57 17.75 -8.70
C LEU A 52 -1.70 18.32 -9.81
N HIS A 53 -0.46 18.65 -9.48
CA HIS A 53 0.48 19.19 -10.46
C HIS A 53 1.48 18.13 -10.88
N HIS A 54 1.31 17.59 -12.08
CA HIS A 54 2.20 16.56 -12.60
C HIS A 54 3.11 17.13 -13.68
N LEU A 55 4.38 17.31 -13.36
CA LEU A 55 5.36 17.84 -14.29
C LEU A 55 6.56 16.92 -14.41
N VAL A 56 6.91 16.54 -15.64
CA VAL A 56 8.04 15.66 -15.87
C VAL A 56 9.12 16.37 -16.67
N LEU A 57 10.36 16.10 -16.30
CA LEU A 57 11.51 16.73 -16.96
C LEU A 57 12.69 15.76 -17.02
N GLU A 58 13.58 15.98 -17.99
CA GLU A 58 14.75 15.14 -18.15
C GLU A 58 15.89 15.63 -17.26
N VAL A 59 16.26 14.83 -16.28
CA VAL A 59 17.34 15.19 -15.35
C VAL A 59 18.57 14.31 -15.55
N LEU A 60 19.64 14.68 -14.87
CA LEU A 60 20.90 13.95 -14.94
C LEU A 60 21.24 13.35 -13.58
N ASP A 61 21.31 12.03 -13.53
CA ASP A 61 21.63 11.33 -12.28
C ASP A 61 23.02 10.70 -12.36
N ALA A 62 23.97 11.30 -11.63
CA ALA A 62 25.33 10.81 -11.61
C ALA A 62 25.94 10.71 -13.00
N GLY A 63 25.37 11.46 -13.95
CA GLY A 63 25.87 11.44 -15.31
C GLY A 63 25.03 10.60 -16.24
N LYS A 64 23.79 10.34 -15.83
CA LYS A 64 22.87 9.54 -16.65
C LYS A 64 21.53 10.23 -16.76
N LYS A 65 21.13 10.54 -17.98
CA LYS A 65 19.88 11.21 -18.23
C LYS A 65 18.71 10.30 -17.90
N LYS A 66 17.67 10.92 -17.40
CA LYS A 66 16.47 10.19 -17.04
C LYS A 66 15.30 11.14 -16.80
N LEU A 67 14.13 10.78 -17.26
CA LEU A 67 12.94 11.62 -17.07
C LEU A 67 12.27 11.32 -15.73
N TYR A 68 12.02 12.37 -14.96
CA TYR A 68 11.38 12.22 -13.66
C TYR A 68 10.06 12.97 -13.61
N GLU A 69 9.06 12.36 -12.99
CA GLU A 69 7.74 12.96 -12.86
C GLU A 69 7.51 13.45 -11.44
N ALA A 70 7.17 14.73 -11.30
CA ALA A 70 6.93 15.32 -9.99
C ALA A 70 5.46 15.63 -9.78
N LYS A 71 4.92 15.23 -8.63
CA LYS A 71 3.52 15.47 -8.33
C LYS A 71 3.38 16.44 -7.16
N ILE A 72 2.52 17.44 -7.33
CA ILE A 72 2.29 18.44 -6.29
C ILE A 72 0.83 18.43 -5.87
N TRP A 73 0.60 18.27 -4.58
CA TRP A 73 -0.76 18.23 -4.04
C TRP A 73 -1.19 19.59 -3.52
N VAL A 74 -2.15 20.20 -4.19
CA VAL A 74 -2.66 21.51 -3.79
C VAL A 74 -4.19 21.50 -3.72
N LYS A 75 -4.75 22.40 -2.91
CA LYS A 75 -6.20 22.49 -2.76
C LYS A 75 -6.66 23.95 -2.71
N PRO A 76 -7.72 24.28 -3.46
CA PRO A 76 -8.26 25.65 -3.50
C PRO A 76 -8.55 26.19 -2.10
N TRP A 77 -9.32 25.42 -1.33
CA TRP A 77 -9.69 25.82 0.03
C TRP A 77 -8.45 26.04 0.88
N MET A 78 -7.48 25.15 0.76
CA MET A 78 -6.24 25.25 1.53
C MET A 78 -5.52 26.56 1.22
N ASP A 79 -5.66 27.03 -0.01
CA ASP A 79 -5.02 28.26 -0.44
C ASP A 79 -3.50 28.17 -0.30
N PHE A 80 -2.98 26.95 -0.47
CA PHE A 80 -1.53 26.73 -0.35
C PHE A 80 -1.14 25.42 -1.01
N LYS A 81 -0.28 25.50 -2.03
CA LYS A 81 0.17 24.32 -2.74
C LYS A 81 1.34 23.65 -2.00
N GLN A 82 1.57 22.38 -2.30
CA GLN A 82 2.65 21.64 -1.66
C GLN A 82 3.06 20.44 -2.50
N LEU A 83 4.34 20.37 -2.83
CA LEU A 83 4.87 19.27 -3.64
C LEU A 83 4.90 17.97 -2.83
N GLN A 84 4.40 16.91 -3.42
CA GLN A 84 4.37 15.61 -2.75
C GLN A 84 5.69 14.87 -2.93
N GLU A 85 5.99 14.48 -4.16
CA GLU A 85 7.23 13.77 -4.46
C GLU A 85 7.32 13.43 -5.95
N PHE A 86 8.53 13.09 -6.40
CA PHE A 86 8.76 12.75 -7.80
C PHE A 86 9.43 11.38 -7.92
N LYS A 87 9.13 10.67 -8.99
CA LYS A 87 9.70 9.34 -9.22
C LYS A 87 10.34 9.27 -10.60
N HIS A 88 11.35 8.42 -10.74
CA HIS A 88 12.05 8.24 -12.01
C HIS A 88 11.17 7.52 -13.01
N VAL A 89 11.03 8.10 -14.20
CA VAL A 89 10.21 7.50 -15.25
C VAL A 89 11.01 7.36 -16.55
N ARG A 90 10.59 6.42 -17.39
CA ARG A 90 11.26 6.19 -18.67
C ARG A 90 10.77 7.18 -19.73
N ASP A 91 11.25 7.00 -20.96
CA ASP A 91 10.87 7.88 -22.06
C ASP A 91 9.36 7.84 -22.29
N VAL A 92 8.75 6.68 -22.02
CA VAL A 92 7.32 6.52 -22.19
C VAL A 92 6.53 7.55 -21.39
N PRO A 93 5.28 7.81 -21.79
CA PRO A 93 4.42 8.79 -21.11
C PRO A 93 3.97 8.29 -19.74
N SER A 94 3.88 6.98 -19.59
CA SER A 94 3.45 6.38 -18.33
C SER A 94 4.66 6.03 -17.47
N PHE A 95 4.40 5.73 -16.20
CA PHE A 95 5.46 5.37 -15.26
C PHE A 95 6.22 4.13 -15.74
N THR A 96 7.52 4.10 -15.49
CA THR A 96 8.35 2.98 -15.89
C THR A 96 7.88 1.69 -15.23
N SER A 97 8.46 0.57 -15.64
CA SER A 97 8.10 -0.73 -15.10
C SER A 97 9.20 -1.25 -14.16
N SER A 98 9.88 -0.33 -13.49
CA SER A 98 10.95 -0.69 -12.57
C SER A 98 10.44 -0.72 -11.13
N ASP A 99 10.07 0.45 -10.61
CA ASP A 99 9.58 0.56 -9.24
C ASP A 99 8.33 1.44 -9.19
N LEU A 100 7.49 1.33 -10.22
CA LEU A 100 6.26 2.11 -10.29
C LEU A 100 5.05 1.20 -10.48
N GLY A 101 3.86 1.77 -10.32
CA GLY A 101 2.64 1.00 -10.48
C GLY A 101 1.63 1.29 -9.40
N ALA A 102 0.35 1.31 -9.78
CA ALA A 102 -0.73 1.57 -8.83
C ALA A 102 -1.51 0.30 -8.52
N LYS A 103 -1.30 -0.24 -7.32
CA LYS A 103 -2.00 -1.45 -6.90
C LYS A 103 -2.59 -1.28 -5.50
N THR A 104 -3.56 -2.12 -5.18
CA THR A 104 -4.22 -2.07 -3.88
C THR A 104 -3.76 -3.23 -2.99
N ASP A 105 -2.84 -2.95 -2.08
CA ASP A 105 -2.34 -3.98 -1.18
C ASP A 105 -1.68 -3.33 0.05
N ASP A 106 -2.46 -3.20 1.12
CA ASP A 106 -1.96 -2.61 2.36
C ASP A 106 -2.50 -3.37 3.57
N GLN A 107 -1.69 -3.43 4.63
CA GLN A 107 -2.07 -4.11 5.85
C GLN A 107 -2.65 -3.13 6.87
N VAL A 108 -3.35 -3.67 7.86
CA VAL A 108 -3.97 -2.84 8.89
C VAL A 108 -4.36 -3.68 10.10
N SER A 109 -4.16 -3.13 11.29
CA SER A 109 -4.50 -3.83 12.52
C SER A 109 -5.75 -3.25 13.16
N GLY A 110 -6.63 -4.11 13.65
CA GLY A 110 -7.86 -3.66 14.28
C GLY A 110 -9.05 -4.53 13.90
N TRP A 111 -10.01 -4.63 14.81
CA TRP A 111 -11.22 -5.41 14.57
C TRP A 111 -12.44 -4.52 14.38
N ARG A 112 -12.82 -4.31 13.12
CA ARG A 112 -13.97 -3.47 12.81
C ARG A 112 -14.92 -4.19 11.86
N PRO A 113 -16.21 -3.79 11.84
CA PRO A 113 -17.21 -4.40 10.97
C PRO A 113 -16.93 -4.15 9.49
N VAL A 114 -17.93 -4.40 8.66
CA VAL A 114 -17.79 -4.20 7.22
C VAL A 114 -19.13 -3.86 6.56
N PRO A 115 -19.08 -3.17 5.42
CA PRO A 115 -20.30 -2.78 4.69
C PRO A 115 -21.07 -3.99 4.17
N VAL A 116 -22.02 -3.74 3.27
CA VAL A 116 -22.83 -4.80 2.69
C VAL A 116 -22.92 -4.65 1.18
N HIS A 117 -22.91 -5.78 0.46
CA HIS A 117 -22.99 -5.77 -0.99
C HIS A 117 -21.66 -5.35 -1.63
N ASP A 118 -20.64 -5.11 -0.80
CA ASP A 118 -19.33 -4.70 -1.29
C ASP A 118 -18.62 -5.87 -1.96
N PRO A 119 -17.53 -5.59 -2.69
CA PRO A 119 -16.75 -6.63 -3.37
C PRO A 119 -16.05 -7.57 -2.40
N VAL A 120 -15.76 -7.06 -1.21
CA VAL A 120 -15.08 -7.86 -0.18
C VAL A 120 -16.08 -8.72 0.59
N VAL A 121 -17.22 -8.14 0.92
CA VAL A 121 -18.26 -8.85 1.66
C VAL A 121 -18.97 -9.87 0.78
N GLN A 122 -19.49 -9.41 -0.35
CA GLN A 122 -20.18 -10.28 -1.29
C GLN A 122 -19.29 -11.45 -1.70
N ASP A 123 -17.99 -11.20 -1.78
CA ASP A 123 -17.03 -12.24 -2.16
C ASP A 123 -16.92 -13.29 -1.06
N ALA A 124 -16.69 -12.83 0.17
CA ALA A 124 -16.57 -13.73 1.30
C ALA A 124 -17.88 -14.46 1.58
N ALA A 125 -18.99 -13.72 1.47
CA ALA A 125 -20.31 -14.29 1.71
C ALA A 125 -20.59 -15.43 0.74
N HIS A 126 -20.57 -15.13 -0.55
CA HIS A 126 -20.82 -16.13 -1.59
C HIS A 126 -19.89 -17.33 -1.42
N HIS A 127 -18.60 -17.05 -1.25
CA HIS A 127 -17.62 -18.11 -1.07
C HIS A 127 -17.96 -18.98 0.13
N ALA A 128 -18.51 -18.35 1.17
CA ALA A 128 -18.89 -19.06 2.38
C ALA A 128 -20.11 -19.94 2.13
N ILE A 129 -21.05 -19.43 1.34
CA ILE A 129 -22.28 -20.17 1.04
C ILE A 129 -21.96 -21.55 0.45
N LYS A 130 -21.10 -21.57 -0.57
CA LYS A 130 -20.72 -22.82 -1.21
C LYS A 130 -19.79 -23.64 -0.32
N THR A 131 -18.85 -22.96 0.33
CA THR A 131 -17.89 -23.62 1.20
C THR A 131 -18.60 -24.32 2.37
N ILE A 132 -19.45 -23.57 3.08
CA ILE A 132 -20.18 -24.12 4.22
C ILE A 132 -20.92 -25.39 3.83
N GLN A 133 -21.75 -25.31 2.79
CA GLN A 133 -22.51 -26.47 2.32
C GLN A 133 -21.59 -27.55 1.77
N GLU A 134 -20.47 -27.11 1.19
CA GLU A 134 -19.51 -28.04 0.62
C GLU A 134 -18.67 -28.71 1.71
N ARG A 135 -18.53 -28.04 2.85
CA ARG A 135 -17.75 -28.58 3.96
C ARG A 135 -18.32 -29.92 4.43
N SER A 136 -19.58 -30.17 4.10
CA SER A 136 -20.23 -31.43 4.48
C SER A 136 -20.20 -32.42 3.32
N ASN A 137 -20.56 -31.95 2.14
CA ASN A 137 -20.57 -32.78 0.95
C ASN A 137 -20.99 -31.98 -0.28
N SER A 138 -20.85 -32.59 -1.45
CA SER A 138 -21.23 -31.92 -2.70
C SER A 138 -22.74 -31.86 -2.85
N LEU A 139 -23.28 -30.64 -2.84
CA LEU A 139 -24.72 -30.43 -2.96
C LEU A 139 -25.04 -29.10 -3.63
N PHE A 140 -24.44 -28.03 -3.09
CA PHE A 140 -24.65 -26.68 -3.62
C PHE A 140 -26.11 -26.44 -4.01
N PRO A 141 -27.02 -26.48 -3.02
CA PRO A 141 -28.45 -26.27 -3.27
C PRO A 141 -28.79 -24.82 -3.61
N TYR A 142 -28.52 -23.93 -2.66
CA TYR A 142 -28.80 -22.51 -2.86
C TYR A 142 -27.52 -21.68 -2.84
N GLU A 143 -27.66 -20.37 -2.97
CA GLU A 143 -26.52 -19.48 -2.97
C GLU A 143 -26.83 -18.19 -2.22
N LEU A 144 -25.90 -17.24 -2.25
CA LEU A 144 -26.08 -15.96 -1.58
C LEU A 144 -27.32 -15.25 -2.09
N SER A 145 -28.24 -14.95 -1.18
CA SER A 145 -29.48 -14.27 -1.55
C SER A 145 -29.39 -12.77 -1.26
N GLU A 146 -29.32 -12.41 0.01
CA GLU A 146 -29.23 -11.02 0.41
C GLU A 146 -28.45 -10.86 1.71
N VAL A 147 -27.56 -9.88 1.75
CA VAL A 147 -26.74 -9.64 2.94
C VAL A 147 -27.39 -8.58 3.83
N VAL A 148 -27.71 -8.97 5.06
CA VAL A 148 -28.33 -8.06 6.01
C VAL A 148 -27.28 -7.14 6.65
N HIS A 149 -26.26 -7.75 7.24
CA HIS A 149 -25.20 -6.99 7.89
C HIS A 149 -23.96 -7.85 8.10
N ALA A 150 -22.81 -7.35 7.64
CA ALA A 150 -21.56 -8.07 7.78
C ALA A 150 -20.56 -7.30 8.64
N ASN A 151 -19.68 -8.03 9.31
CA ASN A 151 -18.68 -7.41 10.16
C ASN A 151 -17.38 -8.23 10.16
N ALA A 152 -16.25 -7.53 10.13
CA ALA A 152 -14.95 -8.19 10.12
C ALA A 152 -14.29 -8.14 11.49
N GLU A 153 -13.36 -9.06 11.73
CA GLU A 153 -12.65 -9.11 13.00
C GLU A 153 -11.23 -9.64 12.81
N VAL A 154 -10.32 -9.23 13.68
CA VAL A 154 -8.94 -9.66 13.61
C VAL A 154 -8.63 -10.74 14.63
N VAL A 155 -7.89 -11.77 14.20
CA VAL A 155 -7.52 -12.87 15.08
C VAL A 155 -6.02 -12.84 15.38
N ASP A 156 -5.54 -13.81 16.14
CA ASP A 156 -4.13 -13.88 16.51
C ASP A 156 -3.22 -13.77 15.28
N THR A 157 -3.68 -14.33 14.16
CA THR A 157 -2.90 -14.29 12.93
C THR A 157 -3.78 -13.92 11.73
N SER A 158 -4.82 -14.70 11.50
CA SER A 158 -5.72 -14.45 10.38
C SER A 158 -6.77 -13.38 10.74
N ALA A 159 -7.86 -13.34 9.98
CA ALA A 159 -8.92 -12.37 10.22
C ALA A 159 -10.29 -13.03 10.14
N LYS A 160 -11.04 -12.95 11.24
CA LYS A 160 -12.37 -13.55 11.30
C LYS A 160 -13.39 -12.68 10.57
N PHE A 161 -14.48 -13.32 10.11
CA PHE A 161 -15.53 -12.61 9.39
C PHE A 161 -16.90 -13.04 9.90
N ASP A 162 -17.60 -12.12 10.56
CA ASP A 162 -18.93 -12.41 11.09
C ASP A 162 -20.00 -11.67 10.30
N MET A 163 -20.77 -12.42 9.50
CA MET A 163 -21.82 -11.84 8.69
C MET A 163 -23.12 -12.62 8.83
N LEU A 164 -24.21 -12.07 8.30
CA LEU A 164 -25.51 -12.72 8.36
C LEU A 164 -26.33 -12.39 7.12
N LEU A 165 -26.73 -13.43 6.38
CA LEU A 165 -27.51 -13.25 5.17
C LEU A 165 -28.60 -14.31 5.08
N LYS A 166 -29.62 -14.04 4.26
CA LYS A 166 -30.72 -14.97 4.08
C LYS A 166 -30.49 -15.86 2.85
N VAL A 167 -30.86 -17.12 2.97
CA VAL A 167 -30.71 -18.08 1.88
C VAL A 167 -32.04 -18.40 1.22
N LYS A 168 -32.06 -18.40 -0.10
CA LYS A 168 -33.28 -18.69 -0.85
C LYS A 168 -33.17 -20.04 -1.54
N ARG A 169 -34.29 -20.77 -1.59
CA ARG A 169 -34.33 -22.08 -2.23
C ARG A 169 -35.76 -22.47 -2.57
N GLY A 170 -36.18 -22.14 -3.80
CA GLY A 170 -37.52 -22.46 -4.24
C GLY A 170 -38.56 -21.54 -3.65
N GLY A 171 -38.12 -20.37 -3.17
CA GLY A 171 -39.05 -19.41 -2.59
C GLY A 171 -39.08 -19.49 -1.08
N LYS A 172 -37.99 -19.94 -0.47
CA LYS A 172 -37.90 -20.05 0.98
C LYS A 172 -37.08 -18.90 1.56
N GLU A 173 -36.98 -18.87 2.88
CA GLU A 173 -36.23 -17.83 3.56
C GLU A 173 -35.74 -18.31 4.93
N GLU A 174 -34.43 -18.29 5.13
CA GLU A 174 -33.85 -18.72 6.39
C GLU A 174 -32.48 -18.08 6.60
N LYS A 175 -32.34 -17.33 7.69
CA LYS A 175 -31.08 -16.67 8.01
C LYS A 175 -30.15 -17.60 8.77
N TYR A 176 -28.86 -17.28 8.78
CA TYR A 176 -27.87 -18.09 9.47
C TYR A 176 -26.56 -17.33 9.64
N LYS A 177 -25.87 -17.61 10.75
CA LYS A 177 -24.59 -16.95 11.03
C LYS A 177 -23.46 -17.63 10.27
N VAL A 178 -22.46 -16.85 9.88
CA VAL A 178 -21.33 -17.37 9.14
C VAL A 178 -20.01 -16.84 9.71
N GLU A 179 -19.04 -17.74 9.88
CA GLU A 179 -17.74 -17.34 10.41
C GLU A 179 -16.61 -17.86 9.52
N VAL A 180 -16.04 -16.97 8.72
CA VAL A 180 -14.95 -17.32 7.82
C VAL A 180 -13.68 -16.54 8.14
N HIS A 181 -12.53 -17.15 7.89
CA HIS A 181 -11.25 -16.51 8.16
C HIS A 181 -10.66 -15.93 6.88
N LYS A 182 -9.86 -14.88 7.02
CA LYS A 182 -9.24 -14.23 5.88
C LYS A 182 -7.74 -14.52 5.85
N SER A 183 -7.27 -15.07 4.72
CA SER A 183 -5.87 -15.40 4.55
C SER A 183 -5.31 -14.80 3.26
N THR A 184 -4.54 -13.73 3.40
CA THR A 184 -3.95 -13.06 2.24
C THR A 184 -2.82 -13.90 1.65
N GLU A 185 -2.08 -14.59 2.51
CA GLU A 185 -0.97 -15.43 2.08
C GLU A 185 -1.45 -16.52 1.15
N GLU A 186 -2.69 -16.97 1.35
CA GLU A 186 -3.27 -18.02 0.53
C GLU A 186 -4.22 -17.42 -0.51
N GLY A 187 -4.96 -16.39 -0.11
CA GLY A 187 -5.88 -15.75 -1.02
C GLY A 187 -7.29 -16.30 -0.91
N GLY A 188 -7.39 -17.63 -0.81
CA GLY A 188 -8.69 -18.26 -0.69
C GLY A 188 -9.21 -18.28 0.73
N PHE A 189 -10.48 -17.91 0.90
CA PHE A 189 -11.09 -17.87 2.22
C PHE A 189 -11.09 -19.26 2.86
N ASN A 190 -11.25 -19.31 4.17
CA ASN A 190 -11.26 -20.57 4.90
C ASN A 190 -12.34 -20.55 5.98
N LEU A 191 -13.55 -20.96 5.59
CA LEU A 191 -14.68 -21.00 6.51
C LEU A 191 -14.33 -21.77 7.79
N LYS A 192 -14.48 -21.11 8.92
CA LYS A 192 -14.18 -21.73 10.21
C LYS A 192 -15.40 -22.47 10.76
N LYS A 193 -16.40 -21.71 11.19
CA LYS A 193 -17.62 -22.30 11.73
C LYS A 193 -18.86 -21.62 11.14
N VAL A 194 -20.03 -22.15 11.46
CA VAL A 194 -21.29 -21.61 10.96
C VAL A 194 -22.43 -21.88 11.93
N ASP A 195 -23.38 -20.96 12.00
CA ASP A 195 -24.53 -21.10 12.88
C ASP A 195 -25.83 -20.76 12.15
N LEU A 196 -26.95 -21.18 12.72
CA LEU A 196 -28.26 -20.91 12.12
C LEU A 196 -28.99 -19.80 12.88
N ASP A 197 -29.78 -19.02 12.16
CA ASP A 197 -30.52 -17.92 12.76
C ASP A 197 -31.99 -17.94 12.31
N HIS A 198 -32.87 -18.40 13.21
CA HIS A 198 -34.29 -18.47 12.92
C HIS A 198 -35.11 -18.44 14.20
N SER A 199 -34.61 -17.70 15.20
CA SER A 199 -35.30 -17.59 16.47
C SER A 199 -35.30 -16.15 16.96
N MET A 1 -0.83 28.69 -2.84
CA MET A 1 -2.02 29.58 -2.89
C MET A 1 -2.51 29.75 -4.33
N ALA A 2 -2.35 28.70 -5.13
CA ALA A 2 -2.77 28.74 -6.53
C ALA A 2 -3.09 27.34 -7.05
N THR A 3 -4.23 27.20 -7.71
CA THR A 3 -4.65 25.92 -8.25
C THR A 3 -4.77 25.98 -9.77
N LEU A 4 -5.00 24.83 -10.39
CA LEU A 4 -5.13 24.75 -11.84
C LEU A 4 -5.92 23.50 -12.25
N GLY A 5 -6.24 23.42 -13.53
CA GLY A 5 -6.98 22.28 -14.03
C GLY A 5 -6.45 21.78 -15.37
N GLY A 6 -6.83 20.56 -15.75
CA GLY A 6 -6.37 20.01 -17.00
C GLY A 6 -6.87 18.59 -17.23
N VAL A 7 -6.49 17.67 -16.35
CA VAL A 7 -6.91 16.28 -16.47
C VAL A 7 -6.59 15.74 -17.85
N HIS A 8 -5.43 16.10 -18.37
CA HIS A 8 -5.00 15.65 -19.69
C HIS A 8 -3.57 16.12 -19.99
N ASP A 9 -2.72 15.19 -20.37
CA ASP A 9 -1.33 15.50 -20.68
C ASP A 9 -1.24 16.56 -21.79
N SER A 10 -0.11 17.25 -21.86
CA SER A 10 0.10 18.28 -22.87
C SER A 10 1.57 18.65 -22.98
N ASN A 11 1.86 19.67 -23.77
CA ASN A 11 3.24 20.12 -23.96
C ASN A 11 3.54 21.32 -23.05
N SER A 12 4.83 21.62 -22.89
CA SER A 12 5.24 22.73 -22.05
C SER A 12 4.65 24.04 -22.54
N ASN A 13 4.56 25.02 -21.63
CA ASN A 13 4.00 26.32 -21.97
C ASN A 13 4.10 27.27 -20.78
N PRO A 14 3.42 26.94 -19.66
CA PRO A 14 3.42 27.77 -18.46
C PRO A 14 4.79 27.74 -17.76
N ASP A 15 4.82 28.19 -16.51
CA ASP A 15 6.06 28.22 -15.74
C ASP A 15 6.35 26.85 -15.12
N THR A 16 6.40 25.82 -15.97
CA THR A 16 6.67 24.46 -15.50
C THR A 16 8.15 24.30 -15.15
N HIS A 17 9.00 25.09 -15.79
CA HIS A 17 10.43 25.03 -15.55
C HIS A 17 10.76 25.24 -14.08
N SER A 18 10.27 26.35 -13.52
CA SER A 18 10.51 26.67 -12.12
C SER A 18 9.74 25.74 -11.19
N LEU A 19 8.54 25.37 -11.60
CA LEU A 19 7.70 24.48 -10.81
C LEU A 19 8.43 23.19 -10.46
N ALA A 20 9.17 22.67 -11.43
CA ALA A 20 9.93 21.44 -11.23
C ALA A 20 11.09 21.63 -10.26
N ARG A 21 11.69 22.81 -10.30
CA ARG A 21 12.82 23.12 -9.42
C ARG A 21 12.40 23.01 -7.95
N PHE A 22 11.25 23.58 -7.63
CA PHE A 22 10.74 23.55 -6.27
C PHE A 22 10.62 22.12 -5.75
N ALA A 23 10.32 21.19 -6.65
CA ALA A 23 10.17 19.79 -6.28
C ALA A 23 11.53 19.11 -6.09
N VAL A 24 12.37 19.20 -7.10
CA VAL A 24 13.71 18.60 -7.04
C VAL A 24 14.53 19.21 -5.91
N ASP A 25 14.49 20.53 -5.81
CA ASP A 25 15.23 21.23 -4.77
C ASP A 25 14.75 20.82 -3.38
N GLN A 26 13.48 20.44 -3.28
CA GLN A 26 12.91 20.03 -2.00
C GLN A 26 13.50 18.70 -1.54
N HIS A 27 13.48 17.71 -2.42
CA HIS A 27 14.01 16.39 -2.10
C HIS A 27 15.54 16.42 -2.05
N ASN A 28 16.14 17.21 -2.92
CA ASN A 28 17.59 17.33 -2.97
C ASN A 28 18.15 17.85 -1.65
N THR A 29 17.43 18.76 -1.02
CA THR A 29 17.87 19.35 0.24
C THR A 29 17.65 18.41 1.43
N LYS A 30 16.64 17.53 1.34
CA LYS A 30 16.35 16.64 2.46
C LYS A 30 17.08 15.30 2.37
N GLU A 31 16.95 14.59 1.25
CA GLU A 31 17.61 13.28 1.11
C GLU A 31 18.30 13.10 -0.24
N ASN A 32 17.86 13.83 -1.25
CA ASN A 32 18.45 13.70 -2.58
C ASN A 32 19.68 14.60 -2.73
N GLY A 33 20.19 14.67 -3.95
CA GLY A 33 21.36 15.48 -4.21
C GLY A 33 22.21 14.95 -5.35
N LEU A 34 21.55 14.51 -6.42
CA LEU A 34 22.25 13.97 -7.58
C LEU A 34 21.40 14.11 -8.85
N LEU A 35 20.52 15.10 -8.85
CA LEU A 35 19.64 15.36 -9.98
C LEU A 35 19.99 16.68 -10.65
N GLU A 36 20.26 16.63 -11.95
CA GLU A 36 20.61 17.83 -12.71
C GLU A 36 19.59 18.09 -13.81
N LEU A 37 18.69 19.05 -13.56
CA LEU A 37 17.67 19.40 -14.53
C LEU A 37 18.29 19.71 -15.89
N VAL A 38 17.98 18.88 -16.89
CA VAL A 38 18.51 19.06 -18.23
C VAL A 38 17.54 19.82 -19.13
N ARG A 39 16.39 19.24 -19.40
CA ARG A 39 15.39 19.88 -20.25
C ARG A 39 14.00 19.35 -19.97
N VAL A 40 13.04 20.27 -19.83
CA VAL A 40 11.66 19.91 -19.55
C VAL A 40 11.15 18.83 -20.51
N VAL A 41 10.21 18.02 -20.04
CA VAL A 41 9.63 16.96 -20.86
C VAL A 41 8.21 17.33 -21.28
N GLU A 42 7.32 17.41 -20.29
CA GLU A 42 5.93 17.77 -20.55
C GLU A 42 5.22 18.17 -19.26
N ALA A 43 3.95 18.51 -19.40
CA ALA A 43 3.15 18.93 -18.26
C ALA A 43 1.78 18.26 -18.27
N ARG A 44 1.56 17.40 -17.28
CA ARG A 44 0.29 16.70 -17.14
C ARG A 44 -0.47 17.21 -15.93
N GLU A 45 -1.77 17.43 -16.10
CA GLU A 45 -2.61 17.93 -15.00
C GLU A 45 -3.80 17.01 -14.75
N GLN A 46 -4.34 17.07 -13.54
CA GLN A 46 -5.49 16.26 -13.16
C GLN A 46 -6.07 16.73 -11.83
N VAL A 47 -7.38 16.68 -11.72
CA VAL A 47 -8.05 17.11 -10.49
C VAL A 47 -8.33 15.92 -9.58
N VAL A 48 -7.61 15.86 -8.46
CA VAL A 48 -7.78 14.79 -7.49
C VAL A 48 -8.03 15.34 -6.09
N ALA A 49 -9.28 15.22 -5.63
CA ALA A 49 -9.65 15.71 -4.29
C ALA A 49 -9.10 17.11 -4.05
N GLY A 50 -8.96 17.88 -5.13
CA GLY A 50 -8.44 19.22 -5.04
C GLY A 50 -7.68 19.62 -6.29
N THR A 51 -6.36 19.53 -6.24
CA THR A 51 -5.53 19.86 -7.37
C THR A 51 -4.24 19.06 -7.39
N LEU A 52 -3.82 18.62 -8.56
CA LEU A 52 -2.60 17.84 -8.70
C LEU A 52 -1.74 18.40 -9.84
N HIS A 53 -0.50 18.73 -9.51
CA HIS A 53 0.43 19.28 -10.50
C HIS A 53 1.44 18.22 -10.94
N HIS A 54 1.25 17.69 -12.14
CA HIS A 54 2.14 16.68 -12.68
C HIS A 54 3.04 17.25 -13.75
N LEU A 55 4.32 17.40 -13.44
CA LEU A 55 5.29 17.95 -14.37
C LEU A 55 6.50 17.02 -14.51
N VAL A 56 6.82 16.64 -15.73
CA VAL A 56 7.96 15.76 -15.98
C VAL A 56 9.04 16.48 -16.77
N LEU A 57 10.28 16.22 -16.39
CA LEU A 57 11.43 16.85 -17.04
C LEU A 57 12.61 15.89 -17.13
N GLU A 58 13.50 16.15 -18.08
CA GLU A 58 14.68 15.30 -18.27
C GLU A 58 15.82 15.79 -17.38
N VAL A 59 16.21 14.97 -16.42
CA VAL A 59 17.30 15.32 -15.50
C VAL A 59 18.52 14.44 -15.71
N LEU A 60 19.61 14.81 -15.04
CA LEU A 60 20.85 14.06 -15.13
C LEU A 60 21.21 13.46 -13.78
N ASP A 61 21.27 12.13 -13.72
CA ASP A 61 21.59 11.42 -12.49
C ASP A 61 22.97 10.80 -12.57
N ALA A 62 23.92 11.36 -11.83
CA ALA A 62 25.28 10.87 -11.81
C ALA A 62 25.89 10.79 -13.21
N GLY A 63 25.32 11.56 -14.13
CA GLY A 63 25.84 11.57 -15.49
C GLY A 63 24.99 10.74 -16.44
N LYS A 64 23.75 10.48 -16.05
CA LYS A 64 22.83 9.69 -16.87
C LYS A 64 21.49 10.39 -16.99
N LYS A 65 21.12 10.73 -18.21
CA LYS A 65 19.85 11.40 -18.45
C LYS A 65 18.69 10.49 -18.14
N LYS A 66 17.66 11.09 -17.60
CA LYS A 66 16.45 10.36 -17.25
C LYS A 66 15.32 11.32 -16.93
N LEU A 67 14.12 11.02 -17.41
CA LEU A 67 12.97 11.87 -17.15
C LEU A 67 12.36 11.55 -15.79
N TYR A 68 11.89 12.57 -15.10
CA TYR A 68 11.29 12.39 -13.79
C TYR A 68 9.96 13.14 -13.70
N GLU A 69 8.95 12.48 -13.13
CA GLU A 69 7.63 13.07 -12.98
C GLU A 69 7.41 13.55 -11.55
N ALA A 70 7.11 14.83 -11.39
CA ALA A 70 6.88 15.39 -10.07
C ALA A 70 5.40 15.70 -9.87
N LYS A 71 4.87 15.32 -8.71
CA LYS A 71 3.47 15.56 -8.39
C LYS A 71 3.34 16.52 -7.21
N ILE A 72 2.51 17.54 -7.39
CA ILE A 72 2.28 18.52 -6.34
C ILE A 72 0.82 18.52 -5.91
N TRP A 73 0.60 18.35 -4.61
CA TRP A 73 -0.76 18.30 -4.07
C TRP A 73 -1.18 19.66 -3.52
N VAL A 74 -2.15 20.28 -4.18
CA VAL A 74 -2.66 21.58 -3.76
C VAL A 74 -4.18 21.55 -3.66
N LYS A 75 -4.73 22.44 -2.84
CA LYS A 75 -6.17 22.53 -2.67
C LYS A 75 -6.63 23.99 -2.62
N PRO A 76 -7.87 24.27 -3.09
CA PRO A 76 -8.42 25.62 -3.10
C PRO A 76 -8.74 26.13 -1.70
N TRP A 77 -9.39 25.27 -0.91
CA TRP A 77 -9.76 25.63 0.46
C TRP A 77 -8.52 25.97 1.29
N MET A 78 -7.52 25.10 1.23
CA MET A 78 -6.29 25.31 1.97
C MET A 78 -5.58 26.58 1.52
N ASP A 79 -5.75 26.91 0.24
CA ASP A 79 -5.13 28.11 -0.32
C ASP A 79 -3.60 28.04 -0.20
N PHE A 80 -3.07 26.82 -0.27
CA PHE A 80 -1.63 26.62 -0.18
C PHE A 80 -1.21 25.33 -0.87
N LYS A 81 -0.33 25.44 -1.86
CA LYS A 81 0.15 24.28 -2.60
C LYS A 81 1.29 23.61 -1.85
N GLN A 82 1.53 22.33 -2.18
CA GLN A 82 2.60 21.58 -1.54
C GLN A 82 3.02 20.40 -2.41
N LEU A 83 4.31 20.36 -2.76
CA LEU A 83 4.84 19.28 -3.59
C LEU A 83 4.90 17.97 -2.81
N GLN A 84 4.40 16.91 -3.42
CA GLN A 84 4.40 15.60 -2.78
C GLN A 84 5.72 14.88 -3.00
N GLU A 85 5.99 14.49 -4.24
CA GLU A 85 7.23 13.80 -4.59
C GLU A 85 7.29 13.49 -6.08
N PHE A 86 8.49 13.17 -6.56
CA PHE A 86 8.67 12.85 -7.98
C PHE A 86 9.25 11.45 -8.15
N LYS A 87 8.90 10.79 -9.24
CA LYS A 87 9.38 9.44 -9.53
C LYS A 87 10.26 9.43 -10.77
N HIS A 88 11.37 8.71 -10.70
CA HIS A 88 12.30 8.62 -11.82
C HIS A 88 11.77 7.67 -12.90
N VAL A 89 11.62 8.19 -14.11
CA VAL A 89 11.12 7.38 -15.22
C VAL A 89 12.14 7.35 -16.36
N ARG A 90 12.27 6.19 -17.00
CA ARG A 90 13.21 6.03 -18.11
C ARG A 90 12.93 7.05 -19.21
N ASP A 91 11.93 6.77 -20.03
CA ASP A 91 11.56 7.65 -21.13
C ASP A 91 10.13 7.37 -21.59
N VAL A 92 9.29 6.93 -20.66
CA VAL A 92 7.90 6.62 -20.96
C VAL A 92 6.96 7.48 -20.11
N PRO A 93 5.86 8.00 -20.70
CA PRO A 93 4.90 8.82 -19.97
C PRO A 93 4.51 8.22 -18.63
N SER A 94 4.58 6.89 -18.53
CA SER A 94 4.25 6.21 -17.29
C SER A 94 5.47 6.07 -16.40
N PHE A 95 5.36 5.25 -15.36
CA PHE A 95 6.46 5.03 -14.43
C PHE A 95 7.33 3.85 -14.87
N THR A 96 7.86 3.94 -16.08
CA THR A 96 8.71 2.88 -16.64
C THR A 96 8.09 1.50 -16.43
N SER A 97 6.76 1.46 -16.37
CA SER A 97 6.04 0.21 -16.18
C SER A 97 6.51 -0.50 -14.90
N SER A 98 7.09 0.26 -13.98
CA SER A 98 7.58 -0.29 -12.73
C SER A 98 6.89 0.37 -11.54
N ASP A 99 6.95 -0.29 -10.38
CA ASP A 99 6.34 0.24 -9.17
C ASP A 99 7.28 1.20 -8.45
N LEU A 100 7.14 2.48 -8.76
CA LEU A 100 7.98 3.51 -8.15
C LEU A 100 7.34 4.06 -6.88
N GLY A 101 6.13 4.60 -7.02
CA GLY A 101 5.43 5.15 -5.88
C GLY A 101 4.28 4.27 -5.42
N ALA A 102 4.60 3.23 -4.64
CA ALA A 102 3.59 2.32 -4.14
C ALA A 102 4.12 1.51 -2.96
N LYS A 103 4.93 2.16 -2.13
CA LYS A 103 5.51 1.49 -0.95
C LYS A 103 5.37 2.37 0.29
N THR A 104 4.60 1.89 1.26
CA THR A 104 4.38 2.63 2.50
C THR A 104 3.88 1.70 3.60
N ASP A 105 4.79 0.96 4.22
CA ASP A 105 4.43 0.04 5.29
C ASP A 105 5.63 -0.22 6.20
N ASP A 106 5.39 -0.20 7.51
CA ASP A 106 6.44 -0.44 8.49
C ASP A 106 5.98 -1.41 9.56
N GLN A 107 6.73 -2.50 9.73
CA GLN A 107 6.39 -3.51 10.73
C GLN A 107 6.83 -3.07 12.12
N VAL A 108 6.28 -3.72 13.14
CA VAL A 108 6.60 -3.39 14.51
C VAL A 108 6.17 -4.52 15.46
N SER A 109 6.61 -4.43 16.71
CA SER A 109 6.27 -5.44 17.71
C SER A 109 5.23 -4.90 18.69
N GLY A 110 3.97 -5.21 18.44
CA GLY A 110 2.90 -4.75 19.31
C GLY A 110 1.73 -5.71 19.35
N TRP A 111 1.19 -5.94 20.54
CA TRP A 111 0.05 -6.84 20.71
C TRP A 111 -1.20 -6.07 21.08
N ARG A 112 -2.07 -5.85 20.10
CA ARG A 112 -3.31 -5.12 20.34
C ARG A 112 -4.50 -5.87 19.74
N PRO A 113 -5.71 -5.63 20.28
CA PRO A 113 -6.93 -6.28 19.79
C PRO A 113 -7.27 -5.89 18.37
N VAL A 114 -8.50 -6.20 17.95
CA VAL A 114 -8.95 -5.88 16.60
C VAL A 114 -10.45 -5.63 16.55
N PRO A 115 -10.92 -4.85 15.57
CA PRO A 115 -12.35 -4.54 15.41
C PRO A 115 -13.18 -5.78 15.09
N VAL A 116 -14.41 -5.56 14.67
CA VAL A 116 -15.32 -6.65 14.32
C VAL A 116 -16.02 -6.39 12.99
N HIS A 117 -16.20 -7.44 12.20
CA HIS A 117 -16.86 -7.32 10.90
C HIS A 117 -15.93 -6.68 9.86
N ASP A 118 -14.69 -6.39 10.26
CA ASP A 118 -13.72 -5.80 9.36
C ASP A 118 -13.23 -6.81 8.33
N PRO A 119 -12.52 -6.35 7.28
CA PRO A 119 -12.00 -7.23 6.24
C PRO A 119 -10.91 -8.16 6.75
N VAL A 120 -10.22 -7.73 7.80
CA VAL A 120 -9.15 -8.52 8.40
C VAL A 120 -9.72 -9.53 9.39
N VAL A 121 -10.73 -9.10 10.16
CA VAL A 121 -11.35 -9.98 11.15
C VAL A 121 -12.26 -11.01 10.48
N GLN A 122 -13.19 -10.52 9.67
CA GLN A 122 -14.12 -11.41 8.97
C GLN A 122 -13.37 -12.43 8.12
N ASP A 123 -12.21 -12.04 7.62
CA ASP A 123 -11.39 -12.92 6.80
C ASP A 123 -10.79 -14.04 7.64
N ALA A 124 -10.10 -13.66 8.71
CA ALA A 124 -9.47 -14.63 9.60
C ALA A 124 -10.53 -15.52 10.26
N ALA A 125 -11.62 -14.90 10.70
CA ALA A 125 -12.70 -15.63 11.35
C ALA A 125 -13.26 -16.71 10.44
N HIS A 126 -13.77 -16.30 9.28
CA HIS A 126 -14.34 -17.23 8.31
C HIS A 126 -13.32 -18.32 7.94
N HIS A 127 -12.10 -17.88 7.62
CA HIS A 127 -11.04 -18.80 7.24
C HIS A 127 -10.80 -19.83 8.35
N ALA A 128 -10.93 -19.38 9.59
CA ALA A 128 -10.73 -20.25 10.74
C ALA A 128 -11.86 -21.27 10.88
N ILE A 129 -13.08 -20.81 10.58
CA ILE A 129 -14.26 -21.68 10.66
C ILE A 129 -14.07 -22.95 9.83
N LYS A 130 -13.70 -22.77 8.57
CA LYS A 130 -13.49 -23.90 7.67
C LYS A 130 -12.22 -24.66 8.01
N THR A 131 -11.15 -23.92 8.33
CA THR A 131 -9.87 -24.53 8.68
C THR A 131 -9.99 -25.41 9.91
N ILE A 132 -10.57 -24.86 10.98
CA ILE A 132 -10.74 -25.61 12.23
C ILE A 132 -11.44 -26.94 11.98
N GLN A 133 -12.60 -26.89 11.35
CA GLN A 133 -13.37 -28.09 11.06
C GLN A 133 -12.63 -28.95 10.04
N GLU A 134 -11.89 -28.31 9.15
CA GLU A 134 -11.14 -29.02 8.12
C GLU A 134 -9.90 -29.68 8.70
N ARG A 135 -9.40 -29.12 9.80
CA ARG A 135 -8.21 -29.67 10.46
C ARG A 135 -8.42 -31.12 10.87
N SER A 136 -9.69 -31.52 11.00
CA SER A 136 -10.03 -32.88 11.38
C SER A 136 -10.39 -33.71 10.16
N ASN A 137 -11.24 -33.16 9.31
CA ASN A 137 -11.67 -33.85 8.10
C ASN A 137 -12.62 -32.98 7.29
N SER A 138 -12.87 -33.37 6.04
CA SER A 138 -13.77 -32.63 5.16
C SER A 138 -15.22 -32.80 5.60
N LEU A 139 -15.87 -31.69 5.95
CA LEU A 139 -17.25 -31.73 6.40
C LEU A 139 -17.98 -30.44 6.02
N PHE A 140 -17.43 -29.30 6.45
CA PHE A 140 -18.03 -28.00 6.16
C PHE A 140 -19.47 -27.93 6.70
N PRO A 141 -19.63 -27.94 8.02
CA PRO A 141 -20.95 -27.87 8.67
C PRO A 141 -21.57 -26.49 8.56
N TYR A 142 -20.98 -25.52 9.24
CA TYR A 142 -21.48 -24.15 9.23
C TYR A 142 -20.35 -23.16 8.95
N GLU A 143 -20.69 -21.87 8.96
CA GLU A 143 -19.71 -20.82 8.70
C GLU A 143 -19.86 -19.69 9.71
N LEU A 144 -19.09 -18.62 9.52
CA LEU A 144 -19.13 -17.47 10.42
C LEU A 144 -20.54 -16.90 10.51
N SER A 145 -21.09 -16.90 11.71
CA SER A 145 -22.43 -16.38 11.94
C SER A 145 -22.39 -14.92 12.36
N GLU A 146 -21.85 -14.67 13.55
CA GLU A 146 -21.74 -13.31 14.07
C GLU A 146 -20.56 -13.18 15.03
N VAL A 147 -19.68 -12.22 14.74
CA VAL A 147 -18.51 -11.99 15.57
C VAL A 147 -18.83 -11.10 16.75
N VAL A 148 -18.52 -11.58 17.95
CA VAL A 148 -18.78 -10.82 19.17
C VAL A 148 -17.64 -9.85 19.46
N HIS A 149 -16.42 -10.35 19.45
CA HIS A 149 -15.25 -9.53 19.72
C HIS A 149 -13.97 -10.27 19.34
N ALA A 150 -13.13 -9.61 18.54
CA ALA A 150 -11.87 -10.20 18.10
C ALA A 150 -10.68 -9.39 18.60
N ASN A 151 -9.55 -10.05 18.79
CA ASN A 151 -8.35 -9.40 19.26
C ASN A 151 -7.10 -10.04 18.66
N ALA A 152 -6.12 -9.21 18.29
CA ALA A 152 -4.89 -9.71 17.71
C ALA A 152 -3.75 -9.69 18.72
N GLU A 153 -2.75 -10.54 18.50
CA GLU A 153 -1.60 -10.62 19.39
C GLU A 153 -0.34 -10.97 18.61
N VAL A 154 0.81 -10.52 19.13
CA VAL A 154 2.08 -10.79 18.48
C VAL A 154 2.84 -11.92 19.18
N VAL A 155 3.41 -12.81 18.38
CA VAL A 155 4.16 -13.94 18.92
C VAL A 155 5.66 -13.76 18.65
N ASP A 156 6.47 -14.74 19.06
CA ASP A 156 7.91 -14.66 18.88
C ASP A 156 8.27 -14.36 17.42
N THR A 157 7.48 -14.87 16.48
CA THR A 157 7.73 -14.63 15.07
C THR A 157 6.45 -14.25 14.33
N SER A 158 5.44 -15.12 14.40
CA SER A 158 4.17 -14.88 13.74
C SER A 158 3.27 -13.96 14.57
N ALA A 159 1.97 -13.99 14.31
CA ALA A 159 1.02 -13.16 15.04
C ALA A 159 -0.22 -13.97 15.41
N LYS A 160 -0.50 -14.07 16.70
CA LYS A 160 -1.65 -14.82 17.17
C LYS A 160 -2.94 -14.02 17.01
N PHE A 161 -4.06 -14.72 16.92
CA PHE A 161 -5.35 -14.08 16.76
C PHE A 161 -6.39 -14.71 17.69
N ASP A 162 -6.83 -13.94 18.68
CA ASP A 162 -7.82 -14.41 19.64
C ASP A 162 -9.16 -13.75 19.40
N MET A 163 -10.13 -14.54 18.93
CA MET A 163 -11.47 -14.02 18.66
C MET A 163 -12.54 -14.96 19.20
N LEU A 164 -13.78 -14.49 19.19
CA LEU A 164 -14.91 -15.29 19.68
C LEU A 164 -16.17 -14.97 18.90
N LEU A 165 -16.74 -15.97 18.25
CA LEU A 165 -17.96 -15.79 17.47
C LEU A 165 -18.94 -16.94 17.71
N LYS A 166 -20.19 -16.72 17.33
CA LYS A 166 -21.23 -17.74 17.49
C LYS A 166 -21.47 -18.49 16.19
N VAL A 167 -21.64 -19.80 16.28
CA VAL A 167 -21.89 -20.63 15.10
C VAL A 167 -23.36 -21.04 15.02
N LYS A 168 -23.88 -21.07 13.79
CA LYS A 168 -25.27 -21.46 13.58
C LYS A 168 -25.36 -22.77 12.80
N ARG A 169 -26.34 -23.60 13.15
CA ARG A 169 -26.54 -24.88 12.49
C ARG A 169 -27.95 -25.39 12.71
N GLY A 170 -28.84 -25.07 11.77
CA GLY A 170 -30.22 -25.50 11.88
C GLY A 170 -31.02 -24.70 12.89
N GLY A 171 -30.51 -23.51 13.24
CA GLY A 171 -31.20 -22.67 14.19
C GLY A 171 -30.63 -22.80 15.60
N LYS A 172 -29.36 -23.18 15.69
CA LYS A 172 -28.71 -23.34 16.98
C LYS A 172 -27.79 -22.15 17.28
N GLU A 173 -27.19 -22.16 18.46
CA GLU A 173 -26.29 -21.08 18.86
C GLU A 173 -25.28 -21.56 19.89
N GLU A 174 -24.01 -21.43 19.58
CA GLU A 174 -22.94 -21.86 20.47
C GLU A 174 -21.64 -21.12 20.17
N LYS A 175 -21.09 -20.46 21.18
CA LYS A 175 -19.85 -19.70 21.02
C LYS A 175 -18.64 -20.62 21.21
N TYR A 176 -17.49 -20.18 20.71
CA TYR A 176 -16.26 -20.96 20.82
C TYR A 176 -15.04 -20.09 20.61
N LYS A 177 -13.95 -20.42 21.31
CA LYS A 177 -12.71 -19.66 21.20
C LYS A 177 -11.92 -20.11 19.97
N VAL A 178 -11.23 -19.17 19.34
CA VAL A 178 -10.45 -19.47 18.15
C VAL A 178 -9.07 -18.83 18.22
N GLU A 179 -8.04 -19.60 17.88
CA GLU A 179 -6.66 -19.11 17.92
C GLU A 179 -5.96 -19.41 16.60
N VAL A 180 -5.77 -18.39 15.77
CA VAL A 180 -5.11 -18.55 14.48
C VAL A 180 -3.87 -17.64 14.40
N HIS A 181 -2.87 -18.10 13.66
CA HIS A 181 -1.64 -17.34 13.50
C HIS A 181 -1.63 -16.59 12.17
N LYS A 182 -0.93 -15.47 12.13
CA LYS A 182 -0.84 -14.65 10.92
C LYS A 182 0.54 -14.77 10.28
N SER A 183 0.58 -15.09 9.00
CA SER A 183 1.83 -15.22 8.27
C SER A 183 2.08 -14.02 7.38
N THR A 184 3.23 -13.39 7.57
CA THR A 184 3.60 -12.21 6.77
C THR A 184 4.48 -12.61 5.60
N GLU A 185 4.14 -13.71 4.94
CA GLU A 185 4.90 -14.20 3.79
C GLU A 185 4.05 -15.13 2.94
N GLU A 186 3.32 -16.03 3.59
CA GLU A 186 2.48 -16.98 2.89
C GLU A 186 1.21 -16.30 2.39
N GLY A 187 0.81 -15.22 3.04
CA GLY A 187 -0.38 -14.49 2.65
C GLY A 187 -1.65 -15.20 3.06
N GLY A 188 -1.53 -16.16 3.98
CA GLY A 188 -2.70 -16.89 4.44
C GLY A 188 -2.76 -16.99 5.95
N PHE A 189 -3.59 -17.90 6.45
CA PHE A 189 -3.74 -18.08 7.89
C PHE A 189 -3.41 -19.51 8.30
N ASN A 190 -2.95 -19.68 9.53
CA ASN A 190 -2.61 -21.01 10.04
C ASN A 190 -3.20 -21.22 11.42
N LEU A 191 -4.41 -21.75 11.47
CA LEU A 191 -5.10 -22.01 12.72
C LEU A 191 -4.24 -22.84 13.66
N LYS A 192 -3.99 -22.31 14.86
CA LYS A 192 -3.17 -23.00 15.85
C LYS A 192 -4.03 -23.94 16.69
N LYS A 193 -4.87 -23.37 17.55
CA LYS A 193 -5.74 -24.16 18.40
C LYS A 193 -7.16 -23.58 18.43
N VAL A 194 -8.07 -24.28 19.07
CA VAL A 194 -9.45 -23.84 19.17
C VAL A 194 -10.13 -24.39 20.43
N ASP A 195 -11.03 -23.59 21.01
CA ASP A 195 -11.73 -23.99 22.21
C ASP A 195 -13.22 -23.70 22.09
N LEU A 196 -14.02 -24.30 22.96
CA LEU A 196 -15.47 -24.09 22.95
C LEU A 196 -15.89 -23.17 24.08
N ASP A 197 -16.95 -22.39 23.85
CA ASP A 197 -17.45 -21.46 24.85
C ASP A 197 -18.97 -21.54 24.95
N HIS A 198 -19.46 -22.29 25.93
CA HIS A 198 -20.89 -22.45 26.12
C HIS A 198 -21.20 -23.03 27.51
N SER A 199 -20.36 -22.67 28.48
CA SER A 199 -20.54 -23.16 29.85
C SER A 199 -20.40 -22.01 30.85
N MET A 1 -2.78 30.21 -3.13
CA MET A 1 -3.00 31.38 -4.02
C MET A 1 -3.12 30.95 -5.48
N ALA A 2 -2.43 29.86 -5.82
CA ALA A 2 -2.46 29.34 -7.19
C ALA A 2 -2.79 27.85 -7.20
N THR A 3 -3.74 27.48 -8.03
CA THR A 3 -4.15 26.07 -8.14
C THR A 3 -4.22 25.65 -9.60
N LEU A 4 -4.77 24.45 -9.84
CA LEU A 4 -4.91 23.93 -11.19
C LEU A 4 -5.59 22.57 -11.18
N GLY A 5 -6.89 22.57 -10.88
CA GLY A 5 -7.64 21.32 -10.83
C GLY A 5 -8.32 21.02 -12.16
N GLY A 6 -7.84 19.98 -12.84
CA GLY A 6 -8.41 19.60 -14.12
C GLY A 6 -7.48 18.73 -14.93
N VAL A 7 -7.79 17.44 -15.00
CA VAL A 7 -6.98 16.49 -15.76
C VAL A 7 -6.83 16.93 -17.21
N HIS A 8 -5.60 17.16 -17.64
CA HIS A 8 -5.31 17.58 -19.00
C HIS A 8 -3.81 17.74 -19.23
N ASP A 9 -3.31 17.08 -20.28
CA ASP A 9 -1.90 17.16 -20.61
C ASP A 9 -1.56 18.48 -21.29
N SER A 10 -0.27 18.72 -21.51
CA SER A 10 0.18 19.95 -22.15
C SER A 10 1.63 19.83 -22.62
N ASN A 11 2.16 20.91 -23.16
CA ASN A 11 3.54 20.92 -23.66
C ASN A 11 4.37 21.98 -22.92
N SER A 12 4.15 22.09 -21.62
CA SER A 12 4.87 23.05 -20.80
C SER A 12 4.56 24.48 -21.24
N ASN A 13 3.27 24.82 -21.25
CA ASN A 13 2.83 26.15 -21.65
C ASN A 13 3.26 27.19 -20.62
N PRO A 14 2.78 27.05 -19.37
CA PRO A 14 3.12 27.99 -18.29
C PRO A 14 4.53 27.77 -17.76
N ASP A 15 4.83 28.38 -16.61
CA ASP A 15 6.15 28.24 -15.99
C ASP A 15 6.31 26.85 -15.37
N THR A 16 6.28 25.83 -16.22
CA THR A 16 6.43 24.46 -15.76
C THR A 16 7.87 24.15 -15.36
N HIS A 17 8.81 24.86 -15.99
CA HIS A 17 10.23 24.66 -15.72
C HIS A 17 10.54 24.92 -14.24
N SER A 18 10.16 26.09 -13.76
CA SER A 18 10.40 26.46 -12.37
C SER A 18 9.72 25.48 -11.40
N LEU A 19 8.56 24.97 -11.80
CA LEU A 19 7.82 24.03 -10.98
C LEU A 19 8.66 22.79 -10.67
N ALA A 20 9.30 22.25 -11.71
CA ALA A 20 10.14 21.08 -11.57
C ALA A 20 11.33 21.35 -10.65
N ARG A 21 11.92 22.53 -10.82
CA ARG A 21 13.07 22.92 -10.01
C ARG A 21 12.74 22.85 -8.51
N PHE A 22 11.57 23.37 -8.15
CA PHE A 22 11.13 23.36 -6.76
C PHE A 22 11.03 21.95 -6.23
N ALA A 23 10.50 21.04 -7.05
CA ALA A 23 10.34 19.64 -6.66
C ALA A 23 11.70 18.99 -6.40
N VAL A 24 12.59 19.07 -7.36
CA VAL A 24 13.92 18.49 -7.22
C VAL A 24 14.66 19.06 -6.01
N ASP A 25 14.39 20.33 -5.73
CA ASP A 25 15.03 21.02 -4.61
C ASP A 25 14.62 20.45 -3.26
N GLN A 26 13.33 20.15 -3.09
CA GLN A 26 12.85 19.62 -1.82
C GLN A 26 13.50 18.28 -1.47
N HIS A 27 13.70 17.43 -2.47
CA HIS A 27 14.31 16.12 -2.25
C HIS A 27 15.81 16.25 -2.07
N ASN A 28 16.45 17.02 -2.95
CA ASN A 28 17.89 17.21 -2.89
C ASN A 28 18.32 17.87 -1.59
N THR A 29 17.52 18.80 -1.10
CA THR A 29 17.83 19.52 0.13
C THR A 29 17.56 18.69 1.38
N LYS A 30 16.63 17.72 1.29
CA LYS A 30 16.29 16.92 2.46
C LYS A 30 17.12 15.63 2.56
N GLU A 31 17.13 14.82 1.51
CA GLU A 31 17.90 13.56 1.55
C GLU A 31 18.70 13.31 0.27
N ASN A 32 18.29 13.91 -0.83
CA ASN A 32 18.96 13.72 -2.10
C ASN A 32 20.12 14.70 -2.27
N GLY A 33 20.63 14.81 -3.50
CA GLY A 33 21.73 15.71 -3.76
C GLY A 33 22.57 15.28 -4.95
N LEU A 34 21.91 14.76 -5.99
CA LEU A 34 22.60 14.31 -7.18
C LEU A 34 21.66 14.30 -8.38
N LEU A 35 20.64 15.15 -8.32
CA LEU A 35 19.67 15.26 -9.40
C LEU A 35 19.64 16.68 -9.97
N GLU A 36 19.84 16.80 -11.27
CA GLU A 36 19.82 18.10 -11.92
C GLU A 36 18.81 18.14 -13.06
N LEU A 37 18.28 19.33 -13.31
CA LEU A 37 17.30 19.51 -14.38
C LEU A 37 17.99 19.84 -15.69
N VAL A 38 17.77 18.98 -16.69
CA VAL A 38 18.38 19.16 -18.01
C VAL A 38 17.43 19.87 -18.96
N ARG A 39 16.29 19.23 -19.26
CA ARG A 39 15.32 19.80 -20.17
C ARG A 39 13.93 19.23 -19.95
N VAL A 40 12.94 20.12 -19.84
CA VAL A 40 11.56 19.70 -19.61
C VAL A 40 11.12 18.64 -20.61
N VAL A 41 10.19 17.78 -20.19
CA VAL A 41 9.68 16.72 -21.06
C VAL A 41 8.23 16.97 -21.43
N GLU A 42 7.35 16.95 -20.44
CA GLU A 42 5.92 17.17 -20.67
C GLU A 42 5.26 17.74 -19.42
N ALA A 43 3.98 18.08 -19.55
CA ALA A 43 3.22 18.63 -18.44
C ALA A 43 1.81 18.05 -18.40
N ARG A 44 1.52 17.29 -17.34
CA ARG A 44 0.22 16.67 -17.18
C ARG A 44 -0.48 17.22 -15.93
N GLU A 45 -1.81 17.26 -15.96
CA GLU A 45 -2.59 17.74 -14.84
C GLU A 45 -3.62 16.71 -14.39
N GLN A 46 -4.14 16.90 -13.18
CA GLN A 46 -5.13 15.99 -12.61
C GLN A 46 -5.69 16.55 -11.32
N VAL A 47 -6.91 16.14 -10.99
CA VAL A 47 -7.56 16.61 -9.77
C VAL A 47 -7.56 15.52 -8.70
N VAL A 48 -6.78 15.75 -7.64
CA VAL A 48 -6.69 14.79 -6.54
C VAL A 48 -6.96 15.47 -5.20
N ALA A 49 -8.08 15.14 -4.58
CA ALA A 49 -8.46 15.73 -3.30
C ALA A 49 -8.19 17.23 -3.28
N GLY A 50 -8.34 17.84 -4.46
CA GLY A 50 -8.10 19.27 -4.60
C GLY A 50 -7.43 19.59 -5.91
N THR A 51 -6.10 19.50 -5.94
CA THR A 51 -5.34 19.78 -7.15
C THR A 51 -4.05 18.97 -7.18
N LEU A 52 -3.70 18.48 -8.35
CA LEU A 52 -2.49 17.69 -8.53
C LEU A 52 -1.68 18.21 -9.71
N HIS A 53 -0.40 18.46 -9.47
CA HIS A 53 0.49 18.97 -10.52
C HIS A 53 1.60 17.97 -10.78
N HIS A 54 1.49 17.26 -11.91
CA HIS A 54 2.48 16.26 -12.29
C HIS A 54 3.27 16.71 -13.52
N LEU A 55 4.53 17.04 -13.32
CA LEU A 55 5.39 17.48 -14.42
C LEU A 55 6.54 16.50 -14.65
N VAL A 56 6.82 16.22 -15.92
CA VAL A 56 7.90 15.32 -16.27
C VAL A 56 9.00 16.09 -17.00
N LEU A 57 10.24 15.86 -16.57
CA LEU A 57 11.38 16.56 -17.16
C LEU A 57 12.61 15.66 -17.20
N GLU A 58 13.53 15.97 -18.11
CA GLU A 58 14.76 15.20 -18.24
C GLU A 58 15.82 15.74 -17.28
N VAL A 59 16.21 14.91 -16.31
CA VAL A 59 17.21 15.31 -15.32
C VAL A 59 18.48 14.47 -15.45
N LEU A 60 19.57 15.00 -14.91
CA LEU A 60 20.84 14.33 -14.94
C LEU A 60 21.19 13.82 -13.54
N ASP A 61 21.35 12.51 -13.43
CA ASP A 61 21.70 11.88 -12.15
C ASP A 61 23.13 11.36 -12.18
N ALA A 62 24.02 12.07 -11.48
CA ALA A 62 25.42 11.68 -11.41
C ALA A 62 26.06 11.65 -12.80
N GLY A 63 25.43 12.30 -13.77
CA GLY A 63 25.97 12.33 -15.12
C GLY A 63 25.20 11.47 -16.09
N LYS A 64 23.98 11.07 -15.72
CA LYS A 64 23.15 10.24 -16.57
C LYS A 64 21.75 10.81 -16.67
N LYS A 65 21.32 11.12 -17.90
CA LYS A 65 20.01 11.67 -18.13
C LYS A 65 18.93 10.66 -17.83
N LYS A 66 17.81 11.17 -17.36
CA LYS A 66 16.67 10.34 -17.03
C LYS A 66 15.43 11.19 -16.83
N LEU A 67 14.29 10.72 -17.32
CA LEU A 67 13.04 11.46 -17.17
C LEU A 67 12.39 11.16 -15.83
N TYR A 68 12.06 12.21 -15.09
CA TYR A 68 11.42 12.06 -13.79
C TYR A 68 10.11 12.82 -13.74
N GLU A 69 9.14 12.28 -13.00
CA GLU A 69 7.83 12.92 -12.87
C GLU A 69 7.59 13.36 -11.42
N ALA A 70 7.46 14.67 -11.23
CA ALA A 70 7.23 15.22 -9.90
C ALA A 70 5.77 15.60 -9.72
N LYS A 71 5.20 15.20 -8.58
CA LYS A 71 3.80 15.51 -8.29
C LYS A 71 3.68 16.48 -7.13
N ILE A 72 2.87 17.51 -7.32
CA ILE A 72 2.65 18.51 -6.29
C ILE A 72 1.19 18.51 -5.85
N TRP A 73 0.98 18.39 -4.54
CA TRP A 73 -0.37 18.35 -3.98
C TRP A 73 -0.79 19.73 -3.50
N VAL A 74 -1.79 20.31 -4.15
CA VAL A 74 -2.29 21.62 -3.77
C VAL A 74 -3.81 21.60 -3.63
N LYS A 75 -4.36 22.52 -2.84
CA LYS A 75 -5.79 22.61 -2.63
C LYS A 75 -6.31 23.99 -2.99
N PRO A 76 -7.54 24.08 -3.55
CA PRO A 76 -8.14 25.35 -3.94
C PRO A 76 -8.59 26.17 -2.73
N TRP A 77 -9.24 25.51 -1.79
CA TRP A 77 -9.72 26.18 -0.58
C TRP A 77 -8.55 26.62 0.30
N MET A 78 -7.67 25.68 0.61
CA MET A 78 -6.51 25.96 1.45
C MET A 78 -5.63 27.03 0.80
N ASP A 79 -5.60 27.05 -0.53
CA ASP A 79 -4.79 28.01 -1.26
C ASP A 79 -3.32 27.87 -0.92
N PHE A 80 -2.90 26.64 -0.60
CA PHE A 80 -1.51 26.37 -0.25
C PHE A 80 -0.99 25.14 -0.98
N LYS A 81 -0.13 25.35 -1.95
CA LYS A 81 0.45 24.26 -2.73
C LYS A 81 1.64 23.65 -2.00
N GLN A 82 1.85 22.35 -2.20
CA GLN A 82 2.94 21.65 -1.56
C GLN A 82 3.41 20.46 -2.40
N LEU A 83 4.69 20.45 -2.74
CA LEU A 83 5.27 19.38 -3.55
C LEU A 83 5.35 18.09 -2.75
N GLN A 84 4.90 16.99 -3.35
CA GLN A 84 4.92 15.69 -2.68
C GLN A 84 6.23 14.97 -2.93
N GLU A 85 6.43 14.51 -4.16
CA GLU A 85 7.65 13.79 -4.53
C GLU A 85 7.62 13.39 -6.00
N PHE A 86 8.79 13.02 -6.54
CA PHE A 86 8.89 12.62 -7.94
C PHE A 86 9.30 11.15 -8.05
N LYS A 87 8.83 10.49 -9.11
CA LYS A 87 9.15 9.10 -9.35
C LYS A 87 9.95 8.94 -10.64
N HIS A 88 10.80 7.91 -10.68
CA HIS A 88 11.63 7.66 -11.86
C HIS A 88 10.80 7.07 -12.99
N VAL A 89 10.94 7.63 -14.18
CA VAL A 89 10.20 7.16 -15.35
C VAL A 89 11.11 7.07 -16.57
N ARG A 90 11.11 5.91 -17.21
CA ARG A 90 11.94 5.69 -18.40
C ARG A 90 11.59 6.69 -19.50
N ASP A 91 12.09 6.44 -20.71
CA ASP A 91 11.82 7.32 -21.84
C ASP A 91 10.32 7.49 -22.06
N VAL A 92 9.57 6.44 -21.74
CA VAL A 92 8.12 6.47 -21.91
C VAL A 92 7.48 7.53 -21.01
N PRO A 93 6.51 8.30 -21.53
CA PRO A 93 5.83 9.34 -20.75
C PRO A 93 5.16 8.78 -19.49
N SER A 94 4.47 7.66 -19.65
CA SER A 94 3.79 7.03 -18.52
C SER A 94 4.77 6.67 -17.41
N PHE A 95 4.32 5.91 -16.43
CA PHE A 95 5.15 5.49 -15.32
C PHE A 95 5.88 4.19 -15.63
N THR A 96 6.64 4.20 -16.73
CA THR A 96 7.40 3.02 -17.15
C THR A 96 6.55 1.75 -17.10
N SER A 97 5.24 1.92 -17.28
CA SER A 97 4.32 0.78 -17.25
C SER A 97 4.39 0.05 -15.91
N SER A 98 4.91 0.73 -14.89
CA SER A 98 5.04 0.14 -13.56
C SER A 98 4.09 0.80 -12.57
N ASP A 99 3.72 2.05 -12.85
CA ASP A 99 2.82 2.81 -11.98
C ASP A 99 3.52 3.20 -10.69
N LEU A 100 3.70 4.50 -10.49
CA LEU A 100 4.37 5.02 -9.31
C LEU A 100 3.53 6.10 -8.64
N GLY A 101 3.32 5.96 -7.34
CA GLY A 101 2.54 6.94 -6.60
C GLY A 101 1.53 6.29 -5.67
N ALA A 102 1.96 5.26 -4.96
CA ALA A 102 1.09 4.56 -4.03
C ALA A 102 1.86 3.49 -3.25
N LYS A 103 2.33 3.86 -2.07
CA LYS A 103 3.09 2.94 -1.23
C LYS A 103 2.25 2.48 -0.04
N THR A 104 2.28 1.19 0.24
CA THR A 104 1.53 0.62 1.36
C THR A 104 2.18 -0.66 1.86
N ASP A 105 2.29 -0.78 3.18
CA ASP A 105 2.89 -1.97 3.78
C ASP A 105 2.81 -1.90 5.31
N ASP A 106 2.61 -3.05 5.94
CA ASP A 106 2.52 -3.12 7.39
C ASP A 106 2.42 -4.57 7.87
N GLN A 107 2.86 -4.81 9.10
CA GLN A 107 2.82 -6.15 9.66
C GLN A 107 1.54 -6.37 10.47
N VAL A 108 1.07 -7.61 10.48
CA VAL A 108 -0.15 -7.95 11.21
C VAL A 108 0.17 -8.47 12.62
N SER A 109 -0.48 -7.89 13.62
CA SER A 109 -0.26 -8.30 15.00
C SER A 109 -1.11 -7.47 15.96
N GLY A 110 -1.85 -8.16 16.82
CA GLY A 110 -2.70 -7.47 17.78
C GLY A 110 -3.70 -8.39 18.44
N TRP A 111 -4.00 -8.12 19.71
CA TRP A 111 -4.95 -8.94 20.46
C TRP A 111 -6.39 -8.57 20.11
N ARG A 112 -6.94 -9.23 19.10
CA ARG A 112 -8.31 -8.97 18.67
C ARG A 112 -8.99 -10.24 18.21
N PRO A 113 -10.33 -10.28 18.26
CA PRO A 113 -11.11 -11.46 17.85
C PRO A 113 -11.04 -11.71 16.34
N VAL A 114 -11.96 -12.53 15.84
CA VAL A 114 -11.98 -12.85 14.42
C VAL A 114 -13.41 -13.11 13.95
N PRO A 115 -13.68 -12.91 12.64
CA PRO A 115 -15.00 -13.12 12.06
C PRO A 115 -15.43 -14.58 12.12
N VAL A 116 -16.49 -14.92 11.39
CA VAL A 116 -17.00 -16.28 11.37
C VAL A 116 -17.28 -16.73 9.93
N HIS A 117 -16.98 -18.00 9.65
CA HIS A 117 -17.21 -18.56 8.31
C HIS A 117 -16.15 -18.06 7.32
N ASP A 118 -15.19 -17.27 7.81
CA ASP A 118 -14.13 -16.75 6.95
C ASP A 118 -13.14 -17.86 6.57
N PRO A 119 -12.27 -17.58 5.58
CA PRO A 119 -11.28 -18.57 5.13
C PRO A 119 -10.22 -18.86 6.20
N VAL A 120 -10.03 -17.91 7.10
CA VAL A 120 -9.05 -18.06 8.17
C VAL A 120 -9.64 -18.83 9.35
N VAL A 121 -10.87 -18.50 9.70
CA VAL A 121 -11.56 -19.15 10.81
C VAL A 121 -11.98 -20.57 10.44
N GLN A 122 -12.73 -20.69 9.35
CA GLN A 122 -13.20 -21.99 8.88
C GLN A 122 -12.03 -22.95 8.69
N ASP A 123 -10.87 -22.40 8.32
CA ASP A 123 -9.69 -23.21 8.10
C ASP A 123 -9.15 -23.75 9.42
N ALA A 124 -8.94 -22.86 10.38
CA ALA A 124 -8.44 -23.24 11.69
C ALA A 124 -9.44 -24.12 12.43
N ALA A 125 -10.72 -23.78 12.31
CA ALA A 125 -11.79 -24.54 12.96
C ALA A 125 -11.78 -26.00 12.49
N HIS A 126 -11.96 -26.19 11.19
CA HIS A 126 -11.97 -27.53 10.61
C HIS A 126 -10.69 -28.28 10.93
N HIS A 127 -9.56 -27.60 10.77
CA HIS A 127 -8.26 -28.20 11.05
C HIS A 127 -8.17 -28.65 12.51
N ALA A 128 -8.78 -27.87 13.40
CA ALA A 128 -8.76 -28.20 14.81
C ALA A 128 -9.64 -29.42 15.11
N ILE A 129 -10.81 -29.47 14.46
CA ILE A 129 -11.74 -30.58 14.65
C ILE A 129 -11.05 -31.92 14.40
N LYS A 130 -10.39 -32.03 13.25
CA LYS A 130 -9.70 -33.27 12.90
C LYS A 130 -8.44 -33.47 13.74
N THR A 131 -7.72 -32.38 13.99
CA THR A 131 -6.50 -32.44 14.78
C THR A 131 -6.77 -32.89 16.21
N ILE A 132 -7.74 -32.25 16.85
CA ILE A 132 -8.10 -32.59 18.23
C ILE A 132 -8.38 -34.08 18.38
N GLN A 133 -9.30 -34.58 17.55
CA GLN A 133 -9.67 -35.99 17.60
C GLN A 133 -8.50 -36.87 17.15
N GLU A 134 -7.68 -36.33 16.25
CA GLU A 134 -6.51 -37.05 15.73
C GLU A 134 -5.39 -37.08 16.76
N ARG A 135 -5.36 -36.09 17.63
CA ARG A 135 -4.33 -35.99 18.67
C ARG A 135 -4.35 -37.25 19.55
N SER A 136 -5.48 -37.95 19.58
CA SER A 136 -5.61 -39.15 20.38
C SER A 136 -5.48 -40.40 19.51
N ASN A 137 -6.12 -40.38 18.35
CA ASN A 137 -6.08 -41.50 17.42
C ASN A 137 -6.90 -41.20 16.16
N SER A 138 -6.60 -41.91 15.08
CA SER A 138 -7.31 -41.71 13.82
C SER A 138 -8.73 -42.24 13.92
N LEU A 139 -9.71 -41.37 13.65
CA LEU A 139 -11.11 -41.74 13.72
C LEU A 139 -11.95 -40.92 12.74
N PHE A 140 -11.84 -39.61 12.83
CA PHE A 140 -12.59 -38.71 11.95
C PHE A 140 -14.09 -38.95 12.09
N PRO A 141 -14.63 -38.76 13.31
CA PRO A 141 -16.06 -38.95 13.57
C PRO A 141 -16.93 -37.88 12.91
N TYR A 142 -16.73 -36.63 13.31
CA TYR A 142 -17.49 -35.52 12.76
C TYR A 142 -16.58 -34.39 12.30
N GLU A 143 -17.18 -33.31 11.80
CA GLU A 143 -16.42 -32.16 11.34
C GLU A 143 -17.13 -30.86 11.69
N LEU A 144 -16.67 -29.76 11.09
CA LEU A 144 -17.26 -28.45 11.35
C LEU A 144 -18.74 -28.43 10.96
N SER A 145 -19.56 -27.78 11.77
CA SER A 145 -20.98 -27.70 11.52
C SER A 145 -21.43 -26.23 11.41
N GLU A 146 -21.33 -25.50 12.52
CA GLU A 146 -21.73 -24.10 12.55
C GLU A 146 -20.90 -23.32 13.56
N VAL A 147 -20.19 -22.31 13.08
CA VAL A 147 -19.36 -21.49 13.95
C VAL A 147 -20.18 -20.39 14.63
N VAL A 148 -20.16 -20.37 15.96
CA VAL A 148 -20.90 -19.40 16.73
C VAL A 148 -20.14 -18.07 16.81
N HIS A 149 -18.90 -18.14 17.29
CA HIS A 149 -18.08 -16.95 17.43
C HIS A 149 -16.62 -17.34 17.65
N ALA A 150 -15.73 -16.77 16.84
CA ALA A 150 -14.30 -17.05 16.95
C ALA A 150 -13.51 -15.79 17.28
N ASN A 151 -12.42 -15.95 18.02
CA ASN A 151 -11.58 -14.82 18.40
C ASN A 151 -10.11 -15.21 18.42
N ALA A 152 -9.26 -14.32 17.95
CA ALA A 152 -7.82 -14.57 17.92
C ALA A 152 -7.10 -13.83 19.05
N GLU A 153 -5.94 -14.35 19.42
CA GLU A 153 -5.14 -13.75 20.48
C GLU A 153 -3.66 -13.81 20.16
N VAL A 154 -2.90 -12.83 20.63
CA VAL A 154 -1.47 -12.77 20.38
C VAL A 154 -0.69 -13.23 21.60
N VAL A 155 0.03 -14.34 21.45
CA VAL A 155 0.84 -14.88 22.53
C VAL A 155 2.25 -14.28 22.52
N ASP A 156 3.09 -14.71 23.45
CA ASP A 156 4.46 -14.19 23.54
C ASP A 156 5.18 -14.26 22.20
N THR A 157 4.86 -15.27 21.39
CA THR A 157 5.48 -15.43 20.09
C THR A 157 4.45 -15.79 19.02
N SER A 158 3.74 -16.91 19.24
CA SER A 158 2.74 -17.37 18.29
C SER A 158 1.42 -16.61 18.48
N ALA A 159 0.33 -17.18 17.98
CA ALA A 159 -0.98 -16.55 18.09
C ALA A 159 -2.04 -17.57 18.48
N LYS A 160 -2.68 -17.35 19.63
CA LYS A 160 -3.71 -18.26 20.12
C LYS A 160 -5.03 -18.04 19.39
N PHE A 161 -5.86 -19.08 19.36
CA PHE A 161 -7.16 -18.99 18.69
C PHE A 161 -8.26 -19.58 19.57
N ASP A 162 -9.11 -18.71 20.09
CA ASP A 162 -10.21 -19.15 20.95
C ASP A 162 -11.54 -19.04 20.22
N MET A 163 -12.02 -20.17 19.70
CA MET A 163 -13.28 -20.21 18.97
C MET A 163 -14.25 -21.18 19.62
N LEU A 164 -15.51 -21.13 19.17
CA LEU A 164 -16.55 -22.01 19.71
C LEU A 164 -17.59 -22.30 18.63
N LEU A 165 -17.76 -23.58 18.31
CA LEU A 165 -18.74 -23.99 17.30
C LEU A 165 -19.44 -25.27 17.72
N LYS A 166 -20.51 -25.62 17.01
CA LYS A 166 -21.27 -26.82 17.30
C LYS A 166 -20.90 -27.94 16.33
N VAL A 167 -20.67 -29.13 16.87
CA VAL A 167 -20.32 -30.28 16.04
C VAL A 167 -21.50 -31.24 15.88
N LYS A 168 -21.66 -31.78 14.69
CA LYS A 168 -22.75 -32.70 14.41
C LYS A 168 -22.23 -34.13 14.22
N ARG A 169 -22.98 -35.10 14.71
CA ARG A 169 -22.59 -36.50 14.59
C ARG A 169 -23.80 -37.42 14.76
N GLY A 170 -24.42 -37.78 13.65
CA GLY A 170 -25.58 -38.65 13.69
C GLY A 170 -26.84 -37.91 14.10
N GLY A 171 -26.85 -36.60 13.91
CA GLY A 171 -28.01 -35.80 14.26
C GLY A 171 -27.94 -35.25 15.67
N LYS A 172 -26.72 -35.12 16.20
CA LYS A 172 -26.53 -34.59 17.54
C LYS A 172 -26.08 -33.13 17.50
N GLU A 173 -25.92 -32.54 18.68
CA GLU A 173 -25.50 -31.14 18.77
C GLU A 173 -24.82 -30.87 20.11
N GLU A 174 -23.58 -30.41 20.07
CA GLU A 174 -22.82 -30.12 21.28
C GLU A 174 -21.67 -29.15 20.98
N LYS A 175 -21.62 -28.06 21.73
CA LYS A 175 -20.56 -27.07 21.55
C LYS A 175 -19.31 -27.46 22.33
N TYR A 176 -18.17 -26.87 21.96
CA TYR A 176 -16.91 -27.17 22.62
C TYR A 176 -15.89 -26.06 22.38
N LYS A 177 -15.07 -25.78 23.39
CA LYS A 177 -14.05 -24.76 23.28
C LYS A 177 -12.82 -25.30 22.57
N VAL A 178 -12.26 -24.51 21.66
CA VAL A 178 -11.08 -24.92 20.91
C VAL A 178 -9.96 -23.90 21.05
N GLU A 179 -8.74 -24.38 21.28
CA GLU A 179 -7.59 -23.51 21.44
C GLU A 179 -6.44 -23.97 20.55
N VAL A 180 -6.19 -23.24 19.47
CA VAL A 180 -5.13 -23.57 18.54
C VAL A 180 -4.17 -22.39 18.36
N HIS A 181 -2.90 -22.70 18.10
CA HIS A 181 -1.90 -21.67 17.91
C HIS A 181 -1.62 -21.43 16.43
N LYS A 182 -1.22 -20.21 16.10
CA LYS A 182 -0.93 -19.87 14.71
C LYS A 182 0.57 -19.68 14.50
N SER A 183 1.12 -20.44 13.55
CA SER A 183 2.55 -20.36 13.25
C SER A 183 2.77 -20.15 11.75
N THR A 184 3.27 -18.97 11.39
CA THR A 184 3.53 -18.64 10.00
C THR A 184 4.82 -19.31 9.52
N GLU A 185 5.79 -19.43 10.41
CA GLU A 185 7.07 -20.05 10.07
C GLU A 185 6.86 -21.50 9.64
N GLU A 186 5.85 -22.15 10.20
CA GLU A 186 5.54 -23.53 9.86
C GLU A 186 4.39 -23.60 8.86
N GLY A 187 3.40 -22.74 9.05
CA GLY A 187 2.25 -22.72 8.15
C GLY A 187 1.10 -23.56 8.67
N GLY A 188 1.43 -24.74 9.20
CA GLY A 188 0.40 -25.62 9.72
C GLY A 188 0.03 -25.30 11.15
N PHE A 189 -1.28 -25.28 11.43
CA PHE A 189 -1.76 -24.97 12.77
C PHE A 189 -1.24 -25.99 13.78
N ASN A 190 -1.27 -25.61 15.05
CA ASN A 190 -0.81 -26.49 16.12
C ASN A 190 -1.75 -26.44 17.32
N LEU A 191 -2.79 -27.26 17.27
CA LEU A 191 -3.78 -27.32 18.34
C LEU A 191 -3.12 -27.44 19.71
N LYS A 192 -3.40 -26.49 20.59
CA LYS A 192 -2.82 -26.50 21.93
C LYS A 192 -3.68 -27.32 22.88
N LYS A 193 -4.86 -26.80 23.20
CA LYS A 193 -5.78 -27.49 24.10
C LYS A 193 -7.22 -27.39 23.58
N VAL A 194 -8.12 -28.12 24.22
CA VAL A 194 -9.53 -28.10 23.84
C VAL A 194 -10.43 -28.37 25.04
N ASP A 195 -11.62 -27.77 25.02
CA ASP A 195 -12.58 -27.93 26.10
C ASP A 195 -13.98 -28.20 25.55
N LEU A 196 -14.86 -28.69 26.42
CA LEU A 196 -16.24 -28.99 26.02
C LEU A 196 -17.19 -27.93 26.55
N ASP A 197 -18.25 -27.64 25.78
CA ASP A 197 -19.24 -26.65 26.17
C ASP A 197 -20.65 -27.15 25.90
N HIS A 198 -21.30 -27.68 26.92
CA HIS A 198 -22.66 -28.18 26.79
C HIS A 198 -23.52 -27.78 27.98
N SER A 199 -23.27 -26.57 28.49
CA SER A 199 -24.02 -26.06 29.64
C SER A 199 -24.01 -24.54 29.66
N MET A 1 0.25 29.54 -3.50
CA MET A 1 -1.23 29.49 -3.52
C MET A 1 -1.77 29.56 -4.94
N ALA A 2 -1.74 28.43 -5.64
CA ALA A 2 -2.23 28.36 -7.02
C ALA A 2 -2.70 26.96 -7.36
N THR A 3 -3.87 26.87 -8.00
CA THR A 3 -4.44 25.58 -8.39
C THR A 3 -4.58 25.49 -9.90
N LEU A 4 -4.59 24.27 -10.42
CA LEU A 4 -4.73 24.04 -11.85
C LEU A 4 -5.26 22.65 -12.13
N GLY A 5 -6.13 22.16 -11.25
CA GLY A 5 -6.71 20.84 -11.42
C GLY A 5 -7.46 20.70 -12.73
N GLY A 6 -6.96 19.85 -13.62
CA GLY A 6 -7.62 19.65 -14.89
C GLY A 6 -7.00 18.50 -15.68
N VAL A 7 -7.63 17.33 -15.61
CA VAL A 7 -7.15 16.15 -16.31
C VAL A 7 -6.84 16.46 -17.77
N HIS A 8 -5.55 16.57 -18.09
CA HIS A 8 -5.13 16.88 -19.46
C HIS A 8 -3.61 16.90 -19.56
N ASP A 9 -3.05 15.97 -20.32
CA ASP A 9 -1.61 15.88 -20.49
C ASP A 9 -1.11 16.95 -21.47
N SER A 10 -0.89 18.16 -20.96
CA SER A 10 -0.42 19.26 -21.79
C SER A 10 1.11 19.25 -21.89
N ASN A 11 1.67 20.36 -22.37
CA ASN A 11 3.12 20.46 -22.52
C ASN A 11 3.68 21.51 -21.56
N SER A 12 4.91 21.93 -21.80
CA SER A 12 5.56 22.91 -20.94
C SER A 12 5.30 24.33 -21.47
N ASN A 13 4.04 24.62 -21.77
CA ASN A 13 3.67 25.93 -22.29
C ASN A 13 4.05 27.03 -21.30
N PRO A 14 3.48 26.99 -20.08
CA PRO A 14 3.77 27.98 -19.04
C PRO A 14 5.12 27.76 -18.39
N ASP A 15 5.36 28.41 -17.25
CA ASP A 15 6.63 28.28 -16.54
C ASP A 15 6.67 26.96 -15.78
N THR A 16 6.59 25.86 -16.51
CA THR A 16 6.62 24.52 -15.91
C THR A 16 8.04 24.17 -15.44
N HIS A 17 9.03 24.72 -16.13
CA HIS A 17 10.43 24.46 -15.79
C HIS A 17 10.72 24.81 -14.33
N SER A 18 10.39 26.04 -13.95
CA SER A 18 10.61 26.50 -12.58
C SER A 18 9.89 25.61 -11.58
N LEU A 19 8.69 25.16 -11.94
CA LEU A 19 7.90 24.31 -11.08
C LEU A 19 8.66 23.03 -10.71
N ALA A 20 9.41 22.51 -11.68
CA ALA A 20 10.17 21.29 -11.47
C ALA A 20 11.37 21.55 -10.57
N ARG A 21 11.94 22.75 -10.67
CA ARG A 21 13.09 23.12 -9.86
C ARG A 21 12.76 23.05 -8.38
N PHE A 22 11.56 23.52 -8.01
CA PHE A 22 11.13 23.51 -6.63
C PHE A 22 10.99 22.08 -6.10
N ALA A 23 10.64 21.16 -6.99
CA ALA A 23 10.47 19.76 -6.61
C ALA A 23 11.81 19.08 -6.38
N VAL A 24 12.69 19.15 -7.39
CA VAL A 24 14.01 18.53 -7.27
C VAL A 24 14.79 19.09 -6.09
N ASP A 25 14.55 20.36 -5.79
CA ASP A 25 15.25 21.03 -4.70
C ASP A 25 14.87 20.45 -3.33
N GLN A 26 13.59 20.17 -3.13
CA GLN A 26 13.13 19.64 -1.84
C GLN A 26 13.75 18.27 -1.52
N HIS A 27 13.90 17.44 -2.54
CA HIS A 27 14.47 16.11 -2.34
C HIS A 27 15.99 16.18 -2.19
N ASN A 28 16.63 16.94 -3.07
CA ASN A 28 18.08 17.09 -3.03
C ASN A 28 18.55 17.70 -1.72
N THR A 29 17.79 18.64 -1.21
CA THR A 29 18.13 19.32 0.04
C THR A 29 17.83 18.46 1.28
N LYS A 30 16.86 17.56 1.17
CA LYS A 30 16.50 16.74 2.33
C LYS A 30 17.26 15.41 2.39
N GLU A 31 17.23 14.62 1.31
CA GLU A 31 17.92 13.32 1.31
C GLU A 31 18.72 13.07 0.03
N ASN A 32 18.34 13.73 -1.06
CA ASN A 32 19.02 13.53 -2.33
C ASN A 32 20.21 14.47 -2.47
N GLY A 33 20.74 14.57 -3.69
CA GLY A 33 21.87 15.43 -3.94
C GLY A 33 22.68 15.01 -5.15
N LEU A 34 21.99 14.52 -6.18
CA LEU A 34 22.65 14.08 -7.41
C LEU A 34 21.70 14.11 -8.59
N LEU A 35 20.70 14.99 -8.51
CA LEU A 35 19.72 15.15 -9.56
C LEU A 35 19.73 16.56 -10.12
N GLU A 36 19.94 16.68 -11.43
CA GLU A 36 19.96 17.98 -12.08
C GLU A 36 18.93 18.06 -13.20
N LEU A 37 18.42 19.26 -13.43
CA LEU A 37 17.43 19.49 -14.46
C LEU A 37 18.09 19.79 -15.80
N VAL A 38 17.80 18.97 -16.80
CA VAL A 38 18.38 19.14 -18.13
C VAL A 38 17.43 19.86 -19.07
N ARG A 39 16.27 19.24 -19.35
CA ARG A 39 15.30 19.84 -20.25
C ARG A 39 13.89 19.30 -19.97
N VAL A 40 12.95 20.22 -19.80
CA VAL A 40 11.55 19.86 -19.53
C VAL A 40 11.04 18.82 -20.52
N VAL A 41 10.12 17.98 -20.06
CA VAL A 41 9.54 16.94 -20.91
C VAL A 41 8.11 17.29 -21.28
N GLU A 42 7.24 17.31 -20.28
CA GLU A 42 5.82 17.63 -20.50
C GLU A 42 5.15 18.01 -19.20
N ALA A 43 3.87 18.32 -19.29
CA ALA A 43 3.09 18.72 -18.13
C ALA A 43 1.71 18.06 -18.13
N ARG A 44 1.48 17.23 -17.12
CA ARG A 44 0.21 16.53 -16.98
C ARG A 44 -0.53 17.03 -15.73
N GLU A 45 -1.85 17.13 -15.84
CA GLU A 45 -2.66 17.60 -14.72
C GLU A 45 -3.78 16.60 -14.38
N GLN A 46 -4.29 16.71 -13.17
CA GLN A 46 -5.35 15.83 -12.70
C GLN A 46 -5.93 16.33 -11.38
N VAL A 47 -7.20 16.03 -11.15
CA VAL A 47 -7.86 16.47 -9.91
C VAL A 47 -7.95 15.31 -8.91
N VAL A 48 -7.19 15.42 -7.83
CA VAL A 48 -7.19 14.40 -6.79
C VAL A 48 -7.45 15.01 -5.42
N ALA A 49 -8.65 14.79 -4.89
CA ALA A 49 -9.03 15.32 -3.58
C ALA A 49 -8.60 16.77 -3.42
N GLY A 50 -8.56 17.50 -4.53
CA GLY A 50 -8.17 18.89 -4.50
C GLY A 50 -7.52 19.32 -5.80
N THR A 51 -6.20 19.35 -5.82
CA THR A 51 -5.45 19.73 -7.01
C THR A 51 -4.12 19.00 -7.08
N LEU A 52 -3.78 18.52 -8.26
CA LEU A 52 -2.52 17.80 -8.46
C LEU A 52 -1.74 18.43 -9.62
N HIS A 53 -0.44 18.60 -9.41
CA HIS A 53 0.43 19.17 -10.42
C HIS A 53 1.56 18.19 -10.74
N HIS A 54 1.46 17.52 -11.88
CA HIS A 54 2.47 16.55 -12.28
C HIS A 54 3.28 17.04 -13.48
N LEU A 55 4.53 17.38 -13.23
CA LEU A 55 5.43 17.85 -14.29
C LEU A 55 6.59 16.90 -14.48
N VAL A 56 6.82 16.49 -15.72
CA VAL A 56 7.92 15.59 -16.03
C VAL A 56 8.98 16.32 -16.82
N LEU A 57 10.23 16.08 -16.45
CA LEU A 57 11.37 16.74 -17.09
C LEU A 57 12.57 15.80 -17.17
N GLU A 58 13.46 16.08 -18.13
CA GLU A 58 14.66 15.27 -18.30
C GLU A 58 15.77 15.77 -17.38
N VAL A 59 16.14 14.93 -16.41
CA VAL A 59 17.18 15.28 -15.44
C VAL A 59 18.42 14.42 -15.60
N LEU A 60 19.53 14.91 -15.08
CA LEU A 60 20.78 14.19 -15.13
C LEU A 60 21.16 13.67 -13.74
N ASP A 61 21.28 12.35 -13.64
CA ASP A 61 21.64 11.72 -12.37
C ASP A 61 23.06 11.17 -12.43
N ALA A 62 23.97 11.83 -11.74
CA ALA A 62 25.36 11.42 -11.70
C ALA A 62 25.99 11.36 -13.10
N GLY A 63 25.34 12.03 -14.05
CA GLY A 63 25.86 12.05 -15.42
C GLY A 63 25.04 11.21 -16.38
N LYS A 64 23.83 10.85 -15.98
CA LYS A 64 22.95 10.05 -16.82
C LYS A 64 21.56 10.66 -16.89
N LYS A 65 21.13 10.98 -18.10
CA LYS A 65 19.84 11.57 -18.32
C LYS A 65 18.73 10.59 -18.00
N LYS A 66 17.64 11.14 -17.51
CA LYS A 66 16.48 10.33 -17.17
C LYS A 66 15.26 11.22 -16.92
N LEU A 67 14.10 10.79 -17.40
CA LEU A 67 12.89 11.57 -17.21
C LEU A 67 12.25 11.27 -15.86
N TYR A 68 11.97 12.32 -15.10
CA TYR A 68 11.35 12.17 -13.78
C TYR A 68 10.03 12.94 -13.72
N GLU A 69 9.06 12.36 -13.01
CA GLU A 69 7.75 12.98 -12.87
C GLU A 69 7.53 13.45 -11.43
N ALA A 70 7.40 14.76 -11.26
CA ALA A 70 7.18 15.34 -9.94
C ALA A 70 5.73 15.73 -9.74
N LYS A 71 5.17 15.34 -8.61
CA LYS A 71 3.77 15.65 -8.30
C LYS A 71 3.66 16.60 -7.12
N ILE A 72 2.87 17.66 -7.29
CA ILE A 72 2.66 18.63 -6.23
C ILE A 72 1.19 18.65 -5.81
N TRP A 73 0.97 18.51 -4.51
CA TRP A 73 -0.38 18.48 -3.95
C TRP A 73 -0.80 19.86 -3.45
N VAL A 74 -1.86 20.40 -4.04
CA VAL A 74 -2.36 21.72 -3.64
C VAL A 74 -3.87 21.66 -3.40
N LYS A 75 -4.36 22.56 -2.55
CA LYS A 75 -5.78 22.62 -2.22
C LYS A 75 -6.38 23.94 -2.68
N PRO A 76 -7.64 23.93 -3.16
CA PRO A 76 -8.32 25.14 -3.61
C PRO A 76 -8.76 26.02 -2.47
N TRP A 77 -9.34 25.41 -1.44
CA TRP A 77 -9.81 26.13 -0.26
C TRP A 77 -8.63 26.71 0.52
N MET A 78 -7.76 25.84 1.01
CA MET A 78 -6.60 26.26 1.78
C MET A 78 -5.71 27.17 0.96
N ASP A 79 -5.70 26.96 -0.36
CA ASP A 79 -4.89 27.78 -1.26
C ASP A 79 -3.40 27.64 -0.91
N PHE A 80 -3.02 26.48 -0.40
CA PHE A 80 -1.63 26.23 -0.03
C PHE A 80 -1.06 25.06 -0.83
N LYS A 81 -0.25 25.39 -1.85
CA LYS A 81 0.36 24.37 -2.69
C LYS A 81 1.63 23.82 -2.05
N GLN A 82 1.85 22.52 -2.21
CA GLN A 82 3.03 21.88 -1.63
C GLN A 82 3.46 20.67 -2.48
N LEU A 83 4.73 20.64 -2.84
CA LEU A 83 5.27 19.54 -3.64
C LEU A 83 5.35 18.26 -2.82
N GLN A 84 4.87 17.17 -3.39
CA GLN A 84 4.89 15.88 -2.71
C GLN A 84 6.20 15.15 -2.95
N GLU A 85 6.42 14.69 -4.18
CA GLU A 85 7.64 13.97 -4.54
C GLU A 85 7.61 13.54 -6.01
N PHE A 86 8.77 13.18 -6.53
CA PHE A 86 8.88 12.75 -7.92
C PHE A 86 9.34 11.29 -8.02
N LYS A 87 8.89 10.61 -9.06
CA LYS A 87 9.25 9.22 -9.28
C LYS A 87 9.92 9.05 -10.65
N HIS A 88 10.79 8.05 -10.75
CA HIS A 88 11.49 7.78 -12.00
C HIS A 88 10.55 7.21 -13.06
N VAL A 89 10.63 7.76 -14.27
CA VAL A 89 9.79 7.31 -15.37
C VAL A 89 10.61 7.05 -16.63
N ARG A 90 9.95 6.56 -17.67
CA ARG A 90 10.62 6.27 -18.94
C ARG A 90 10.47 7.44 -19.90
N ASP A 91 10.91 7.24 -21.15
CA ASP A 91 10.84 8.28 -22.17
C ASP A 91 9.40 8.71 -22.39
N VAL A 92 8.59 7.82 -22.94
CA VAL A 92 7.17 8.12 -23.21
C VAL A 92 6.50 8.73 -21.99
N PRO A 93 5.36 9.42 -22.19
CA PRO A 93 4.61 10.05 -21.10
C PRO A 93 3.88 9.03 -20.23
N SER A 94 4.65 8.12 -19.64
CA SER A 94 4.07 7.09 -18.79
C SER A 94 5.01 6.78 -17.61
N PHE A 95 4.75 5.67 -16.93
CA PHE A 95 5.56 5.27 -15.79
C PHE A 95 6.37 4.01 -16.11
N THR A 96 7.69 4.11 -16.02
CA THR A 96 8.57 3.00 -16.31
C THR A 96 8.23 1.79 -15.43
N SER A 97 8.82 0.65 -15.75
CA SER A 97 8.58 -0.58 -14.99
C SER A 97 9.80 -0.96 -14.17
N SER A 98 10.58 0.05 -13.74
CA SER A 98 11.77 -0.18 -12.96
C SER A 98 11.42 -0.41 -11.49
N ASP A 99 10.41 0.31 -11.01
CA ASP A 99 9.98 0.19 -9.62
C ASP A 99 8.76 1.06 -9.35
N LEU A 100 7.86 1.14 -10.34
CA LEU A 100 6.65 1.94 -10.21
C LEU A 100 5.42 1.05 -10.08
N GLY A 101 4.28 1.67 -9.77
CA GLY A 101 3.05 0.93 -9.62
C GLY A 101 3.15 -0.13 -8.53
N ALA A 102 2.61 -1.31 -8.81
CA ALA A 102 2.63 -2.40 -7.84
C ALA A 102 2.78 -3.75 -8.54
N LYS A 103 3.97 -4.33 -8.46
CA LYS A 103 4.24 -5.62 -9.08
C LYS A 103 4.94 -6.56 -8.11
N THR A 104 4.44 -7.80 -8.03
CA THR A 104 5.02 -8.80 -7.14
C THR A 104 5.21 -10.13 -7.86
N ASP A 105 6.09 -10.96 -7.32
CA ASP A 105 6.38 -12.26 -7.92
C ASP A 105 7.27 -13.09 -7.01
N ASP A 106 6.67 -13.71 -6.00
CA ASP A 106 7.41 -14.53 -5.05
C ASP A 106 6.54 -15.68 -4.53
N GLN A 107 7.10 -16.46 -3.60
CA GLN A 107 6.37 -17.59 -3.03
C GLN A 107 6.42 -17.55 -1.51
N VAL A 108 5.53 -18.31 -0.88
CA VAL A 108 5.46 -18.36 0.57
C VAL A 108 4.66 -19.56 1.04
N SER A 109 4.54 -19.71 2.36
CA SER A 109 3.79 -20.82 2.94
C SER A 109 3.06 -20.38 4.20
N GLY A 110 2.05 -21.15 4.60
CA GLY A 110 1.29 -20.83 5.78
C GLY A 110 0.34 -21.94 6.19
N TRP A 111 0.29 -22.22 7.48
CA TRP A 111 -0.59 -23.27 8.01
C TRP A 111 -2.05 -22.84 7.99
N ARG A 112 -2.72 -23.08 6.86
CA ARG A 112 -4.12 -22.70 6.72
C ARG A 112 -4.84 -23.66 5.78
N PRO A 113 -6.18 -23.75 5.89
CA PRO A 113 -6.99 -24.63 5.04
C PRO A 113 -7.02 -24.16 3.59
N VAL A 114 -7.95 -24.71 2.81
CA VAL A 114 -8.08 -24.35 1.41
C VAL A 114 -9.53 -24.42 0.95
N PRO A 115 -9.89 -23.66 -0.10
CA PRO A 115 -11.25 -23.63 -0.63
C PRO A 115 -11.66 -24.98 -1.22
N VAL A 116 -12.76 -24.99 -1.97
CA VAL A 116 -13.26 -26.21 -2.59
C VAL A 116 -13.67 -25.95 -4.04
N HIS A 117 -13.37 -26.92 -4.90
CA HIS A 117 -13.70 -26.81 -6.33
C HIS A 117 -12.73 -25.86 -7.05
N ASP A 118 -11.76 -25.34 -6.32
CA ASP A 118 -10.78 -24.43 -6.90
C ASP A 118 -9.80 -25.17 -7.81
N PRO A 119 -9.00 -24.45 -8.59
CA PRO A 119 -8.02 -25.05 -9.49
C PRO A 119 -6.90 -25.78 -8.74
N VAL A 120 -6.65 -25.36 -7.51
CA VAL A 120 -5.62 -25.97 -6.69
C VAL A 120 -6.14 -27.22 -5.98
N VAL A 121 -7.36 -27.12 -5.45
CA VAL A 121 -7.98 -28.25 -4.75
C VAL A 121 -8.38 -29.35 -5.73
N GLN A 122 -9.17 -28.97 -6.73
CA GLN A 122 -9.63 -29.93 -7.74
C GLN A 122 -8.45 -30.63 -8.40
N ASP A 123 -7.33 -29.92 -8.51
CA ASP A 123 -6.12 -30.48 -9.12
C ASP A 123 -5.49 -31.51 -8.19
N ALA A 124 -5.37 -31.15 -6.92
CA ALA A 124 -4.77 -32.03 -5.93
C ALA A 124 -5.67 -33.24 -5.67
N ALA A 125 -6.97 -32.99 -5.60
CA ALA A 125 -7.94 -34.06 -5.35
C ALA A 125 -7.84 -35.14 -6.43
N HIS A 126 -8.08 -34.75 -7.67
CA HIS A 126 -8.01 -35.69 -8.79
C HIS A 126 -6.68 -36.43 -8.81
N HIS A 127 -5.59 -35.68 -8.63
CA HIS A 127 -4.25 -36.26 -8.63
C HIS A 127 -4.12 -37.30 -7.52
N ALA A 128 -4.75 -37.02 -6.38
CA ALA A 128 -4.71 -37.94 -5.26
C ALA A 128 -5.53 -39.20 -5.53
N ILE A 129 -6.74 -39.01 -6.04
CA ILE A 129 -7.63 -40.14 -6.35
C ILE A 129 -6.94 -41.12 -7.29
N LYS A 130 -6.41 -40.62 -8.39
CA LYS A 130 -5.73 -41.46 -9.37
C LYS A 130 -4.47 -42.08 -8.80
N THR A 131 -3.75 -41.31 -7.98
CA THR A 131 -2.52 -41.78 -7.37
C THR A 131 -2.79 -42.87 -6.34
N ILE A 132 -3.75 -42.63 -5.45
CA ILE A 132 -4.11 -43.59 -4.41
C ILE A 132 -4.41 -44.96 -5.01
N GLN A 133 -5.33 -45.00 -5.96
CA GLN A 133 -5.71 -46.24 -6.62
C GLN A 133 -4.56 -46.79 -7.44
N GLU A 134 -3.73 -45.91 -7.96
CA GLU A 134 -2.58 -46.29 -8.77
C GLU A 134 -1.45 -46.81 -7.90
N ARG A 135 -1.40 -46.35 -6.65
CA ARG A 135 -0.35 -46.77 -5.73
C ARG A 135 -0.35 -48.29 -5.53
N SER A 136 -1.48 -48.92 -5.84
CA SER A 136 -1.60 -50.36 -5.72
C SER A 136 -1.35 -51.05 -7.06
N ASN A 137 -2.02 -50.53 -8.09
CA ASN A 137 -1.88 -51.09 -9.43
C ASN A 137 -2.74 -50.30 -10.42
N SER A 138 -2.60 -50.61 -11.71
CA SER A 138 -3.37 -49.95 -12.75
C SER A 138 -4.81 -50.45 -12.76
N LEU A 139 -5.74 -49.55 -12.47
CA LEU A 139 -7.16 -49.92 -12.44
C LEU A 139 -8.04 -48.72 -12.79
N PHE A 140 -7.81 -47.59 -12.11
CA PHE A 140 -8.59 -46.39 -12.34
C PHE A 140 -10.08 -46.65 -12.10
N PRO A 141 -10.49 -46.69 -10.82
CA PRO A 141 -11.88 -46.93 -10.43
C PRO A 141 -12.79 -45.73 -10.74
N TYR A 142 -12.58 -44.65 -10.02
CA TYR A 142 -13.39 -43.44 -10.21
C TYR A 142 -12.54 -42.18 -10.03
N GLU A 143 -13.18 -41.03 -10.13
CA GLU A 143 -12.49 -39.76 -10.00
C GLU A 143 -13.21 -38.85 -9.00
N LEU A 144 -12.81 -37.58 -8.97
CA LEU A 144 -13.41 -36.61 -8.06
C LEU A 144 -14.92 -36.51 -8.29
N SER A 145 -15.68 -36.56 -7.20
CA SER A 145 -17.13 -36.48 -7.28
C SER A 145 -17.64 -35.17 -6.68
N GLU A 146 -17.34 -34.96 -5.40
CA GLU A 146 -17.77 -33.75 -4.71
C GLU A 146 -16.91 -33.49 -3.47
N VAL A 147 -16.13 -32.42 -3.51
CA VAL A 147 -15.27 -32.06 -2.39
C VAL A 147 -16.06 -31.40 -1.27
N VAL A 148 -16.03 -32.01 -0.09
CA VAL A 148 -16.75 -31.48 1.06
C VAL A 148 -15.97 -30.33 1.71
N HIS A 149 -14.75 -30.63 2.15
CA HIS A 149 -13.92 -29.62 2.79
C HIS A 149 -12.44 -29.99 2.67
N ALA A 150 -11.64 -29.06 2.14
CA ALA A 150 -10.22 -29.29 1.97
C ALA A 150 -9.40 -28.28 2.78
N ASN A 151 -8.25 -28.73 3.28
CA ASN A 151 -7.38 -27.87 4.07
C ASN A 151 -5.91 -28.17 3.80
N ALA A 152 -5.09 -27.13 3.72
CA ALA A 152 -3.67 -27.29 3.47
C ALA A 152 -2.86 -27.13 4.75
N GLU A 153 -1.67 -27.73 4.77
CA GLU A 153 -0.79 -27.66 5.93
C GLU A 153 0.67 -27.51 5.50
N VAL A 154 1.45 -26.81 6.30
CA VAL A 154 2.87 -26.60 6.00
C VAL A 154 3.75 -27.53 6.81
N VAL A 155 4.40 -28.47 6.13
CA VAL A 155 5.29 -29.42 6.79
C VAL A 155 6.69 -28.84 6.94
N ASP A 156 7.60 -29.62 7.50
CA ASP A 156 8.98 -29.17 7.70
C ASP A 156 9.58 -28.61 6.41
N THR A 157 9.23 -29.22 5.28
CA THR A 157 9.75 -28.76 3.99
C THR A 157 8.62 -28.64 2.96
N SER A 158 7.91 -29.73 2.72
CA SER A 158 6.82 -29.74 1.75
C SER A 158 5.54 -29.17 2.36
N ALA A 159 4.40 -29.48 1.76
CA ALA A 159 3.12 -28.99 2.24
C ALA A 159 2.06 -30.10 2.21
N LYS A 160 1.53 -30.45 3.38
CA LYS A 160 0.52 -31.49 3.47
C LYS A 160 -0.85 -30.98 3.03
N PHE A 161 -1.70 -31.90 2.59
CA PHE A 161 -3.04 -31.55 2.14
C PHE A 161 -4.08 -32.48 2.75
N ASP A 162 -4.87 -31.96 3.68
CA ASP A 162 -5.90 -32.75 4.34
C ASP A 162 -7.29 -32.37 3.82
N MET A 163 -7.86 -33.22 2.99
CA MET A 163 -9.18 -32.96 2.42
C MET A 163 -10.09 -34.17 2.57
N LEU A 164 -11.38 -33.98 2.32
CA LEU A 164 -12.35 -35.05 2.41
C LEU A 164 -13.43 -34.91 1.34
N LEU A 165 -13.54 -35.93 0.48
CA LEU A 165 -14.52 -35.92 -0.59
C LEU A 165 -15.19 -37.27 -0.74
N LYS A 166 -16.25 -37.32 -1.54
CA LYS A 166 -16.99 -38.56 -1.76
C LYS A 166 -16.74 -39.09 -3.17
N VAL A 167 -16.62 -40.39 -3.30
CA VAL A 167 -16.38 -41.02 -4.60
C VAL A 167 -17.55 -41.89 -5.03
N LYS A 168 -17.81 -41.94 -6.33
CA LYS A 168 -18.90 -42.74 -6.87
C LYS A 168 -18.39 -44.03 -7.49
N ARG A 169 -19.18 -45.09 -7.37
CA ARG A 169 -18.82 -46.39 -7.93
C ARG A 169 -20.04 -47.27 -8.12
N GLY A 170 -20.35 -47.59 -9.38
CA GLY A 170 -21.50 -48.42 -9.66
C GLY A 170 -22.80 -47.83 -9.14
N GLY A 171 -22.80 -46.52 -8.89
CA GLY A 171 -23.99 -45.86 -8.39
C GLY A 171 -23.99 -45.72 -6.89
N LYS A 172 -22.82 -45.79 -6.28
CA LYS A 172 -22.70 -45.67 -4.83
C LYS A 172 -22.14 -44.31 -4.43
N GLU A 173 -22.04 -44.07 -3.14
CA GLU A 173 -21.52 -42.80 -2.62
C GLU A 173 -20.91 -42.99 -1.24
N GLU A 174 -19.59 -42.88 -1.16
CA GLU A 174 -18.88 -43.05 0.10
C GLU A 174 -17.78 -42.00 0.24
N LYS A 175 -17.54 -41.56 1.47
CA LYS A 175 -16.52 -40.56 1.75
C LYS A 175 -15.23 -41.22 2.21
N TYR A 176 -14.13 -40.48 2.12
CA TYR A 176 -12.83 -41.01 2.52
C TYR A 176 -11.82 -39.87 2.73
N LYS A 177 -10.84 -40.12 3.61
CA LYS A 177 -9.82 -39.13 3.90
C LYS A 177 -8.71 -39.17 2.85
N VAL A 178 -8.00 -38.06 2.71
CA VAL A 178 -6.92 -37.96 1.74
C VAL A 178 -5.79 -37.09 2.26
N GLU A 179 -4.56 -37.56 2.08
CA GLU A 179 -3.38 -36.83 2.54
C GLU A 179 -2.30 -36.82 1.46
N VAL A 180 -2.11 -35.68 0.83
CA VAL A 180 -1.12 -35.54 -0.23
C VAL A 180 -0.16 -34.38 0.08
N HIS A 181 1.08 -34.51 -0.37
CA HIS A 181 2.09 -33.48 -0.14
C HIS A 181 2.26 -32.61 -1.39
N LYS A 182 2.66 -31.36 -1.17
CA LYS A 182 2.86 -30.42 -2.26
C LYS A 182 4.34 -30.18 -2.51
N SER A 183 4.80 -30.52 -3.71
CA SER A 183 6.20 -30.33 -4.07
C SER A 183 6.34 -29.82 -5.50
N THR A 184 7.39 -29.05 -5.75
CA THR A 184 7.64 -28.49 -7.07
C THR A 184 8.81 -29.18 -7.75
N GLU A 185 9.78 -29.61 -6.94
CA GLU A 185 10.97 -30.29 -7.46
C GLU A 185 10.59 -31.63 -8.09
N GLU A 186 9.75 -32.39 -7.39
CA GLU A 186 9.32 -33.70 -7.89
C GLU A 186 8.59 -33.56 -9.22
N GLY A 187 7.93 -32.43 -9.41
CA GLY A 187 7.20 -32.20 -10.64
C GLY A 187 5.70 -32.28 -10.46
N GLY A 188 5.27 -33.07 -9.48
CA GLY A 188 3.85 -33.22 -9.22
C GLY A 188 3.55 -33.57 -7.78
N PHE A 189 2.28 -33.72 -7.45
CA PHE A 189 1.87 -34.07 -6.10
C PHE A 189 2.45 -35.40 -5.67
N ASN A 190 2.55 -35.63 -4.36
CA ASN A 190 3.08 -36.87 -3.83
C ASN A 190 2.20 -37.41 -2.71
N LEU A 191 1.16 -38.15 -3.08
CA LEU A 191 0.23 -38.72 -2.12
C LEU A 191 0.98 -39.43 -0.99
N LYS A 192 0.73 -39.00 0.24
CA LYS A 192 1.38 -39.60 1.41
C LYS A 192 0.58 -40.80 1.90
N LYS A 193 -0.58 -40.54 2.47
CA LYS A 193 -1.44 -41.60 3.00
C LYS A 193 -2.90 -41.35 2.62
N VAL A 194 -3.76 -42.32 2.93
CA VAL A 194 -5.17 -42.21 2.63
C VAL A 194 -6.01 -43.09 3.56
N ASP A 195 -7.20 -42.61 3.90
CA ASP A 195 -8.09 -43.37 4.78
C ASP A 195 -9.53 -43.26 4.30
N LEU A 196 -10.41 -44.10 4.88
CA LEU A 196 -11.81 -44.09 4.51
C LEU A 196 -12.66 -43.40 5.58
N ASP A 197 -13.81 -42.88 5.18
CA ASP A 197 -14.70 -42.19 6.10
C ASP A 197 -16.13 -42.69 5.95
N HIS A 198 -16.54 -43.59 6.85
CA HIS A 198 -17.87 -44.15 6.82
C HIS A 198 -18.42 -44.34 8.23
N SER A 199 -18.03 -43.45 9.13
CA SER A 199 -18.48 -43.52 10.52
C SER A 199 -18.77 -42.12 11.07
N MET A 1 -0.48 29.15 -2.96
CA MET A 1 -1.83 29.55 -2.52
C MET A 1 -2.81 29.59 -3.68
N ALA A 2 -2.68 28.64 -4.59
CA ALA A 2 -3.56 28.56 -5.75
C ALA A 2 -3.66 27.13 -6.28
N THR A 3 -4.82 26.81 -6.86
CA THR A 3 -5.04 25.47 -7.39
C THR A 3 -5.09 25.49 -8.91
N LEU A 4 -5.42 24.35 -9.51
CA LEU A 4 -5.50 24.25 -10.97
C LEU A 4 -6.15 22.94 -11.38
N GLY A 5 -6.71 22.93 -12.60
CA GLY A 5 -7.35 21.73 -13.10
C GLY A 5 -6.93 21.42 -14.52
N GLY A 6 -7.33 20.25 -15.02
CA GLY A 6 -6.98 19.86 -16.37
C GLY A 6 -7.30 18.41 -16.68
N VAL A 7 -6.70 17.51 -15.92
CA VAL A 7 -6.92 16.08 -16.12
C VAL A 7 -6.48 15.65 -17.52
N HIS A 8 -5.29 16.08 -17.91
CA HIS A 8 -4.75 15.73 -19.23
C HIS A 8 -3.33 16.28 -19.39
N ASP A 9 -2.76 16.08 -20.57
CA ASP A 9 -1.42 16.56 -20.86
C ASP A 9 -1.42 18.04 -21.18
N SER A 10 -0.25 18.58 -21.52
CA SER A 10 -0.12 20.00 -21.85
C SER A 10 1.20 20.26 -22.57
N ASN A 11 1.52 21.55 -22.74
CA ASN A 11 2.76 21.95 -23.40
C ASN A 11 3.49 23.01 -22.59
N SER A 12 3.47 22.86 -21.27
CA SER A 12 4.13 23.81 -20.38
C SER A 12 3.59 25.22 -20.60
N ASN A 13 2.45 25.50 -19.96
CA ASN A 13 1.81 26.81 -20.08
C ASN A 13 2.32 27.78 -19.01
N PRO A 14 2.26 27.38 -17.73
CA PRO A 14 2.71 28.21 -16.61
C PRO A 14 4.19 28.06 -16.30
N ASP A 15 4.98 27.79 -17.33
CA ASP A 15 6.42 27.63 -17.17
C ASP A 15 6.74 26.41 -16.31
N THR A 16 6.82 25.25 -16.95
CA THR A 16 7.10 24.01 -16.26
C THR A 16 8.57 23.92 -15.85
N HIS A 17 9.43 24.61 -16.60
CA HIS A 17 10.87 24.61 -16.31
C HIS A 17 11.15 24.96 -14.85
N SER A 18 10.62 26.11 -14.41
CA SER A 18 10.82 26.56 -13.04
C SER A 18 10.00 25.73 -12.05
N LEU A 19 8.80 25.34 -12.47
CA LEU A 19 7.91 24.54 -11.62
C LEU A 19 8.60 23.28 -11.13
N ALA A 20 9.29 22.61 -12.05
CA ALA A 20 10.00 21.38 -11.73
C ALA A 20 11.13 21.62 -10.73
N ARG A 21 11.73 22.80 -10.80
CA ARG A 21 12.81 23.15 -9.90
C ARG A 21 12.38 23.05 -8.43
N PHE A 22 11.19 23.56 -8.14
CA PHE A 22 10.66 23.53 -6.78
C PHE A 22 10.59 22.10 -6.25
N ALA A 23 10.16 21.18 -7.10
CA ALA A 23 10.04 19.78 -6.71
C ALA A 23 11.41 19.16 -6.47
N VAL A 24 12.30 19.25 -7.45
CA VAL A 24 13.63 18.70 -7.34
C VAL A 24 14.43 19.40 -6.23
N ASP A 25 14.24 20.71 -6.13
CA ASP A 25 14.95 21.50 -5.13
C ASP A 25 14.45 21.17 -3.72
N GLN A 26 13.19 20.76 -3.62
CA GLN A 26 12.59 20.42 -2.33
C GLN A 26 13.22 19.16 -1.75
N HIS A 27 13.26 18.11 -2.55
CA HIS A 27 13.84 16.84 -2.11
C HIS A 27 15.35 16.92 -2.01
N ASN A 28 15.96 17.61 -2.98
CA ASN A 28 17.41 17.78 -3.00
C ASN A 28 17.91 18.51 -1.77
N THR A 29 17.14 19.49 -1.32
CA THR A 29 17.54 20.28 -0.15
C THR A 29 17.28 19.53 1.16
N LYS A 30 16.32 18.62 1.18
CA LYS A 30 16.00 17.90 2.41
C LYS A 30 16.78 16.59 2.57
N GLU A 31 16.72 15.70 1.58
CA GLU A 31 17.42 14.43 1.68
C GLU A 31 18.18 14.05 0.41
N ASN A 32 17.76 14.59 -0.74
CA ASN A 32 18.41 14.28 -1.99
C ASN A 32 19.62 15.16 -2.22
N GLY A 33 20.24 15.03 -3.39
CA GLY A 33 21.42 15.82 -3.71
C GLY A 33 22.24 15.24 -4.83
N LEU A 34 21.56 14.74 -5.86
CA LEU A 34 22.26 14.16 -7.02
C LEU A 34 21.35 14.14 -8.24
N LEU A 35 20.41 15.08 -8.29
CA LEU A 35 19.49 15.17 -9.41
C LEU A 35 19.53 16.56 -10.03
N GLU A 36 19.79 16.62 -11.34
CA GLU A 36 19.87 17.89 -12.04
C GLU A 36 18.88 17.92 -13.21
N LEU A 37 18.41 19.12 -13.53
CA LEU A 37 17.45 19.30 -14.62
C LEU A 37 18.17 19.51 -15.94
N VAL A 38 17.87 18.65 -16.91
CA VAL A 38 18.48 18.73 -18.23
C VAL A 38 17.56 19.39 -19.24
N ARG A 39 16.40 18.79 -19.47
CA ARG A 39 15.44 19.33 -20.44
C ARG A 39 14.02 18.86 -20.14
N VAL A 40 13.10 19.81 -20.01
CA VAL A 40 11.69 19.51 -19.73
C VAL A 40 11.17 18.41 -20.65
N VAL A 41 10.22 17.62 -20.15
CA VAL A 41 9.63 16.54 -20.93
C VAL A 41 8.20 16.90 -21.32
N GLU A 42 7.33 17.01 -20.33
CA GLU A 42 5.94 17.35 -20.56
C GLU A 42 5.27 17.83 -19.29
N ALA A 43 3.99 18.17 -19.41
CA ALA A 43 3.22 18.66 -18.28
C ALA A 43 1.82 18.07 -18.25
N ARG A 44 1.55 17.27 -17.23
CA ARG A 44 0.25 16.64 -17.08
C ARG A 44 -0.51 17.27 -15.91
N GLU A 45 -1.83 17.37 -16.06
CA GLU A 45 -2.66 17.95 -15.02
C GLU A 45 -3.82 17.03 -14.66
N GLN A 46 -4.32 17.17 -13.44
CA GLN A 46 -5.42 16.35 -12.96
C GLN A 46 -5.94 16.85 -11.62
N VAL A 47 -7.20 16.56 -11.33
CA VAL A 47 -7.81 16.99 -10.09
C VAL A 47 -7.83 15.86 -9.07
N VAL A 48 -7.04 16.01 -8.01
CA VAL A 48 -6.97 15.01 -6.95
C VAL A 48 -7.21 15.64 -5.58
N ALA A 49 -8.33 15.28 -4.95
CA ALA A 49 -8.66 15.82 -3.64
C ALA A 49 -8.40 17.32 -3.58
N GLY A 50 -8.57 17.98 -4.73
CA GLY A 50 -8.33 19.40 -4.83
C GLY A 50 -7.64 19.75 -6.13
N THR A 51 -6.31 19.61 -6.15
CA THR A 51 -5.54 19.91 -7.35
C THR A 51 -4.28 19.06 -7.39
N LEU A 52 -3.96 18.55 -8.58
CA LEU A 52 -2.79 17.73 -8.77
C LEU A 52 -1.95 18.27 -9.92
N HIS A 53 -0.69 18.59 -9.62
CA HIS A 53 0.23 19.13 -10.62
C HIS A 53 1.37 18.15 -10.86
N HIS A 54 1.31 17.46 -12.01
CA HIS A 54 2.33 16.48 -12.37
C HIS A 54 3.16 16.94 -13.56
N LEU A 55 4.42 17.28 -13.29
CA LEU A 55 5.33 17.73 -14.33
C LEU A 55 6.51 16.77 -14.47
N VAL A 56 6.85 16.42 -15.72
CA VAL A 56 7.95 15.51 -15.96
C VAL A 56 9.04 16.19 -16.80
N LEU A 57 10.28 15.96 -16.42
CA LEU A 57 11.42 16.55 -17.12
C LEU A 57 12.62 15.59 -17.14
N GLU A 58 13.51 15.78 -18.11
CA GLU A 58 14.69 14.95 -18.23
C GLU A 58 15.78 15.46 -17.30
N VAL A 59 16.12 14.66 -16.29
CA VAL A 59 17.15 15.05 -15.32
C VAL A 59 18.37 14.15 -15.40
N LEU A 60 19.47 14.63 -14.86
CA LEU A 60 20.71 13.89 -14.83
C LEU A 60 21.03 13.44 -13.41
N ASP A 61 21.12 12.13 -13.22
CA ASP A 61 21.42 11.54 -11.92
C ASP A 61 22.82 10.96 -11.89
N ALA A 62 23.72 11.61 -11.15
CA ALA A 62 25.09 11.15 -11.04
C ALA A 62 25.76 11.05 -12.41
N GLY A 63 25.20 11.72 -13.41
CA GLY A 63 25.78 11.68 -14.74
C GLY A 63 24.99 10.81 -15.70
N LYS A 64 23.75 10.49 -15.34
CA LYS A 64 22.91 9.66 -16.20
C LYS A 64 21.54 10.28 -16.38
N LYS A 65 21.19 10.58 -17.62
CA LYS A 65 19.91 11.19 -17.92
C LYS A 65 18.78 10.23 -17.66
N LYS A 66 17.68 10.80 -17.21
CA LYS A 66 16.48 10.02 -16.92
C LYS A 66 15.29 10.95 -16.74
N LEU A 67 14.13 10.52 -17.22
CA LEU A 67 12.92 11.32 -17.09
C LEU A 67 12.26 11.08 -15.73
N TYR A 68 11.98 12.18 -15.02
CA TYR A 68 11.35 12.09 -13.71
C TYR A 68 10.02 12.84 -13.70
N GLU A 69 9.04 12.27 -13.02
CA GLU A 69 7.71 12.87 -12.92
C GLU A 69 7.45 13.34 -11.49
N ALA A 70 7.31 14.65 -11.31
CA ALA A 70 7.06 15.22 -10.00
C ALA A 70 5.59 15.58 -9.82
N LYS A 71 5.02 15.18 -8.69
CA LYS A 71 3.62 15.47 -8.41
C LYS A 71 3.47 16.43 -7.24
N ILE A 72 2.64 17.45 -7.43
CA ILE A 72 2.38 18.43 -6.38
C ILE A 72 0.93 18.39 -5.93
N TRP A 73 0.72 18.18 -4.65
CA TRP A 73 -0.64 18.10 -4.09
C TRP A 73 -1.07 19.43 -3.50
N VAL A 74 -2.04 20.08 -4.14
CA VAL A 74 -2.55 21.35 -3.67
C VAL A 74 -4.07 21.34 -3.60
N LYS A 75 -4.63 22.08 -2.64
CA LYS A 75 -6.07 22.14 -2.47
C LYS A 75 -6.52 23.57 -2.19
N PRO A 76 -7.76 23.92 -2.58
CA PRO A 76 -8.31 25.27 -2.37
C PRO A 76 -8.60 25.55 -0.90
N TRP A 77 -9.13 24.55 -0.21
CA TRP A 77 -9.45 24.69 1.21
C TRP A 77 -8.20 25.04 2.02
N MET A 78 -7.07 24.48 1.61
CA MET A 78 -5.81 24.73 2.30
C MET A 78 -5.24 26.09 1.92
N ASP A 79 -5.56 26.54 0.71
CA ASP A 79 -5.08 27.83 0.22
C ASP A 79 -3.55 27.85 0.14
N PHE A 80 -2.96 26.69 -0.13
CA PHE A 80 -1.52 26.58 -0.22
C PHE A 80 -1.11 25.28 -0.91
N LYS A 81 -0.26 25.38 -1.92
CA LYS A 81 0.20 24.21 -2.67
C LYS A 81 1.36 23.54 -1.95
N GLN A 82 1.60 22.27 -2.26
CA GLN A 82 2.68 21.53 -1.64
C GLN A 82 3.10 20.34 -2.51
N LEU A 83 4.39 20.30 -2.85
CA LEU A 83 4.93 19.22 -3.67
C LEU A 83 4.99 17.92 -2.88
N GLN A 84 4.49 16.84 -3.48
CA GLN A 84 4.49 15.54 -2.83
C GLN A 84 5.83 14.83 -3.03
N GLU A 85 6.10 14.43 -4.26
CA GLU A 85 7.36 13.74 -4.59
C GLU A 85 7.41 13.37 -6.07
N PHE A 86 8.60 13.04 -6.56
CA PHE A 86 8.77 12.66 -7.95
C PHE A 86 9.24 11.21 -8.07
N LYS A 87 8.83 10.56 -9.15
CA LYS A 87 9.21 9.17 -9.40
C LYS A 87 9.88 9.03 -10.76
N HIS A 88 10.97 8.27 -10.80
CA HIS A 88 11.71 8.06 -12.04
C HIS A 88 10.84 7.37 -13.09
N VAL A 89 11.01 7.77 -14.34
CA VAL A 89 10.25 7.20 -15.44
C VAL A 89 11.12 7.06 -16.69
N ARG A 90 11.89 5.98 -16.75
CA ARG A 90 12.77 5.73 -17.90
C ARG A 90 11.97 5.50 -19.17
N ASP A 91 11.50 6.58 -19.78
CA ASP A 91 10.71 6.51 -21.00
C ASP A 91 9.47 5.64 -20.79
N VAL A 92 8.33 6.29 -20.56
CA VAL A 92 7.08 5.59 -20.34
C VAL A 92 5.89 6.52 -20.50
N PRO A 93 4.70 5.97 -20.77
CA PRO A 93 3.48 6.76 -20.94
C PRO A 93 2.92 7.27 -19.62
N SER A 94 3.20 6.54 -18.55
CA SER A 94 2.73 6.92 -17.22
C SER A 94 3.81 6.72 -16.17
N PHE A 95 4.34 5.50 -16.10
CA PHE A 95 5.39 5.19 -15.14
C PHE A 95 6.30 4.08 -15.66
N THR A 96 7.53 4.05 -15.17
CA THR A 96 8.50 3.04 -15.59
C THR A 96 7.99 1.64 -15.27
N SER A 97 8.67 0.63 -15.81
CA SER A 97 8.29 -0.76 -15.58
C SER A 97 9.04 -1.35 -14.40
N SER A 98 9.11 -0.59 -13.31
CA SER A 98 9.80 -1.04 -12.11
C SER A 98 8.96 -0.79 -10.86
N ASP A 99 7.64 -0.85 -11.03
CA ASP A 99 6.72 -0.63 -9.92
C ASP A 99 6.87 0.78 -9.36
N LEU A 100 5.80 1.57 -9.45
CA LEU A 100 5.81 2.94 -8.95
C LEU A 100 4.63 3.17 -8.00
N GLY A 101 4.86 4.02 -7.00
CA GLY A 101 3.81 4.32 -6.03
C GLY A 101 4.28 5.25 -4.94
N ALA A 102 4.50 4.71 -3.75
CA ALA A 102 4.95 5.49 -2.61
C ALA A 102 5.33 4.60 -1.43
N LYS A 103 6.60 4.63 -1.06
CA LYS A 103 7.09 3.82 0.06
C LYS A 103 8.23 4.53 0.78
N THR A 104 8.79 3.85 1.78
CA THR A 104 9.89 4.41 2.57
C THR A 104 10.96 3.37 2.82
N ASP A 105 12.21 3.75 2.58
CA ASP A 105 13.34 2.85 2.79
C ASP A 105 14.45 3.52 3.58
N ASP A 106 14.06 4.43 4.46
CA ASP A 106 15.03 5.17 5.29
C ASP A 106 14.48 5.37 6.69
N GLN A 107 15.39 5.66 7.63
CA GLN A 107 15.00 5.88 9.02
C GLN A 107 14.08 7.08 9.14
N VAL A 108 13.39 7.17 10.27
CA VAL A 108 12.46 8.26 10.52
C VAL A 108 12.11 8.37 12.00
N SER A 109 11.42 9.44 12.37
CA SER A 109 11.03 9.67 13.75
C SER A 109 10.18 10.92 13.89
N GLY A 110 8.89 10.74 14.12
CA GLY A 110 8.00 11.88 14.26
C GLY A 110 6.69 11.51 14.95
N TRP A 111 6.18 12.44 15.75
CA TRP A 111 4.92 12.20 16.47
C TRP A 111 3.73 12.34 15.54
N ARG A 112 3.34 11.24 14.91
CA ARG A 112 2.21 11.24 14.00
C ARG A 112 1.37 9.99 14.16
N PRO A 113 0.05 10.09 13.92
CA PRO A 113 -0.88 8.95 14.04
C PRO A 113 -0.65 7.90 12.97
N VAL A 114 -1.62 6.99 12.82
CA VAL A 114 -1.52 5.93 11.83
C VAL A 114 -2.89 5.58 11.28
N PRO A 115 -2.94 5.03 10.05
CA PRO A 115 -4.20 4.64 9.40
C PRO A 115 -4.92 3.54 10.15
N VAL A 116 -5.93 2.95 9.51
CA VAL A 116 -6.70 1.88 10.12
C VAL A 116 -6.88 0.72 9.14
N HIS A 117 -6.80 -0.51 9.65
CA HIS A 117 -6.95 -1.71 8.83
C HIS A 117 -5.70 -1.96 7.98
N ASP A 118 -4.68 -1.13 8.16
CA ASP A 118 -3.44 -1.28 7.41
C ASP A 118 -2.64 -2.49 7.92
N PRO A 119 -1.61 -2.91 7.17
CA PRO A 119 -0.77 -4.05 7.55
C PRO A 119 0.06 -3.77 8.80
N VAL A 120 0.34 -2.49 9.04
CA VAL A 120 1.12 -2.09 10.20
C VAL A 120 0.24 -1.96 11.45
N VAL A 121 -0.95 -1.41 11.26
CA VAL A 121 -1.89 -1.23 12.37
C VAL A 121 -2.53 -2.54 12.76
N GLN A 122 -3.14 -3.22 11.80
CA GLN A 122 -3.78 -4.50 12.04
C GLN A 122 -2.82 -5.50 12.67
N ASP A 123 -1.54 -5.35 12.33
CA ASP A 123 -0.51 -6.24 12.85
C ASP A 123 -0.25 -5.95 14.33
N ALA A 124 -0.02 -4.68 14.65
CA ALA A 124 0.22 -4.26 16.02
C ALA A 124 -1.00 -4.48 16.89
N ALA A 125 -2.17 -4.15 16.35
CA ALA A 125 -3.42 -4.32 17.09
C ALA A 125 -3.63 -5.78 17.48
N HIS A 126 -3.69 -6.66 16.50
CA HIS A 126 -3.88 -8.08 16.75
C HIS A 126 -2.81 -8.62 17.69
N HIS A 127 -1.56 -8.26 17.43
CA HIS A 127 -0.45 -8.70 18.25
C HIS A 127 -0.63 -8.24 19.71
N ALA A 128 -1.19 -7.05 19.88
CA ALA A 128 -1.42 -6.51 21.21
C ALA A 128 -2.55 -7.24 21.91
N ILE A 129 -3.61 -7.56 21.18
CA ILE A 129 -4.75 -8.26 21.73
C ILE A 129 -4.33 -9.57 22.40
N LYS A 130 -3.56 -10.38 21.67
CA LYS A 130 -3.10 -11.66 22.20
C LYS A 130 -2.03 -11.47 23.26
N THR A 131 -1.13 -10.51 23.02
CA THR A 131 -0.05 -10.23 23.97
C THR A 131 -0.60 -9.78 25.32
N ILE A 132 -1.50 -8.79 25.29
CA ILE A 132 -2.10 -8.27 26.52
C ILE A 132 -2.70 -9.40 27.35
N GLN A 133 -3.58 -10.18 26.75
CA GLN A 133 -4.23 -11.29 27.45
C GLN A 133 -3.22 -12.38 27.78
N GLU A 134 -2.19 -12.51 26.94
CA GLU A 134 -1.16 -13.52 27.15
C GLU A 134 -0.20 -13.09 28.25
N ARG A 135 -0.07 -11.78 28.46
CA ARG A 135 0.82 -11.25 29.48
C ARG A 135 0.45 -11.78 30.86
N SER A 136 -0.79 -12.24 31.00
CA SER A 136 -1.26 -12.77 32.28
C SER A 136 -1.22 -14.30 32.27
N ASN A 137 -1.68 -14.89 31.18
CA ASN A 137 -1.70 -16.34 31.04
C ASN A 137 -2.26 -16.75 29.68
N SER A 138 -2.10 -18.03 29.33
CA SER A 138 -2.60 -18.53 28.06
C SER A 138 -4.12 -18.67 28.10
N LEU A 139 -4.79 -17.89 27.25
CA LEU A 139 -6.25 -17.93 27.19
C LEU A 139 -6.74 -17.56 25.79
N PHE A 140 -6.24 -16.45 25.25
CA PHE A 140 -6.63 -15.98 23.92
C PHE A 140 -8.13 -16.16 23.66
N PRO A 141 -8.96 -15.45 24.43
CA PRO A 141 -10.42 -15.54 24.30
C PRO A 141 -10.93 -14.86 23.03
N TYR A 142 -10.70 -13.56 22.92
CA TYR A 142 -11.14 -12.80 21.76
C TYR A 142 -9.96 -12.25 20.97
N GLU A 143 -10.24 -11.58 19.87
CA GLU A 143 -9.20 -11.00 19.02
C GLU A 143 -9.68 -9.70 18.39
N LEU A 144 -8.94 -9.22 17.39
CA LEU A 144 -9.29 -7.99 16.70
C LEU A 144 -10.67 -8.09 16.07
N SER A 145 -11.45 -7.02 16.19
CA SER A 145 -12.81 -6.99 15.63
C SER A 145 -12.98 -5.81 14.68
N GLU A 146 -12.86 -4.60 15.22
CA GLU A 146 -13.00 -3.40 14.42
C GLU A 146 -12.13 -2.27 14.97
N VAL A 147 -11.20 -1.79 14.14
CA VAL A 147 -10.32 -0.70 14.55
C VAL A 147 -10.96 0.65 14.33
N VAL A 148 -11.10 1.42 15.40
CA VAL A 148 -11.71 2.75 15.32
C VAL A 148 -10.70 3.79 14.83
N HIS A 149 -9.63 3.96 15.57
CA HIS A 149 -8.59 4.92 15.21
C HIS A 149 -7.27 4.60 15.91
N ALA A 150 -6.20 4.51 15.12
CA ALA A 150 -4.89 4.20 15.67
C ALA A 150 -3.91 5.35 15.42
N ASN A 151 -2.98 5.56 16.35
CA ASN A 151 -2.00 6.61 16.23
C ASN A 151 -0.64 6.18 16.78
N ALA A 152 0.43 6.53 16.09
CA ALA A 152 1.77 6.18 16.51
C ALA A 152 2.48 7.35 17.17
N GLU A 153 3.50 7.05 17.97
CA GLU A 153 4.27 8.07 18.66
C GLU A 153 5.73 7.67 18.75
N VAL A 154 6.62 8.67 18.77
CA VAL A 154 8.04 8.42 18.87
C VAL A 154 8.57 8.66 20.27
N VAL A 155 9.38 7.72 20.76
CA VAL A 155 9.95 7.83 22.09
C VAL A 155 11.47 8.08 22.01
N ASP A 156 12.13 8.15 23.16
CA ASP A 156 13.56 8.41 23.20
C ASP A 156 14.33 7.44 22.31
N THR A 157 13.84 6.21 22.19
CA THR A 157 14.48 5.21 21.35
C THR A 157 13.47 4.42 20.53
N SER A 158 12.51 3.80 21.21
CA SER A 158 11.48 3.00 20.54
C SER A 158 10.36 3.90 20.01
N ALA A 159 9.19 3.30 19.77
CA ALA A 159 8.04 4.03 19.27
C ALA A 159 6.75 3.54 19.91
N LYS A 160 6.04 4.44 20.58
CA LYS A 160 4.79 4.09 21.24
C LYS A 160 3.64 3.96 20.24
N PHE A 161 2.63 3.20 20.61
CA PHE A 161 1.47 2.99 19.75
C PHE A 161 0.17 3.10 20.55
N ASP A 162 -0.57 4.18 20.32
CA ASP A 162 -1.83 4.40 21.03
C ASP A 162 -3.01 4.22 20.07
N MET A 163 -3.63 3.05 20.12
CA MET A 163 -4.78 2.76 19.26
C MET A 163 -6.02 2.41 20.09
N LEU A 164 -7.15 2.27 19.40
CA LEU A 164 -8.40 1.94 20.07
C LEU A 164 -9.31 1.13 19.13
N LEU A 165 -9.66 -0.07 19.56
CA LEU A 165 -10.51 -0.94 18.76
C LEU A 165 -11.49 -1.71 19.64
N LYS A 166 -12.51 -2.30 19.01
CA LYS A 166 -13.51 -3.06 19.74
C LYS A 166 -13.23 -4.56 19.64
N VAL A 167 -13.36 -5.25 20.77
CA VAL A 167 -13.11 -6.69 20.81
C VAL A 167 -14.42 -7.46 20.88
N LYS A 168 -14.52 -8.52 20.09
CA LYS A 168 -15.72 -9.35 20.07
C LYS A 168 -15.48 -10.67 20.80
N ARG A 169 -16.53 -11.17 21.45
CA ARG A 169 -16.44 -12.43 22.20
C ARG A 169 -17.82 -13.03 22.41
N GLY A 170 -18.24 -13.90 21.49
CA GLY A 170 -19.53 -14.53 21.60
C GLY A 170 -20.68 -13.61 21.22
N GLY A 171 -20.35 -12.55 20.49
CA GLY A 171 -21.36 -11.60 20.07
C GLY A 171 -21.42 -10.37 20.95
N LYS A 172 -20.31 -10.03 21.58
CA LYS A 172 -20.23 -8.87 22.46
C LYS A 172 -19.57 -7.69 21.75
N GLU A 173 -19.51 -6.56 22.44
CA GLU A 173 -18.91 -5.35 21.87
C GLU A 173 -18.39 -4.44 22.97
N GLU A 174 -17.07 -4.34 23.08
CA GLU A 174 -16.44 -3.50 24.09
C GLU A 174 -15.14 -2.90 23.57
N LYS A 175 -14.94 -1.61 23.85
CA LYS A 175 -13.74 -0.92 23.41
C LYS A 175 -12.71 -0.85 24.54
N TYR A 176 -11.45 -0.60 24.18
CA TYR A 176 -10.39 -0.51 25.16
C TYR A 176 -9.13 0.10 24.55
N LYS A 177 -8.34 0.78 25.39
CA LYS A 177 -7.11 1.42 24.94
C LYS A 177 -5.98 0.40 24.86
N VAL A 178 -4.96 0.71 24.07
CA VAL A 178 -3.82 -0.17 23.92
C VAL A 178 -2.53 0.61 23.73
N GLU A 179 -1.49 0.22 24.44
CA GLU A 179 -0.20 0.88 24.36
C GLU A 179 0.92 -0.12 24.12
N VAL A 180 1.46 -0.12 22.91
CA VAL A 180 2.54 -1.03 22.55
C VAL A 180 3.72 -0.26 21.95
N HIS A 181 4.93 -0.79 22.16
CA HIS A 181 6.13 -0.15 21.66
C HIS A 181 6.60 -0.84 20.38
N LYS A 182 7.27 -0.07 19.53
CA LYS A 182 7.79 -0.61 18.27
C LYS A 182 9.30 -0.78 18.32
N SER A 183 9.76 -1.99 18.04
CA SER A 183 11.18 -2.30 18.05
C SER A 183 11.65 -2.80 16.69
N THR A 184 12.36 -1.94 15.96
CA THR A 184 12.86 -2.30 14.64
C THR A 184 14.03 -3.27 14.75
N GLU A 185 14.93 -3.00 15.69
CA GLU A 185 16.10 -3.85 15.89
C GLU A 185 15.67 -5.27 16.25
N GLU A 186 14.59 -5.40 17.01
CA GLU A 186 14.09 -6.70 17.42
C GLU A 186 13.09 -7.24 16.40
N GLY A 187 12.20 -6.38 15.93
CA GLY A 187 11.21 -6.79 14.95
C GLY A 187 9.88 -7.14 15.60
N GLY A 188 9.93 -7.60 16.84
CA GLY A 188 8.71 -7.96 17.55
C GLY A 188 8.20 -6.85 18.44
N PHE A 189 6.89 -6.67 18.46
CA PHE A 189 6.27 -5.63 19.28
C PHE A 189 6.45 -5.93 20.75
N ASN A 190 6.38 -4.89 21.58
CA ASN A 190 6.54 -5.04 23.02
C ASN A 190 5.45 -4.26 23.77
N LEU A 191 4.30 -4.91 23.95
CA LEU A 191 3.18 -4.30 24.65
C LEU A 191 3.61 -3.69 25.99
N LYS A 192 3.39 -2.39 26.13
CA LYS A 192 3.75 -1.69 27.36
C LYS A 192 2.62 -1.78 28.39
N LYS A 193 1.54 -1.04 28.14
CA LYS A 193 0.40 -1.04 29.04
C LYS A 193 -0.91 -1.12 28.25
N VAL A 194 -2.02 -1.25 28.97
CA VAL A 194 -3.33 -1.33 28.34
C VAL A 194 -4.42 -0.75 29.24
N ASP A 195 -5.44 -0.16 28.63
CA ASP A 195 -6.54 0.44 29.37
C ASP A 195 -7.88 0.10 28.73
N LEU A 196 -8.96 0.35 29.47
CA LEU A 196 -10.31 0.08 28.97
C LEU A 196 -11.00 1.36 28.55
N ASP A 197 -11.96 1.25 27.64
CA ASP A 197 -12.71 2.41 27.16
C ASP A 197 -14.21 2.16 27.23
N HIS A 198 -14.64 1.48 28.28
CA HIS A 198 -16.05 1.18 28.46
C HIS A 198 -16.45 1.28 29.93
N SER A 199 -15.81 2.19 30.64
CA SER A 199 -16.09 2.39 32.06
C SER A 199 -16.88 3.68 32.28
#